data_6EYC
#
_entry.id   6EYC
#
_cell.length_a   1.000
_cell.length_b   1.000
_cell.length_c   1.000
_cell.angle_alpha   90.000
_cell.angle_beta   90.000
_cell.angle_gamma   90.000
#
_symmetry.space_group_name_H-M   'P 1'
#
loop_
_entity.id
_entity.type
_entity.pdbx_description
1 polymer 'DNA replication licensing factor MCM2'
2 polymer 'DNA replication licensing factor MCM3'
3 polymer 'DNA replication licensing factor MCM4'
4 polymer 'Minichromosome maintenance protein 5'
5 polymer 'DNA replication licensing factor MCM6'
6 polymer 'DNA replication licensing factor MCM7'
7 non-polymer 'ZINC ION'
8 non-polymer "ADENOSINE-5'-DIPHOSPHATE"
#
loop_
_entity_poly.entity_id
_entity_poly.type
_entity_poly.pdbx_seq_one_letter_code
_entity_poly.pdbx_strand_id
1 'polypeptide(L)'
;MSDNRRRRREEDDSDSENELPPSSPQQHFRGGMNPVSSPIGSPDMINPEGDDNEVDDVPDIDEVEEQMNEVDLMDDNMYE
DYAADHNRDRYDPDQVDDREQQELSLSERRRIDAQLNERDRLLRNVAYIDDEDEEQEGAAQLDEMGLPVQRRRRRRQYED
LENSDDDLLSDMDIDPLREELTLESLSNVKANSYSEWITQPNVSRTIARELKSFLLEYTDETGRSVYGARIRTLGEMNSE
SLEVNYRHLAESKAILALFLAKCPEEMLKIFDLVAMEATELHYPDYARIHSEIHVRISDFPTIYSLRELRESNLSSLVRV
TGVVTRRTGVFPQLKYVKFNCLKCGSILGPFFQDSNEEIRISFCTNCKSKGPFRVNGEKTVYRNYQRVTLQEAPGTVPPG
RLPRHREVILLADLVDVSKPGEEVEVTGIYKNNYDGNLNAKNGFPVFATIIEANSIKRREGNTANEGEEGLDVFSWTEEE
EREFRKISRDRGIIDKIISSMAPSIYGHRDIKTAVACSLFGGVPKNVNGKHSIRGDINVLLLGDPGTAKSQILKYVEKTA
HRAVFATGQGASAVGLTASVRKDPITKEWTLEGGALVLADKGVCLIDEFDKMNDQDRTSIHEAMEQQSISISKAGIVTTL
QARCSIIAAANPNGGRYNSTLPLAQNVSLTEPILSRFDILCVVRDLVDEEADERLATFVVDSHVRSHPENDEDREGEELK
NNGESAIEQGEDEINEQLNARQRRLQRQRKKEEEISPIPQELLMKYIHYARTKIYPKLHQMDMDKVSRVYADLRRESIST
GSFPITVRHLESILRIAESFAKMRLSEFVSSYDLDRAIKVVVDSFVDAQKVSVRRQLRRSFAIYTLGH
;
2
2 'polypeptide(L)'
;MEGSTGFDGDATTFFAPDAVFGDRVRRFQEFLDTFTSYRDSVRSIQVYNSNNAANYNDDQDDADERDLLGDDDGDDLEKE
KKAASSTSLNILPHRIIISLDDLREFDRSFWSGILVEPAYFIPPAEKALTDLADSMDDVPHPNASAVSSRHPWKLSFKGS
FGAHALSPRTLTAQHLNKLVSVEGIVTKTSLVRPKLIRSVHYAAKTGRFHYRDYTDATTTLTTRIPTPAIYPTEDTEGNK
LTTEYGYSTFIDHQRITVQEMPEMAPAGQLPRSIDVILDDDLVDKTKPGDRVNVVGVFKSLGAGGMNQSNSNTLIGFKTL
ILGNTVYPLHARSTGVAARQMLTDFDIRNINKLSKKKDIFDILSQSLAPSIYGHDHIKKAILLMLMGGVEKNLENGSHLR
GDINILMVGDPSTAKSQLLRFVLNTASLAIATTGRGSSGVGLTAAVTTDRETGERRLEAGAMVLADRGVVCIDEFDKMTD
VDRVAIHEVMEQQTVTIAKAGIHTTLNARCSVIAAANPVFGQYDVNRDPHQNIALPDSLLSRFDLLFVVTDDINEIRDRS
ISEHVLRTHRYLPPGYLEGEPVRERLNLSLAVGEDADINPEEHSNSGAGVENEGEDDEDHVFEKFNPLLQAGAKLAKNKG
NYNGTEIPKLVTIPFLRKYVQYAKERVIPQLTQEAINVIVKNYTDLRNDDNTKKSPITARTLETLIRLATAHAKVRLSKT
VNKVDAKVAANLLRFALLGEDIGNDIDEEESEYEEALSKRSPQKSPKKRQRVRQPASNSGSPIKSTPRRSTASSVNATPS
SARRILRFQDDEQNAGEDDNDIMSPLPADEEAELQRRLQLGLRVSPRRREHLHAPEEGSSGPLTEVGTPRLPNVSSAGQD
DEQQQSVISFDNVEPGTISTGRLSLISGIIARLMQTEIFEEESYPVASLFERINEELPEEEKFSAQEYLAGLKIMSDRNN
LMVADDKVWRV
;
3
3 'polypeptide(L)'
;MSQQSSSPTKEDNNSSSPVVPNPDSVPPQLSSPALFYSSSSSQGDIYGRNNSQNLSQGEGNIRAAIGSSPLNFPSSSQRQ
NSDVFQSQGRQGRIRSSASASGRSRYHSDLRSDRALPTSSSSLGRNGQNRVHMRRNDIHTSDLSSPRRIVDFDTRSGVNT
LDTSSSSAPPSEASEPLRIIWGTNVSIQECTTNFRNFLMSFKYKFRKILDEREEFINNTTDEELYYIKQLNEMRELGTSN
LNLDARNLLAYKQTEDLYHQLLNYPQEVISIMDQTIKDCMVSLIVDNNLDYDLDEIETKFYKVRPYNVGSCKGMRELNPN
DIDKLINLKGLVLRSTPVIPDMKVAFFKCNVCDHTMAVEIDRGVIQEPARCERIDCNEPNSMSLIHNRCSFADKQVIKLQ
ETPDFVPDGQTPHSISLCVYDELVDSCRAGDRIEVTGTFRSIPIRANSRQRVLKSLYKTYVDVVHVKKVSDKRLDVDTST
IEQELMQNKVDHNEVEEVRQITDQDLAKIREVAAREDLYSLLARSIAPSIYELEDVKKGILLQLFGGTNKTFTKGGRYRG
DINILLCGDPSTSKSQILQYVHKITPRGVYTSGKGSSAVGLTAYITRDVDTKQLVLESGALVLSDGGVCCIDEFDKMSDS
TRSVLHEVMEQQTISIAKAGIITTLNARSSILASANPIGSRYNPNLPVTENIDLPPPLLSRFDLVYLVLDKVDEKNDREL
AKHLTNLYLEDKPEHISQDDVLPVEFLTMYISYAKEHIHPIITEAAKTELVRAYVGMRKMGDDSRSDEKRITATTRQLES
MIRLAEAHAKMKLKNVVELEDVQEAVRLIRSAIKDYATDPKTGKIDMNLVQTGKSVIQRKLQEDLSREIMNVLKDQASDS
MSFNELIKQINEHSQDRVESSDIQEALSRLQQEDKVIVLGEGVRRSVRLNNRV
;
4
4 'polypeptide(L)'
;MSFDRPEIYSAPVLQGESPNDDDNTEIIKSFKNFILEFRLDSQFIYRDQLRNNILVKNYSLTVNMEHLIGYNEDIYKKLS
DEPSDIIPLFETAITQVAKRISILSRAQSANNNDKDPENTSMDTDSLLLNSLPTFQLILNSNANQIPLRDLDSEHVSKIV
RLSGIIISTSVLSSRATYLSIMCRNCRHTTSITINNFNSITGNTVSLPRSCLSTIESESSMANESNIGDESTKKNCGPDP
YIIIHESSKFIDQQFLKLQEIPELVPVGEMPRNLTMTCDRYLTNKVIPGTRVTIVGIYSIYNSKNGAGSGRSGGGNGGSG
VAIRTPYIKILGIQSDVETSSIWNSVTMFTEEEEEEFLQLSRNPKLYEILTNSIAPSIFGNEDIKKAIVCLLMGGSKKIL
PDGMRLRGDINVLLLGDPGTAKSQLLKFVEKVSPIAVYTSGKGSSAAGLTASVQRDPMTREFYLEGGAMVLADGGVVCID
EFDKMRDEDRVAIHEAMEQQTISIAKAGITTVLNSRTSVLAAANPIYGRYDDLKSPGDNIDFQTTILSRFDMIFIVKDDH
NEERDISIANHVINIHTGNANAMQNQQEENGSEISIEKMKRYITYCRLKCAPRLSPQAAEKLSSNFVTIRKQLLINELES
TERSSIPITIRQLEAIIRITESLAKLELSPIAQERHVDEAIRLFQASTMDAASQDPIGGLNQASGTSLSEIRRFEQELKR
RLPIGWSTSYQTLRREFVDTHRFSQLALDKALYALEKHETIQLRHQGQNIYRSGV
;
5
5 'polypeptide(L)'
;MSSPFPADTPSSNRPSNSSPPPSSIGAGFGSSSGLDSQIGSRLHFPSSSQPHVSNSQTGPFVNDSTQFSSQRLQTDGSAT
NDMEGNEPARSFKSRALNHVKKVDDVTGEKVREAFEQFLEDFSVQSTDTGEVEKVYRAQIEFMKIYDLNTIYIDYQHLSM
RENGALAMAISEQYYRFLPFLQKGLRRVVRKYAPELLNTSDSLKRSEGDEGQADEDEQQDDDMNGSSLPRDSGSSAAPGN
GTSAMATRSITTSTSPEQTERVFQISFFNLPTVHRIRDIRSEKIGSLLSISGTVTRTSEVRPELYKASFTCDMCRAIVDN
VEQSFKYTEPTFCPNPSCENRAFWTLNVTRSRFLDWQKVRIQENANEIPTGSMPRTLDVILRGDSVERAKPGDRCKFTGV
EIVVPDVTQLGLPGVKPSSTLDTRGISKTTEGLNSGVTGLRSLGVRDLTYKISFLACHVISIGSNIGASSPDANSNNRET
ELQMAANLQANNVYQDNERDQEVFLNSLSSDEINELKEMVKDEHIYDKLVRSIAPAVFGHEAVKKGILLQMLGGVHKSTV
EGIKLRGDINICVVGDPSTSKSQFLKYVVGFAPRSVYTSGKASSAAGLTAAVVRDEEGGDYTIEAGALMLADNGICCIDE
FDKMDISDQVAIHEAMEQQTISIAKAGIHATLNARTSILAAANPVGGRYNRKLSLRGNLNMTAPIMSRFDLFFVILDDCN
EKIDTELASHIVDLHMKRDEAIEPPFSAEQLRRYIKYARTFKPILTKEARSYLVEKYKELRKDDAQGFSRSSYRITVRQL
ESMIRLSEAIARANCVDEITPSFIAEAYDLLRQSIIRVDVDDVEMDEEFDNIESQSHAASGNNDDNDDGTGSGVITSEPP
ADIEEGQSEATARPGTSEKKKTTVTYDKYVSMMNMIVRKIAEVDREGAEELTAVDIVDWYLLQKENDLGSLAEYWEERRL
AFKVIKRLVKDRILMEIHGTRHNLRDLENEENENNKTVYVIHPNCEVLDQLEPQDSS
;
6
6 'polypeptide(L)'
;MSAALPSIQLPVDYNNLFNEITDFLVTFKQDTLSSDATRNENEDENLDAENIEQHLLEKGPKYMAMLQKVANRELNSVII
DLDDILQYQNEKFLQGTQADDLVSAIQQNANHFTELFCRAIDNNMPLPTKEIDYKDDVLDVILNQRRLRNERMLSDRTNE
IRSENLMDTTMDPPSSMNDALREVVEDETELFPPNLTRRYFLYFKPLSQNCARRYRKKAISSKPLSVRQIKGDFLGQLIT
VRGIITRVSDVKPAVEVIAYTCDQCGYEVFQEVNSRTFTPLSECTSEECSQNQTKGQLFMSTRASKFSAFQECKIQELSQ
QVPVGHIPRSLNIHVNGTLVRSLSPGDIVDVTGIFLPAPYTGFKALKAGLLTETYLEAQFVRQHKKKFASFSLTSDVEER
VMELITSGDVYNRLAKSIAPEIYGNLDVKKALLLLLVGGVDKRVGDGMKIRGDINVCLMGDPGVAKSQLLKAICKISPRG
VYTTGKGSSGVGLTAAVMKDPVTDEMILEGGALVLADNGICCIDEFDKMDESDRTAIHEVMEQQTISISKAGINTTLNAR
TSILAAANPLYGRYNPRLSPLDNINLPAALLSRFDILFLMLDIPSRDDDEKLAEHVTYVHMHNKQPDLDFTPVEPSKMRE
YIAYAKTKRPVMSEAVNDYVVQAYIRLRQDSKREMDSKFSFGQATPRTLLGIIRLSQALAKLRLADMVDIDDVEEALRLV
RVSKESLYQETNKSKEDESPTTKIFTIIKKMLQETGKNTLSYENIVKTVRLRGFTMLQLSNCIQEYSYLNVWHLINEGNT
LKFVDDGTMDTDQEDSLVSTPKLAPQTTASANVSAQDSDIDLQDA
;
7
#
loop_
_chem_comp.id
_chem_comp.type
_chem_comp.name
_chem_comp.formula
ADP non-polymer ADENOSINE-5'-DIPHOSPHATE 'C10 H15 N5 O10 P2'
ZN non-polymer 'ZINC ION' 'Zn 2'
#
# COMPACT_ATOMS: atom_id res chain seq x y z
N PRO A 201 23.14 -53.09 -19.09
CA PRO A 201 23.84 -53.83 -20.14
C PRO A 201 25.16 -54.43 -19.67
N ASN A 202 25.35 -55.73 -19.91
CA ASN A 202 26.50 -56.47 -19.37
C ASN A 202 27.84 -55.96 -19.91
N VAL A 203 27.82 -55.11 -20.94
CA VAL A 203 29.05 -54.48 -21.42
C VAL A 203 29.75 -53.71 -20.32
N SER A 204 28.99 -53.18 -19.35
CA SER A 204 29.60 -52.42 -18.27
C SER A 204 30.64 -53.25 -17.53
N ARG A 205 30.45 -54.57 -17.49
CA ARG A 205 31.44 -55.45 -16.89
C ARG A 205 32.80 -55.31 -17.59
N THR A 206 32.78 -55.17 -18.91
CA THR A 206 34.00 -54.93 -19.66
C THR A 206 34.59 -53.57 -19.34
N ILE A 207 33.75 -52.56 -19.20
CA ILE A 207 34.21 -51.21 -18.92
C ILE A 207 34.82 -51.13 -17.52
N ALA A 208 34.14 -51.76 -16.55
CA ALA A 208 34.62 -51.79 -15.17
C ALA A 208 36.05 -52.33 -15.04
N ARG A 209 36.29 -53.53 -15.57
CA ARG A 209 37.62 -54.11 -15.50
C ARG A 209 38.66 -53.33 -16.31
N GLU A 210 38.26 -52.71 -17.41
CA GLU A 210 39.20 -51.86 -18.14
C GLU A 210 39.66 -50.67 -17.31
N LEU A 211 38.74 -50.02 -16.60
CA LEU A 211 39.08 -48.85 -15.78
C LEU A 211 39.68 -49.24 -14.43
N LYS A 212 39.29 -50.41 -13.91
CA LYS A 212 40.01 -50.99 -12.77
C LYS A 212 41.48 -51.17 -13.12
N SER A 213 41.76 -51.72 -14.29
CA SER A 213 43.13 -51.87 -14.75
C SER A 213 43.80 -50.52 -14.96
N PHE A 214 43.07 -49.56 -15.54
CA PHE A 214 43.55 -48.19 -15.70
C PHE A 214 43.97 -47.53 -14.39
N LEU A 215 43.07 -47.49 -13.41
CA LEU A 215 43.38 -46.83 -12.14
C LEU A 215 44.65 -47.37 -11.50
N LEU A 216 44.79 -48.69 -11.44
CA LEU A 216 45.96 -49.29 -10.84
C LEU A 216 47.20 -49.27 -11.72
N GLU A 217 47.05 -49.28 -13.05
CA GLU A 217 48.22 -49.28 -13.92
C GLU A 217 48.81 -47.90 -14.16
N TYR A 218 48.01 -46.84 -14.07
CA TYR A 218 48.37 -45.58 -14.72
C TYR A 218 49.57 -44.95 -14.04
N THR A 219 50.74 -45.18 -14.64
CA THR A 219 51.98 -44.46 -14.39
C THR A 219 52.23 -43.48 -15.52
N ASP A 220 52.65 -42.27 -15.20
CA ASP A 220 52.72 -41.19 -16.18
C ASP A 220 53.96 -40.32 -15.98
N GLU A 221 54.30 -39.99 -14.74
CA GLU A 221 55.51 -39.22 -14.46
C GLU A 221 56.27 -39.86 -13.33
N THR A 222 57.60 -39.88 -13.48
CA THR A 222 58.54 -40.60 -12.61
C THR A 222 58.17 -42.09 -12.45
N GLY A 223 57.33 -42.63 -13.36
CA GLY A 223 56.82 -43.97 -13.20
C GLY A 223 55.85 -44.21 -12.05
N ARG A 224 55.43 -43.17 -11.34
CA ARG A 224 54.64 -43.39 -10.12
C ARG A 224 53.19 -43.71 -10.42
N SER A 225 52.61 -44.62 -9.61
CA SER A 225 51.19 -44.94 -9.65
C SER A 225 50.40 -43.96 -8.78
N VAL A 226 50.26 -42.73 -9.30
CA VAL A 226 49.78 -41.59 -8.53
C VAL A 226 48.42 -41.82 -7.87
N TYR A 227 47.63 -42.75 -8.41
CA TYR A 227 46.34 -43.04 -7.80
C TYR A 227 46.45 -43.74 -6.44
N GLY A 228 47.57 -44.39 -6.15
CA GLY A 228 47.78 -44.88 -4.80
C GLY A 228 47.81 -43.74 -3.79
N ALA A 229 48.45 -42.63 -4.17
CA ALA A 229 48.40 -41.41 -3.38
C ALA A 229 47.00 -40.83 -3.33
N ARG A 230 46.33 -40.76 -4.49
CA ARG A 230 44.97 -40.24 -4.57
C ARG A 230 44.00 -40.99 -3.67
N ILE A 231 44.16 -42.30 -3.55
CA ILE A 231 43.23 -43.10 -2.77
C ILE A 231 43.60 -43.25 -1.29
N ARG A 232 44.89 -43.31 -0.94
CA ARG A 232 45.23 -43.37 0.47
C ARG A 232 44.86 -42.07 1.18
N THR A 233 45.11 -40.94 0.52
CA THR A 233 44.67 -39.64 1.03
C THR A 233 43.15 -39.51 0.99
N LEU A 234 42.51 -40.12 0.00
CA LEU A 234 41.07 -40.24 0.01
C LEU A 234 40.60 -40.91 1.29
N GLY A 235 41.21 -42.05 1.63
CA GLY A 235 40.83 -42.83 2.79
C GLY A 235 41.09 -42.14 4.11
N GLU A 236 42.34 -41.73 4.36
CA GLU A 236 42.72 -41.29 5.71
C GLU A 236 42.02 -40.00 6.11
N MET A 237 41.62 -39.18 5.14
CA MET A 237 40.84 -37.99 5.41
C MET A 237 39.34 -38.26 5.34
N ASN A 238 38.94 -39.52 5.19
CA ASN A 238 37.55 -39.90 5.00
C ASN A 238 36.91 -39.10 3.85
N SER A 239 37.65 -38.94 2.76
CA SER A 239 37.12 -38.23 1.61
C SER A 239 36.08 -39.10 0.89
N GLU A 240 34.94 -38.50 0.60
CA GLU A 240 33.95 -39.04 -0.34
C GLU A 240 34.35 -38.92 -1.81
N SER A 241 35.32 -38.08 -2.15
CA SER A 241 35.62 -37.74 -3.55
C SER A 241 36.96 -38.29 -3.99
N LEU A 242 36.97 -38.97 -5.14
CA LEU A 242 38.11 -39.08 -6.03
C LEU A 242 38.18 -37.93 -7.05
N GLU A 243 39.40 -37.61 -7.48
CA GLU A 243 39.74 -36.64 -8.54
C GLU A 243 40.27 -37.30 -9.81
N VAL A 244 39.67 -36.99 -10.96
CA VAL A 244 39.95 -37.67 -12.23
C VAL A 244 40.17 -36.66 -13.34
N ASN A 245 41.19 -36.91 -14.16
CA ASN A 245 41.62 -36.02 -15.23
C ASN A 245 41.18 -36.64 -16.55
N TYR A 246 40.42 -35.89 -17.33
CA TYR A 246 39.97 -36.32 -18.65
C TYR A 246 41.11 -36.68 -19.59
N ARG A 247 42.16 -35.86 -19.63
CA ARG A 247 43.35 -36.14 -20.42
C ARG A 247 44.01 -37.49 -20.13
N HIS A 248 43.92 -37.99 -18.91
CA HIS A 248 44.60 -39.25 -18.63
C HIS A 248 43.87 -40.46 -19.21
N LEU A 249 42.57 -40.61 -18.93
CA LEU A 249 41.84 -41.75 -19.47
C LEU A 249 41.56 -41.61 -20.96
N ALA A 250 41.38 -40.38 -21.45
CA ALA A 250 41.30 -40.15 -22.88
C ALA A 250 42.60 -40.49 -23.59
N GLU A 251 43.75 -40.23 -22.96
CA GLU A 251 45.01 -40.68 -23.54
C GLU A 251 45.13 -42.19 -23.49
N SER A 252 44.49 -42.83 -22.53
CA SER A 252 44.45 -44.29 -22.48
C SER A 252 43.46 -44.86 -23.48
N LYS A 253 42.16 -44.60 -23.29
CA LYS A 253 41.13 -45.16 -24.17
C LYS A 253 40.00 -44.15 -24.33
N ALA A 254 40.02 -43.46 -25.49
CA ALA A 254 39.10 -42.37 -25.79
C ALA A 254 37.62 -42.76 -25.74
N ILE A 255 37.29 -44.03 -25.99
CA ILE A 255 35.89 -44.48 -25.91
C ILE A 255 35.31 -44.32 -24.52
N LEU A 256 36.15 -44.36 -23.48
CA LEU A 256 35.64 -44.06 -22.15
C LEU A 256 35.21 -42.60 -22.06
N ALA A 257 36.06 -41.71 -22.55
CA ALA A 257 35.74 -40.28 -22.57
C ALA A 257 34.56 -39.94 -23.47
N LEU A 258 34.40 -40.64 -24.60
CA LEU A 258 33.21 -40.47 -25.42
C LEU A 258 31.96 -40.95 -24.70
N PHE A 259 31.99 -42.17 -24.17
CA PHE A 259 30.86 -42.70 -23.41
C PHE A 259 30.52 -41.80 -22.25
N LEU A 260 31.54 -41.28 -21.55
CA LEU A 260 31.30 -40.33 -20.48
C LEU A 260 30.61 -39.08 -21.01
N ALA A 261 31.09 -38.55 -22.13
CA ALA A 261 30.42 -37.39 -22.73
C ALA A 261 29.01 -37.71 -23.18
N LYS A 262 28.83 -38.86 -23.83
CA LYS A 262 27.52 -39.20 -24.39
C LYS A 262 26.49 -39.51 -23.30
N CYS A 263 26.86 -40.31 -22.30
CA CYS A 263 25.89 -40.81 -21.32
C CYS A 263 26.56 -41.00 -19.98
N PRO A 264 26.97 -39.91 -19.33
CA PRO A 264 27.73 -40.01 -18.08
C PRO A 264 26.94 -40.63 -16.94
N GLU A 265 25.63 -40.35 -16.89
CA GLU A 265 24.79 -40.76 -15.79
C GLU A 265 24.77 -42.26 -15.61
N GLU A 266 24.81 -43.01 -16.71
CA GLU A 266 24.93 -44.46 -16.61
C GLU A 266 26.38 -44.87 -16.39
N MET A 267 27.31 -44.18 -17.04
CA MET A 267 28.73 -44.49 -16.87
C MET A 267 29.17 -44.37 -15.41
N LEU A 268 28.65 -43.36 -14.70
CA LEU A 268 28.98 -43.16 -13.28
C LEU A 268 28.45 -44.25 -12.37
N LYS A 269 27.55 -45.12 -12.86
CA LYS A 269 27.23 -46.36 -12.17
C LYS A 269 28.47 -47.22 -11.94
N ILE A 270 29.39 -47.21 -12.90
CA ILE A 270 30.53 -48.12 -12.92
C ILE A 270 31.71 -47.59 -12.10
N PHE A 271 32.06 -46.31 -12.25
CA PHE A 271 33.21 -45.74 -11.56
C PHE A 271 33.14 -45.91 -10.05
N ASP A 272 32.01 -45.58 -9.44
CA ASP A 272 31.91 -45.61 -7.99
C ASP A 272 32.07 -47.01 -7.41
N LEU A 273 31.56 -48.03 -8.08
CA LEU A 273 31.77 -49.41 -7.64
C LEU A 273 33.24 -49.82 -7.73
N VAL A 274 33.89 -49.53 -8.85
CA VAL A 274 35.27 -49.93 -9.05
C VAL A 274 36.22 -49.22 -8.08
N ALA A 275 36.02 -47.92 -7.89
CA ALA A 275 36.84 -47.19 -6.93
C ALA A 275 36.65 -47.71 -5.50
N MET A 276 35.41 -48.03 -5.13
CA MET A 276 35.19 -48.66 -3.83
C MET A 276 35.83 -50.04 -3.77
N GLU A 277 35.75 -50.80 -4.86
CA GLU A 277 36.40 -52.12 -4.90
C GLU A 277 37.90 -51.99 -4.69
N ALA A 278 38.53 -51.03 -5.36
CA ALA A 278 39.93 -50.74 -5.12
C ALA A 278 40.15 -50.22 -3.71
N THR A 279 39.25 -49.37 -3.24
CA THR A 279 39.36 -48.76 -1.92
C THR A 279 39.25 -49.80 -0.80
N GLU A 280 38.33 -50.75 -0.92
CA GLU A 280 38.10 -51.73 0.14
C GLU A 280 39.27 -52.70 0.33
N LEU A 281 39.97 -53.07 -0.75
CA LEU A 281 41.18 -53.86 -0.57
C LEU A 281 42.34 -53.01 -0.07
N HIS A 282 42.30 -51.71 -0.31
CA HIS A 282 43.30 -50.81 0.28
C HIS A 282 42.99 -50.51 1.75
N TYR A 283 41.71 -50.49 2.14
CA TYR A 283 41.32 -50.22 3.52
C TYR A 283 40.19 -51.15 3.95
N PRO A 284 40.48 -52.21 4.69
CA PRO A 284 39.44 -53.20 5.03
C PRO A 284 38.37 -52.60 5.95
N ASP A 285 37.11 -52.86 5.61
CA ASP A 285 35.94 -52.32 6.29
C ASP A 285 35.78 -50.81 6.15
N TYR A 286 36.45 -50.18 5.17
CA TYR A 286 36.09 -48.81 4.84
C TYR A 286 34.61 -48.70 4.47
N ALA A 287 34.04 -49.76 3.88
CA ALA A 287 32.62 -49.86 3.60
C ALA A 287 31.73 -49.75 4.82
N ARG A 288 32.28 -49.84 6.03
CA ARG A 288 31.48 -49.66 7.23
C ARG A 288 31.10 -48.21 7.46
N ILE A 289 32.06 -47.30 7.33
CA ILE A 289 31.79 -45.89 7.64
C ILE A 289 31.36 -45.08 6.43
N HIS A 290 31.80 -45.47 5.22
CA HIS A 290 31.47 -44.77 3.99
C HIS A 290 30.82 -45.71 2.99
N SER A 291 29.63 -45.33 2.52
CA SER A 291 28.82 -46.21 1.68
C SER A 291 29.29 -46.22 0.23
N GLU A 292 29.72 -45.08 -0.31
CA GLU A 292 30.22 -45.10 -1.68
C GLU A 292 31.09 -43.87 -1.92
N ILE A 293 31.89 -43.93 -2.99
CA ILE A 293 32.78 -42.85 -3.39
C ILE A 293 32.25 -42.19 -4.66
N HIS A 294 32.14 -40.88 -4.63
CA HIS A 294 31.89 -40.08 -5.82
C HIS A 294 33.22 -39.79 -6.51
N VAL A 295 33.20 -39.64 -7.84
CA VAL A 295 34.38 -39.22 -8.58
C VAL A 295 34.15 -37.82 -9.16
N ARG A 296 35.04 -36.90 -8.81
CA ARG A 296 35.09 -35.53 -9.31
C ARG A 296 35.75 -35.47 -10.68
N ILE A 297 34.97 -35.67 -11.74
CA ILE A 297 35.47 -35.50 -13.10
C ILE A 297 35.90 -34.05 -13.32
N SER A 298 37.06 -33.87 -13.94
CA SER A 298 37.77 -32.60 -13.92
C SER A 298 38.56 -32.49 -15.22
N ASP A 299 39.07 -31.28 -15.48
CA ASP A 299 39.89 -31.03 -16.67
C ASP A 299 39.11 -31.31 -17.96
N PHE A 300 37.80 -31.13 -17.91
CA PHE A 300 36.93 -31.40 -19.06
C PHE A 300 37.08 -30.29 -20.10
N PRO A 301 37.29 -30.62 -21.39
CA PRO A 301 37.69 -29.56 -22.34
C PRO A 301 36.63 -28.58 -22.78
N THR A 302 35.40 -29.02 -23.07
CA THR A 302 34.46 -28.18 -23.80
C THR A 302 33.74 -27.21 -22.88
N ILE A 303 34.45 -26.13 -22.56
CA ILE A 303 33.85 -25.02 -21.85
C ILE A 303 32.86 -24.33 -22.78
N TYR A 304 31.69 -24.05 -22.25
CA TYR A 304 30.68 -23.27 -22.95
C TYR A 304 30.41 -22.00 -22.17
N SER A 305 30.08 -20.95 -22.90
CA SER A 305 29.33 -19.87 -22.31
C SER A 305 27.99 -20.41 -21.87
N LEU A 306 27.47 -19.84 -20.79
CA LEU A 306 26.17 -20.22 -20.27
C LEU A 306 25.02 -19.88 -21.22
N ARG A 307 25.28 -19.07 -22.24
CA ARG A 307 24.30 -18.76 -23.26
C ARG A 307 23.93 -19.96 -24.12
N GLU A 308 24.93 -20.62 -24.72
CA GLU A 308 24.75 -21.50 -25.87
C GLU A 308 24.45 -22.97 -25.52
N LEU A 309 24.26 -23.30 -24.26
CA LEU A 309 23.68 -24.61 -23.93
C LEU A 309 22.32 -24.76 -24.59
N ARG A 310 22.14 -25.81 -25.41
CA ARG A 310 20.90 -25.96 -26.15
C ARG A 310 20.41 -27.42 -26.19
N GLU A 311 19.78 -27.86 -27.30
CA GLU A 311 18.92 -29.04 -27.28
C GLU A 311 19.71 -30.34 -27.15
N SER A 312 20.87 -30.42 -27.79
CA SER A 312 21.65 -31.65 -27.79
C SER A 312 22.60 -31.75 -26.60
N ASN A 313 22.84 -30.66 -25.90
CA ASN A 313 23.86 -30.65 -24.87
C ASN A 313 23.39 -31.40 -23.63
N LEU A 314 22.08 -31.55 -23.47
CA LEU A 314 21.48 -32.20 -22.32
C LEU A 314 21.74 -33.71 -22.34
N SER A 315 21.62 -34.32 -21.16
CA SER A 315 22.00 -35.72 -20.93
C SER A 315 23.48 -35.98 -21.18
N SER A 316 24.30 -34.94 -21.17
CA SER A 316 25.72 -35.05 -21.51
C SER A 316 26.54 -34.20 -20.55
N LEU A 317 27.82 -34.54 -20.47
CA LEU A 317 28.74 -33.86 -19.57
C LEU A 317 29.11 -32.52 -20.17
N VAL A 318 29.14 -31.50 -19.33
CA VAL A 318 29.48 -30.16 -19.79
C VAL A 318 30.18 -29.37 -18.69
N ARG A 319 31.07 -28.48 -19.12
CA ARG A 319 31.77 -27.51 -18.28
C ARG A 319 31.24 -26.11 -18.59
N VAL A 320 30.89 -25.34 -17.55
CA VAL A 320 30.20 -24.08 -17.74
C VAL A 320 30.73 -22.99 -16.80
N THR A 321 30.54 -21.75 -17.25
CA THR A 321 31.02 -20.54 -16.60
C THR A 321 29.87 -19.77 -15.96
N GLY A 322 30.07 -19.31 -14.74
CA GLY A 322 29.19 -18.29 -14.22
C GLY A 322 29.66 -17.74 -12.88
N VAL A 323 28.78 -16.95 -12.28
CA VAL A 323 28.94 -16.40 -10.93
C VAL A 323 27.97 -17.09 -9.99
N VAL A 324 28.46 -17.51 -8.83
CA VAL A 324 27.59 -18.11 -7.82
C VAL A 324 26.78 -17.00 -7.16
N THR A 325 25.46 -17.17 -7.14
CA THR A 325 24.54 -16.32 -6.43
C THR A 325 23.44 -17.17 -5.83
N ARG A 326 22.67 -16.58 -4.92
CA ARG A 326 21.51 -17.20 -4.29
C ARG A 326 21.74 -18.66 -3.89
N ARG A 327 22.74 -18.86 -3.03
CA ARG A 327 22.81 -20.11 -2.29
C ARG A 327 21.58 -20.24 -1.40
N THR A 328 20.84 -21.33 -1.58
CA THR A 328 19.68 -21.62 -0.75
C THR A 328 19.65 -23.09 -0.35
N GLY A 329 19.39 -23.32 0.92
CA GLY A 329 19.49 -24.62 1.53
C GLY A 329 20.86 -25.19 1.78
N VAL A 330 20.86 -26.24 2.60
CA VAL A 330 21.86 -27.29 2.67
C VAL A 330 21.12 -28.60 2.88
N PHE A 331 19.87 -28.67 2.44
CA PHE A 331 18.93 -29.61 3.02
C PHE A 331 19.31 -31.06 2.72
N PRO A 332 18.89 -31.99 3.59
CA PRO A 332 18.87 -33.42 3.24
C PRO A 332 17.78 -33.84 2.29
N GLN A 333 18.06 -34.92 1.56
CA GLN A 333 17.03 -35.60 0.81
C GLN A 333 17.51 -37.02 0.55
N LEU A 334 16.55 -37.85 0.12
CA LEU A 334 16.68 -39.31 0.13
C LEU A 334 17.92 -39.81 -0.61
N LYS A 335 18.56 -40.83 -0.02
CA LYS A 335 19.43 -41.74 -0.77
C LYS A 335 19.11 -43.20 -0.48
N TYR A 336 18.88 -43.58 0.78
CA TYR A 336 18.38 -44.91 1.13
C TYR A 336 17.01 -44.77 1.76
N VAL A 337 16.05 -45.50 1.21
CA VAL A 337 14.64 -45.37 1.53
C VAL A 337 14.11 -46.67 2.14
N LYS A 338 13.34 -46.54 3.21
CA LYS A 338 12.66 -47.65 3.84
C LYS A 338 11.33 -47.15 4.37
N PHE A 339 10.37 -48.07 4.48
CA PHE A 339 9.02 -47.72 4.90
C PHE A 339 8.55 -48.62 6.03
N ASN A 340 7.82 -48.01 6.98
CA ASN A 340 6.94 -48.73 7.88
C ASN A 340 5.76 -49.34 7.12
N CYS A 341 5.12 -50.32 7.75
CA CYS A 341 3.82 -50.79 7.28
C CYS A 341 2.91 -50.95 8.48
N LEU A 342 1.66 -50.50 8.33
CA LEU A 342 0.70 -50.56 9.43
C LEU A 342 0.17 -51.97 9.63
N LYS A 343 -0.29 -52.60 8.55
CA LYS A 343 -1.02 -53.85 8.61
C LYS A 343 -0.14 -55.05 8.96
N CYS A 344 1.16 -54.85 9.15
CA CYS A 344 2.01 -55.89 9.71
C CYS A 344 3.10 -55.22 10.53
N GLY A 345 3.67 -56.01 11.43
CA GLY A 345 4.69 -55.55 12.35
C GLY A 345 6.09 -55.37 11.82
N SER A 346 6.28 -55.10 10.52
CA SER A 346 7.63 -54.92 10.02
C SER A 346 7.65 -54.08 8.75
N ILE A 347 8.86 -53.67 8.40
CA ILE A 347 9.14 -52.56 7.50
C ILE A 347 9.28 -53.06 6.07
N LEU A 348 9.60 -52.14 5.16
CA LEU A 348 10.14 -52.47 3.84
C LEU A 348 11.63 -52.20 3.82
N GLY A 349 12.39 -53.15 3.28
CA GLY A 349 13.82 -53.07 3.24
C GLY A 349 14.33 -51.97 2.34
N PRO A 350 15.65 -51.86 2.24
CA PRO A 350 16.26 -50.66 1.65
C PRO A 350 16.03 -50.59 0.15
N PHE A 351 15.48 -49.46 -0.28
CA PHE A 351 15.48 -49.04 -1.68
C PHE A 351 16.31 -47.78 -1.85
N PHE A 352 17.21 -47.80 -2.82
CA PHE A 352 17.88 -46.59 -3.26
C PHE A 352 16.94 -45.69 -4.04
N GLN A 353 17.16 -44.38 -3.89
CA GLN A 353 16.35 -43.35 -4.53
C GLN A 353 17.14 -42.68 -5.64
N ASP A 354 16.57 -42.68 -6.84
CA ASP A 354 17.12 -41.93 -7.96
C ASP A 354 16.77 -40.46 -7.81
N SER A 355 17.76 -39.60 -8.11
CA SER A 355 17.65 -38.18 -7.79
C SER A 355 16.45 -37.51 -8.46
N ASN A 356 16.06 -38.02 -9.63
CA ASN A 356 15.07 -37.34 -10.47
C ASN A 356 13.62 -37.63 -10.08
N GLU A 357 13.32 -38.77 -9.46
CA GLU A 357 11.92 -39.14 -9.24
C GLU A 357 11.76 -39.95 -7.97
N GLU A 358 10.55 -39.91 -7.44
CA GLU A 358 10.09 -40.70 -6.30
C GLU A 358 9.94 -42.17 -6.69
N ILE A 359 9.49 -42.98 -5.72
CA ILE A 359 9.35 -44.42 -5.86
C ILE A 359 8.07 -44.82 -5.15
N ARG A 360 7.50 -45.95 -5.59
CA ARG A 360 6.32 -46.54 -4.96
C ARG A 360 6.46 -48.06 -4.92
N ILE A 361 5.97 -48.68 -3.85
CA ILE A 361 6.01 -50.13 -3.70
C ILE A 361 4.66 -50.63 -3.20
N SER A 362 4.20 -51.74 -3.80
CA SER A 362 3.03 -52.49 -3.38
C SER A 362 3.39 -53.57 -2.37
N PHE A 363 4.42 -54.34 -2.69
CA PHE A 363 4.79 -55.56 -1.97
C PHE A 363 5.09 -55.29 -0.50
N CYS A 364 4.73 -56.27 0.33
CA CYS A 364 5.10 -56.30 1.73
C CYS A 364 5.55 -57.71 2.09
N THR A 365 6.55 -57.79 2.97
CA THR A 365 7.24 -59.05 3.28
C THR A 365 6.40 -60.00 4.13
N ASN A 366 5.32 -59.53 4.74
CA ASN A 366 4.43 -60.36 5.54
C ASN A 366 3.11 -60.64 4.86
N CYS A 367 2.72 -59.81 3.89
CA CYS A 367 1.35 -59.77 3.39
C CYS A 367 1.40 -59.12 2.01
N LYS A 368 0.29 -59.25 1.29
CA LYS A 368 -0.09 -58.26 0.30
C LYS A 368 -1.23 -57.47 0.94
N SER A 369 -1.07 -56.15 1.01
CA SER A 369 -2.03 -55.32 1.70
C SER A 369 -2.12 -53.94 1.08
N LYS A 370 -3.32 -53.38 1.21
CA LYS A 370 -3.62 -52.03 0.74
C LYS A 370 -2.93 -50.96 1.58
N GLY A 371 -3.05 -51.07 2.90
CA GLY A 371 -2.84 -49.94 3.78
C GLY A 371 -1.46 -49.32 3.72
N PRO A 372 -1.35 -48.07 4.20
CA PRO A 372 -0.20 -47.22 3.86
C PRO A 372 1.17 -47.81 4.19
N PHE A 373 2.15 -47.39 3.39
CA PHE A 373 3.57 -47.46 3.71
C PHE A 373 4.08 -46.06 4.01
N ARG A 374 4.85 -45.90 5.08
CA ARG A 374 5.37 -44.59 5.44
C ARG A 374 6.83 -44.69 5.85
N VAL A 375 7.58 -43.63 5.51
CA VAL A 375 9.02 -43.54 5.69
C VAL A 375 9.47 -43.79 7.13
N ASN A 376 10.25 -44.84 7.33
CA ASN A 376 10.86 -45.18 8.62
C ASN A 376 12.08 -44.30 8.87
N GLY A 377 11.83 -43.06 9.29
CA GLY A 377 12.90 -42.13 9.67
C GLY A 377 13.84 -42.62 10.78
N GLU A 378 13.54 -43.75 11.42
CA GLU A 378 14.45 -44.44 12.32
C GLU A 378 15.67 -45.03 11.61
N LYS A 379 15.66 -45.11 10.28
CA LYS A 379 16.78 -45.69 9.53
C LYS A 379 17.15 -44.93 8.27
N THR A 380 16.21 -44.28 7.58
CA THR A 380 16.50 -43.66 6.30
C THR A 380 17.65 -42.67 6.40
N VAL A 381 18.48 -42.66 5.37
CA VAL A 381 19.76 -41.98 5.38
C VAL A 381 19.76 -41.03 4.20
N TYR A 382 20.36 -39.86 4.36
CA TYR A 382 20.16 -38.75 3.45
C TYR A 382 21.47 -38.17 2.96
N ARG A 383 21.52 -37.85 1.66
CA ARG A 383 22.62 -37.12 1.08
C ARG A 383 22.45 -35.64 1.45
N ASN A 384 23.36 -34.80 0.96
CA ASN A 384 23.26 -33.35 1.06
C ASN A 384 22.87 -32.74 -0.28
N TYR A 385 21.94 -31.79 -0.24
CA TYR A 385 21.35 -31.16 -1.42
C TYR A 385 21.44 -29.65 -1.25
N GLN A 386 21.68 -28.93 -2.36
CA GLN A 386 21.64 -27.48 -2.35
C GLN A 386 21.21 -26.96 -3.72
N ARG A 387 20.51 -25.82 -3.69
CA ARG A 387 20.09 -25.09 -4.88
C ARG A 387 20.95 -23.85 -5.02
N VAL A 388 21.54 -23.69 -6.20
CA VAL A 388 22.43 -22.58 -6.50
C VAL A 388 21.96 -21.95 -7.80
N THR A 389 22.08 -20.62 -7.87
CA THR A 389 21.85 -19.89 -9.10
C THR A 389 23.20 -19.57 -9.71
N LEU A 390 23.35 -19.93 -10.98
CA LEU A 390 24.53 -19.62 -11.77
C LEU A 390 24.21 -18.61 -12.86
N GLN A 391 25.00 -17.55 -12.92
CA GLN A 391 24.74 -16.41 -13.79
C GLN A 391 26.00 -16.16 -14.62
N GLU A 392 25.81 -15.83 -15.89
CA GLU A 392 26.94 -15.51 -16.76
C GLU A 392 27.67 -14.29 -16.22
N ALA A 393 28.99 -14.32 -16.27
CA ALA A 393 29.75 -13.22 -15.70
C ALA A 393 29.60 -11.95 -16.56
N PRO A 394 29.50 -10.77 -15.94
CA PRO A 394 29.29 -9.54 -16.72
C PRO A 394 30.34 -9.26 -17.78
N GLY A 395 31.62 -9.48 -17.48
CA GLY A 395 32.72 -9.11 -18.35
C GLY A 395 32.99 -9.97 -19.55
N THR A 396 32.05 -10.84 -19.94
CA THR A 396 32.22 -11.73 -21.08
C THR A 396 30.92 -11.85 -21.86
N VAL A 397 30.07 -10.84 -21.78
CA VAL A 397 28.76 -10.83 -22.43
C VAL A 397 28.86 -9.91 -23.64
N PRO A 398 28.40 -10.34 -24.82
CA PRO A 398 28.48 -9.45 -25.97
C PRO A 398 27.56 -8.26 -25.81
N PRO A 399 27.81 -7.18 -26.56
CA PRO A 399 27.05 -5.93 -26.37
C PRO A 399 25.54 -6.09 -26.39
N GLY A 400 24.90 -5.47 -25.40
CA GLY A 400 23.45 -5.39 -25.29
C GLY A 400 22.67 -6.62 -24.86
N ARG A 401 23.25 -7.81 -24.91
CA ARG A 401 22.46 -8.97 -24.50
C ARG A 401 22.51 -9.07 -22.97
N LEU A 402 21.59 -9.83 -22.42
CA LEU A 402 21.46 -10.04 -20.99
C LEU A 402 21.97 -11.42 -20.56
N PRO A 403 22.73 -11.53 -19.46
CA PRO A 403 23.23 -12.84 -19.04
C PRO A 403 22.16 -13.86 -18.67
N ARG A 404 22.05 -14.87 -19.53
CA ARG A 404 21.27 -16.07 -19.24
C ARG A 404 21.79 -16.73 -17.97
N HIS A 405 20.91 -17.47 -17.30
CA HIS A 405 21.15 -17.94 -15.95
C HIS A 405 20.50 -19.30 -15.81
N ARG A 406 21.08 -20.13 -14.95
CA ARG A 406 20.61 -21.49 -14.74
C ARG A 406 20.58 -21.83 -13.26
N GLU A 407 19.86 -22.90 -12.98
CA GLU A 407 19.63 -23.40 -11.63
C GLU A 407 20.43 -24.68 -11.49
N VAL A 408 21.24 -24.76 -10.46
CA VAL A 408 22.32 -25.74 -10.36
C VAL A 408 22.15 -26.50 -9.06
N ILE A 409 22.38 -27.81 -9.11
CA ILE A 409 22.30 -28.69 -7.94
C ILE A 409 23.68 -29.15 -7.53
N LEU A 410 24.03 -28.92 -6.27
CA LEU A 410 25.25 -29.41 -5.66
C LEU A 410 24.90 -30.49 -4.65
N LEU A 411 25.66 -31.58 -4.67
CA LEU A 411 25.34 -32.76 -3.87
C LEU A 411 26.53 -33.13 -2.97
N ALA A 412 26.44 -34.30 -2.37
CA ALA A 412 27.56 -35.12 -1.90
C ALA A 412 28.62 -34.32 -1.13
N ASP A 413 28.16 -33.57 -0.12
CA ASP A 413 28.99 -32.66 0.67
C ASP A 413 29.73 -31.59 -0.15
N LEU A 414 29.42 -31.42 -1.44
CA LEU A 414 29.86 -30.23 -2.16
C LEU A 414 29.06 -28.99 -1.78
N VAL A 415 27.94 -29.17 -1.08
CA VAL A 415 27.33 -28.10 -0.31
C VAL A 415 28.37 -27.40 0.55
N ASP A 416 28.26 -26.06 0.57
CA ASP A 416 29.13 -25.10 1.26
C ASP A 416 30.61 -25.31 0.93
N VAL A 417 30.92 -25.05 -0.33
CA VAL A 417 32.31 -24.97 -0.79
C VAL A 417 32.49 -23.79 -1.75
N SER A 418 31.49 -22.92 -1.84
CA SER A 418 31.58 -21.70 -2.62
C SER A 418 30.69 -20.68 -1.96
N LYS A 419 31.08 -19.41 -2.07
CA LYS A 419 30.30 -18.29 -1.57
C LYS A 419 30.08 -17.23 -2.64
N PRO A 420 28.92 -16.58 -2.65
CA PRO A 420 28.42 -15.94 -3.85
C PRO A 420 29.25 -14.72 -4.22
N GLY A 421 29.20 -14.35 -5.48
CA GLY A 421 29.96 -13.22 -5.97
C GLY A 421 31.36 -13.56 -6.40
N GLU A 422 31.64 -14.83 -6.70
CA GLU A 422 32.89 -15.23 -7.31
C GLU A 422 32.59 -16.05 -8.56
N GLU A 423 33.45 -15.89 -9.57
CA GLU A 423 33.36 -16.70 -10.78
C GLU A 423 33.70 -18.14 -10.47
N VAL A 424 32.84 -19.06 -10.92
CA VAL A 424 32.99 -20.48 -10.65
C VAL A 424 32.82 -21.28 -11.93
N GLU A 425 33.64 -22.32 -12.07
CA GLU A 425 33.56 -23.27 -13.15
C GLU A 425 33.25 -24.64 -12.55
N VAL A 426 32.44 -25.41 -13.27
CA VAL A 426 31.87 -26.64 -12.74
C VAL A 426 31.90 -27.68 -13.86
N THR A 427 31.95 -28.95 -13.47
CA THR A 427 31.66 -30.05 -14.36
C THR A 427 30.31 -30.63 -13.96
N GLY A 428 29.46 -30.87 -14.95
CA GLY A 428 28.13 -31.32 -14.64
C GLY A 428 27.41 -31.84 -15.86
N ILE A 429 26.21 -32.34 -15.62
CA ILE A 429 25.34 -32.92 -16.64
C ILE A 429 24.08 -32.09 -16.73
N TYR A 430 23.75 -31.64 -17.93
CA TYR A 430 22.65 -30.74 -18.16
C TYR A 430 21.44 -31.59 -18.52
N LYS A 431 20.29 -31.29 -17.92
CA LYS A 431 19.10 -32.07 -18.24
C LYS A 431 17.83 -31.26 -18.07
N ASN A 432 16.84 -31.62 -18.88
CA ASN A 432 15.44 -31.27 -18.63
C ASN A 432 14.89 -31.97 -17.40
N ASN A 433 14.36 -31.19 -16.46
CA ASN A 433 13.99 -31.69 -15.14
C ASN A 433 12.46 -31.76 -15.12
N TYR A 434 11.93 -32.83 -15.68
CA TYR A 434 10.54 -33.19 -15.42
C TYR A 434 10.42 -33.60 -13.97
N ASP A 435 9.45 -33.02 -13.27
CA ASP A 435 9.29 -33.31 -11.85
C ASP A 435 7.87 -33.10 -11.35
N GLY A 436 6.87 -33.19 -12.23
CA GLY A 436 5.52 -32.81 -11.88
C GLY A 436 5.31 -31.33 -11.70
N ASN A 437 4.04 -30.95 -11.51
CA ASN A 437 3.60 -29.56 -11.53
C ASN A 437 4.01 -28.91 -12.84
N LEU A 438 3.72 -29.61 -13.94
CA LEU A 438 4.13 -29.20 -15.27
C LEU A 438 2.98 -29.18 -16.27
N ASN A 439 1.92 -29.96 -16.04
CA ASN A 439 0.73 -29.87 -16.89
C ASN A 439 0.09 -28.48 -16.78
N ALA A 440 0.39 -27.75 -15.71
CA ALA A 440 -0.12 -26.40 -15.51
C ALA A 440 0.46 -25.41 -16.50
N LYS A 441 1.54 -25.77 -17.20
CA LYS A 441 2.11 -24.90 -18.22
C LYS A 441 1.13 -24.90 -19.39
N ASN A 442 0.48 -23.75 -19.60
CA ASN A 442 -0.35 -23.53 -20.76
C ASN A 442 0.51 -23.28 -22.00
N GLY A 443 -0.13 -23.48 -23.16
CA GLY A 443 0.57 -23.46 -24.42
C GLY A 443 1.53 -24.63 -24.54
N PHE A 444 2.65 -24.38 -25.20
CA PHE A 444 3.59 -25.43 -25.56
C PHE A 444 4.15 -26.16 -24.33
N PRO A 445 4.33 -27.50 -24.38
CA PRO A 445 5.03 -28.22 -23.31
C PRO A 445 6.52 -27.93 -23.27
N VAL A 446 6.86 -26.83 -22.61
CA VAL A 446 8.23 -26.33 -22.54
C VAL A 446 8.81 -26.55 -21.15
N PHE A 447 9.96 -27.23 -21.11
CA PHE A 447 10.50 -27.90 -19.94
C PHE A 447 11.66 -27.08 -19.39
N ALA A 448 11.61 -26.81 -18.09
CA ALA A 448 12.69 -26.16 -17.35
C ALA A 448 13.92 -27.05 -17.25
N THR A 449 15.04 -26.61 -17.80
CA THR A 449 16.28 -27.36 -17.71
C THR A 449 17.04 -27.04 -16.44
N ILE A 450 17.97 -27.95 -16.09
CA ILE A 450 18.84 -27.82 -14.94
C ILE A 450 20.21 -28.40 -15.29
N ILE A 451 21.23 -27.95 -14.57
CA ILE A 451 22.54 -28.59 -14.53
C ILE A 451 22.69 -29.29 -13.19
N GLU A 452 23.12 -30.55 -13.22
CA GLU A 452 23.54 -31.28 -12.03
C GLU A 452 25.07 -31.30 -11.97
N ALA A 453 25.62 -30.87 -10.83
CA ALA A 453 27.04 -30.59 -10.70
C ALA A 453 27.78 -31.81 -10.18
N ASN A 454 28.80 -32.24 -10.92
CA ASN A 454 29.77 -33.20 -10.39
C ASN A 454 30.85 -32.52 -9.56
N SER A 455 31.56 -31.56 -10.15
CA SER A 455 32.67 -30.88 -9.50
C SER A 455 32.53 -29.37 -9.63
N ILE A 456 33.07 -28.67 -8.63
CA ILE A 456 32.95 -27.22 -8.52
C ILE A 456 34.29 -26.65 -8.06
N LYS A 457 34.75 -25.58 -8.71
CA LYS A 457 36.09 -25.04 -8.50
C LYS A 457 36.03 -23.52 -8.35
N ARG A 458 36.73 -23.01 -7.34
CA ARG A 458 36.72 -21.58 -7.05
C ARG A 458 37.75 -20.80 -7.87
N ARG A 459 38.80 -21.47 -8.37
CA ARG A 459 39.92 -20.79 -9.00
C ARG A 459 39.48 -19.87 -10.13
N GLU A 460 38.58 -20.33 -10.99
CA GLU A 460 37.93 -19.43 -11.93
C GLU A 460 36.55 -19.96 -12.29
N VAL A 473 39.99 -19.92 5.32
CA VAL A 473 40.83 -20.95 4.65
C VAL A 473 42.28 -20.49 4.61
N PHE A 474 42.50 -19.29 4.07
CA PHE A 474 43.83 -18.69 4.05
C PHE A 474 44.34 -18.48 5.47
N SER A 475 45.41 -19.18 5.84
CA SER A 475 45.70 -19.41 7.25
C SER A 475 47.19 -19.69 7.45
N TRP A 476 47.60 -19.64 8.71
CA TRP A 476 49.01 -19.67 9.10
C TRP A 476 49.40 -21.06 9.58
N THR A 477 50.56 -21.53 9.14
CA THR A 477 50.94 -22.93 9.28
C THR A 477 52.40 -23.04 9.67
N GLU A 478 52.74 -24.19 10.28
CA GLU A 478 54.04 -24.41 10.90
C GLU A 478 55.18 -24.07 9.95
N GLU A 479 55.10 -24.59 8.73
CA GLU A 479 56.16 -24.42 7.74
C GLU A 479 56.26 -22.98 7.26
N GLU A 480 55.29 -22.13 7.61
CA GLU A 480 55.22 -20.75 7.16
C GLU A 480 55.34 -19.78 8.32
N GLU A 481 54.94 -20.18 9.53
CA GLU A 481 54.88 -19.24 10.64
C GLU A 481 56.29 -18.77 11.00
N ARG A 482 57.24 -19.70 11.00
CA ARG A 482 58.56 -19.45 11.54
C ARG A 482 59.34 -18.42 10.71
N GLU A 483 59.12 -18.38 9.40
CA GLU A 483 59.82 -17.38 8.58
C GLU A 483 59.39 -15.97 8.96
N PHE A 484 58.15 -15.79 9.42
CA PHE A 484 57.73 -14.50 9.94
C PHE A 484 58.45 -14.11 11.23
N ARG A 485 58.82 -15.08 12.07
CA ARG A 485 59.62 -14.75 13.24
C ARG A 485 60.94 -14.11 12.85
N LYS A 486 61.70 -14.76 11.97
CA LYS A 486 62.98 -14.20 11.52
C LYS A 486 62.79 -12.87 10.81
N ILE A 487 61.78 -12.78 9.96
CA ILE A 487 61.41 -11.52 9.33
C ILE A 487 61.00 -10.47 10.36
N SER A 488 60.24 -10.88 11.38
CA SER A 488 59.77 -9.94 12.39
C SER A 488 60.93 -9.32 13.16
N ARG A 489 62.05 -10.02 13.23
CA ARG A 489 63.30 -9.52 13.80
C ARG A 489 64.21 -8.81 12.80
N ASP A 490 63.97 -8.91 11.50
CA ASP A 490 64.84 -8.27 10.51
C ASP A 490 64.54 -6.78 10.27
N ARG A 491 65.27 -5.93 10.99
CA ARG A 491 65.64 -4.57 10.56
C ARG A 491 64.46 -3.70 10.16
N GLY A 492 63.60 -3.36 11.13
CA GLY A 492 62.77 -2.20 10.88
C GLY A 492 61.67 -2.40 9.87
N ILE A 493 61.01 -3.56 9.89
CA ILE A 493 60.02 -3.93 8.88
C ILE A 493 58.88 -2.94 8.75
N ILE A 494 58.68 -2.07 9.76
CA ILE A 494 57.54 -1.18 9.80
C ILE A 494 57.50 -0.30 8.55
N ASP A 495 58.57 0.44 8.29
CA ASP A 495 58.60 1.27 7.10
C ASP A 495 58.66 0.46 5.81
N LYS A 496 59.08 -0.80 5.87
CA LYS A 496 58.92 -1.71 4.74
C LYS A 496 57.48 -2.16 4.57
N ILE A 497 56.74 -2.30 5.67
CA ILE A 497 55.31 -2.60 5.61
C ILE A 497 54.48 -1.40 5.16
N ILE A 498 54.87 -0.19 5.55
CA ILE A 498 54.21 1.00 5.03
C ILE A 498 54.32 1.11 3.51
N SER A 499 55.42 0.65 2.95
CA SER A 499 55.56 0.60 1.49
C SER A 499 54.59 -0.39 0.84
N SER A 500 54.42 -1.59 1.41
CA SER A 500 53.48 -2.53 0.82
C SER A 500 52.02 -2.25 1.13
N MET A 501 51.69 -1.18 1.83
CA MET A 501 50.30 -0.86 2.08
C MET A 501 49.59 -0.25 0.87
N ALA A 502 50.33 0.14 -0.16
CA ALA A 502 49.74 0.81 -1.33
C ALA A 502 50.58 0.63 -2.58
N PRO A 503 50.25 -0.33 -3.46
CA PRO A 503 51.09 -0.57 -4.64
C PRO A 503 50.75 0.36 -5.79
N SER A 504 49.51 0.85 -5.84
CA SER A 504 48.99 1.49 -7.04
C SER A 504 49.35 2.96 -7.15
N ILE A 505 49.87 3.57 -6.08
CA ILE A 505 50.23 4.98 -6.10
C ILE A 505 51.57 5.15 -5.39
N TYR A 506 52.19 6.32 -5.60
CA TYR A 506 53.30 6.70 -4.77
C TYR A 506 52.79 7.16 -3.42
N GLY A 507 51.81 8.06 -3.46
CA GLY A 507 51.09 8.52 -2.28
C GLY A 507 52.00 9.18 -1.29
N HIS A 508 51.79 8.81 -0.03
CA HIS A 508 52.28 9.56 1.12
C HIS A 508 52.08 8.70 2.36
N ARG A 509 53.09 8.60 3.20
CA ARG A 509 53.11 7.71 4.36
C ARG A 509 52.19 8.12 5.50
N ASP A 510 51.77 9.38 5.58
CA ASP A 510 50.94 9.83 6.69
C ASP A 510 49.57 9.16 6.75
N ILE A 511 48.95 8.83 5.62
CA ILE A 511 47.72 8.02 5.67
C ILE A 511 48.05 6.55 5.90
N LYS A 512 48.98 6.00 5.12
CA LYS A 512 49.35 4.60 5.21
C LYS A 512 49.72 4.17 6.62
N THR A 513 50.42 5.03 7.35
CA THR A 513 50.79 4.72 8.73
C THR A 513 49.55 4.53 9.62
N ALA A 514 48.50 5.31 9.37
CA ALA A 514 47.26 5.16 10.12
C ALA A 514 46.51 3.87 9.76
N VAL A 515 46.45 3.56 8.47
CA VAL A 515 45.75 2.36 8.01
C VAL A 515 46.41 1.10 8.53
N ALA A 516 47.74 1.03 8.45
CA ALA A 516 48.46 -0.12 9.01
C ALA A 516 48.19 -0.33 10.49
N CYS A 517 48.17 0.75 11.26
CA CYS A 517 47.88 0.61 12.70
C CYS A 517 46.45 0.16 12.98
N SER A 518 45.48 0.55 12.17
CA SER A 518 44.13 0.00 12.30
C SER A 518 44.07 -1.48 11.96
N LEU A 519 44.81 -1.91 10.94
CA LEU A 519 44.82 -3.33 10.55
C LEU A 519 45.38 -4.25 11.62
N PHE A 520 46.33 -3.77 12.43
CA PHE A 520 46.82 -4.54 13.57
C PHE A 520 46.06 -4.28 14.85
N GLY A 521 45.39 -3.14 14.96
CA GLY A 521 44.71 -2.69 16.14
C GLY A 521 45.60 -2.51 17.35
N GLY A 522 44.99 -2.64 18.53
CA GLY A 522 45.68 -2.62 19.80
C GLY A 522 45.36 -3.85 20.63
N VAL A 523 45.44 -3.67 21.95
CA VAL A 523 45.11 -4.72 22.90
C VAL A 523 43.89 -4.31 23.74
N PRO A 524 42.78 -5.06 23.70
CA PRO A 524 41.68 -4.80 24.63
C PRO A 524 42.01 -5.27 26.04
N LYS A 525 41.60 -4.48 27.03
CA LYS A 525 41.86 -4.85 28.43
C LYS A 525 40.71 -4.38 29.30
N ASN A 526 40.67 -4.93 30.52
CA ASN A 526 39.62 -4.65 31.49
C ASN A 526 40.25 -4.57 32.87
N VAL A 527 39.58 -3.85 33.78
CA VAL A 527 40.08 -3.68 35.14
C VAL A 527 39.21 -4.50 36.08
N ASN A 528 39.49 -5.79 36.16
CA ASN A 528 38.78 -6.74 37.00
C ASN A 528 37.27 -6.69 36.74
N GLY A 529 36.90 -7.03 35.51
CA GLY A 529 35.51 -7.27 35.19
C GLY A 529 34.77 -6.11 34.58
N LYS A 530 35.44 -4.97 34.37
CA LYS A 530 34.80 -3.80 33.81
C LYS A 530 35.87 -2.86 33.26
N HIS A 531 35.46 -1.63 32.94
CA HIS A 531 36.30 -0.60 32.37
C HIS A 531 36.96 -1.10 31.07
N SER A 532 36.12 -1.27 30.07
CA SER A 532 36.59 -1.70 28.76
C SER A 532 37.39 -0.58 28.12
N ILE A 533 38.61 -0.89 27.71
CA ILE A 533 39.41 0.02 26.88
C ILE A 533 39.44 -0.52 25.45
N ARG A 534 39.17 0.36 24.50
CA ARG A 534 38.95 -0.04 23.12
C ARG A 534 40.26 -0.55 22.53
N GLY A 535 40.25 -1.77 22.00
CA GLY A 535 41.41 -2.25 21.27
C GLY A 535 41.49 -1.64 19.90
N ASP A 536 40.34 -1.28 19.34
CA ASP A 536 40.24 -0.81 17.95
C ASP A 536 40.81 0.60 17.81
N ILE A 537 41.57 0.79 16.75
CA ILE A 537 42.05 2.10 16.34
C ILE A 537 41.17 2.52 15.18
N ASN A 538 40.67 3.75 15.25
CA ASN A 538 39.74 4.29 14.27
C ASN A 538 40.40 5.46 13.55
N VAL A 539 40.06 5.59 12.28
CA VAL A 539 40.69 6.53 11.38
C VAL A 539 39.62 7.29 10.60
N LEU A 540 39.87 8.58 10.43
CA LEU A 540 39.11 9.41 9.52
C LEU A 540 40.06 9.90 8.44
N LEU A 541 39.67 9.67 7.19
CA LEU A 541 40.43 10.09 6.02
C LEU A 541 39.71 11.26 5.38
N LEU A 542 40.43 12.33 5.15
CA LEU A 542 39.83 13.58 4.70
C LEU A 542 40.79 14.30 3.76
N GLY A 543 40.22 15.13 2.91
CA GLY A 543 40.98 15.89 1.93
C GLY A 543 40.14 16.16 0.70
N ASP A 544 40.68 17.02 -0.15
CA ASP A 544 40.01 17.45 -1.37
C ASP A 544 39.58 16.25 -2.22
N PRO A 545 38.42 16.31 -2.87
CA PRO A 545 37.82 15.11 -3.50
C PRO A 545 38.71 14.40 -4.51
N GLY A 546 39.59 15.13 -5.19
CA GLY A 546 40.49 14.51 -6.15
C GLY A 546 41.57 13.62 -5.58
N THR A 547 41.85 13.73 -4.29
CA THR A 547 42.80 12.83 -3.66
C THR A 547 42.17 11.47 -3.35
N ALA A 548 42.96 10.42 -3.57
CA ALA A 548 42.52 9.05 -3.42
C ALA A 548 42.11 8.77 -1.99
N LYS A 549 40.82 8.49 -1.77
CA LYS A 549 40.29 8.22 -0.44
C LYS A 549 39.40 6.99 -0.40
N SER A 550 38.83 6.56 -1.51
CA SER A 550 38.11 5.29 -1.64
C SER A 550 39.00 4.14 -2.06
N GLN A 551 39.92 4.39 -2.99
CA GLN A 551 40.77 3.33 -3.53
C GLN A 551 41.67 2.69 -2.47
N ILE A 552 42.16 3.48 -1.51
CA ILE A 552 43.05 2.92 -0.51
C ILE A 552 42.32 1.91 0.38
N LEU A 553 41.15 2.26 0.88
CA LEU A 553 40.36 1.32 1.66
C LEU A 553 39.73 0.22 0.81
N LYS A 554 39.63 0.41 -0.50
CA LYS A 554 39.28 -0.69 -1.40
C LYS A 554 40.35 -1.77 -1.42
N TYR A 555 41.61 -1.39 -1.31
CA TYR A 555 42.69 -2.34 -1.07
C TYR A 555 42.55 -3.04 0.29
N VAL A 556 42.11 -2.31 1.30
CA VAL A 556 41.90 -2.91 2.63
C VAL A 556 40.84 -4.00 2.58
N GLU A 557 39.76 -3.78 1.83
CA GLU A 557 38.74 -4.81 1.67
C GLU A 557 39.29 -6.09 1.05
N LYS A 558 40.36 -5.98 0.27
CA LYS A 558 41.09 -7.17 -0.17
C LYS A 558 41.96 -7.72 0.95
N THR A 559 42.79 -6.88 1.54
CA THR A 559 43.95 -7.32 2.30
C THR A 559 43.60 -7.72 3.73
N ALA A 560 42.54 -7.14 4.28
CA ALA A 560 42.02 -7.47 5.59
C ALA A 560 41.23 -8.77 5.58
N HIS A 561 40.92 -9.23 6.79
CA HIS A 561 40.06 -10.37 7.05
C HIS A 561 38.86 -9.93 7.87
N ARG A 562 37.71 -10.52 7.59
CA ARG A 562 36.42 -10.08 8.13
C ARG A 562 36.27 -8.56 8.02
N ALA A 563 36.34 -8.08 6.79
CA ALA A 563 36.34 -6.66 6.49
C ALA A 563 35.25 -6.39 5.48
N VAL A 564 34.55 -5.27 5.68
CA VAL A 564 33.33 -4.93 4.95
C VAL A 564 33.46 -3.54 4.37
N PHE A 565 32.86 -3.34 3.20
CA PHE A 565 32.99 -2.11 2.43
C PHE A 565 31.60 -1.46 2.41
N ALA A 566 31.23 -0.89 3.56
CA ALA A 566 29.89 -0.37 3.75
C ALA A 566 29.71 0.94 3.00
N THR A 567 28.46 1.25 2.70
CA THR A 567 28.11 2.55 2.13
C THR A 567 26.72 2.89 2.63
N GLY A 568 26.47 4.17 2.86
CA GLY A 568 25.15 4.61 3.23
C GLY A 568 24.08 4.40 2.19
N GLN A 569 22.98 3.79 2.59
CA GLN A 569 21.80 3.52 1.76
C GLN A 569 22.23 2.81 0.45
N GLY A 570 21.49 3.03 -0.63
CA GLY A 570 21.40 2.13 -1.77
C GLY A 570 22.69 1.73 -2.44
N ALA A 571 22.62 0.67 -3.25
CA ALA A 571 23.81 0.00 -3.78
C ALA A 571 24.78 -0.40 -2.69
N SER A 572 24.25 -0.89 -1.56
CA SER A 572 25.07 -1.39 -0.49
C SER A 572 24.48 -2.70 0.02
N ALA A 573 25.32 -3.71 0.20
CA ALA A 573 24.83 -4.98 0.69
C ALA A 573 24.42 -4.90 2.16
N VAL A 574 24.98 -3.95 2.90
CA VAL A 574 24.63 -3.69 4.28
C VAL A 574 24.53 -2.18 4.49
N GLY A 575 23.47 -1.74 5.15
CA GLY A 575 23.12 -0.34 5.21
C GLY A 575 23.67 0.42 6.39
N LEU A 576 24.66 -0.13 7.10
CA LEU A 576 25.14 0.39 8.37
C LEU A 576 24.05 0.43 9.45
N THR A 577 23.01 -0.40 9.32
CA THR A 577 22.02 -0.54 10.37
C THR A 577 21.78 -2.00 10.73
N ALA A 578 21.67 -2.24 12.03
CA ALA A 578 21.14 -3.47 12.59
C ALA A 578 19.61 -3.43 12.59
N SER A 579 19.00 -4.46 12.03
CA SER A 579 17.58 -4.41 11.68
C SER A 579 16.99 -5.80 11.79
N VAL A 580 15.70 -5.84 12.07
CA VAL A 580 14.82 -6.98 11.83
C VAL A 580 13.89 -6.64 10.68
N ARG A 581 13.89 -7.48 9.64
CA ARG A 581 13.15 -7.12 8.44
C ARG A 581 12.86 -8.38 7.62
N LYS A 582 11.90 -8.20 6.73
CA LYS A 582 11.39 -9.23 5.82
C LYS A 582 12.50 -10.03 5.16
N ASP A 583 12.19 -11.28 4.88
CA ASP A 583 12.84 -11.97 3.79
C ASP A 583 11.71 -12.68 3.06
N PRO A 584 11.71 -12.66 1.72
CA PRO A 584 10.51 -13.06 0.97
C PRO A 584 10.19 -14.54 1.03
N ILE A 585 11.20 -15.37 0.75
CA ILE A 585 11.07 -16.82 0.74
C ILE A 585 10.47 -17.29 2.06
N THR A 586 9.31 -17.95 2.00
CA THR A 586 8.55 -18.36 3.18
C THR A 586 8.15 -17.20 4.09
N LYS A 587 8.31 -15.95 3.63
CA LYS A 587 8.16 -14.76 4.46
C LYS A 587 8.99 -14.87 5.74
N GLU A 588 10.19 -15.41 5.58
CA GLU A 588 11.06 -15.74 6.69
C GLU A 588 11.50 -14.44 7.37
N TRP A 589 11.55 -14.46 8.71
CA TRP A 589 12.05 -13.34 9.50
C TRP A 589 13.43 -13.63 10.07
N THR A 590 14.37 -12.72 9.81
CA THR A 590 15.67 -12.75 10.47
C THR A 590 16.25 -11.36 10.59
N LEU A 591 17.18 -11.26 11.53
CA LEU A 591 17.98 -10.07 11.69
C LEU A 591 18.89 -9.92 10.48
N GLU A 592 19.06 -8.69 10.03
CA GLU A 592 20.27 -8.31 9.35
C GLU A 592 20.99 -7.38 10.30
N GLY A 593 22.19 -7.75 10.71
CA GLY A 593 22.99 -6.83 11.48
C GLY A 593 23.56 -5.73 10.62
N GLY A 594 23.93 -4.65 11.27
CA GLY A 594 24.75 -3.65 10.63
C GLY A 594 26.12 -4.21 10.30
N ALA A 595 26.85 -3.46 9.48
CA ALA A 595 28.17 -3.88 9.06
C ALA A 595 29.09 -3.99 10.27
N LEU A 596 28.84 -3.15 11.26
CA LEU A 596 29.54 -3.14 12.53
C LEU A 596 29.29 -4.38 13.38
N VAL A 597 28.26 -5.15 13.08
CA VAL A 597 28.07 -6.46 13.73
C VAL A 597 28.71 -7.55 12.88
N LEU A 598 28.53 -7.44 11.57
CA LEU A 598 29.12 -8.35 10.60
C LEU A 598 30.64 -8.34 10.64
N ALA A 599 31.23 -7.21 11.05
CA ALA A 599 32.67 -7.08 11.22
C ALA A 599 33.13 -6.99 12.67
N ASP A 600 32.41 -7.64 13.61
CA ASP A 600 32.62 -7.40 15.04
C ASP A 600 34.07 -7.54 15.50
N LYS A 601 34.83 -8.46 14.90
CA LYS A 601 36.25 -8.58 15.23
C LYS A 601 37.11 -7.59 14.46
N GLY A 602 36.79 -7.39 13.19
CA GLY A 602 37.61 -6.58 12.30
C GLY A 602 37.16 -5.16 12.09
N VAL A 603 37.08 -4.74 10.82
CA VAL A 603 37.04 -3.34 10.47
C VAL A 603 35.90 -3.05 9.50
N CYS A 604 35.24 -1.91 9.72
CA CYS A 604 34.15 -1.41 8.88
C CYS A 604 34.66 -0.22 8.09
N LEU A 605 34.49 -0.28 6.77
CA LEU A 605 35.01 0.72 5.86
C LEU A 605 33.85 1.57 5.33
N ILE A 606 33.87 2.86 5.65
CA ILE A 606 32.75 3.75 5.40
C ILE A 606 33.19 4.80 4.40
N ASP A 607 32.46 4.91 3.29
CA ASP A 607 32.75 5.84 2.20
C ASP A 607 31.72 6.97 2.19
N GLU A 608 32.22 8.20 2.02
CA GLU A 608 31.42 9.41 2.10
C GLU A 608 30.73 9.52 3.45
N PHE A 609 31.56 9.57 4.49
CA PHE A 609 31.09 9.51 5.87
C PHE A 609 30.09 10.63 6.19
N ASP A 610 30.28 11.80 5.57
CA ASP A 610 29.37 12.92 5.79
C ASP A 610 27.97 12.62 5.27
N LYS A 611 27.87 11.95 4.13
CA LYS A 611 26.59 11.72 3.46
C LYS A 611 25.80 10.60 4.13
N MET A 612 25.37 10.88 5.36
CA MET A 612 24.47 9.97 6.08
C MET A 612 23.44 10.77 6.86
N ASN A 613 22.34 10.09 7.15
CA ASN A 613 21.20 10.68 7.84
C ASN A 613 21.35 10.65 9.37
N ASP A 614 20.23 10.79 10.09
CA ASP A 614 20.14 10.51 11.52
C ASP A 614 20.50 9.08 11.88
N GLN A 615 19.67 8.12 11.45
CA GLN A 615 19.74 6.76 11.99
C GLN A 615 21.09 6.11 11.71
N ASP A 616 21.57 6.24 10.48
CA ASP A 616 22.85 5.66 10.10
C ASP A 616 24.03 6.50 10.56
N ARG A 617 23.78 7.58 11.31
CA ARG A 617 24.80 8.22 12.12
C ARG A 617 24.77 7.80 13.58
N THR A 618 23.60 7.72 14.20
CA THR A 618 23.54 7.29 15.60
C THR A 618 24.07 5.87 15.79
N SER A 619 23.93 5.04 14.77
CA SER A 619 24.43 3.67 14.81
C SER A 619 25.94 3.60 14.96
N ILE A 620 26.68 4.25 14.08
CA ILE A 620 28.13 4.31 14.20
C ILE A 620 28.56 4.99 15.49
N HIS A 621 27.88 6.07 15.88
CA HIS A 621 28.24 6.74 17.12
C HIS A 621 28.04 5.86 18.34
N GLU A 622 26.94 5.13 18.40
CA GLU A 622 26.75 4.15 19.48
C GLU A 622 27.80 3.05 19.44
N ALA A 623 28.19 2.59 18.26
CA ALA A 623 29.23 1.58 18.16
C ALA A 623 30.58 2.08 18.66
N MET A 624 31.00 3.26 18.20
CA MET A 624 32.24 3.84 18.69
C MET A 624 32.16 4.10 20.18
N GLU A 625 31.05 4.66 20.64
CA GLU A 625 30.89 5.02 22.05
C GLU A 625 31.06 3.82 22.96
N GLN A 626 30.38 2.69 22.65
CA GLN A 626 30.39 1.57 23.58
C GLN A 626 30.34 0.20 22.91
N GLN A 627 30.65 0.10 21.62
CA GLN A 627 31.02 -1.16 20.95
C GLN A 627 29.94 -2.22 20.98
N SER A 628 28.72 -1.90 21.42
CA SER A 628 27.60 -2.81 21.34
C SER A 628 26.37 -2.06 20.84
N ILE A 629 25.62 -2.72 19.96
CA ILE A 629 24.48 -2.10 19.29
C ILE A 629 23.22 -2.68 19.90
N SER A 630 22.32 -1.79 20.30
CA SER A 630 21.03 -2.20 20.79
C SER A 630 20.16 -2.72 19.67
N ILE A 631 19.29 -3.66 20.01
CA ILE A 631 18.09 -3.96 19.24
C ILE A 631 16.93 -4.05 20.21
N SER A 632 15.80 -3.48 19.82
CA SER A 632 14.57 -3.53 20.59
C SER A 632 13.42 -3.25 19.64
N LYS A 633 13.24 -4.18 18.70
CA LYS A 633 12.33 -4.05 17.59
C LYS A 633 11.78 -5.43 17.28
N ALA A 634 10.61 -5.46 16.64
CA ALA A 634 9.94 -6.70 16.20
C ALA A 634 9.80 -7.75 17.30
N GLY A 635 9.73 -7.31 18.54
CA GLY A 635 9.64 -8.18 19.70
C GLY A 635 10.92 -8.81 20.19
N ILE A 636 12.07 -8.51 19.60
CA ILE A 636 13.35 -9.08 20.01
C ILE A 636 14.15 -7.96 20.69
N VAL A 637 14.72 -8.27 21.84
CA VAL A 637 15.53 -7.33 22.60
C VAL A 637 16.90 -7.96 22.84
N THR A 638 17.94 -7.26 22.39
CA THR A 638 19.29 -7.79 22.35
C THR A 638 20.27 -6.63 22.39
N THR A 639 21.48 -6.90 22.84
CA THR A 639 22.63 -6.05 22.59
C THR A 639 23.69 -6.87 21.88
N LEU A 640 24.08 -6.43 20.69
CA LEU A 640 24.96 -7.18 19.80
C LEU A 640 26.35 -6.57 19.84
N GLN A 641 27.35 -7.42 20.00
CA GLN A 641 28.73 -6.97 20.00
C GLN A 641 29.08 -6.34 18.66
N ALA A 642 29.65 -5.14 18.74
CA ALA A 642 30.09 -4.33 17.61
C ALA A 642 31.49 -3.80 17.87
N ARG A 643 32.39 -4.70 18.27
CA ARG A 643 33.78 -4.37 18.62
C ARG A 643 34.66 -4.10 17.41
N CYS A 644 34.15 -3.36 16.44
CA CYS A 644 34.74 -3.22 15.11
C CYS A 644 35.48 -1.90 14.93
N SER A 645 36.65 -1.98 14.32
CA SER A 645 37.45 -0.84 13.93
C SER A 645 36.87 -0.15 12.69
N ILE A 646 37.26 1.10 12.48
CA ILE A 646 36.75 1.92 11.39
C ILE A 646 37.90 2.55 10.62
N ILE A 647 37.76 2.58 9.29
CA ILE A 647 38.42 3.57 8.44
C ILE A 647 37.30 4.33 7.74
N ALA A 648 37.23 5.62 7.99
CA ALA A 648 36.21 6.51 7.43
C ALA A 648 36.81 7.46 6.40
N ALA A 649 36.12 7.61 5.27
CA ALA A 649 36.49 8.58 4.25
C ALA A 649 35.44 9.68 4.20
N ALA A 650 35.91 10.93 4.13
CA ALA A 650 35.07 12.11 4.15
C ALA A 650 35.61 13.15 3.20
N ASN A 651 34.76 14.15 2.87
CA ASN A 651 35.13 15.22 1.95
C ASN A 651 34.88 16.59 2.59
N PRO A 652 35.81 17.55 2.44
CA PRO A 652 35.56 18.89 2.99
C PRO A 652 34.32 19.54 2.38
N ASN A 653 33.64 20.34 3.20
CA ASN A 653 32.52 21.12 2.70
C ASN A 653 33.01 22.20 1.72
N GLY A 654 32.68 22.01 0.44
CA GLY A 654 33.18 22.80 -0.65
C GLY A 654 34.44 22.31 -1.32
N GLY A 655 34.87 21.09 -1.01
CA GLY A 655 36.02 20.50 -1.67
C GLY A 655 37.38 21.08 -1.36
N ARG A 656 37.55 22.38 -1.62
CA ARG A 656 38.76 23.09 -1.20
C ARG A 656 38.91 23.00 0.32
N TYR A 657 40.13 22.70 0.75
CA TYR A 657 40.40 22.47 2.17
C TYR A 657 40.20 23.72 3.03
N ASN A 658 40.37 24.91 2.47
CA ASN A 658 40.21 26.17 3.21
C ASN A 658 41.07 26.15 4.49
N SER A 659 42.38 26.10 4.26
CA SER A 659 43.36 25.90 5.34
C SER A 659 43.33 26.98 6.41
N THR A 660 42.71 28.12 6.15
CA THR A 660 42.59 29.20 7.13
C THR A 660 41.50 28.98 8.16
N LEU A 661 40.94 27.77 8.27
CA LEU A 661 39.92 27.47 9.26
C LEU A 661 40.17 26.08 9.83
N PRO A 662 39.80 25.86 11.10
CA PRO A 662 40.01 24.53 11.69
C PRO A 662 39.11 23.47 11.10
N LEU A 663 39.55 22.23 11.25
CA LEU A 663 38.90 21.10 10.59
C LEU A 663 37.44 20.98 10.99
N ALA A 664 37.14 21.17 12.28
CA ALA A 664 35.75 21.09 12.73
C ALA A 664 34.89 22.22 12.16
N GLN A 665 35.50 23.28 11.66
CA GLN A 665 34.78 24.30 10.90
C GLN A 665 34.81 24.00 9.41
N ASN A 666 35.86 23.33 8.94
CA ASN A 666 35.92 22.98 7.53
C ASN A 666 34.93 21.86 7.20
N VAL A 667 34.91 20.81 8.01
CA VAL A 667 33.93 19.74 7.82
C VAL A 667 32.64 20.09 8.54
N SER A 668 31.55 19.46 8.10
CA SER A 668 30.25 19.66 8.71
C SER A 668 30.13 18.97 10.06
N LEU A 669 30.90 17.92 10.30
CA LEU A 669 30.82 17.16 11.54
C LEU A 669 31.31 17.98 12.73
N THR A 670 30.65 17.79 13.87
CA THR A 670 31.03 18.38 15.14
C THR A 670 32.05 17.55 15.92
N GLU A 671 32.68 18.23 16.89
CA GLU A 671 33.84 17.71 17.59
C GLU A 671 33.65 16.36 18.28
N PRO A 672 32.55 16.05 18.96
CA PRO A 672 32.50 14.78 19.68
C PRO A 672 32.39 13.54 18.80
N ILE A 673 31.68 13.59 17.68
CA ILE A 673 31.79 12.48 16.75
C ILE A 673 33.17 12.49 16.12
N LEU A 674 33.72 13.68 15.92
CA LEU A 674 35.06 13.82 15.36
C LEU A 674 36.14 13.39 16.34
N SER A 675 35.89 13.52 17.64
CA SER A 675 36.90 13.17 18.62
C SER A 675 36.96 11.68 18.91
N ARG A 676 35.88 10.94 18.64
CA ARG A 676 35.95 9.48 18.72
C ARG A 676 36.98 8.90 17.76
N PHE A 677 37.35 9.65 16.72
CA PHE A 677 38.56 9.40 15.94
C PHE A 677 39.77 10.01 16.63
N ASP A 678 40.67 9.14 17.08
CA ASP A 678 41.99 9.55 17.57
C ASP A 678 42.92 10.03 16.46
N ILE A 679 42.89 9.38 15.30
CA ILE A 679 43.72 9.71 14.15
C ILE A 679 42.88 10.38 13.06
N LEU A 680 43.18 11.65 12.80
CA LEU A 680 42.68 12.36 11.63
C LEU A 680 43.81 12.57 10.63
N CYS A 681 43.58 12.12 9.39
CA CYS A 681 44.52 12.21 8.29
C CYS A 681 44.00 13.20 7.26
N VAL A 682 44.86 14.13 6.85
CA VAL A 682 44.50 15.22 5.95
C VAL A 682 45.45 15.22 4.77
N VAL A 683 44.92 15.55 3.58
CA VAL A 683 45.76 15.91 2.44
C VAL A 683 45.22 17.19 1.80
N ARG A 684 46.14 18.06 1.38
CA ARG A 684 45.86 19.27 0.63
C ARG A 684 46.37 19.12 -0.81
N ASP A 685 46.13 20.17 -1.60
CA ASP A 685 46.75 20.26 -2.92
C ASP A 685 48.26 20.38 -2.79
N LEU A 686 48.99 19.75 -3.71
CA LEU A 686 50.42 20.02 -3.90
C LEU A 686 50.59 20.56 -5.32
N VAL A 687 50.96 21.84 -5.40
CA VAL A 687 51.15 22.55 -6.67
C VAL A 687 52.52 22.27 -7.31
N ASP A 688 53.56 22.06 -6.50
CA ASP A 688 54.93 22.14 -6.99
C ASP A 688 55.32 20.97 -7.90
N GLU A 689 56.53 21.10 -8.46
CA GLU A 689 57.16 20.28 -9.48
C GLU A 689 57.51 18.88 -8.99
N GLU A 690 57.29 18.58 -7.72
CA GLU A 690 57.32 17.20 -7.24
C GLU A 690 56.17 16.41 -7.84
N ALA A 691 54.92 16.79 -7.51
CA ALA A 691 53.77 15.98 -7.86
C ALA A 691 53.66 15.79 -9.36
N ASP A 692 53.76 16.88 -10.14
CA ASP A 692 53.71 16.73 -11.57
C ASP A 692 54.89 15.94 -12.14
N GLU A 693 55.98 15.78 -11.37
CA GLU A 693 57.03 14.88 -11.82
C GLU A 693 56.72 13.42 -11.45
N ARG A 694 56.25 13.19 -10.23
CA ARG A 694 56.03 11.82 -9.76
C ARG A 694 54.66 11.30 -10.22
N LEU A 695 53.60 12.01 -9.82
CA LEU A 695 52.25 11.47 -9.83
C LEU A 695 51.79 11.15 -11.25
N ALA A 696 51.95 12.11 -12.15
CA ALA A 696 51.68 11.91 -13.56
C ALA A 696 52.40 10.67 -14.10
N THR A 697 53.63 10.44 -13.65
CA THR A 697 54.37 9.28 -14.12
C THR A 697 53.79 7.97 -13.59
N PHE A 698 53.40 7.94 -12.31
CA PHE A 698 52.76 6.73 -11.80
C PHE A 698 51.37 6.52 -12.37
N VAL A 699 50.66 7.60 -12.66
CA VAL A 699 49.36 7.49 -13.32
C VAL A 699 49.50 7.03 -14.77
N VAL A 700 50.32 7.73 -15.55
CA VAL A 700 50.48 7.37 -16.96
C VAL A 700 51.11 5.99 -17.11
N ASP A 701 52.08 5.65 -16.24
CA ASP A 701 52.62 4.29 -16.21
C ASP A 701 51.54 3.23 -16.11
N SER A 702 50.47 3.51 -15.38
CA SER A 702 49.38 2.55 -15.28
C SER A 702 48.71 2.32 -16.62
N HIS A 703 48.69 3.34 -17.49
CA HIS A 703 48.05 3.19 -18.79
C HIS A 703 49.06 2.74 -19.83
N VAL A 704 50.29 3.24 -19.70
CA VAL A 704 51.35 2.92 -20.65
C VAL A 704 51.64 1.42 -20.61
N ARG A 705 51.93 0.90 -19.42
CA ARG A 705 51.99 -0.53 -19.15
C ARG A 705 50.57 -1.08 -19.04
N SER A 706 49.88 -1.09 -20.18
CA SER A 706 48.48 -1.48 -20.27
C SER A 706 47.65 -0.75 -19.24
N SER A 756 61.80 -4.85 -2.45
CA SER A 756 61.77 -3.80 -1.41
C SER A 756 60.59 -4.00 -0.43
N PRO A 757 59.33 -3.89 -0.89
CA PRO A 757 58.23 -4.22 0.00
C PRO A 757 58.11 -5.71 0.28
N ILE A 758 57.45 -5.99 1.40
CA ILE A 758 57.10 -7.35 1.81
C ILE A 758 55.92 -7.85 0.98
N PRO A 759 56.01 -9.03 0.34
CA PRO A 759 54.93 -9.46 -0.57
C PRO A 759 53.57 -9.53 0.11
N GLN A 760 52.55 -9.14 -0.66
CA GLN A 760 51.19 -8.99 -0.16
C GLN A 760 50.67 -10.22 0.58
N GLU A 761 50.90 -11.41 0.02
CA GLU A 761 50.40 -12.63 0.65
C GLU A 761 51.03 -12.91 2.00
N LEU A 762 52.28 -12.52 2.20
CA LEU A 762 52.89 -12.60 3.53
C LEU A 762 52.36 -11.49 4.44
N LEU A 763 52.17 -10.30 3.89
CA LEU A 763 51.64 -9.19 4.67
C LEU A 763 50.26 -9.49 5.21
N MET A 764 49.33 -9.89 4.35
CA MET A 764 47.98 -10.21 4.79
C MET A 764 47.97 -11.42 5.73
N LYS A 765 48.95 -12.30 5.58
CA LYS A 765 49.16 -13.41 6.50
C LYS A 765 49.77 -12.98 7.83
N TYR A 766 50.65 -11.98 7.81
CA TYR A 766 51.34 -11.53 9.02
C TYR A 766 50.43 -10.78 10.00
N ILE A 767 49.46 -10.02 9.48
CA ILE A 767 48.45 -9.41 10.36
C ILE A 767 47.64 -10.48 11.10
N HIS A 768 47.15 -11.48 10.40
CA HIS A 768 46.32 -12.51 11.02
C HIS A 768 47.10 -13.39 11.99
N TYR A 769 48.34 -13.69 11.67
CA TYR A 769 49.22 -14.41 12.59
C TYR A 769 49.56 -13.64 13.86
N ALA A 770 49.74 -12.33 13.77
CA ALA A 770 49.97 -11.54 14.98
C ALA A 770 48.71 -11.44 15.85
N ARG A 771 47.60 -10.98 15.26
CA ARG A 771 46.41 -10.66 16.05
C ARG A 771 45.87 -11.86 16.80
N THR A 772 45.95 -13.04 16.20
CA THR A 772 45.52 -14.27 16.85
C THR A 772 46.52 -14.82 17.87
N LYS A 773 47.58 -14.08 18.22
CA LYS A 773 48.58 -14.60 19.14
C LYS A 773 49.05 -13.60 20.19
N ILE A 774 49.33 -12.36 19.78
CA ILE A 774 50.26 -11.48 20.48
C ILE A 774 49.49 -10.40 21.22
N TYR A 775 49.86 -10.19 22.48
CA TYR A 775 49.22 -9.22 23.37
C TYR A 775 50.33 -8.43 24.06
N PRO A 776 50.97 -7.49 23.35
CA PRO A 776 52.12 -6.77 23.89
C PRO A 776 51.85 -5.79 25.02
N LYS A 777 52.28 -6.17 26.22
CA LYS A 777 52.16 -5.34 27.40
C LYS A 777 53.04 -4.10 27.29
N LEU A 778 52.94 -3.22 28.29
CA LEU A 778 53.98 -2.29 28.66
C LEU A 778 54.26 -2.36 30.16
N HIS A 779 55.53 -2.31 30.52
CA HIS A 779 55.97 -2.40 31.91
C HIS A 779 56.44 -1.04 32.41
N GLN A 780 55.94 -0.65 33.58
CA GLN A 780 56.04 0.70 34.13
C GLN A 780 57.41 1.01 34.73
N MET A 781 58.50 0.61 34.07
CA MET A 781 59.84 0.92 34.57
C MET A 781 60.20 2.37 34.28
N ASP A 782 60.00 2.81 33.04
CA ASP A 782 60.38 4.13 32.58
C ASP A 782 59.31 4.84 31.77
N MET A 783 58.13 4.24 31.60
CA MET A 783 57.09 4.80 30.76
C MET A 783 56.48 6.09 31.32
N ASP A 784 56.79 6.45 32.55
CA ASP A 784 56.21 7.63 33.19
C ASP A 784 56.42 8.89 32.35
N LYS A 785 57.51 8.92 31.58
CA LYS A 785 57.88 10.06 30.75
C LYS A 785 56.79 10.48 29.77
N VAL A 786 55.90 9.57 29.40
CA VAL A 786 54.71 9.93 28.62
C VAL A 786 53.94 11.05 29.30
N SER A 787 53.79 10.96 30.61
CA SER A 787 53.12 12.02 31.37
C SER A 787 53.92 13.32 31.34
N ARG A 788 55.23 13.24 31.18
CA ARG A 788 56.05 14.45 31.13
C ARG A 788 55.94 15.12 29.77
N VAL A 789 56.06 14.34 28.70
CA VAL A 789 55.83 14.85 27.35
C VAL A 789 54.40 15.36 27.18
N TYR A 790 53.43 14.57 27.65
CA TYR A 790 52.05 15.03 27.67
C TYR A 790 51.88 16.32 28.45
N ALA A 791 52.43 16.38 29.66
CA ALA A 791 52.28 17.55 30.52
C ALA A 791 52.82 18.81 29.84
N ASP A 792 53.80 18.66 28.97
CA ASP A 792 54.23 19.75 28.08
C ASP A 792 53.20 20.01 26.99
N LEU A 793 53.05 19.08 26.04
CA LEU A 793 52.23 19.31 24.84
C LEU A 793 50.78 19.66 25.17
N ARG A 794 50.24 19.08 26.24
CA ARG A 794 48.87 19.39 26.66
C ARG A 794 48.69 20.87 27.00
N ARG A 795 49.45 21.35 27.98
CA ARG A 795 49.35 22.74 28.44
C ARG A 795 49.65 23.75 27.33
N GLU A 796 50.67 23.47 26.54
CA GLU A 796 51.17 24.39 25.51
C GLU A 796 50.23 24.59 24.32
N SER A 797 49.34 23.65 24.02
CA SER A 797 48.31 23.85 23.01
C SER A 797 47.11 24.68 23.45
N ILE A 798 46.72 24.63 24.71
CA ILE A 798 45.68 25.50 25.25
C ILE A 798 46.08 26.97 25.18
N SER A 799 47.32 27.31 25.48
CA SER A 799 47.67 28.72 25.48
C SER A 799 47.70 29.27 24.06
N THR A 800 48.43 28.62 23.15
CA THR A 800 48.64 29.21 21.84
C THR A 800 47.59 28.77 20.83
N GLY A 801 47.00 27.58 21.01
CA GLY A 801 45.94 27.10 20.15
C GLY A 801 44.60 27.11 20.86
N SER A 802 43.51 27.02 20.09
CA SER A 802 42.17 27.11 20.63
C SER A 802 41.59 25.78 21.12
N PHE A 803 41.78 24.70 20.35
CA PHE A 803 41.30 23.37 20.72
C PHE A 803 42.24 22.62 21.66
N PRO A 804 41.71 21.74 22.51
CA PRO A 804 42.53 21.12 23.55
C PRO A 804 43.21 19.85 23.05
N ILE A 805 44.26 19.47 23.77
CA ILE A 805 44.79 18.11 23.82
C ILE A 805 44.44 17.52 25.18
N THR A 806 44.03 16.25 25.20
CA THR A 806 43.26 15.68 26.29
C THR A 806 43.55 14.20 26.37
N VAL A 807 43.21 13.61 27.54
CA VAL A 807 43.51 12.22 27.87
C VAL A 807 43.10 11.22 26.80
N ARG A 808 42.03 11.52 26.07
CA ARG A 808 41.63 10.66 24.96
C ARG A 808 42.73 10.52 23.91
N HIS A 809 43.60 11.52 23.80
CA HIS A 809 44.76 11.42 22.91
C HIS A 809 45.87 10.57 23.53
N LEU A 810 46.19 10.84 24.80
CA LEU A 810 47.16 10.02 25.52
C LEU A 810 46.79 8.55 25.48
N GLU A 811 45.51 8.27 25.71
CA GLU A 811 44.98 6.91 25.62
C GLU A 811 45.31 6.27 24.27
N SER A 812 45.13 7.01 23.19
CA SER A 812 45.44 6.49 21.85
C SER A 812 46.93 6.32 21.58
N ILE A 813 47.78 7.09 22.26
CA ILE A 813 49.23 6.94 22.08
C ILE A 813 49.70 5.55 22.52
N LEU A 814 49.27 5.11 23.69
CA LEU A 814 49.59 3.75 24.13
C LEU A 814 49.11 2.70 23.15
N ARG A 815 47.89 2.85 22.66
CA ARG A 815 47.23 1.86 21.82
C ARG A 815 47.67 1.90 20.37
N ILE A 816 48.30 2.99 19.96
CA ILE A 816 49.00 3.07 18.67
C ILE A 816 50.44 2.57 18.77
N ALA A 817 51.12 2.88 19.87
CA ALA A 817 52.48 2.38 20.09
C ALA A 817 52.54 0.86 20.13
N GLU A 818 51.65 0.23 20.90
CA GLU A 818 51.58 -1.22 20.94
C GLU A 818 51.22 -1.86 19.59
N SER A 819 50.57 -1.14 18.69
CA SER A 819 50.34 -1.69 17.36
C SER A 819 51.64 -1.94 16.62
N PHE A 820 52.55 -0.98 16.65
CA PHE A 820 53.87 -1.21 16.10
C PHE A 820 54.63 -2.28 16.87
N ALA A 821 54.34 -2.44 18.16
CA ALA A 821 54.90 -3.59 18.88
C ALA A 821 54.30 -4.89 18.36
N LYS A 822 53.02 -4.90 18.05
CA LYS A 822 52.43 -6.05 17.37
C LYS A 822 53.05 -6.23 15.99
N MET A 823 53.26 -5.13 15.29
CA MET A 823 53.90 -5.21 13.97
C MET A 823 55.35 -5.66 14.12
N ARG A 824 56.03 -5.18 15.16
CA ARG A 824 57.34 -5.70 15.53
C ARG A 824 57.25 -7.11 16.08
N LEU A 825 56.10 -7.49 16.63
CA LEU A 825 55.89 -8.75 17.33
C LEU A 825 56.67 -8.81 18.63
N SER A 826 56.83 -7.67 19.29
CA SER A 826 57.55 -7.56 20.55
C SER A 826 56.76 -8.17 21.70
N GLU A 827 57.49 -8.59 22.74
CA GLU A 827 56.87 -8.96 24.00
C GLU A 827 56.27 -7.77 24.74
N PHE A 828 56.83 -6.57 24.55
CA PHE A 828 56.32 -5.41 25.26
C PHE A 828 56.69 -4.14 24.52
N VAL A 829 56.00 -3.06 24.88
CA VAL A 829 56.20 -1.75 24.25
C VAL A 829 57.62 -1.25 24.45
N SER A 830 58.34 -1.11 23.34
CA SER A 830 59.67 -0.51 23.36
C SER A 830 59.60 0.98 23.64
N SER A 831 60.66 1.49 24.26
CA SER A 831 60.70 2.91 24.65
C SER A 831 60.48 3.85 23.47
N TYR A 832 60.86 3.44 22.26
CA TYR A 832 60.67 4.26 21.06
C TYR A 832 59.54 3.80 20.16
N ASP A 833 58.78 2.78 20.54
CA ASP A 833 57.46 2.60 19.91
C ASP A 833 56.59 3.81 20.20
N LEU A 834 56.70 4.37 21.40
CA LEU A 834 56.09 5.66 21.71
C LEU A 834 56.59 6.77 20.82
N ASP A 835 57.86 6.70 20.39
CA ASP A 835 58.43 7.73 19.53
C ASP A 835 57.79 7.70 18.14
N ARG A 836 57.44 6.50 17.66
CA ARG A 836 56.66 6.41 16.43
C ARG A 836 55.25 6.95 16.64
N ALA A 837 54.62 6.56 17.76
CA ALA A 837 53.23 6.92 18.01
C ALA A 837 53.05 8.41 18.25
N ILE A 838 53.94 9.02 19.03
CA ILE A 838 53.78 10.42 19.42
C ILE A 838 53.90 11.33 18.21
N LYS A 839 54.77 11.01 17.26
CA LYS A 839 54.78 11.74 15.99
C LYS A 839 53.50 11.51 15.19
N VAL A 840 52.98 10.28 15.19
CA VAL A 840 51.73 9.95 14.49
C VAL A 840 50.50 10.60 15.11
N VAL A 841 50.53 10.93 16.41
CA VAL A 841 49.43 11.66 17.02
C VAL A 841 49.56 13.17 16.82
N VAL A 842 50.74 13.72 17.08
CA VAL A 842 50.89 15.18 16.99
C VAL A 842 50.69 15.70 15.57
N ASP A 843 51.06 14.93 14.54
CA ASP A 843 50.73 15.32 13.18
C ASP A 843 49.30 14.97 12.76
N SER A 844 48.51 14.35 13.64
CA SER A 844 47.06 14.40 13.50
C SER A 844 46.49 15.69 14.08
N PHE A 845 46.91 16.03 15.29
CA PHE A 845 46.36 17.21 15.96
C PHE A 845 46.79 18.49 15.27
N VAL A 846 48.09 18.62 14.99
CA VAL A 846 48.59 19.88 14.48
C VAL A 846 48.06 20.15 13.09
N ASP A 847 48.01 19.13 12.23
CA ASP A 847 47.45 19.30 10.89
C ASP A 847 45.95 19.62 10.92
N ALA A 848 45.26 19.34 12.01
CA ALA A 848 43.84 19.65 12.16
C ALA A 848 43.55 21.11 12.53
N GLN A 849 44.57 21.91 12.81
CA GLN A 849 44.36 23.28 13.24
C GLN A 849 44.38 24.27 12.08
N LYS A 850 44.10 25.53 12.44
CA LYS A 850 44.28 26.66 11.55
C LYS A 850 45.75 26.85 11.18
N VAL A 851 45.98 27.47 10.02
CA VAL A 851 47.33 27.77 9.53
C VAL A 851 48.17 28.55 10.53
N SER A 852 47.51 29.23 11.47
CA SER A 852 48.17 29.87 12.61
C SER A 852 48.80 28.87 13.57
N VAL A 853 48.56 27.58 13.38
CA VAL A 853 49.20 26.53 14.18
C VAL A 853 50.70 26.44 13.98
N ARG A 854 51.23 27.01 12.89
CA ARG A 854 52.60 26.74 12.45
C ARG A 854 53.64 26.87 13.57
N ARG A 855 53.38 27.74 14.55
CA ARG A 855 54.15 27.77 15.79
C ARG A 855 54.29 26.41 16.46
N GLN A 856 53.22 25.62 16.47
CA GLN A 856 53.29 24.30 17.09
C GLN A 856 54.11 23.28 16.32
N LEU A 857 54.39 23.51 15.02
CA LEU A 857 55.41 22.69 14.38
C LEU A 857 56.80 22.90 14.95
N ARG A 858 57.23 24.14 15.16
CA ARG A 858 58.52 24.39 15.81
C ARG A 858 58.53 23.89 17.26
N ARG A 859 57.52 24.26 18.05
CA ARG A 859 57.44 23.82 19.45
C ARG A 859 57.50 22.30 19.58
N SER A 860 56.84 21.57 18.69
CA SER A 860 56.85 20.12 18.75
C SER A 860 58.10 19.53 18.13
N PHE A 861 58.77 20.26 17.24
CA PHE A 861 60.04 19.81 16.67
C PHE A 861 61.10 19.54 17.75
N ALA A 862 60.93 20.11 18.95
CA ALA A 862 61.81 19.80 20.08
C ALA A 862 61.92 18.31 20.34
N ILE A 863 60.82 17.57 20.18
CA ILE A 863 60.84 16.12 20.37
C ILE A 863 60.96 15.34 19.06
N TYR A 864 60.68 15.97 17.93
CA TYR A 864 60.54 15.28 16.65
C TYR A 864 61.77 14.48 16.24
N THR B 13 -31.51 -35.52 28.44
CA THR B 13 -32.87 -35.38 27.83
C THR B 13 -33.50 -36.77 27.67
N PHE B 14 -33.16 -37.47 26.60
CA PHE B 14 -33.78 -38.75 26.27
C PHE B 14 -33.24 -39.88 27.14
N PHE B 15 -31.96 -39.84 27.49
CA PHE B 15 -31.40 -40.82 28.40
C PHE B 15 -31.92 -40.63 29.83
N ALA B 16 -31.89 -41.71 30.60
CA ALA B 16 -32.42 -41.70 31.96
C ALA B 16 -31.42 -41.11 32.95
N PRO B 17 -31.75 -40.06 33.69
CA PRO B 17 -30.75 -39.43 34.56
C PRO B 17 -30.21 -40.40 35.60
N ASP B 18 -28.88 -40.49 35.67
CA ASP B 18 -28.22 -41.29 36.69
C ASP B 18 -28.03 -40.47 37.96
N ALA B 19 -27.84 -41.18 39.08
CA ALA B 19 -27.72 -40.55 40.39
C ALA B 19 -26.57 -39.55 40.45
N VAL B 20 -25.53 -39.78 39.64
CA VAL B 20 -24.42 -38.84 39.50
C VAL B 20 -24.89 -37.49 38.97
N PHE B 21 -26.10 -37.42 38.40
CA PHE B 21 -26.76 -36.18 38.04
C PHE B 21 -27.88 -35.82 38.99
N GLY B 22 -28.69 -36.79 39.41
CA GLY B 22 -29.79 -36.48 40.30
C GLY B 22 -29.35 -35.92 41.63
N ASP B 23 -28.24 -36.43 42.17
CA ASP B 23 -27.65 -35.88 43.40
C ASP B 23 -27.23 -34.44 43.24
N ARG B 24 -26.52 -34.14 42.16
CA ARG B 24 -25.99 -32.79 41.91
C ARG B 24 -27.09 -31.74 41.97
N VAL B 25 -28.26 -32.07 41.44
CA VAL B 25 -29.42 -31.19 41.48
C VAL B 25 -29.90 -30.95 42.91
N ARG B 26 -30.31 -32.01 43.61
CA ARG B 26 -30.89 -31.86 44.94
C ARG B 26 -29.90 -31.33 45.96
N ARG B 27 -28.61 -31.56 45.73
CA ARG B 27 -27.55 -31.00 46.56
C ARG B 27 -27.45 -29.49 46.38
N PHE B 28 -27.62 -29.03 45.15
CA PHE B 28 -27.69 -27.61 44.85
C PHE B 28 -28.98 -26.94 45.33
N GLN B 29 -30.09 -27.68 45.41
CA GLN B 29 -31.31 -27.15 46.02
C GLN B 29 -31.21 -26.85 47.52
N GLU B 30 -30.44 -27.63 48.27
CA GLU B 30 -30.13 -27.28 49.65
C GLU B 30 -29.26 -26.04 49.80
N PHE B 31 -28.41 -25.75 48.83
CA PHE B 31 -27.70 -24.47 48.84
C PHE B 31 -28.64 -23.28 48.67
N LEU B 32 -29.47 -23.31 47.64
CA LEU B 32 -30.37 -22.18 47.39
C LEU B 32 -31.43 -22.01 48.47
N ASP B 33 -31.91 -23.11 49.05
CA ASP B 33 -32.74 -23.01 50.25
C ASP B 33 -31.99 -22.31 51.37
N THR B 34 -30.67 -22.49 51.44
CA THR B 34 -29.92 -21.86 52.51
C THR B 34 -29.72 -20.38 52.23
N PHE B 35 -29.34 -20.02 51.00
CA PHE B 35 -29.02 -18.65 50.62
C PHE B 35 -30.16 -18.09 49.75
N THR B 36 -31.20 -17.63 50.44
CA THR B 36 -32.40 -17.07 49.81
C THR B 36 -32.14 -15.91 48.86
N SER B 37 -30.99 -15.24 49.00
CA SER B 37 -30.61 -14.13 48.13
C SER B 37 -30.69 -14.42 46.64
N TYR B 38 -30.64 -15.68 46.23
CA TYR B 38 -30.78 -16.07 44.82
C TYR B 38 -32.21 -16.45 44.45
N ARG B 39 -32.92 -17.10 45.35
CA ARG B 39 -34.32 -17.43 45.11
C ARG B 39 -35.17 -16.17 44.95
N ASP B 40 -35.00 -15.18 45.82
CA ASP B 40 -35.75 -13.94 45.67
C ASP B 40 -35.28 -13.09 44.49
N SER B 41 -34.02 -13.25 44.04
CA SER B 41 -33.53 -12.50 42.89
C SER B 41 -34.12 -12.98 41.57
N VAL B 42 -34.18 -14.29 41.36
CA VAL B 42 -34.84 -14.83 40.17
C VAL B 42 -36.32 -14.47 40.18
N ARG B 43 -36.93 -14.47 41.35
CA ARG B 43 -38.31 -13.96 41.48
C ARG B 43 -38.37 -12.50 41.07
N SER B 44 -37.38 -11.72 41.48
CA SER B 44 -37.36 -10.28 41.19
C SER B 44 -37.30 -10.01 39.70
N ILE B 45 -36.70 -10.92 38.93
CA ILE B 45 -36.74 -10.83 37.47
C ILE B 45 -38.17 -11.01 36.94
N GLN B 46 -38.85 -12.09 37.32
CA GLN B 46 -40.19 -12.29 36.77
C GLN B 46 -41.23 -11.35 37.36
N VAL B 47 -40.90 -10.65 38.45
CA VAL B 47 -41.60 -9.44 38.83
C VAL B 47 -41.44 -8.35 37.78
N TYR B 48 -40.20 -8.12 37.35
CA TYR B 48 -39.89 -7.06 36.39
C TYR B 48 -40.50 -7.30 35.02
N ASN B 49 -40.37 -8.52 34.49
CA ASN B 49 -40.93 -8.83 33.18
C ASN B 49 -42.45 -8.74 33.15
N SER B 50 -43.12 -9.27 34.16
CA SER B 50 -44.58 -9.17 34.21
C SER B 50 -45.09 -7.75 34.40
N ASN B 51 -44.36 -6.89 35.12
CA ASN B 51 -44.72 -5.47 35.13
C ASN B 51 -44.63 -4.85 33.74
N ASN B 52 -43.59 -5.17 32.98
CA ASN B 52 -43.48 -4.68 31.62
C ASN B 52 -44.50 -5.32 30.70
N ALA B 53 -44.69 -6.64 30.81
CA ALA B 53 -45.78 -7.31 30.09
C ALA B 53 -47.13 -6.66 30.38
N ALA B 54 -47.43 -6.41 31.66
CA ALA B 54 -48.63 -5.66 31.98
C ALA B 54 -48.57 -4.25 31.40
N ASN B 55 -47.40 -3.62 31.43
CA ASN B 55 -47.27 -2.29 30.84
C ASN B 55 -47.57 -2.32 29.34
N TYR B 56 -46.99 -3.28 28.62
CA TYR B 56 -47.33 -3.45 27.22
C TYR B 56 -48.78 -3.89 27.04
N ASN B 57 -49.21 -4.92 27.77
CA ASN B 57 -50.52 -5.51 27.54
C ASN B 57 -51.65 -4.56 27.92
N ASP B 58 -51.51 -3.81 29.02
CA ASP B 58 -52.66 -3.21 29.68
C ASP B 58 -52.59 -1.69 29.73
N ASP B 59 -51.81 -1.08 28.83
CA ASP B 59 -51.76 0.38 28.69
C ASP B 59 -51.84 0.78 27.22
N GLN B 60 -51.10 0.13 26.35
CA GLN B 60 -51.34 0.17 24.91
C GLN B 60 -52.64 -0.57 24.62
N ASP B 61 -53.76 0.15 24.57
CA ASP B 61 -55.09 -0.49 24.52
C ASP B 61 -56.05 0.29 23.65
N ILE B 91 -36.99 -7.27 28.44
CA ILE B 91 -36.77 -8.14 29.63
C ILE B 91 -35.32 -8.10 30.07
N LEU B 92 -35.06 -8.75 31.20
CA LEU B 92 -33.71 -8.92 31.75
C LEU B 92 -33.21 -10.33 31.47
N PRO B 93 -31.96 -10.50 30.97
CA PRO B 93 -31.62 -11.66 30.15
C PRO B 93 -31.30 -12.98 30.89
N HIS B 94 -32.13 -13.32 31.87
CA HIS B 94 -32.21 -14.68 32.42
C HIS B 94 -30.87 -15.26 32.93
N ARG B 95 -30.12 -14.48 33.70
CA ARG B 95 -28.89 -15.03 34.27
C ARG B 95 -28.67 -14.44 35.66
N ILE B 96 -27.98 -15.20 36.49
CA ILE B 96 -27.66 -14.84 37.87
C ILE B 96 -26.19 -15.07 38.14
N ILE B 97 -25.63 -14.22 38.99
CA ILE B 97 -24.23 -14.22 39.36
C ILE B 97 -24.14 -14.91 40.71
N ILE B 98 -23.24 -15.87 40.84
CA ILE B 98 -23.07 -16.68 42.05
C ILE B 98 -21.79 -16.24 42.75
N SER B 99 -21.90 -15.93 44.04
CA SER B 99 -20.70 -15.70 44.82
C SER B 99 -20.11 -17.04 45.22
N LEU B 100 -18.91 -17.30 44.71
CA LEU B 100 -18.24 -18.55 44.98
C LEU B 100 -17.79 -18.70 46.43
N ASP B 101 -17.67 -17.61 47.18
CA ASP B 101 -17.48 -17.66 48.63
C ASP B 101 -18.58 -18.44 49.35
N ASP B 102 -19.81 -18.38 48.84
CA ASP B 102 -20.92 -19.13 49.41
C ASP B 102 -20.85 -20.63 49.18
N LEU B 103 -20.13 -21.08 48.15
CA LEU B 103 -19.93 -22.52 47.95
C LEU B 103 -18.83 -23.12 48.81
N ARG B 104 -17.70 -22.44 48.95
CA ARG B 104 -16.55 -23.01 49.66
C ARG B 104 -16.93 -23.56 51.02
N GLU B 105 -17.54 -22.73 51.87
CA GLU B 105 -17.90 -23.20 53.20
C GLU B 105 -19.05 -24.19 53.18
N PHE B 106 -19.86 -24.18 52.13
CA PHE B 106 -21.05 -25.02 52.04
C PHE B 106 -20.79 -26.42 51.47
N ASP B 107 -19.98 -26.56 50.41
CA ASP B 107 -19.88 -27.88 49.75
C ASP B 107 -18.54 -27.98 49.01
N ARG B 108 -17.52 -28.41 49.75
CA ARG B 108 -16.14 -28.38 49.31
C ARG B 108 -15.91 -29.15 48.01
N SER B 109 -16.54 -30.32 47.85
CA SER B 109 -16.37 -31.10 46.63
C SER B 109 -17.12 -30.52 45.44
N PHE B 110 -18.19 -29.80 45.70
CA PHE B 110 -18.91 -29.05 44.67
C PHE B 110 -18.20 -27.77 44.27
N TRP B 111 -17.45 -27.17 45.19
CA TRP B 111 -16.46 -26.16 44.84
C TRP B 111 -15.46 -26.64 43.80
N SER B 112 -14.78 -27.74 44.08
CA SER B 112 -13.82 -28.31 43.13
C SER B 112 -14.49 -28.82 41.86
N GLY B 113 -15.75 -29.21 41.94
CA GLY B 113 -16.45 -29.66 40.75
C GLY B 113 -16.64 -28.60 39.69
N ILE B 114 -17.16 -27.43 40.07
CA ILE B 114 -17.27 -26.32 39.12
C ILE B 114 -15.91 -25.93 38.57
N LEU B 115 -14.89 -25.89 39.40
CA LEU B 115 -13.58 -25.46 38.92
C LEU B 115 -12.94 -26.54 38.06
N VAL B 116 -12.93 -27.78 38.54
CA VAL B 116 -12.21 -28.84 37.85
C VAL B 116 -13.05 -29.53 36.77
N GLU B 117 -14.37 -29.64 36.96
CA GLU B 117 -15.22 -30.38 36.04
C GLU B 117 -16.53 -29.66 35.71
N PRO B 118 -16.48 -28.41 35.27
CA PRO B 118 -17.71 -27.62 35.05
C PRO B 118 -18.75 -28.28 34.17
N ALA B 119 -18.29 -29.03 33.16
CA ALA B 119 -19.18 -29.77 32.27
C ALA B 119 -20.03 -30.82 32.98
N TYR B 120 -19.66 -31.22 34.19
CA TYR B 120 -20.45 -32.16 34.98
C TYR B 120 -21.17 -31.55 36.17
N PHE B 121 -20.99 -30.26 36.44
CA PHE B 121 -21.59 -29.59 37.59
C PHE B 121 -22.43 -28.37 37.27
N ILE B 122 -22.12 -27.64 36.20
CA ILE B 122 -22.94 -26.51 35.75
C ILE B 122 -24.25 -26.90 35.05
N PRO B 123 -24.25 -27.83 34.10
CA PRO B 123 -25.52 -28.28 33.49
C PRO B 123 -26.56 -28.77 34.48
N PRO B 124 -26.18 -29.48 35.55
CA PRO B 124 -27.19 -29.75 36.59
C PRO B 124 -27.57 -28.58 37.49
N ALA B 125 -26.65 -27.66 37.79
CA ALA B 125 -27.03 -26.50 38.60
C ALA B 125 -28.04 -25.61 37.89
N GLU B 126 -27.86 -25.40 36.60
CA GLU B 126 -28.88 -24.71 35.82
C GLU B 126 -30.17 -25.52 35.71
N LYS B 127 -30.06 -26.86 35.67
CA LYS B 127 -31.24 -27.71 35.68
C LYS B 127 -32.01 -27.63 36.99
N ALA B 128 -31.33 -27.34 38.09
CA ALA B 128 -32.02 -27.01 39.33
C ALA B 128 -32.73 -25.66 39.22
N LEU B 129 -32.00 -24.65 38.80
CA LEU B 129 -32.54 -23.29 38.75
C LEU B 129 -33.72 -23.20 37.79
N THR B 130 -33.62 -23.88 36.64
CA THR B 130 -34.74 -23.96 35.71
C THR B 130 -35.98 -24.62 36.29
N ASP B 131 -35.88 -25.42 37.36
CA ASP B 131 -37.07 -25.84 38.10
C ASP B 131 -37.31 -25.04 39.36
N LEU B 132 -36.32 -24.29 39.84
CA LEU B 132 -36.58 -23.34 40.92
C LEU B 132 -37.44 -22.19 40.39
N ALA B 133 -37.09 -21.70 39.21
CA ALA B 133 -37.89 -20.71 38.50
C ALA B 133 -39.32 -21.17 38.26
N ASP B 134 -39.50 -22.43 37.88
CA ASP B 134 -40.86 -22.95 37.75
C ASP B 134 -41.56 -23.10 39.09
N SER B 135 -40.80 -23.18 40.19
CA SER B 135 -41.38 -23.26 41.52
C SER B 135 -41.77 -21.89 42.06
N MET B 136 -40.94 -20.87 41.82
CA MET B 136 -41.29 -19.52 42.28
C MET B 136 -42.51 -18.98 41.54
N ASP B 137 -42.53 -19.07 40.22
CA ASP B 137 -43.72 -18.62 39.52
C ASP B 137 -44.78 -19.71 39.58
N ASP B 138 -46.03 -19.30 39.41
CA ASP B 138 -47.11 -20.22 39.12
C ASP B 138 -48.20 -19.56 38.26
N VAL B 139 -47.95 -18.38 37.71
CA VAL B 139 -48.72 -17.86 36.58
C VAL B 139 -48.58 -18.81 35.40
N PRO B 140 -49.40 -18.69 34.35
CA PRO B 140 -49.29 -19.58 33.20
C PRO B 140 -47.90 -19.55 32.58
N HIS B 141 -47.66 -20.54 31.70
CA HIS B 141 -46.36 -20.73 31.06
C HIS B 141 -45.23 -20.75 32.09
N HIS B 151 -38.28 -22.09 28.39
CA HIS B 151 -37.13 -21.18 28.09
C HIS B 151 -36.01 -21.38 29.13
N PRO B 152 -34.75 -21.21 28.73
CA PRO B 152 -33.65 -21.60 29.60
C PRO B 152 -33.35 -20.54 30.65
N TRP B 153 -32.68 -21.00 31.70
CA TRP B 153 -32.11 -20.18 32.75
C TRP B 153 -30.65 -20.56 32.94
N LYS B 154 -29.82 -19.57 33.28
CA LYS B 154 -28.38 -19.68 33.12
C LYS B 154 -27.68 -19.07 34.34
N LEU B 155 -26.39 -19.35 34.42
CA LEU B 155 -25.55 -19.04 35.57
C LEU B 155 -24.33 -18.20 35.22
N SER B 156 -23.83 -17.53 36.26
CA SER B 156 -22.61 -16.75 36.21
C SER B 156 -22.00 -16.77 37.61
N PHE B 157 -20.76 -16.32 37.69
CA PHE B 157 -19.96 -16.47 38.91
C PHE B 157 -19.25 -15.17 39.24
N LYS B 158 -18.79 -15.10 40.48
CA LYS B 158 -17.95 -14.00 40.92
C LYS B 158 -17.00 -14.50 42.02
N GLY B 159 -15.93 -13.75 42.22
CA GLY B 159 -14.96 -14.00 43.26
C GLY B 159 -13.56 -14.44 42.87
N SER B 160 -12.92 -15.18 43.77
CA SER B 160 -11.53 -15.62 43.62
C SER B 160 -11.43 -17.08 43.23
N PHE B 161 -10.56 -17.36 42.24
CA PHE B 161 -10.42 -18.70 41.68
C PHE B 161 -9.02 -19.25 41.93
N GLY B 162 -8.22 -18.58 42.76
CA GLY B 162 -6.86 -19.01 43.02
C GLY B 162 -6.02 -19.05 41.75
N ALA B 163 -5.29 -20.15 41.59
CA ALA B 163 -4.41 -20.33 40.44
C ALA B 163 -5.15 -20.20 39.11
N HIS B 164 -6.45 -20.51 39.11
CA HIS B 164 -7.25 -20.48 37.91
C HIS B 164 -7.52 -19.08 37.38
N ALA B 165 -7.22 -18.03 38.14
CA ALA B 165 -7.24 -16.68 37.59
C ALA B 165 -5.83 -16.38 37.11
N LEU B 166 -5.67 -16.25 35.80
CA LEU B 166 -4.38 -16.03 35.22
C LEU B 166 -4.48 -15.29 33.90
N SER B 167 -3.45 -14.52 33.62
CA SER B 167 -3.35 -13.75 32.40
C SER B 167 -3.18 -14.69 31.20
N PRO B 168 -3.66 -14.30 30.01
CA PRO B 168 -3.54 -15.17 28.84
C PRO B 168 -2.11 -15.37 28.37
N ARG B 169 -1.16 -14.67 28.98
CA ARG B 169 0.25 -14.99 28.85
C ARG B 169 0.55 -16.37 29.42
N THR B 170 -0.21 -16.80 30.44
CA THR B 170 0.03 -18.07 31.13
C THR B 170 -1.16 -19.00 31.06
N LEU B 171 -2.25 -18.60 30.41
CA LEU B 171 -3.28 -19.54 30.00
C LEU B 171 -2.70 -20.51 28.99
N THR B 172 -2.66 -21.78 29.36
CA THR B 172 -1.87 -22.78 28.65
C THR B 172 -2.68 -24.06 28.56
N ALA B 173 -2.14 -25.03 27.82
CA ALA B 173 -2.87 -26.25 27.50
C ALA B 173 -2.83 -27.27 28.62
N GLN B 174 -2.38 -26.86 29.79
CA GLN B 174 -2.81 -27.45 31.04
C GLN B 174 -4.17 -26.86 31.41
N HIS B 175 -4.93 -27.62 32.21
CA HIS B 175 -6.22 -27.20 32.77
C HIS B 175 -7.14 -26.55 31.73
N LEU B 176 -7.24 -27.18 30.55
CA LEU B 176 -8.16 -26.69 29.55
C LEU B 176 -9.61 -26.70 30.04
N ASN B 177 -10.08 -27.86 30.48
CA ASN B 177 -11.49 -27.99 30.80
C ASN B 177 -11.90 -27.25 32.06
N LYS B 178 -10.96 -26.93 32.93
CA LYS B 178 -11.26 -26.18 34.14
C LYS B 178 -11.79 -24.78 33.84
N LEU B 179 -12.46 -24.23 34.83
CA LEU B 179 -12.86 -22.82 34.82
C LEU B 179 -11.63 -21.94 34.86
N VAL B 180 -11.76 -20.77 34.24
CA VAL B 180 -10.69 -19.81 34.09
C VAL B 180 -11.24 -18.41 34.27
N SER B 181 -10.40 -17.50 34.76
CA SER B 181 -10.66 -16.08 34.61
C SER B 181 -9.45 -15.44 33.97
N VAL B 182 -9.73 -14.47 33.11
CA VAL B 182 -8.72 -13.82 32.28
C VAL B 182 -8.98 -12.32 32.32
N GLU B 183 -7.91 -11.54 32.44
CA GLU B 183 -7.99 -10.09 32.37
C GLU B 183 -7.08 -9.53 31.28
N GLY B 184 -7.59 -8.52 30.58
CA GLY B 184 -6.86 -7.97 29.46
C GLY B 184 -7.65 -6.90 28.75
N ILE B 185 -7.18 -6.57 27.55
CA ILE B 185 -7.87 -5.66 26.63
C ILE B 185 -8.68 -6.46 25.62
N VAL B 186 -9.96 -6.12 25.48
CA VAL B 186 -10.72 -6.54 24.33
C VAL B 186 -10.21 -5.81 23.10
N THR B 187 -9.79 -6.57 22.09
CA THR B 187 -8.92 -6.07 21.04
C THR B 187 -9.63 -5.87 19.71
N LYS B 188 -10.56 -6.75 19.38
CA LYS B 188 -11.53 -6.54 18.31
C LYS B 188 -12.85 -7.19 18.70
N THR B 189 -13.92 -6.79 18.01
CA THR B 189 -15.17 -7.53 18.09
C THR B 189 -15.76 -7.83 16.72
N SER B 190 -16.23 -9.07 16.58
CA SER B 190 -16.97 -9.54 15.42
C SER B 190 -18.35 -8.89 15.27
N LEU B 191 -18.71 -8.62 14.02
CA LEU B 191 -20.05 -8.20 13.64
C LEU B 191 -21.11 -9.19 14.09
N VAL B 192 -22.02 -8.75 14.96
CA VAL B 192 -22.85 -9.64 15.75
C VAL B 192 -23.83 -10.38 14.85
N ARG B 193 -23.49 -11.60 14.48
CA ARG B 193 -24.35 -12.36 13.57
C ARG B 193 -25.52 -13.03 14.30
N PRO B 194 -26.70 -13.08 13.68
CA PRO B 194 -27.75 -14.01 14.09
C PRO B 194 -27.49 -15.46 13.70
N LYS B 195 -27.84 -16.37 14.61
CA LYS B 195 -27.64 -17.80 14.45
C LYS B 195 -28.96 -18.54 14.54
N LEU B 196 -29.11 -19.59 13.73
CA LEU B 196 -30.28 -20.46 13.72
C LEU B 196 -30.30 -21.45 14.87
N ILE B 197 -31.48 -21.72 15.41
CA ILE B 197 -31.66 -22.82 16.35
C ILE B 197 -32.89 -23.63 15.99
N ARG B 198 -34.01 -22.95 15.78
CA ARG B 198 -35.25 -23.54 15.30
C ARG B 198 -35.67 -22.98 13.96
N SER B 199 -36.03 -23.86 13.05
CA SER B 199 -36.42 -23.50 11.70
C SER B 199 -37.84 -24.01 11.52
N VAL B 200 -38.65 -23.25 10.79
CA VAL B 200 -40.09 -23.49 10.70
C VAL B 200 -40.50 -23.43 9.24
N HIS B 201 -41.39 -24.34 8.86
CA HIS B 201 -41.77 -24.56 7.48
C HIS B 201 -43.27 -24.77 7.38
N TYR B 202 -43.80 -24.61 6.17
CA TYR B 202 -45.22 -24.65 5.88
C TYR B 202 -45.44 -25.64 4.75
N ALA B 203 -46.41 -26.53 4.92
CA ALA B 203 -46.79 -27.56 3.95
C ALA B 203 -48.10 -27.23 3.27
N ALA B 204 -48.03 -26.33 2.27
CA ALA B 204 -49.23 -25.66 1.76
C ALA B 204 -50.30 -26.62 1.31
N LYS B 205 -49.93 -27.82 0.87
CA LYS B 205 -50.90 -28.85 0.52
C LYS B 205 -51.81 -29.24 1.68
N THR B 206 -51.44 -28.92 2.93
CA THR B 206 -52.20 -29.31 4.09
C THR B 206 -52.43 -28.19 5.10
N GLY B 207 -51.65 -27.12 5.07
CA GLY B 207 -51.66 -26.10 6.10
C GLY B 207 -51.08 -26.52 7.42
N ARG B 208 -50.41 -27.67 7.46
CA ARG B 208 -49.60 -28.06 8.60
C ARG B 208 -48.36 -27.18 8.69
N PHE B 209 -47.73 -27.17 9.86
CA PHE B 209 -46.41 -26.57 10.01
C PHE B 209 -45.49 -27.67 10.49
N HIS B 210 -44.24 -27.57 10.06
CA HIS B 210 -43.16 -28.46 10.45
C HIS B 210 -42.02 -27.67 11.06
N TYR B 211 -41.28 -28.31 11.97
CA TYR B 211 -40.17 -27.63 12.63
C TYR B 211 -39.01 -28.59 12.81
N ARG B 212 -37.83 -27.99 12.92
CA ARG B 212 -36.53 -28.65 13.01
C ARG B 212 -35.71 -27.87 14.03
N ASP B 213 -34.89 -28.57 14.80
CA ASP B 213 -34.04 -27.97 15.82
C ASP B 213 -32.59 -28.42 15.75
N TYR B 214 -31.68 -27.48 15.97
CA TYR B 214 -30.26 -27.63 15.68
C TYR B 214 -29.46 -27.55 16.97
N THR B 215 -28.37 -28.33 17.01
CA THR B 215 -27.38 -28.32 18.07
C THR B 215 -25.97 -28.43 17.51
N ASP B 216 -24.99 -27.95 18.28
CA ASP B 216 -23.66 -27.68 17.74
C ASP B 216 -22.64 -27.70 18.89
N ALA B 217 -21.41 -27.35 18.57
CA ALA B 217 -20.28 -27.35 19.51
C ALA B 217 -20.34 -26.31 20.64
N THR B 218 -21.16 -25.28 20.53
CA THR B 218 -21.19 -24.20 21.51
C THR B 218 -22.46 -24.11 22.35
N THR B 219 -23.31 -25.13 22.32
CA THR B 219 -24.55 -25.12 23.09
C THR B 219 -24.53 -26.05 24.30
N THR B 220 -23.61 -27.01 24.33
CA THR B 220 -23.40 -27.85 25.51
C THR B 220 -21.92 -27.94 25.81
N LEU B 221 -21.62 -27.95 27.11
CA LEU B 221 -20.24 -28.13 27.56
C LEU B 221 -19.72 -29.52 27.26
N THR B 222 -20.58 -30.54 27.39
CA THR B 222 -20.20 -31.88 27.01
C THR B 222 -20.29 -32.05 25.51
N THR B 223 -19.37 -32.85 24.97
CA THR B 223 -19.33 -33.15 23.54
C THR B 223 -20.47 -34.08 23.16
N ARG B 224 -21.66 -33.49 23.06
CA ARG B 224 -22.81 -34.19 22.52
C ARG B 224 -22.48 -34.78 21.15
N ILE B 225 -23.09 -35.91 20.86
CA ILE B 225 -22.91 -36.56 19.57
C ILE B 225 -23.36 -35.61 18.47
N PRO B 226 -22.56 -35.33 17.45
CA PRO B 226 -22.96 -34.34 16.45
C PRO B 226 -24.17 -34.82 15.67
N THR B 227 -25.00 -33.85 15.27
CA THR B 227 -26.23 -34.11 14.54
C THR B 227 -26.26 -33.14 13.37
N PRO B 228 -25.56 -33.47 12.27
CA PRO B 228 -25.54 -32.59 11.09
C PRO B 228 -26.83 -32.59 10.28
N ALA B 229 -27.95 -32.28 10.93
CA ALA B 229 -29.24 -32.34 10.27
C ALA B 229 -29.26 -31.40 9.06
N ILE B 230 -30.13 -31.72 8.12
CA ILE B 230 -30.24 -31.06 6.83
C ILE B 230 -31.47 -30.18 6.80
N TYR B 231 -31.28 -28.95 6.36
CA TYR B 231 -32.32 -27.95 6.30
C TYR B 231 -33.45 -28.46 5.39
N PRO B 232 -34.68 -28.56 5.88
CA PRO B 232 -35.75 -29.24 5.11
C PRO B 232 -36.42 -28.44 4.02
N THR B 233 -36.00 -28.67 2.78
CA THR B 233 -36.65 -28.07 1.63
C THR B 233 -37.76 -28.94 1.05
N GLU B 234 -37.94 -30.17 1.53
CA GLU B 234 -39.05 -31.01 1.09
C GLU B 234 -39.61 -31.82 2.26
N ASP B 235 -40.93 -32.01 2.22
CA ASP B 235 -41.65 -32.74 3.25
C ASP B 235 -41.30 -34.23 3.20
N THR B 236 -41.53 -34.92 4.32
CA THR B 236 -41.43 -36.38 4.35
C THR B 236 -42.29 -37.01 3.27
N GLU B 237 -43.49 -36.45 3.03
CA GLU B 237 -44.36 -36.96 1.99
C GLU B 237 -43.88 -36.58 0.59
N GLY B 238 -43.01 -35.57 0.47
CA GLY B 238 -42.53 -35.09 -0.81
C GLY B 238 -43.02 -33.73 -1.24
N ASN B 239 -43.94 -33.10 -0.49
CA ASN B 239 -44.45 -31.80 -0.90
C ASN B 239 -43.37 -30.71 -0.84
N LYS B 240 -43.71 -29.59 -1.46
CA LYS B 240 -43.00 -28.33 -1.36
C LYS B 240 -43.03 -27.81 0.08
N LEU B 241 -42.21 -26.79 0.33
CA LEU B 241 -42.23 -26.06 1.58
C LEU B 241 -41.94 -24.60 1.35
N THR B 242 -42.37 -23.79 2.32
CA THR B 242 -41.96 -22.39 2.44
C THR B 242 -41.56 -22.13 3.88
N THR B 243 -40.78 -21.06 4.07
CA THR B 243 -40.15 -20.75 5.35
C THR B 243 -40.85 -19.62 6.09
N GLU B 244 -41.22 -19.89 7.33
CA GLU B 244 -41.92 -18.93 8.18
C GLU B 244 -40.89 -18.16 9.02
N TYR B 245 -40.14 -17.30 8.33
CA TYR B 245 -39.14 -16.45 8.96
C TYR B 245 -39.74 -15.56 10.04
N GLY B 246 -39.33 -15.77 11.29
CA GLY B 246 -39.84 -15.05 12.43
C GLY B 246 -40.84 -15.81 13.27
N TYR B 247 -41.27 -16.98 12.81
CA TYR B 247 -41.69 -18.04 13.71
C TYR B 247 -40.52 -18.94 14.08
N SER B 248 -39.59 -19.11 13.16
CA SER B 248 -38.24 -19.53 13.51
C SER B 248 -37.64 -18.60 14.55
N THR B 249 -36.68 -19.11 15.30
CA THR B 249 -36.04 -18.36 16.38
C THR B 249 -34.54 -18.26 16.12
N PHE B 250 -33.95 -17.21 16.66
CA PHE B 250 -32.56 -16.86 16.39
C PHE B 250 -31.88 -16.40 17.68
N ILE B 251 -30.56 -16.39 17.64
CA ILE B 251 -29.76 -15.90 18.76
C ILE B 251 -28.52 -15.22 18.17
N ASP B 252 -28.00 -14.22 18.91
CA ASP B 252 -26.76 -13.54 18.54
C ASP B 252 -25.56 -14.42 18.82
N HIS B 253 -24.68 -14.56 17.84
CA HIS B 253 -23.31 -15.04 18.02
C HIS B 253 -22.29 -13.91 17.96
N GLN B 254 -21.32 -13.91 18.88
CA GLN B 254 -20.17 -13.03 18.77
C GLN B 254 -18.94 -13.72 19.33
N ARG B 255 -17.78 -13.51 18.68
CA ARG B 255 -16.46 -13.73 19.27
C ARG B 255 -15.63 -12.46 19.42
N ILE B 256 -14.96 -12.33 20.58
CA ILE B 256 -14.09 -11.22 20.92
C ILE B 256 -12.75 -11.75 21.41
N THR B 257 -11.65 -11.10 21.01
CA THR B 257 -10.30 -11.62 21.22
C THR B 257 -9.57 -10.73 22.21
N VAL B 258 -9.14 -11.34 23.31
CA VAL B 258 -8.57 -10.67 24.48
C VAL B 258 -7.06 -10.90 24.55
N GLN B 259 -6.30 -9.81 24.70
CA GLN B 259 -4.84 -9.87 24.79
C GLN B 259 -4.39 -9.26 26.12
N GLU B 260 -3.24 -9.74 26.62
CA GLU B 260 -2.82 -9.44 27.99
C GLU B 260 -2.68 -7.94 28.25
N MET B 261 -3.12 -7.54 29.43
CA MET B 261 -3.11 -6.16 29.87
C MET B 261 -1.70 -5.55 29.88
N PRO B 262 -1.43 -4.46 29.15
CA PRO B 262 -0.05 -4.09 28.81
C PRO B 262 0.82 -3.59 29.97
N GLU B 263 0.24 -3.10 31.08
CA GLU B 263 1.05 -2.73 32.24
C GLU B 263 1.48 -3.87 33.14
N MET B 264 0.77 -5.00 33.15
CA MET B 264 1.26 -6.17 33.86
C MET B 264 2.21 -6.98 32.99
N ALA B 265 2.05 -6.89 31.68
CA ALA B 265 2.88 -7.60 30.72
C ALA B 265 4.37 -7.41 30.99
N PRO B 266 5.19 -8.48 30.87
CA PRO B 266 6.65 -8.29 30.93
C PRO B 266 7.09 -7.62 29.64
N ALA B 267 7.16 -6.29 29.68
CA ALA B 267 7.26 -5.46 28.50
C ALA B 267 8.50 -5.78 27.66
N GLY B 268 8.36 -5.52 26.35
CA GLY B 268 9.23 -6.00 25.31
C GLY B 268 8.68 -7.19 24.57
N GLN B 269 8.01 -8.13 25.24
CA GLN B 269 7.51 -9.29 24.53
C GLN B 269 6.32 -8.93 23.65
N LEU B 270 6.03 -9.81 22.69
CA LEU B 270 4.83 -9.78 21.88
C LEU B 270 3.54 -10.00 22.68
N PRO B 271 2.42 -9.42 22.23
CA PRO B 271 1.11 -9.78 22.80
C PRO B 271 0.69 -11.20 22.45
N ARG B 272 -0.08 -11.81 23.35
CA ARG B 272 -0.66 -13.14 23.18
C ARG B 272 -2.15 -13.13 23.53
N SER B 273 -2.98 -13.73 22.67
CA SER B 273 -4.42 -13.51 22.75
C SER B 273 -5.21 -14.74 22.35
N ILE B 274 -6.43 -14.81 22.87
CA ILE B 274 -7.31 -15.98 22.83
C ILE B 274 -8.72 -15.51 22.55
N ASP B 275 -9.55 -16.41 22.01
CA ASP B 275 -10.84 -16.07 21.43
C ASP B 275 -11.95 -16.48 22.39
N VAL B 276 -12.82 -15.52 22.70
CA VAL B 276 -13.96 -15.68 23.60
C VAL B 276 -15.26 -15.60 22.82
N ILE B 277 -16.12 -16.61 22.95
CA ILE B 277 -17.44 -16.65 22.29
C ILE B 277 -18.51 -16.23 23.28
N LEU B 278 -19.35 -15.27 22.89
CA LEU B 278 -20.48 -14.79 23.68
C LEU B 278 -21.81 -15.17 23.04
N ASP B 279 -22.60 -15.94 23.78
CA ASP B 279 -24.05 -16.10 23.62
C ASP B 279 -24.82 -14.78 23.84
N ASP B 280 -26.15 -14.87 23.61
CA ASP B 280 -27.08 -13.77 23.32
C ASP B 280 -26.98 -12.55 24.23
N ASP B 281 -26.46 -12.70 25.43
CA ASP B 281 -26.74 -11.75 26.52
C ASP B 281 -25.64 -10.69 26.48
N LEU B 282 -24.41 -11.12 26.72
CA LEU B 282 -23.26 -10.30 26.97
C LEU B 282 -22.76 -9.60 25.71
N VAL B 283 -23.34 -9.91 24.55
CA VAL B 283 -22.93 -9.39 23.25
C VAL B 283 -22.80 -7.87 23.26
N ASP B 284 -23.70 -7.21 23.99
CA ASP B 284 -23.81 -5.75 24.01
C ASP B 284 -22.80 -5.07 24.93
N LYS B 285 -22.08 -5.82 25.76
CA LYS B 285 -21.32 -5.25 26.85
C LYS B 285 -19.83 -5.55 26.75
N THR B 286 -19.28 -5.40 25.54
CA THR B 286 -17.85 -5.29 25.35
C THR B 286 -17.61 -4.37 24.17
N LYS B 287 -16.49 -3.66 24.20
CA LYS B 287 -16.06 -2.87 23.06
C LYS B 287 -14.55 -2.78 23.04
N PRO B 288 -13.94 -2.60 21.88
CA PRO B 288 -12.48 -2.75 21.78
C PRO B 288 -11.75 -1.68 22.57
N GLY B 289 -10.63 -2.07 23.17
CA GLY B 289 -9.85 -1.18 23.99
C GLY B 289 -10.19 -1.11 25.46
N ASP B 290 -11.34 -1.61 25.89
CA ASP B 290 -11.64 -1.58 27.31
C ASP B 290 -11.02 -2.74 28.06
N ARG B 291 -10.71 -2.50 29.32
CA ARG B 291 -10.17 -3.51 30.21
C ARG B 291 -11.31 -4.41 30.63
N VAL B 292 -11.18 -5.70 30.35
CA VAL B 292 -12.26 -6.65 30.55
C VAL B 292 -11.77 -7.91 31.23
N ASN B 293 -12.55 -8.38 32.19
CA ASN B 293 -12.36 -9.66 32.84
C ASN B 293 -13.45 -10.57 32.30
N VAL B 294 -13.06 -11.78 31.91
CA VAL B 294 -13.97 -12.82 31.48
C VAL B 294 -13.77 -14.05 32.35
N VAL B 295 -14.85 -14.81 32.53
CA VAL B 295 -14.83 -16.14 33.10
C VAL B 295 -15.52 -17.10 32.15
N GLY B 296 -15.04 -18.33 32.11
CA GLY B 296 -15.66 -19.32 31.24
C GLY B 296 -14.94 -20.64 31.25
N VAL B 297 -15.23 -21.46 30.26
CA VAL B 297 -14.62 -22.77 30.08
C VAL B 297 -13.70 -22.75 28.88
N PHE B 298 -12.42 -23.07 29.09
CA PHE B 298 -11.41 -23.04 28.05
C PHE B 298 -11.42 -24.35 27.25
N LYS B 299 -12.53 -24.56 26.54
CA LYS B 299 -12.70 -25.75 25.73
C LYS B 299 -11.61 -25.89 24.68
N SER B 300 -11.36 -27.13 24.29
CA SER B 300 -10.39 -27.48 23.24
C SER B 300 -11.09 -28.39 22.25
N LEU B 301 -11.84 -27.78 21.35
CA LEU B 301 -12.80 -28.45 20.48
C LEU B 301 -12.26 -28.64 19.07
N GLY B 302 -13.01 -29.40 18.27
CA GLY B 302 -12.59 -30.04 17.05
C GLY B 302 -11.67 -31.23 17.20
N ALA B 303 -11.08 -31.61 16.07
CA ALA B 303 -10.30 -32.84 16.00
C ALA B 303 -9.15 -32.75 15.01
N GLY B 304 -8.59 -31.56 14.84
CA GLY B 304 -7.60 -31.30 13.81
C GLY B 304 -6.43 -32.26 13.78
N GLY B 305 -6.00 -32.61 12.56
CA GLY B 305 -4.98 -33.62 12.39
C GLY B 305 -5.34 -35.07 12.59
N MET B 306 -5.84 -35.42 13.78
CA MET B 306 -6.04 -36.84 14.06
C MET B 306 -7.20 -37.41 13.28
N ASN B 307 -8.23 -36.62 13.02
CA ASN B 307 -9.26 -36.91 12.03
C ASN B 307 -8.84 -36.31 10.69
N GLN B 308 -9.67 -36.52 9.66
CA GLN B 308 -9.48 -36.00 8.30
C GLN B 308 -8.08 -36.40 7.80
N SER B 309 -7.28 -35.47 7.30
CA SER B 309 -5.86 -35.67 7.09
C SER B 309 -5.11 -34.39 7.41
N ASN B 310 -3.82 -34.55 7.63
CA ASN B 310 -2.86 -33.45 7.60
C ASN B 310 -2.63 -32.93 6.19
N LEU B 314 2.34 -29.41 11.63
CA LEU B 314 0.94 -29.65 12.06
C LEU B 314 0.56 -28.56 13.06
N ILE B 315 -0.74 -28.26 13.20
CA ILE B 315 -1.24 -27.37 14.26
C ILE B 315 -2.37 -28.03 15.03
N GLY B 316 -2.30 -27.92 16.37
CA GLY B 316 -3.24 -28.56 17.25
C GLY B 316 -4.61 -27.92 17.36
N PHE B 317 -5.40 -28.50 18.25
CA PHE B 317 -6.82 -28.23 18.47
C PHE B 317 -7.13 -26.75 18.61
N LYS B 318 -8.32 -26.37 18.17
CA LYS B 318 -8.84 -25.00 18.31
C LYS B 318 -9.23 -24.74 19.76
N THR B 319 -8.51 -23.87 20.46
CA THR B 319 -8.74 -23.58 21.88
C THR B 319 -9.37 -22.21 22.07
N LEU B 320 -10.41 -22.15 22.89
CA LEU B 320 -11.18 -20.92 23.10
C LEU B 320 -11.88 -21.01 24.45
N ILE B 321 -12.39 -19.86 24.91
CA ILE B 321 -13.24 -19.76 26.11
C ILE B 321 -14.69 -19.52 25.74
N LEU B 322 -15.58 -20.36 26.28
CA LEU B 322 -17.00 -20.06 26.38
C LEU B 322 -17.29 -19.07 27.50
N GLY B 323 -17.55 -17.82 27.15
CA GLY B 323 -17.74 -16.79 28.14
C GLY B 323 -19.06 -16.87 28.89
N ASN B 324 -19.03 -17.25 30.17
CA ASN B 324 -20.24 -17.29 30.98
C ASN B 324 -20.41 -16.08 31.89
N THR B 325 -19.33 -15.35 32.17
CA THR B 325 -19.36 -14.04 32.79
C THR B 325 -18.46 -13.07 32.06
N VAL B 326 -18.92 -11.84 31.90
CA VAL B 326 -18.09 -10.77 31.40
C VAL B 326 -18.35 -9.54 32.24
N TYR B 327 -17.27 -8.87 32.65
CA TYR B 327 -17.34 -7.60 33.33
C TYR B 327 -16.39 -6.63 32.63
N PRO B 328 -16.83 -5.42 32.30
CA PRO B 328 -15.88 -4.32 32.18
C PRO B 328 -15.32 -3.94 33.54
N LEU B 329 -14.11 -3.42 33.54
CA LEU B 329 -13.47 -2.90 34.74
C LEU B 329 -12.74 -1.62 34.37
N HIS B 330 -12.38 -0.85 35.39
CA HIS B 330 -11.75 0.44 35.23
C HIS B 330 -10.27 0.44 35.57
N ALA B 331 -9.46 0.94 34.64
CA ALA B 331 -8.07 1.28 34.88
C ALA B 331 -7.77 2.59 34.17
N ARG B 332 -6.65 3.20 34.56
CA ARG B 332 -6.20 4.50 34.07
C ARG B 332 -6.29 4.64 32.55
N SER B 333 -6.99 5.69 32.12
CA SER B 333 -7.19 5.99 30.70
C SER B 333 -7.98 4.90 30.00
N THR B 334 -9.19 4.65 30.51
CA THR B 334 -10.09 3.66 29.96
C THR B 334 -11.41 4.30 29.54
N GLY B 335 -12.02 3.71 28.52
CA GLY B 335 -13.31 4.11 28.00
C GLY B 335 -14.54 3.75 28.81
N VAL B 336 -14.42 3.64 30.14
CA VAL B 336 -15.57 3.38 31.00
C VAL B 336 -15.40 4.15 32.30
N ALA B 337 -16.52 4.54 32.90
CA ALA B 337 -16.48 5.24 34.18
C ALA B 337 -16.24 4.30 35.36
N ALA B 338 -15.82 4.90 36.47
CA ALA B 338 -15.63 4.18 37.72
C ALA B 338 -16.91 3.53 38.25
N ARG B 339 -18.03 4.26 38.19
CA ARG B 339 -19.37 3.76 38.49
C ARG B 339 -19.41 2.99 39.82
N GLN B 340 -19.10 3.70 40.90
CA GLN B 340 -19.32 3.16 42.24
C GLN B 340 -20.81 3.14 42.57
N MET B 341 -21.25 2.05 43.18
CA MET B 341 -22.62 1.89 43.62
C MET B 341 -22.90 2.69 44.88
N LEU B 342 -24.15 3.14 45.00
CA LEU B 342 -24.63 3.86 46.17
C LEU B 342 -25.55 2.99 47.01
N THR B 343 -25.29 2.95 48.31
CA THR B 343 -26.28 2.45 49.24
C THR B 343 -27.25 3.57 49.58
N ASP B 344 -28.38 3.20 50.18
CA ASP B 344 -29.29 4.18 50.78
C ASP B 344 -28.66 4.89 51.98
N PHE B 345 -27.51 4.41 52.46
CA PHE B 345 -26.74 5.11 53.47
C PHE B 345 -25.83 6.17 52.86
N ASP B 346 -25.20 5.87 51.71
CA ASP B 346 -24.27 6.81 51.09
C ASP B 346 -24.96 8.10 50.65
N ILE B 347 -26.17 7.98 50.10
CA ILE B 347 -27.03 9.11 49.77
C ILE B 347 -27.41 9.94 50.99
N ARG B 348 -27.58 9.29 52.14
CA ARG B 348 -27.90 10.02 53.37
C ARG B 348 -26.82 11.02 53.75
N ASN B 349 -25.55 10.64 53.61
CA ASN B 349 -24.45 11.53 53.95
C ASN B 349 -24.39 12.75 53.02
N ILE B 350 -24.64 12.55 51.72
CA ILE B 350 -24.76 13.66 50.78
C ILE B 350 -25.85 14.64 51.18
N ASN B 351 -27.01 14.14 51.60
CA ASN B 351 -28.12 15.01 51.97
C ASN B 351 -27.92 15.70 53.32
N LYS B 352 -27.13 15.12 54.22
CA LYS B 352 -26.67 15.86 55.39
C LYS B 352 -25.86 17.08 54.98
N LEU B 353 -24.98 16.92 53.99
CA LEU B 353 -24.06 17.95 53.54
C LEU B 353 -24.71 19.03 52.70
N SER B 354 -25.60 18.64 51.78
CA SER B 354 -25.99 19.50 50.66
C SER B 354 -26.57 20.84 51.09
N LYS B 355 -27.05 20.97 52.33
CA LYS B 355 -27.64 22.21 52.80
C LYS B 355 -26.73 22.99 53.75
N LYS B 356 -25.52 22.52 54.00
CA LYS B 356 -24.55 23.26 54.80
C LYS B 356 -23.91 24.37 53.97
N LYS B 357 -23.96 25.60 54.46
CA LYS B 357 -23.49 26.77 53.72
C LYS B 357 -21.95 26.95 53.75
N ASP B 358 -21.17 25.87 53.63
CA ASP B 358 -19.73 26.03 53.50
C ASP B 358 -19.06 24.85 52.77
N ILE B 359 -19.83 23.93 52.19
CA ILE B 359 -19.29 22.71 51.60
C ILE B 359 -18.32 23.01 50.47
N PHE B 360 -18.65 24.00 49.64
CA PHE B 360 -17.82 24.27 48.46
C PHE B 360 -16.41 24.72 48.80
N ASP B 361 -16.23 25.41 49.93
CA ASP B 361 -14.88 25.77 50.36
C ASP B 361 -14.06 24.56 50.83
N ILE B 362 -14.66 23.66 51.61
CA ILE B 362 -13.94 22.47 52.07
C ILE B 362 -13.76 21.47 50.94
N LEU B 363 -14.81 21.20 50.18
CA LEU B 363 -14.74 20.28 49.06
C LEU B 363 -13.70 20.73 48.04
N SER B 364 -13.63 22.03 47.78
CA SER B 364 -12.59 22.56 46.92
C SER B 364 -11.19 22.33 47.49
N GLN B 365 -11.04 22.26 48.80
CA GLN B 365 -9.73 22.08 49.41
C GLN B 365 -9.32 20.61 49.50
N SER B 366 -10.27 19.73 49.77
CA SER B 366 -9.98 18.33 50.04
C SER B 366 -9.43 17.58 48.84
N LEU B 367 -9.60 18.14 47.62
CA LEU B 367 -9.07 17.53 46.41
C LEU B 367 -7.60 17.14 46.55
N ALA B 368 -6.76 18.06 46.98
CA ALA B 368 -5.34 18.02 46.66
C ALA B 368 -4.56 18.56 47.86
N PRO B 369 -4.57 17.83 48.97
CA PRO B 369 -3.67 18.16 50.09
C PRO B 369 -2.20 18.12 49.71
N SER B 370 -1.84 17.38 48.66
CA SER B 370 -0.46 17.31 48.19
C SER B 370 0.06 18.63 47.65
N ILE B 371 -0.79 19.65 47.54
CA ILE B 371 -0.46 20.94 46.94
C ILE B 371 -0.92 22.01 47.91
N TYR B 372 -0.14 23.08 48.00
CA TYR B 372 -0.44 24.21 48.86
C TYR B 372 -1.01 25.36 48.04
N GLY B 373 -2.05 25.99 48.58
CA GLY B 373 -2.66 27.11 47.92
C GLY B 373 -3.57 26.70 46.77
N HIS B 374 -3.85 27.68 45.91
CA HIS B 374 -4.54 27.49 44.64
C HIS B 374 -5.96 26.96 44.83
N ASP B 375 -6.54 27.17 46.01
CA ASP B 375 -7.96 26.90 46.18
C ASP B 375 -8.79 27.62 45.12
N HIS B 376 -8.42 28.87 44.83
CA HIS B 376 -9.09 29.67 43.80
C HIS B 376 -9.10 29.03 42.42
N ILE B 377 -8.20 28.08 42.15
CA ILE B 377 -8.22 27.34 40.89
C ILE B 377 -8.97 26.02 41.01
N LYS B 378 -8.61 25.19 41.99
CA LYS B 378 -9.20 23.86 42.07
C LYS B 378 -10.68 23.91 42.38
N LYS B 379 -11.18 25.05 42.89
CA LYS B 379 -12.60 25.36 42.80
C LYS B 379 -13.16 25.10 41.41
N ALA B 380 -12.51 25.66 40.39
CA ALA B 380 -13.02 25.54 39.02
C ALA B 380 -12.87 24.13 38.47
N ILE B 381 -11.77 23.46 38.79
CA ILE B 381 -11.57 22.09 38.33
C ILE B 381 -12.60 21.16 38.93
N LEU B 382 -12.97 21.41 40.18
CA LEU B 382 -14.12 20.74 40.76
C LEU B 382 -15.39 21.05 39.98
N LEU B 383 -15.58 22.30 39.56
CA LEU B 383 -16.74 22.64 38.75
C LEU B 383 -16.70 22.02 37.35
N MET B 384 -15.52 21.72 36.82
CA MET B 384 -15.46 20.99 35.56
C MET B 384 -16.00 19.57 35.68
N LEU B 385 -15.76 18.91 36.81
CA LEU B 385 -16.32 17.59 37.05
C LEU B 385 -17.84 17.62 37.10
N MET B 386 -18.40 18.68 37.67
CA MET B 386 -19.85 18.86 37.68
C MET B 386 -20.38 19.21 36.30
N GLY B 387 -19.79 20.20 35.65
CA GLY B 387 -20.25 20.64 34.35
C GLY B 387 -21.59 21.37 34.35
N GLY B 388 -21.98 21.81 33.15
CA GLY B 388 -23.30 22.34 32.87
C GLY B 388 -24.41 21.34 32.62
N VAL B 389 -25.49 21.87 32.01
CA VAL B 389 -26.70 21.11 31.74
C VAL B 389 -26.79 20.58 30.30
N GLU B 390 -25.93 21.06 29.40
CA GLU B 390 -25.82 20.53 28.04
C GLU B 390 -27.14 20.60 27.27
N LYS B 391 -27.81 21.75 27.37
CA LYS B 391 -29.16 21.91 26.84
C LYS B 391 -29.19 21.61 25.34
N ASN B 392 -30.13 20.78 24.92
CA ASN B 392 -30.34 20.49 23.50
C ASN B 392 -31.68 21.06 23.06
N LEU B 393 -31.64 21.97 22.09
CA LEU B 393 -32.82 22.76 21.75
C LEU B 393 -33.71 22.06 20.74
N GLU B 394 -35.00 22.35 20.83
CA GLU B 394 -35.99 21.85 19.89
C GLU B 394 -35.77 22.42 18.49
N ASN B 395 -35.69 21.53 17.50
CA ASN B 395 -35.43 21.86 16.08
C ASN B 395 -34.27 22.83 15.89
N GLY B 396 -33.26 22.74 16.73
CA GLY B 396 -32.10 23.59 16.58
C GLY B 396 -30.97 23.14 17.46
N SER B 397 -29.76 23.50 17.04
CA SER B 397 -28.55 22.82 17.46
C SER B 397 -28.35 22.84 18.98
N HIS B 398 -27.66 21.80 19.45
CA HIS B 398 -27.27 21.62 20.84
C HIS B 398 -26.34 22.75 21.27
N LEU B 399 -26.26 22.97 22.59
CA LEU B 399 -25.53 24.09 23.15
C LEU B 399 -24.63 23.59 24.28
N ARG B 400 -23.38 24.04 24.26
CA ARG B 400 -22.31 23.47 25.07
C ARG B 400 -22.63 23.50 26.57
N GLY B 401 -22.27 22.42 27.26
CA GLY B 401 -22.22 22.38 28.72
C GLY B 401 -20.85 22.21 29.35
N ASP B 402 -19.93 21.53 28.66
CA ASP B 402 -18.63 21.23 29.23
C ASP B 402 -17.78 22.49 29.33
N ILE B 403 -17.15 22.70 30.49
CA ILE B 403 -16.28 23.85 30.72
C ILE B 403 -14.84 23.42 30.56
N ASN B 404 -14.09 24.14 29.74
CA ASN B 404 -12.72 23.78 29.39
C ASN B 404 -11.75 24.82 29.95
N ILE B 405 -10.71 24.33 30.63
CA ILE B 405 -9.85 25.14 31.48
C ILE B 405 -8.42 25.09 30.98
N LEU B 406 -7.73 26.22 31.02
CA LEU B 406 -6.32 26.32 30.68
C LEU B 406 -5.52 26.74 31.90
N MET B 407 -4.50 25.96 32.24
CA MET B 407 -3.54 26.30 33.28
C MET B 407 -2.25 26.77 32.62
N VAL B 408 -1.72 27.89 33.10
CA VAL B 408 -0.41 28.38 32.70
C VAL B 408 0.23 29.07 33.89
N GLY B 409 1.56 29.13 33.88
CA GLY B 409 2.28 29.75 34.97
C GLY B 409 3.76 29.46 34.86
N ASP B 410 4.47 29.89 35.89
CA ASP B 410 5.89 29.61 36.01
C ASP B 410 6.14 28.09 36.07
N PRO B 411 7.16 27.58 35.38
CA PRO B 411 7.31 26.11 35.27
C PRO B 411 7.53 25.38 36.59
N SER B 412 7.82 26.08 37.68
CA SER B 412 7.93 25.42 38.98
C SER B 412 6.61 24.81 39.46
N THR B 413 5.47 25.21 38.89
CA THR B 413 4.19 24.98 39.57
C THR B 413 3.67 23.57 39.30
N ALA B 414 2.48 23.30 39.82
CA ALA B 414 1.84 22.00 39.89
C ALA B 414 1.15 21.54 38.61
N LYS B 415 1.20 22.32 37.53
CA LYS B 415 0.44 22.07 36.30
C LYS B 415 0.45 20.61 35.84
N SER B 416 1.62 19.98 35.85
CA SER B 416 1.76 18.60 35.39
C SER B 416 1.27 17.60 36.42
N GLN B 417 1.28 17.97 37.71
CA GLN B 417 0.95 17.07 38.81
C GLN B 417 -0.51 17.13 39.19
N LEU B 418 -1.12 18.31 39.11
CA LEU B 418 -2.54 18.46 39.41
C LEU B 418 -3.39 17.54 38.56
N LEU B 419 -3.05 17.45 37.27
CA LEU B 419 -3.75 16.56 36.36
C LEU B 419 -3.71 15.08 36.72
N ARG B 420 -2.76 14.65 37.54
CA ARG B 420 -2.76 13.28 38.03
C ARG B 420 -3.61 13.05 39.27
N PHE B 421 -4.12 14.10 39.90
CA PHE B 421 -5.33 13.94 40.68
C PHE B 421 -6.50 13.62 39.78
N VAL B 422 -6.75 14.48 38.79
CA VAL B 422 -7.95 14.38 37.96
C VAL B 422 -8.00 13.02 37.27
N LEU B 423 -6.90 12.65 36.61
CA LEU B 423 -6.82 11.38 35.91
C LEU B 423 -6.99 10.19 36.85
N ASN B 424 -6.69 10.36 38.13
CA ASN B 424 -6.88 9.31 39.12
C ASN B 424 -8.23 9.33 39.81
N THR B 425 -9.01 10.40 39.66
CA THR B 425 -10.19 10.60 40.51
C THR B 425 -11.38 11.19 39.77
N ALA B 426 -11.23 11.60 38.52
CA ALA B 426 -12.40 11.87 37.70
C ALA B 426 -13.11 10.57 37.33
N SER B 427 -14.42 10.69 37.10
CA SER B 427 -15.24 9.54 36.76
C SER B 427 -14.71 8.82 35.53
N LEU B 428 -14.52 9.56 34.44
CA LEU B 428 -13.84 9.08 33.24
C LEU B 428 -12.86 10.13 32.74
N ALA B 429 -11.63 9.69 32.46
CA ALA B 429 -10.60 10.59 31.95
C ALA B 429 -9.63 9.84 31.04
N ILE B 430 -9.04 10.57 30.11
CA ILE B 430 -7.88 10.13 29.33
C ILE B 430 -6.85 11.24 29.37
N ALA B 431 -5.56 10.86 29.46
CA ALA B 431 -4.46 11.81 29.40
C ALA B 431 -3.66 11.68 28.12
N THR B 432 -3.37 12.83 27.49
CA THR B 432 -2.59 12.92 26.26
C THR B 432 -1.49 13.95 26.44
N THR B 433 -0.31 13.65 25.91
CA THR B 433 0.79 14.61 25.86
C THR B 433 0.62 15.70 24.81
N GLY B 434 -0.40 15.61 23.96
CA GLY B 434 -0.56 16.52 22.84
C GLY B 434 0.41 16.21 21.72
N ARG B 435 1.61 16.78 21.73
CA ARG B 435 2.68 16.22 20.92
C ARG B 435 2.96 14.79 21.35
N GLY B 436 2.98 13.89 20.38
CA GLY B 436 2.92 12.46 20.65
C GLY B 436 1.58 11.81 20.42
N SER B 437 0.53 12.55 20.09
CA SER B 437 -0.67 11.94 19.53
C SER B 437 -0.37 11.55 18.08
N SER B 438 0.24 10.37 17.93
CA SER B 438 0.83 9.95 16.66
C SER B 438 -0.18 9.50 15.61
N GLY B 439 -1.46 9.34 15.95
CA GLY B 439 -2.50 9.15 14.95
C GLY B 439 -2.86 10.43 14.24
N VAL B 440 -4.13 10.49 13.80
CA VAL B 440 -4.65 11.76 13.31
C VAL B 440 -4.56 12.77 14.43
N GLY B 441 -4.85 12.33 15.64
CA GLY B 441 -4.67 13.11 16.84
C GLY B 441 -5.27 12.38 18.01
N LEU B 442 -5.76 13.15 18.98
CA LEU B 442 -6.57 12.62 20.04
C LEU B 442 -7.99 12.26 19.60
N THR B 443 -8.40 12.65 18.39
CA THR B 443 -9.79 12.51 17.94
C THR B 443 -10.00 11.40 16.91
N ALA B 444 -9.53 11.57 15.70
CA ALA B 444 -9.82 10.70 14.57
C ALA B 444 -8.72 9.66 14.39
N ALA B 445 -8.90 8.78 13.41
CA ALA B 445 -8.04 7.61 13.27
C ALA B 445 -7.96 7.21 11.82
N VAL B 446 -6.97 6.36 11.52
CA VAL B 446 -6.86 5.68 10.23
C VAL B 446 -7.84 4.51 10.17
N THR B 447 -8.12 4.05 8.94
CA THR B 447 -9.33 3.31 8.62
C THR B 447 -9.03 2.42 7.42
N THR B 448 -8.79 1.13 7.69
CA THR B 448 -8.54 0.16 6.63
C THR B 448 -8.76 -1.23 7.23
N ASP B 449 -8.83 -2.23 6.36
CA ASP B 449 -9.11 -3.58 6.83
C ASP B 449 -8.57 -4.63 5.88
N ARG B 450 -8.38 -5.84 6.43
CA ARG B 450 -8.10 -7.06 5.69
C ARG B 450 -9.16 -8.14 5.91
N GLU B 451 -9.92 -8.05 7.00
CA GLU B 451 -10.98 -8.99 7.33
C GLU B 451 -12.11 -8.90 6.30
N THR B 452 -13.03 -9.86 6.43
CA THR B 452 -14.18 -10.10 5.57
C THR B 452 -14.96 -8.87 5.13
N GLY B 453 -15.02 -7.84 5.97
CA GLY B 453 -15.80 -6.66 5.64
C GLY B 453 -15.06 -5.61 4.83
N GLU B 454 -13.72 -5.69 4.80
CA GLU B 454 -12.85 -4.79 4.03
C GLU B 454 -13.03 -3.30 4.36
N ARG B 455 -13.63 -2.95 5.51
CA ARG B 455 -13.35 -1.67 6.15
C ARG B 455 -13.62 -1.76 7.64
N ARG B 456 -13.00 -0.85 8.38
CA ARG B 456 -13.29 -0.68 9.80
C ARG B 456 -12.94 0.73 10.24
N LEU B 457 -13.46 1.10 11.40
CA LEU B 457 -13.26 2.38 12.05
C LEU B 457 -12.68 2.16 13.45
N GLU B 458 -11.86 3.12 13.90
CA GLU B 458 -11.44 3.15 15.30
C GLU B 458 -11.40 4.59 15.76
N ALA B 459 -11.55 4.79 17.06
CA ALA B 459 -11.75 6.10 17.65
C ALA B 459 -10.55 6.60 18.44
N GLY B 460 -10.22 7.87 18.25
CA GLY B 460 -9.25 8.56 19.07
C GLY B 460 -9.72 8.82 20.49
N ALA B 461 -8.76 9.29 21.29
CA ALA B 461 -8.94 9.48 22.72
C ALA B 461 -10.15 10.35 23.04
N MET B 462 -10.32 11.45 22.31
CA MET B 462 -11.39 12.40 22.56
C MET B 462 -12.75 11.88 22.14
N VAL B 463 -12.80 11.04 21.11
CA VAL B 463 -14.06 10.39 20.77
C VAL B 463 -14.39 9.32 21.80
N LEU B 464 -13.37 8.68 22.37
CA LEU B 464 -13.59 7.72 23.43
C LEU B 464 -14.02 8.37 24.73
N ALA B 465 -13.39 9.49 25.10
CA ALA B 465 -13.84 10.27 26.25
C ALA B 465 -15.09 11.10 26.04
N ASP B 466 -16.22 10.49 25.69
CA ASP B 466 -17.27 11.22 24.99
C ASP B 466 -18.04 12.16 25.91
N ARG B 467 -17.92 11.99 27.24
CA ARG B 467 -18.66 12.79 28.21
C ARG B 467 -17.75 13.35 29.31
N GLY B 468 -16.67 12.64 29.62
CA GLY B 468 -15.86 12.98 30.78
C GLY B 468 -14.77 14.01 30.58
N VAL B 469 -13.55 13.59 30.88
CA VAL B 469 -12.41 14.49 30.98
C VAL B 469 -11.32 14.08 30.01
N VAL B 470 -10.58 15.08 29.52
CA VAL B 470 -9.31 14.86 28.85
C VAL B 470 -8.28 15.73 29.56
N CYS B 471 -7.14 15.14 29.91
CA CYS B 471 -6.01 15.88 30.45
C CYS B 471 -5.02 16.15 29.32
N ILE B 472 -4.91 17.42 28.91
CA ILE B 472 -3.93 17.84 27.92
C ILE B 472 -2.86 18.67 28.61
N ASP B 473 -1.60 18.31 28.38
CA ASP B 473 -0.47 18.95 29.02
C ASP B 473 0.62 19.18 27.99
N GLU B 474 1.51 20.12 28.30
CA GLU B 474 2.46 20.66 27.32
C GLU B 474 1.73 21.19 26.08
N PHE B 475 0.63 21.91 26.34
CA PHE B 475 -0.41 22.15 25.35
C PHE B 475 0.11 22.87 24.12
N ASP B 476 1.01 23.84 24.31
CA ASP B 476 1.56 24.62 23.20
C ASP B 476 2.68 23.92 22.44
N LYS B 477 3.11 22.74 22.86
CA LYS B 477 3.85 21.85 21.97
C LYS B 477 2.95 21.28 20.89
N MET B 478 1.70 21.01 21.24
CA MET B 478 0.80 20.32 20.32
C MET B 478 0.51 21.21 19.12
N THR B 479 0.75 20.65 17.93
CA THR B 479 0.80 21.43 16.70
C THR B 479 -0.58 21.88 16.22
N ASP B 480 -0.55 22.87 15.33
CA ASP B 480 -1.69 23.43 14.62
C ASP B 480 -2.67 22.40 14.06
N VAL B 481 -2.14 21.26 13.60
CA VAL B 481 -2.97 20.19 13.06
C VAL B 481 -4.02 19.73 14.05
N ASP B 482 -3.70 19.75 15.34
CA ASP B 482 -4.67 19.48 16.39
C ASP B 482 -5.43 20.72 16.84
N ARG B 483 -4.74 21.86 16.94
CA ARG B 483 -5.37 23.07 17.47
C ARG B 483 -6.57 23.48 16.63
N VAL B 484 -6.45 23.43 15.31
CA VAL B 484 -7.56 23.77 14.42
C VAL B 484 -8.65 22.71 14.47
N ALA B 485 -8.31 21.49 14.84
CA ALA B 485 -9.31 20.45 15.09
C ALA B 485 -10.05 20.69 16.39
N ILE B 486 -9.38 21.24 17.38
CA ILE B 486 -10.03 21.61 18.63
C ILE B 486 -11.00 22.78 18.43
N HIS B 487 -10.62 23.78 17.63
CA HIS B 487 -11.58 24.83 17.25
C HIS B 487 -12.85 24.27 16.65
N GLU B 488 -12.78 23.12 15.98
CA GLU B 488 -14.00 22.45 15.54
C GLU B 488 -14.77 21.94 16.75
N VAL B 489 -14.06 21.35 17.70
CA VAL B 489 -14.71 20.66 18.80
C VAL B 489 -15.36 21.65 19.75
N MET B 490 -14.55 22.55 20.31
CA MET B 490 -14.80 23.14 21.62
C MET B 490 -16.24 23.56 21.88
N GLU B 491 -16.82 24.36 20.98
CA GLU B 491 -18.20 24.82 21.12
C GLU B 491 -19.20 24.15 20.20
N GLN B 492 -18.78 23.19 19.39
CA GLN B 492 -19.70 22.40 18.61
C GLN B 492 -19.79 20.96 19.10
N GLN B 493 -18.73 20.47 19.72
CA GLN B 493 -18.65 19.10 20.24
C GLN B 493 -18.99 18.05 19.19
N THR B 494 -18.76 18.38 17.92
CA THR B 494 -18.81 17.42 16.83
C THR B 494 -17.50 17.37 16.07
N VAL B 495 -17.24 16.21 15.47
CA VAL B 495 -16.03 15.94 14.71
C VAL B 495 -16.49 15.52 13.33
N THR B 496 -15.81 16.02 12.30
CA THR B 496 -16.06 15.60 10.94
C THR B 496 -14.77 15.15 10.29
N ILE B 497 -14.89 14.13 9.45
CA ILE B 497 -13.82 13.65 8.59
C ILE B 497 -14.42 13.31 7.25
N ALA B 498 -13.57 13.31 6.22
CA ALA B 498 -14.00 13.17 4.84
C ALA B 498 -12.91 12.41 4.09
N LYS B 499 -12.64 11.19 4.54
CA LYS B 499 -11.68 10.31 3.89
C LYS B 499 -12.27 9.82 2.57
N ALA B 500 -11.57 8.86 1.95
CA ALA B 500 -12.04 8.27 0.70
C ALA B 500 -13.44 7.68 0.84
N GLY B 501 -13.67 6.89 1.88
CA GLY B 501 -14.96 6.24 2.05
C GLY B 501 -15.90 6.90 3.04
N ILE B 502 -15.34 7.53 4.08
CA ILE B 502 -16.11 7.99 5.23
C ILE B 502 -16.26 9.49 5.18
N HIS B 503 -17.49 9.96 5.34
CA HIS B 503 -17.89 11.34 5.12
C HIS B 503 -18.90 11.75 6.18
N THR B 504 -18.62 11.43 7.45
CA THR B 504 -19.66 11.44 8.48
C THR B 504 -19.17 12.06 9.78
N THR B 505 -20.16 12.37 10.61
CA THR B 505 -20.05 13.16 11.82
C THR B 505 -20.18 12.30 13.06
N LEU B 506 -19.28 12.50 14.02
CA LEU B 506 -19.26 11.73 15.24
C LEU B 506 -19.02 12.68 16.41
N ASN B 507 -19.64 12.34 17.54
CA ASN B 507 -19.74 13.23 18.69
C ASN B 507 -18.50 13.19 19.58
N ALA B 508 -18.33 14.29 20.32
CA ALA B 508 -17.23 14.44 21.25
C ALA B 508 -17.58 15.44 22.35
N ARG B 509 -18.66 15.15 23.08
CA ARG B 509 -19.25 16.05 24.07
C ARG B 509 -18.45 15.99 25.37
N CYS B 510 -17.18 16.38 25.29
CA CYS B 510 -16.24 16.22 26.38
C CYS B 510 -15.39 17.44 26.70
N SER B 511 -14.80 17.36 27.89
CA SER B 511 -14.23 18.49 28.62
C SER B 511 -12.71 18.36 28.74
N VAL B 512 -12.03 19.50 28.82
CA VAL B 512 -10.60 19.59 28.59
C VAL B 512 -9.94 20.39 29.71
N ILE B 513 -8.79 19.91 30.21
CA ILE B 513 -7.81 20.75 30.88
C ILE B 513 -6.62 20.93 29.97
N ALA B 514 -6.18 22.18 29.80
CA ALA B 514 -4.93 22.51 29.13
C ALA B 514 -3.88 22.93 30.15
N ALA B 515 -2.65 22.48 29.96
CA ALA B 515 -1.51 22.94 30.75
C ALA B 515 -0.42 23.40 29.80
N ALA B 516 0.14 24.58 30.07
CA ALA B 516 1.04 25.26 29.14
C ALA B 516 2.18 25.92 29.87
N ASN B 517 3.19 26.32 29.11
CA ASN B 517 4.39 26.97 29.61
C ASN B 517 4.63 28.30 28.91
N PRO B 518 5.09 29.33 29.62
CA PRO B 518 5.41 30.60 28.94
C PRO B 518 6.65 30.44 28.07
N VAL B 519 6.51 30.78 26.78
CA VAL B 519 7.56 30.52 25.79
C VAL B 519 8.90 31.11 26.21
N PHE B 520 8.90 32.26 26.87
CA PHE B 520 10.18 32.83 27.34
C PHE B 520 10.78 32.05 28.53
N GLY B 521 10.31 30.89 28.94
CA GLY B 521 10.88 30.16 30.06
C GLY B 521 10.39 30.64 31.41
N GLN B 522 10.06 31.93 31.54
CA GLN B 522 9.45 32.44 32.75
C GLN B 522 8.71 33.72 32.43
N TYR B 523 7.79 34.08 33.32
CA TYR B 523 6.92 35.25 33.14
C TYR B 523 6.86 36.03 34.45
N ASP B 524 6.65 37.35 34.34
CA ASP B 524 6.22 38.13 35.48
C ASP B 524 5.39 39.31 35.00
N VAL B 525 4.47 39.76 35.85
CA VAL B 525 3.38 40.64 35.43
C VAL B 525 3.85 42.02 35.00
N ASN B 526 5.13 42.34 35.19
CA ASN B 526 5.71 43.56 34.64
C ASN B 526 6.01 43.44 33.16
N ARG B 527 5.86 42.24 32.59
CA ARG B 527 6.02 42.00 31.17
C ARG B 527 4.61 41.81 30.62
N ASP B 528 4.32 42.47 29.49
CA ASP B 528 2.95 42.61 29.02
C ASP B 528 2.26 41.25 28.87
N PRO B 529 1.00 41.11 29.25
CA PRO B 529 0.51 39.80 29.72
C PRO B 529 -0.14 38.93 28.64
N HIS B 530 -0.11 39.37 27.39
CA HIS B 530 -0.73 38.66 26.27
C HIS B 530 0.28 37.77 25.56
N GLN B 531 1.43 38.35 25.23
CA GLN B 531 2.40 37.71 24.35
C GLN B 531 2.98 36.46 24.98
N ASN B 532 3.09 36.44 26.31
CA ASN B 532 3.46 35.24 27.03
C ASN B 532 2.52 34.06 26.78
N ILE B 533 1.27 34.31 26.35
CA ILE B 533 0.37 33.19 26.14
C ILE B 533 0.70 32.42 24.86
N ALA B 534 1.24 33.10 23.85
CA ALA B 534 1.80 32.43 22.66
C ALA B 534 0.84 31.45 21.98
N LEU B 535 -0.43 31.85 21.83
CA LEU B 535 -1.41 31.02 21.15
C LEU B 535 -2.36 31.92 20.38
N PRO B 536 -3.02 31.40 19.34
CA PRO B 536 -3.98 32.24 18.60
C PRO B 536 -5.11 32.71 19.51
N ASP B 537 -5.50 33.96 19.30
CA ASP B 537 -6.48 34.63 20.14
C ASP B 537 -7.80 33.87 20.24
N SER B 538 -8.16 33.10 19.21
CA SER B 538 -9.37 32.30 19.31
C SER B 538 -9.27 31.19 20.34
N LEU B 539 -8.12 30.53 20.47
CA LEU B 539 -7.97 29.56 21.55
C LEU B 539 -8.06 30.22 22.91
N LEU B 540 -7.51 31.43 23.04
CA LEU B 540 -7.65 32.14 24.30
C LEU B 540 -9.11 32.50 24.57
N SER B 541 -9.94 32.52 23.52
CA SER B 541 -11.40 32.53 23.68
C SER B 541 -12.01 31.15 23.87
N ARG B 542 -11.55 30.16 23.10
CA ARG B 542 -12.17 28.82 23.13
C ARG B 542 -12.11 28.22 24.52
N PHE B 543 -10.97 28.31 25.19
CA PHE B 543 -10.90 27.93 26.57
C PHE B 543 -11.56 29.02 27.41
N ASP B 544 -12.29 28.60 28.44
CA ASP B 544 -13.26 29.43 29.12
C ASP B 544 -12.65 30.19 30.29
N LEU B 545 -11.84 29.52 31.09
CA LEU B 545 -11.10 30.16 32.16
C LEU B 545 -9.62 29.96 31.93
N LEU B 546 -8.89 31.07 31.86
CA LEU B 546 -7.44 31.07 31.78
C LEU B 546 -6.91 31.61 33.11
N PHE B 547 -6.12 30.78 33.78
CA PHE B 547 -5.55 31.09 35.08
C PHE B 547 -4.05 31.26 34.93
N VAL B 548 -3.52 32.36 35.47
CA VAL B 548 -2.10 32.65 35.41
C VAL B 548 -1.55 32.50 36.82
N VAL B 549 -0.58 31.60 36.95
CA VAL B 549 0.03 31.20 38.21
C VAL B 549 1.43 31.78 38.25
N THR B 550 1.78 32.43 39.36
CA THR B 550 3.00 33.20 39.46
C THR B 550 3.85 32.64 40.58
N ASP B 551 5.15 32.65 40.35
CA ASP B 551 6.17 32.39 41.36
C ASP B 551 7.41 33.21 41.01
N ASP B 552 7.25 34.53 40.94
CA ASP B 552 8.38 35.40 41.23
C ASP B 552 8.61 35.35 42.73
N ILE B 553 9.79 34.86 43.11
CA ILE B 553 9.96 34.31 44.46
C ILE B 553 9.83 35.39 45.54
N ASN B 554 9.55 34.94 46.76
CA ASN B 554 9.42 35.82 47.92
C ASN B 554 10.05 35.09 49.11
N GLU B 555 9.65 35.45 50.34
CA GLU B 555 9.92 34.66 51.54
C GLU B 555 8.70 34.40 52.42
N ILE B 556 7.79 35.38 52.53
CA ILE B 556 6.72 35.35 53.54
C ILE B 556 5.80 34.16 53.33
N ARG B 557 5.20 34.05 52.15
CA ARG B 557 4.40 32.87 51.86
C ARG B 557 5.30 31.65 51.75
N ASP B 558 6.47 31.83 51.13
CA ASP B 558 7.44 30.74 50.93
C ASP B 558 7.91 30.14 52.25
N ARG B 559 7.74 30.85 53.37
CA ARG B 559 8.18 30.35 54.67
C ARG B 559 7.44 29.07 55.05
N SER B 560 6.11 29.09 54.96
CA SER B 560 5.29 28.01 55.50
C SER B 560 5.51 26.72 54.72
N ILE B 561 5.91 26.85 53.45
CA ILE B 561 5.90 25.76 52.48
C ILE B 561 6.74 24.57 52.94
N SER B 562 7.89 24.85 53.57
CA SER B 562 8.78 23.78 54.01
C SER B 562 8.09 22.83 54.98
N GLU B 563 7.42 23.37 55.99
CA GLU B 563 6.79 22.50 56.98
C GLU B 563 5.60 21.77 56.39
N HIS B 564 4.90 22.39 55.45
CA HIS B 564 3.82 21.71 54.75
C HIS B 564 4.33 20.57 53.88
N VAL B 565 5.42 20.77 53.16
CA VAL B 565 6.02 19.67 52.41
C VAL B 565 6.58 18.60 53.33
N LEU B 566 7.28 19.02 54.39
CA LEU B 566 7.75 18.04 55.37
C LEU B 566 6.59 17.29 56.02
N ARG B 567 5.53 18.01 56.38
CA ARG B 567 4.33 17.33 56.84
C ARG B 567 3.73 16.44 55.77
N THR B 568 3.91 16.80 54.50
CA THR B 568 3.38 16.01 53.40
C THR B 568 4.22 14.79 53.06
N HIS B 569 5.53 14.82 53.35
CA HIS B 569 6.30 13.59 53.33
C HIS B 569 6.09 12.76 54.58
N ARG B 570 6.07 13.39 55.75
CA ARG B 570 5.60 12.71 56.95
C ARG B 570 4.08 12.70 57.05
N VAL B 651 -14.99 15.10 52.64
CA VAL B 651 -13.56 15.49 52.52
C VAL B 651 -12.88 14.50 51.58
N THR B 652 -12.81 13.24 51.98
CA THR B 652 -11.85 12.37 51.35
C THR B 652 -12.31 11.86 49.99
N ILE B 653 -11.31 11.46 49.21
CA ILE B 653 -11.36 11.11 47.79
C ILE B 653 -12.52 10.18 47.44
N PRO B 654 -12.71 9.05 48.13
CA PRO B 654 -13.75 8.10 47.71
C PRO B 654 -15.18 8.59 47.82
N PHE B 655 -15.46 9.53 48.71
CA PHE B 655 -16.79 10.13 48.74
C PHE B 655 -17.03 11.09 47.59
N LEU B 656 -16.02 11.85 47.18
CA LEU B 656 -16.20 12.80 46.07
C LEU B 656 -16.76 12.14 44.81
N ARG B 657 -16.23 10.99 44.41
CA ARG B 657 -16.79 10.28 43.25
C ARG B 657 -18.28 10.00 43.38
N LYS B 658 -18.69 9.52 44.57
CA LYS B 658 -20.09 9.22 44.82
C LYS B 658 -20.92 10.47 45.02
N TYR B 659 -20.31 11.54 45.50
CA TYR B 659 -20.94 12.83 45.55
C TYR B 659 -21.20 13.43 44.18
N VAL B 660 -20.20 13.35 43.29
CA VAL B 660 -20.32 13.88 41.94
C VAL B 660 -21.33 13.14 41.06
N GLN B 661 -21.26 11.80 41.02
CA GLN B 661 -22.15 11.06 40.13
C GLN B 661 -23.64 11.15 40.49
N TYR B 662 -24.00 11.15 41.78
CA TYR B 662 -25.42 11.37 42.08
C TYR B 662 -25.86 12.78 41.75
N ALA B 663 -25.00 13.75 42.01
CA ALA B 663 -25.25 15.11 41.59
C ALA B 663 -25.38 15.23 40.07
N LYS B 664 -24.45 14.62 39.34
CA LYS B 664 -24.53 14.60 37.88
C LYS B 664 -25.79 13.92 37.35
N GLU B 665 -26.18 12.79 37.93
CA GLU B 665 -27.31 12.03 37.40
C GLU B 665 -28.66 12.68 37.70
N ARG B 666 -28.87 13.11 38.94
CA ARG B 666 -30.21 13.51 39.37
C ARG B 666 -30.54 14.98 39.12
N VAL B 667 -29.55 15.85 39.10
CA VAL B 667 -29.75 17.29 39.28
C VAL B 667 -29.55 17.99 37.94
N ILE B 668 -30.51 18.82 37.56
CA ILE B 668 -30.47 19.59 36.32
C ILE B 668 -31.00 21.01 36.54
N PRO B 669 -30.23 21.90 37.16
CA PRO B 669 -30.77 23.20 37.61
C PRO B 669 -31.24 24.06 36.46
N GLN B 670 -32.51 24.47 36.53
CA GLN B 670 -33.01 25.59 35.76
C GLN B 670 -32.48 26.90 36.34
N LEU B 671 -32.37 27.90 35.47
CA LEU B 671 -32.02 29.23 35.92
C LEU B 671 -33.11 29.83 36.83
N THR B 672 -32.72 30.90 37.52
CA THR B 672 -33.61 31.68 38.35
C THR B 672 -33.32 33.16 38.16
N GLN B 673 -34.39 33.95 38.15
CA GLN B 673 -34.29 35.40 37.94
C GLN B 673 -33.42 36.08 38.99
N GLU B 674 -33.33 35.53 40.19
CA GLU B 674 -32.43 36.08 41.21
C GLU B 674 -30.96 36.05 40.80
N ALA B 675 -30.59 35.29 39.76
CA ALA B 675 -29.23 35.18 39.30
C ALA B 675 -29.04 35.54 37.83
N ILE B 676 -30.11 35.53 37.03
CA ILE B 676 -30.05 35.93 35.63
C ILE B 676 -29.64 37.40 35.46
N ASN B 677 -29.96 38.25 36.42
CA ASN B 677 -29.55 39.65 36.34
C ASN B 677 -28.06 39.83 36.59
N VAL B 678 -27.50 39.06 37.53
CA VAL B 678 -26.08 39.19 37.89
C VAL B 678 -25.19 38.97 36.68
N ILE B 679 -25.45 37.91 35.93
CA ILE B 679 -24.66 37.59 34.73
C ILE B 679 -24.78 38.67 33.67
N VAL B 680 -25.87 39.44 33.68
CA VAL B 680 -25.96 40.60 32.78
C VAL B 680 -25.17 41.79 33.31
N LYS B 681 -25.28 42.07 34.61
CA LYS B 681 -24.55 43.19 35.20
C LYS B 681 -23.05 43.08 35.00
N ASN B 682 -22.48 41.92 35.34
CA ASN B 682 -21.03 41.74 35.32
C ASN B 682 -20.49 41.68 33.90
N TYR B 683 -21.07 40.81 33.06
CA TYR B 683 -20.68 40.69 31.65
C TYR B 683 -20.71 42.03 30.91
N THR B 684 -21.76 42.81 31.13
CA THR B 684 -21.89 44.10 30.47
C THR B 684 -20.91 45.14 31.01
N ASP B 685 -20.52 45.03 32.27
CA ASP B 685 -19.48 45.91 32.82
C ASP B 685 -18.09 45.56 32.31
N LEU B 686 -17.71 44.29 32.31
CA LEU B 686 -16.37 43.92 31.88
C LEU B 686 -16.08 44.31 30.43
N ARG B 687 -17.08 44.26 29.57
CA ARG B 687 -16.93 44.76 28.20
C ARG B 687 -16.71 46.25 28.11
N ASN B 688 -17.13 47.03 29.11
CA ASN B 688 -16.69 48.41 29.20
C ASN B 688 -15.29 48.51 29.80
N ASP B 689 -15.06 47.78 30.90
CA ASP B 689 -13.81 47.88 31.63
C ASP B 689 -12.69 47.11 30.94
N ASP B 690 -12.83 45.78 30.85
CA ASP B 690 -11.72 44.93 30.43
C ASP B 690 -11.29 45.18 28.99
N ASN B 691 -12.20 45.60 28.12
CA ASN B 691 -11.77 46.07 26.80
C ASN B 691 -10.96 47.37 26.87
N THR B 692 -10.90 48.01 28.04
CA THR B 692 -9.98 49.10 28.34
C THR B 692 -8.84 48.64 29.24
N LYS B 693 -8.74 47.34 29.53
CA LYS B 693 -7.74 46.78 30.43
C LYS B 693 -7.19 45.48 29.84
N LYS B 694 -6.78 44.54 30.70
CA LYS B 694 -5.82 43.49 30.40
C LYS B 694 -6.34 42.29 29.60
N SER B 695 -7.64 42.15 29.33
CA SER B 695 -8.13 40.91 28.74
C SER B 695 -9.32 41.10 27.79
N PRO B 696 -9.52 40.17 26.83
CA PRO B 696 -10.66 40.27 25.91
C PRO B 696 -11.92 39.69 26.53
N ILE B 697 -13.07 40.28 26.16
CA ILE B 697 -14.38 39.79 26.58
C ILE B 697 -15.31 39.64 25.39
N THR B 698 -15.98 38.48 25.31
CA THR B 698 -16.78 38.08 24.17
C THR B 698 -18.04 37.36 24.64
N ALA B 699 -19.02 37.27 23.73
CA ALA B 699 -20.30 36.62 23.99
C ALA B 699 -20.12 35.15 24.37
N ARG B 700 -18.98 34.59 24.00
CA ARG B 700 -18.57 33.29 24.51
C ARG B 700 -18.48 33.29 26.03
N THR B 701 -17.94 34.35 26.62
CA THR B 701 -17.80 34.43 28.07
C THR B 701 -19.09 34.84 28.78
N LEU B 702 -20.17 35.07 28.06
CA LEU B 702 -21.47 35.14 28.70
C LEU B 702 -21.92 33.77 29.17
N GLU B 703 -21.87 32.79 28.29
CA GLU B 703 -22.37 31.47 28.61
C GLU B 703 -21.54 30.80 29.69
N THR B 704 -20.24 31.08 29.74
CA THR B 704 -19.41 30.53 30.80
C THR B 704 -19.88 30.96 32.17
N LEU B 705 -20.57 32.10 32.26
CA LEU B 705 -21.18 32.51 33.53
C LEU B 705 -22.35 31.61 33.90
N ILE B 706 -23.16 31.27 32.90
CA ILE B 706 -24.28 30.34 33.10
C ILE B 706 -23.80 28.97 33.57
N ARG B 707 -22.83 28.38 32.87
CA ARG B 707 -22.32 27.06 33.23
C ARG B 707 -21.78 27.03 34.65
N LEU B 708 -20.94 27.99 35.00
CA LEU B 708 -20.35 28.03 36.32
C LEU B 708 -21.41 28.22 37.41
N ALA B 709 -22.39 29.08 37.16
CA ALA B 709 -23.52 29.19 38.09
C ALA B 709 -24.25 27.86 38.21
N THR B 710 -24.55 27.24 37.08
CA THR B 710 -25.22 25.95 37.05
C THR B 710 -24.43 24.86 37.76
N ALA B 711 -23.11 24.84 37.59
CA ALA B 711 -22.27 23.91 38.31
C ALA B 711 -22.34 24.08 39.82
N HIS B 712 -22.28 25.32 40.31
CA HIS B 712 -22.36 25.52 41.76
C HIS B 712 -23.71 25.12 42.32
N ALA B 713 -24.79 25.39 41.59
CA ALA B 713 -26.08 24.86 41.98
C ALA B 713 -26.09 23.34 42.07
N LYS B 714 -25.34 22.67 41.18
CA LYS B 714 -25.17 21.23 41.32
C LYS B 714 -24.40 20.86 42.58
N VAL B 715 -23.44 21.69 42.99
CA VAL B 715 -22.77 21.48 44.27
C VAL B 715 -23.75 21.62 45.42
N ARG B 716 -24.66 22.60 45.32
CA ARG B 716 -25.76 22.72 46.25
C ARG B 716 -26.79 21.59 46.12
N LEU B 717 -26.73 20.80 45.04
CA LEU B 717 -27.82 19.93 44.61
C LEU B 717 -29.12 20.71 44.46
N SER B 718 -29.00 21.97 44.09
CA SER B 718 -30.16 22.83 44.02
C SER B 718 -31.07 22.46 42.87
N LYS B 719 -32.37 22.35 43.16
CA LYS B 719 -33.33 22.10 42.11
C LYS B 719 -33.39 23.26 41.14
N THR B 720 -33.00 24.47 41.58
CA THR B 720 -32.91 25.65 40.74
C THR B 720 -31.71 26.50 41.15
N VAL B 721 -31.28 27.33 40.19
CA VAL B 721 -30.20 28.29 40.42
C VAL B 721 -30.61 29.35 41.45
N ASN B 722 -29.63 29.85 42.19
CA ASN B 722 -29.82 30.98 43.10
C ASN B 722 -28.70 32.00 42.93
N LYS B 723 -29.00 33.22 43.39
CA LYS B 723 -28.13 34.39 43.19
C LYS B 723 -26.69 34.18 43.65
N VAL B 724 -26.53 33.44 44.76
CA VAL B 724 -25.22 33.10 45.31
C VAL B 724 -24.30 32.44 44.29
N ASP B 725 -24.86 31.58 43.44
CA ASP B 725 -24.07 30.91 42.42
C ASP B 725 -23.48 31.88 41.39
N ALA B 726 -24.22 32.91 41.01
CA ALA B 726 -23.67 33.92 40.11
C ALA B 726 -22.58 34.76 40.76
N LYS B 727 -22.74 35.12 42.03
CA LYS B 727 -21.67 35.80 42.76
C LYS B 727 -20.40 34.95 42.84
N VAL B 728 -20.54 33.63 42.91
CA VAL B 728 -19.38 32.74 42.81
C VAL B 728 -18.78 32.74 41.41
N ALA B 729 -19.63 32.68 40.38
CA ALA B 729 -19.16 32.76 39.00
C ALA B 729 -18.35 34.03 38.74
N ALA B 730 -18.84 35.17 39.21
CA ALA B 730 -18.07 36.41 39.15
C ALA B 730 -16.73 36.31 39.86
N ASN B 731 -16.71 35.81 41.09
CA ASN B 731 -15.49 35.71 41.87
C ASN B 731 -14.39 34.92 41.16
N LEU B 732 -14.73 33.76 40.59
CA LEU B 732 -13.74 32.98 39.87
C LEU B 732 -13.15 33.72 38.68
N LEU B 733 -13.96 34.46 37.94
CA LEU B 733 -13.45 35.30 36.87
C LEU B 733 -12.69 36.54 37.35
N ARG B 734 -13.04 37.12 38.49
CA ARG B 734 -12.22 38.18 39.06
C ARG B 734 -10.79 37.71 39.34
N PHE B 735 -10.65 36.54 39.96
CA PHE B 735 -9.32 35.96 40.17
C PHE B 735 -8.65 35.59 38.85
N ALA B 736 -9.37 34.96 37.93
CA ALA B 736 -8.79 34.56 36.66
C ALA B 736 -8.39 35.71 35.76
N LEU B 737 -9.10 36.84 35.82
CA LEU B 737 -8.78 37.94 34.93
C LEU B 737 -7.74 38.89 35.49
N LEU B 738 -7.90 39.30 36.75
CA LEU B 738 -7.03 40.30 37.34
C LEU B 738 -5.77 39.66 37.94
N LEU C 177 -52.17 -14.27 -41.53
CA LEU C 177 -51.33 -13.53 -40.55
C LEU C 177 -50.32 -14.44 -39.89
N ARG C 178 -49.06 -13.99 -39.88
CA ARG C 178 -47.96 -14.71 -39.27
C ARG C 178 -47.34 -13.77 -38.25
N ILE C 179 -46.81 -14.33 -37.15
CA ILE C 179 -46.15 -13.52 -36.14
C ILE C 179 -45.03 -14.30 -35.47
N ILE C 180 -43.98 -13.58 -35.09
CA ILE C 180 -42.87 -14.15 -34.33
C ILE C 180 -43.30 -14.30 -32.87
N TRP C 181 -42.80 -15.34 -32.21
CA TRP C 181 -43.09 -15.52 -30.79
C TRP C 181 -42.56 -14.34 -29.96
N GLY C 182 -43.32 -13.98 -28.93
CA GLY C 182 -42.96 -12.90 -28.04
C GLY C 182 -42.89 -11.54 -28.69
N THR C 183 -43.49 -11.37 -29.87
CA THR C 183 -43.09 -10.31 -30.77
C THR C 183 -44.33 -9.86 -31.54
N ASN C 184 -44.28 -8.63 -32.06
CA ASN C 184 -45.37 -8.01 -32.79
C ASN C 184 -45.07 -7.86 -34.27
N VAL C 185 -44.11 -8.64 -34.78
CA VAL C 185 -43.55 -8.45 -36.10
C VAL C 185 -44.06 -9.49 -37.08
N SER C 186 -44.58 -9.02 -38.20
CA SER C 186 -44.96 -9.85 -39.33
C SER C 186 -43.92 -9.59 -40.42
N ILE C 187 -43.29 -10.68 -40.90
CA ILE C 187 -42.15 -10.55 -41.80
C ILE C 187 -42.56 -9.89 -43.10
N GLN C 188 -43.50 -10.52 -43.80
CA GLN C 188 -43.92 -10.02 -45.11
C GLN C 188 -44.60 -8.67 -45.01
N GLU C 189 -45.37 -8.43 -43.94
CA GLU C 189 -46.02 -7.14 -43.81
C GLU C 189 -45.01 -6.02 -43.57
N CYS C 190 -43.97 -6.29 -42.79
CA CYS C 190 -42.89 -5.32 -42.65
C CYS C 190 -42.07 -5.21 -43.92
N THR C 191 -41.87 -6.35 -44.59
CA THR C 191 -41.12 -6.39 -45.84
C THR C 191 -41.70 -5.44 -46.88
N THR C 192 -43.00 -5.57 -47.14
CA THR C 192 -43.66 -4.69 -48.11
C THR C 192 -43.74 -3.26 -47.60
N ASN C 193 -43.90 -3.07 -46.29
CA ASN C 193 -44.01 -1.73 -45.74
C ASN C 193 -42.68 -0.99 -45.84
N PHE C 194 -41.57 -1.69 -45.62
CA PHE C 194 -40.26 -1.09 -45.83
C PHE C 194 -39.98 -0.76 -47.29
N ARG C 195 -40.28 -1.68 -48.21
CA ARG C 195 -40.19 -1.36 -49.64
C ARG C 195 -41.04 -0.16 -50.03
N ASN C 196 -42.30 -0.11 -49.55
CA ASN C 196 -43.18 1.02 -49.86
C ASN C 196 -42.55 2.35 -49.44
N PHE C 197 -41.90 2.36 -48.29
CA PHE C 197 -41.09 3.50 -47.88
C PHE C 197 -39.84 3.67 -48.74
N LEU C 198 -39.11 2.58 -48.97
CA LEU C 198 -37.85 2.66 -49.68
C LEU C 198 -38.00 3.15 -51.12
N MET C 199 -39.14 2.89 -51.76
CA MET C 199 -39.43 3.40 -53.10
C MET C 199 -40.28 4.66 -53.09
N SER C 200 -40.52 5.27 -51.94
CA SER C 200 -41.23 6.54 -51.88
C SER C 200 -40.89 7.30 -50.61
N PHE C 201 -39.76 8.00 -50.61
CA PHE C 201 -39.45 8.98 -49.58
C PHE C 201 -38.80 10.21 -50.17
N LYS C 202 -39.26 11.40 -49.74
CA LYS C 202 -38.78 12.68 -50.25
C LYS C 202 -38.92 13.72 -49.14
N TYR C 203 -37.98 13.66 -48.20
CA TYR C 203 -37.74 14.70 -47.17
C TYR C 203 -39.01 15.16 -46.45
N LYS C 204 -40.01 14.28 -46.36
CA LYS C 204 -41.29 14.62 -45.74
C LYS C 204 -41.15 15.17 -44.31
N PHE C 205 -40.04 14.86 -43.63
CA PHE C 205 -39.76 15.45 -42.32
C PHE C 205 -39.71 16.97 -42.40
N ARG C 206 -39.13 17.52 -43.46
CA ARG C 206 -39.10 18.98 -43.61
C ARG C 206 -40.51 19.52 -43.70
N LYS C 207 -41.40 18.77 -44.35
CA LYS C 207 -42.80 19.15 -44.48
C LYS C 207 -43.55 18.98 -43.17
N ILE C 208 -43.31 17.86 -42.47
CA ILE C 208 -44.20 17.35 -41.43
C ILE C 208 -43.58 17.49 -40.04
N LEU C 209 -42.26 17.25 -39.92
CA LEU C 209 -41.66 16.94 -38.61
C LEU C 209 -41.85 18.10 -37.64
N ASP C 210 -41.43 19.29 -38.03
CA ASP C 210 -41.70 20.47 -37.23
C ASP C 210 -41.82 21.67 -38.17
N GLU C 211 -41.53 22.88 -37.72
CA GLU C 211 -41.80 24.09 -38.49
C GLU C 211 -40.68 24.43 -39.46
N ARG C 212 -39.91 23.43 -39.90
CA ARG C 212 -38.93 23.62 -40.95
C ARG C 212 -39.62 23.67 -42.31
N ASP C 221 -37.83 20.58 -53.63
CA ASP C 221 -36.50 20.59 -54.32
C ASP C 221 -36.01 19.18 -54.64
N GLU C 222 -35.71 18.39 -53.62
CA GLU C 222 -35.14 17.06 -53.82
C GLU C 222 -36.21 16.06 -54.26
N GLU C 223 -35.76 14.84 -54.57
CA GLU C 223 -36.66 13.77 -54.95
C GLU C 223 -35.93 12.44 -54.75
N LEU C 224 -36.70 11.34 -54.67
CA LEU C 224 -36.18 9.96 -54.65
C LEU C 224 -35.07 9.74 -53.61
N TYR C 225 -35.30 10.27 -52.41
CA TYR C 225 -34.24 10.67 -51.48
C TYR C 225 -33.25 9.54 -51.18
N TYR C 226 -33.73 8.29 -51.08
CA TYR C 226 -32.85 7.14 -50.89
C TYR C 226 -32.37 6.46 -52.17
N ILE C 227 -33.18 6.46 -53.23
CA ILE C 227 -32.81 5.78 -54.48
C ILE C 227 -31.51 6.34 -55.05
N LYS C 228 -31.27 7.64 -54.90
CA LYS C 228 -29.99 8.20 -55.31
C LYS C 228 -28.86 7.63 -54.46
N GLN C 229 -29.09 7.48 -53.17
CA GLN C 229 -28.07 6.94 -52.27
C GLN C 229 -27.89 5.44 -52.41
N LEU C 230 -28.91 4.71 -52.86
CA LEU C 230 -28.71 3.30 -53.21
C LEU C 230 -28.03 3.13 -54.56
N ASN C 231 -28.51 3.80 -55.59
CA ASN C 231 -27.77 3.70 -56.83
C ASN C 231 -26.39 4.37 -56.75
N GLU C 232 -26.16 5.24 -55.77
CA GLU C 232 -24.78 5.64 -55.42
C GLU C 232 -23.91 4.48 -54.93
N MET C 233 -24.46 3.58 -54.10
CA MET C 233 -23.59 2.69 -53.33
C MET C 233 -23.05 1.55 -54.18
N ARG C 234 -23.84 1.10 -55.15
CA ARG C 234 -23.60 -0.16 -55.85
C ARG C 234 -22.33 -0.13 -56.70
N GLU C 235 -21.92 1.04 -57.20
CA GLU C 235 -20.64 1.15 -57.90
C GLU C 235 -19.46 1.31 -56.97
N LEU C 236 -19.67 1.82 -55.76
CA LEU C 236 -18.60 2.07 -54.82
C LEU C 236 -18.23 0.86 -53.97
N GLY C 237 -19.06 -0.18 -53.96
CA GLY C 237 -18.81 -1.33 -53.12
C GLY C 237 -19.01 -1.11 -51.64
N THR C 238 -19.32 0.12 -51.22
CA THR C 238 -19.53 0.41 -49.80
C THR C 238 -20.84 -0.24 -49.39
N SER C 239 -20.75 -1.45 -48.84
CA SER C 239 -21.94 -2.26 -48.59
C SER C 239 -22.82 -1.70 -47.48
N ASN C 240 -22.43 -0.61 -46.82
CA ASN C 240 -23.13 -0.16 -45.63
C ASN C 240 -24.25 0.75 -46.08
N LEU C 241 -25.42 0.60 -45.46
CA LEU C 241 -26.51 1.56 -45.61
C LEU C 241 -26.71 2.26 -44.27
N ASN C 242 -26.09 3.42 -44.13
CA ASN C 242 -26.32 4.29 -42.98
C ASN C 242 -27.72 4.90 -43.09
N LEU C 243 -28.53 4.71 -42.05
CA LEU C 243 -29.95 5.08 -42.06
C LEU C 243 -30.25 6.11 -40.99
N ASP C 244 -30.76 7.28 -41.41
CA ASP C 244 -31.42 8.24 -40.54
C ASP C 244 -32.78 7.74 -40.07
N ALA C 245 -32.81 7.10 -38.92
CA ALA C 245 -34.03 6.49 -38.38
C ALA C 245 -35.25 7.43 -38.36
N ARG C 246 -35.06 8.71 -38.05
CA ARG C 246 -36.17 9.67 -38.03
C ARG C 246 -36.83 9.93 -39.38
N ASN C 247 -36.27 9.47 -40.50
CA ASN C 247 -37.05 9.42 -41.73
C ASN C 247 -38.38 8.70 -41.54
N LEU C 248 -38.36 7.59 -40.81
CA LEU C 248 -39.55 6.77 -40.60
C LEU C 248 -40.56 7.43 -39.66
N LEU C 249 -40.08 8.08 -38.59
CA LEU C 249 -40.98 8.69 -37.61
C LEU C 249 -41.90 9.74 -38.23
N ALA C 250 -41.36 10.60 -39.08
CA ALA C 250 -42.20 11.60 -39.72
C ALA C 250 -43.08 10.99 -40.80
N TYR C 251 -42.59 9.97 -41.50
CA TYR C 251 -43.30 9.48 -42.67
C TYR C 251 -44.59 8.72 -42.29
N LYS C 252 -45.64 9.03 -43.04
CA LYS C 252 -47.02 8.57 -42.96
C LYS C 252 -47.30 7.09 -42.68
N GLN C 253 -46.46 6.18 -43.20
CA GLN C 253 -46.74 4.74 -43.21
C GLN C 253 -45.74 3.85 -42.47
N THR C 254 -44.73 4.41 -41.79
CA THR C 254 -43.78 3.57 -41.05
C THR C 254 -43.58 4.04 -39.61
N GLU C 255 -44.48 4.86 -39.08
CA GLU C 255 -44.61 4.97 -37.63
C GLU C 255 -44.84 3.60 -36.99
N ASP C 256 -45.49 2.69 -37.72
CA ASP C 256 -45.69 1.29 -37.32
C ASP C 256 -44.40 0.50 -37.19
N LEU C 257 -43.25 1.05 -37.62
CA LEU C 257 -41.99 0.33 -37.67
C LEU C 257 -40.92 0.94 -36.79
N TYR C 258 -40.98 2.25 -36.58
CA TYR C 258 -39.94 2.92 -35.79
C TYR C 258 -39.86 2.29 -34.40
N HIS C 259 -41.01 2.19 -33.74
CA HIS C 259 -41.14 1.50 -32.46
C HIS C 259 -40.95 -0.01 -32.54
N GLN C 260 -40.77 -0.60 -33.72
CA GLN C 260 -40.34 -2.00 -33.76
C GLN C 260 -38.83 -2.17 -33.80
N LEU C 261 -38.15 -1.52 -34.75
CA LEU C 261 -36.70 -1.68 -34.84
C LEU C 261 -36.03 -1.16 -33.58
N LEU C 262 -36.64 -0.16 -32.96
CA LEU C 262 -36.16 0.35 -31.68
C LEU C 262 -36.22 -0.74 -30.61
N ASN C 263 -37.26 -1.56 -30.64
CA ASN C 263 -37.56 -2.51 -29.57
C ASN C 263 -37.25 -3.96 -29.93
N TYR C 264 -37.05 -4.28 -31.20
CA TYR C 264 -36.75 -5.64 -31.65
C TYR C 264 -35.57 -5.70 -32.62
N PRO C 265 -34.54 -4.88 -32.41
CA PRO C 265 -33.55 -4.60 -33.46
C PRO C 265 -32.84 -5.81 -34.04
N GLN C 266 -32.51 -6.80 -33.20
CA GLN C 266 -31.85 -8.00 -33.68
C GLN C 266 -32.67 -8.74 -34.74
N GLU C 267 -33.99 -8.70 -34.63
CA GLU C 267 -34.85 -9.36 -35.59
C GLU C 267 -35.26 -8.45 -36.74
N VAL C 268 -35.56 -7.18 -36.45
CA VAL C 268 -35.99 -6.26 -37.49
C VAL C 268 -34.86 -5.90 -38.44
N ILE C 269 -33.63 -5.75 -37.95
CA ILE C 269 -32.47 -5.60 -38.83
C ILE C 269 -32.16 -6.86 -39.62
N SER C 270 -32.49 -8.03 -39.09
CA SER C 270 -32.34 -9.26 -39.86
C SER C 270 -33.30 -9.34 -41.04
N ILE C 271 -34.47 -8.71 -40.93
CA ILE C 271 -35.37 -8.50 -42.06
C ILE C 271 -34.77 -7.53 -43.08
N MET C 272 -34.27 -6.39 -42.63
CA MET C 272 -33.71 -5.38 -43.51
C MET C 272 -32.55 -5.91 -44.35
N ASP C 273 -31.72 -6.79 -43.78
CA ASP C 273 -30.67 -7.46 -44.55
C ASP C 273 -31.22 -8.15 -45.80
N GLN C 274 -32.40 -8.75 -45.70
CA GLN C 274 -33.01 -9.43 -46.84
C GLN C 274 -33.75 -8.47 -47.78
N THR C 275 -34.58 -7.60 -47.23
CA THR C 275 -35.37 -6.69 -48.06
C THR C 275 -34.51 -5.79 -48.92
N ILE C 276 -33.41 -5.27 -48.36
CA ILE C 276 -32.56 -4.39 -49.14
C ILE C 276 -31.90 -5.13 -50.31
N LYS C 277 -31.51 -6.38 -50.11
CA LYS C 277 -30.98 -7.16 -51.23
C LYS C 277 -32.03 -7.34 -52.33
N ASP C 278 -33.25 -7.71 -51.95
CA ASP C 278 -34.32 -7.80 -52.94
C ASP C 278 -34.66 -6.45 -53.55
N CYS C 279 -34.49 -5.37 -52.78
CA CYS C 279 -34.72 -4.02 -53.26
C CYS C 279 -33.54 -3.44 -54.03
N MET C 280 -32.35 -4.02 -53.91
CA MET C 280 -31.30 -3.78 -54.90
C MET C 280 -31.63 -4.46 -56.22
N VAL C 281 -32.10 -5.70 -56.17
CA VAL C 281 -32.34 -6.48 -57.37
C VAL C 281 -33.48 -5.91 -58.20
N SER C 282 -34.48 -5.32 -57.56
CA SER C 282 -35.50 -4.61 -58.33
C SER C 282 -34.91 -3.48 -59.17
N LEU C 283 -33.84 -2.83 -58.69
CA LEU C 283 -33.11 -1.87 -59.51
C LEU C 283 -32.18 -2.51 -60.55
N ILE C 284 -31.85 -3.79 -60.43
CA ILE C 284 -31.27 -4.53 -61.56
C ILE C 284 -32.31 -4.79 -62.65
N VAL C 285 -33.39 -5.50 -62.30
CA VAL C 285 -34.25 -6.08 -63.34
C VAL C 285 -34.99 -4.99 -64.11
N ASP C 286 -35.24 -3.84 -63.49
CA ASP C 286 -35.78 -2.72 -64.24
C ASP C 286 -34.73 -2.05 -65.12
N ASN C 287 -33.45 -2.43 -64.99
CA ASN C 287 -32.36 -1.84 -65.75
C ASN C 287 -31.80 -2.85 -66.76
N ASN C 288 -31.56 -2.36 -67.97
CA ASN C 288 -30.53 -2.90 -68.84
C ASN C 288 -29.17 -2.62 -68.21
N LEU C 289 -28.43 -3.69 -67.90
CA LEU C 289 -27.32 -3.59 -66.96
C LEU C 289 -26.21 -4.57 -67.34
N ASP C 290 -24.99 -4.23 -66.93
CA ASP C 290 -23.88 -5.15 -66.87
C ASP C 290 -23.99 -6.11 -65.70
N TYR C 291 -23.06 -7.06 -65.64
CA TYR C 291 -23.10 -8.15 -64.66
C TYR C 291 -22.77 -7.73 -63.23
N ASP C 292 -23.60 -6.85 -62.66
CA ASP C 292 -23.67 -6.71 -61.21
C ASP C 292 -24.18 -7.98 -60.54
N LEU C 293 -24.99 -8.76 -61.28
CA LEU C 293 -25.67 -9.93 -60.73
C LEU C 293 -24.71 -10.96 -60.12
N ASP C 294 -23.53 -11.13 -60.70
CA ASP C 294 -22.75 -12.33 -60.38
C ASP C 294 -22.15 -12.29 -58.98
N GLU C 295 -22.25 -11.16 -58.27
CA GLU C 295 -21.76 -11.05 -56.89
C GLU C 295 -22.84 -10.66 -55.90
N ILE C 296 -23.69 -9.69 -56.23
CA ILE C 296 -24.76 -9.27 -55.33
C ILE C 296 -25.78 -10.38 -55.10
N GLU C 297 -25.76 -11.42 -55.94
CA GLU C 297 -26.46 -12.66 -55.64
C GLU C 297 -25.99 -13.23 -54.30
N THR C 298 -24.69 -13.17 -54.05
CA THR C 298 -24.00 -13.82 -52.94
C THR C 298 -23.63 -12.87 -51.81
N LYS C 299 -23.24 -11.63 -52.12
CA LYS C 299 -22.80 -10.67 -51.12
C LYS C 299 -23.94 -10.30 -50.18
N PHE C 300 -23.62 -9.57 -49.10
CA PHE C 300 -24.57 -9.27 -48.04
C PHE C 300 -24.63 -7.78 -47.73
N TYR C 301 -25.85 -7.30 -47.46
CA TYR C 301 -26.12 -5.91 -47.17
C TYR C 301 -26.73 -5.75 -45.78
N LYS C 302 -26.45 -4.61 -45.15
CA LYS C 302 -26.67 -4.41 -43.73
C LYS C 302 -27.15 -2.97 -43.52
N VAL C 303 -27.67 -2.69 -42.33
CA VAL C 303 -28.12 -1.36 -41.97
C VAL C 303 -27.47 -0.96 -40.64
N ARG C 304 -27.09 0.32 -40.55
CA ARG C 304 -26.60 0.94 -39.33
C ARG C 304 -27.54 2.08 -38.91
N PRO C 305 -28.56 1.79 -38.08
CA PRO C 305 -29.49 2.83 -37.60
C PRO C 305 -29.01 3.60 -36.40
N TYR C 306 -28.80 4.92 -36.56
CA TYR C 306 -28.17 5.76 -35.55
C TYR C 306 -28.98 6.95 -35.05
N ASN C 307 -29.86 7.54 -35.86
CA ASN C 307 -30.40 8.87 -35.52
C ASN C 307 -31.54 8.84 -34.50
N VAL C 308 -31.36 8.08 -33.41
CA VAL C 308 -32.41 7.82 -32.44
C VAL C 308 -32.43 8.81 -31.27
N GLY C 309 -33.46 8.70 -30.43
CA GLY C 309 -33.65 9.60 -29.31
C GLY C 309 -32.59 9.49 -28.23
N SER C 310 -32.53 10.56 -27.44
CA SER C 310 -31.61 10.74 -26.32
C SER C 310 -32.01 9.92 -25.10
N CYS C 311 -31.02 9.63 -24.25
CA CYS C 311 -31.20 8.87 -23.02
C CYS C 311 -30.16 9.32 -22.01
N LYS C 312 -30.51 9.23 -20.72
CA LYS C 312 -29.55 9.45 -19.64
C LYS C 312 -28.55 8.30 -19.44
N GLY C 313 -27.79 8.00 -20.49
CA GLY C 313 -26.62 7.15 -20.42
C GLY C 313 -26.87 5.71 -19.97
N MET C 314 -26.03 5.23 -19.05
CA MET C 314 -26.29 3.96 -18.36
C MET C 314 -27.46 4.04 -17.39
N ARG C 315 -27.73 5.22 -16.82
CA ARG C 315 -28.49 5.22 -15.58
C ARG C 315 -29.98 4.95 -15.82
N GLU C 316 -30.59 5.60 -16.82
CA GLU C 316 -32.00 5.35 -17.10
C GLU C 316 -32.27 3.96 -17.68
N LEU C 317 -31.23 3.16 -17.95
CA LEU C 317 -31.38 1.88 -18.64
C LEU C 317 -31.76 0.77 -17.67
N ASN C 318 -32.91 0.94 -17.04
CA ASN C 318 -33.59 -0.11 -16.30
C ASN C 318 -33.77 -1.38 -17.13
N PRO C 319 -33.97 -2.54 -16.49
CA PRO C 319 -33.98 -3.81 -17.24
C PRO C 319 -35.08 -3.94 -18.29
N ASN C 320 -36.15 -3.14 -18.22
CA ASN C 320 -37.11 -3.07 -19.31
C ASN C 320 -36.45 -2.64 -20.63
N ASP C 321 -35.33 -1.94 -20.56
CA ASP C 321 -34.56 -1.50 -21.73
C ASP C 321 -33.59 -2.53 -22.26
N ILE C 322 -33.51 -3.71 -21.65
CA ILE C 322 -32.63 -4.76 -22.17
C ILE C 322 -33.01 -5.16 -23.59
N ASP C 323 -31.98 -5.32 -24.41
CA ASP C 323 -32.10 -5.73 -25.80
C ASP C 323 -32.93 -4.75 -26.64
N LYS C 324 -32.61 -3.46 -26.53
CA LYS C 324 -33.25 -2.43 -27.33
C LYS C 324 -32.15 -1.59 -27.99
N LEU C 325 -32.53 -0.89 -29.05
CA LEU C 325 -31.66 0.16 -29.58
C LEU C 325 -31.45 1.25 -28.53
N ILE C 326 -30.23 1.80 -28.53
CA ILE C 326 -29.82 2.85 -27.61
C ILE C 326 -28.74 3.68 -28.28
N ASN C 327 -28.53 4.90 -27.78
CA ASN C 327 -27.36 5.67 -28.17
C ASN C 327 -26.70 6.28 -26.95
N LEU C 328 -25.40 6.53 -27.10
CA LEU C 328 -24.59 7.17 -26.06
C LEU C 328 -23.72 8.25 -26.68
N LYS C 329 -23.64 9.39 -26.00
CA LYS C 329 -22.69 10.45 -26.28
C LYS C 329 -21.60 10.51 -25.22
N GLY C 330 -20.33 10.59 -25.66
CA GLY C 330 -19.22 10.48 -24.73
C GLY C 330 -17.88 10.39 -25.41
N LEU C 331 -16.91 9.80 -24.69
CA LEU C 331 -15.56 9.66 -25.20
C LEU C 331 -14.89 8.37 -24.74
N VAL C 332 -13.80 8.03 -25.43
CA VAL C 332 -13.06 6.79 -25.21
C VAL C 332 -11.82 7.04 -24.38
N LEU C 333 -11.61 6.20 -23.36
CA LEU C 333 -10.45 6.20 -22.49
C LEU C 333 -9.44 5.11 -22.81
N ARG C 334 -9.89 3.92 -23.20
CA ARG C 334 -8.99 2.87 -23.66
C ARG C 334 -9.73 1.88 -24.56
N SER C 335 -8.96 1.16 -25.38
CA SER C 335 -9.48 0.06 -26.19
C SER C 335 -8.55 -1.14 -26.10
N THR C 336 -9.15 -2.32 -25.95
CA THR C 336 -8.39 -3.57 -25.87
C THR C 336 -7.77 -3.95 -27.21
N PRO C 337 -6.80 -4.89 -27.22
CA PRO C 337 -6.49 -5.64 -28.43
C PRO C 337 -7.66 -6.35 -29.11
N VAL C 338 -7.49 -6.63 -30.40
CA VAL C 338 -8.45 -7.40 -31.18
C VAL C 338 -8.49 -8.84 -30.69
N ILE C 339 -9.70 -9.35 -30.47
CA ILE C 339 -9.93 -10.66 -29.87
C ILE C 339 -10.39 -11.62 -30.98
N PRO C 340 -9.84 -12.83 -31.07
CA PRO C 340 -10.38 -13.82 -32.01
C PRO C 340 -11.62 -14.50 -31.44
N ASP C 341 -12.70 -14.53 -32.24
CA ASP C 341 -13.94 -15.20 -31.86
C ASP C 341 -14.44 -16.13 -32.95
N MET C 342 -14.79 -17.34 -32.54
CA MET C 342 -15.11 -18.47 -33.42
C MET C 342 -16.37 -18.23 -34.24
N LYS C 343 -16.31 -18.55 -35.55
CA LYS C 343 -17.49 -18.51 -36.41
C LYS C 343 -17.69 -19.76 -37.24
N VAL C 344 -16.62 -20.40 -37.71
CA VAL C 344 -16.65 -21.83 -38.06
C VAL C 344 -15.58 -22.56 -37.28
N ALA C 345 -15.98 -23.58 -36.54
CA ALA C 345 -15.08 -24.52 -35.90
C ALA C 345 -14.72 -25.68 -36.81
N PHE C 346 -13.55 -26.26 -36.56
CA PHE C 346 -12.99 -27.32 -37.39
C PHE C 346 -12.67 -28.51 -36.49
N PHE C 347 -12.89 -29.71 -36.99
CA PHE C 347 -12.58 -30.95 -36.27
C PHE C 347 -11.71 -31.88 -37.09
N LYS C 348 -10.58 -32.28 -36.51
CA LYS C 348 -9.65 -33.21 -37.12
C LYS C 348 -9.78 -34.55 -36.43
N CYS C 349 -9.78 -35.60 -37.23
CA CYS C 349 -10.09 -36.96 -36.82
C CYS C 349 -8.83 -37.79 -36.79
N ASN C 350 -8.51 -38.35 -35.62
CA ASN C 350 -7.21 -38.96 -35.34
C ASN C 350 -6.91 -40.25 -36.20
N VAL C 351 -7.73 -40.58 -37.19
CA VAL C 351 -7.77 -41.84 -37.90
C VAL C 351 -8.52 -41.52 -39.18
N CYS C 352 -8.53 -42.46 -40.13
CA CYS C 352 -9.56 -42.63 -41.16
C CYS C 352 -9.73 -41.45 -42.13
N ASP C 353 -8.97 -40.35 -41.98
CA ASP C 353 -8.82 -39.31 -43.02
C ASP C 353 -10.15 -38.66 -43.43
N HIS C 354 -11.02 -38.40 -42.47
CA HIS C 354 -12.00 -37.33 -42.67
C HIS C 354 -12.12 -36.41 -41.45
N THR C 355 -12.05 -35.11 -41.72
CA THR C 355 -12.26 -34.03 -40.75
C THR C 355 -13.75 -33.75 -40.58
N MET C 356 -14.09 -32.66 -39.88
CA MET C 356 -15.44 -32.13 -39.93
C MET C 356 -15.37 -30.64 -39.60
N ALA C 357 -16.38 -29.89 -40.08
CA ALA C 357 -16.61 -28.51 -39.66
C ALA C 357 -18.03 -28.36 -39.12
N VAL C 358 -18.21 -27.45 -38.16
CA VAL C 358 -19.54 -27.07 -37.70
C VAL C 358 -19.61 -25.56 -37.50
N GLU C 359 -20.66 -24.94 -38.01
CA GLU C 359 -20.92 -23.54 -37.73
C GLU C 359 -21.47 -23.35 -36.32
N ILE C 360 -21.01 -22.28 -35.67
CA ILE C 360 -21.45 -21.97 -34.31
C ILE C 360 -22.92 -21.57 -34.32
N ASP C 361 -23.68 -22.11 -33.38
CA ASP C 361 -25.06 -21.73 -33.14
C ASP C 361 -25.11 -21.08 -31.77
N ARG C 362 -25.53 -19.81 -31.75
CA ARG C 362 -25.82 -19.03 -30.56
C ARG C 362 -24.93 -19.30 -29.35
N GLY C 363 -23.62 -19.29 -29.57
CA GLY C 363 -22.63 -19.46 -28.53
C GLY C 363 -22.16 -20.86 -28.17
N VAL C 364 -22.53 -21.90 -28.92
CA VAL C 364 -22.09 -23.26 -28.63
C VAL C 364 -21.41 -23.88 -29.84
N ILE C 365 -20.49 -24.79 -29.55
CA ILE C 365 -19.88 -25.68 -30.55
C ILE C 365 -20.22 -27.11 -30.13
N GLN C 366 -21.30 -27.64 -30.70
CA GLN C 366 -21.83 -28.97 -30.43
C GLN C 366 -20.92 -29.99 -31.12
N GLU C 367 -19.84 -30.31 -30.45
CA GLU C 367 -18.83 -31.22 -30.97
C GLU C 367 -19.31 -32.66 -31.10
N PRO C 368 -19.28 -33.27 -32.30
CA PRO C 368 -19.81 -34.63 -32.44
C PRO C 368 -18.87 -35.65 -31.81
N ALA C 369 -19.40 -36.43 -30.85
CA ALA C 369 -18.65 -37.55 -30.29
C ALA C 369 -18.40 -38.64 -31.33
N ARG C 370 -19.47 -39.12 -31.97
CA ARG C 370 -19.39 -40.02 -33.11
C ARG C 370 -18.49 -39.49 -34.22
N CYS C 371 -17.69 -40.40 -34.77
CA CYS C 371 -16.59 -40.12 -35.70
C CYS C 371 -17.09 -39.86 -37.12
N GLU C 372 -18.26 -39.26 -37.27
CA GLU C 372 -19.04 -39.33 -38.51
C GLU C 372 -19.21 -40.77 -38.99
N ARG C 373 -20.03 -41.50 -38.23
CA ARG C 373 -20.08 -42.95 -38.17
C ARG C 373 -20.00 -43.66 -39.52
N ILE C 374 -20.68 -43.09 -40.52
CA ILE C 374 -20.81 -43.73 -41.84
C ILE C 374 -19.46 -43.96 -42.51
N ASP C 375 -18.43 -43.20 -42.15
CA ASP C 375 -17.07 -43.57 -42.50
C ASP C 375 -16.62 -44.78 -41.70
N CYS C 376 -16.55 -44.61 -40.39
CA CYS C 376 -16.49 -45.69 -39.41
C CYS C 376 -16.76 -45.00 -38.09
N ASN C 377 -17.00 -45.79 -37.05
CA ASN C 377 -17.06 -45.25 -35.70
C ASN C 377 -15.84 -45.63 -34.87
N GLU C 378 -15.40 -44.66 -34.08
CA GLU C 378 -14.60 -44.80 -32.89
C GLU C 378 -15.29 -43.85 -31.93
N PRO C 379 -15.40 -44.19 -30.65
CA PRO C 379 -16.44 -43.56 -29.83
C PRO C 379 -16.18 -42.09 -29.56
N ASN C 380 -14.94 -41.75 -29.24
CA ASN C 380 -14.56 -40.47 -28.65
C ASN C 380 -13.36 -39.82 -29.33
N SER C 381 -12.60 -40.54 -30.13
CA SER C 381 -11.36 -40.04 -30.72
C SER C 381 -11.65 -39.13 -31.90
N MET C 382 -11.67 -37.83 -31.61
CA MET C 382 -11.57 -36.80 -32.62
C MET C 382 -10.94 -35.58 -31.95
N SER C 383 -10.23 -34.78 -32.75
CA SER C 383 -9.62 -33.54 -32.28
C SER C 383 -10.38 -32.30 -32.73
N LEU C 384 -10.03 -31.18 -32.11
CA LEU C 384 -10.40 -29.84 -32.54
C LEU C 384 -9.16 -29.00 -32.80
N ILE C 385 -9.03 -28.50 -34.03
CA ILE C 385 -7.81 -27.88 -34.51
C ILE C 385 -8.04 -26.39 -34.58
N HIS C 386 -7.23 -25.64 -33.84
CA HIS C 386 -7.44 -24.20 -33.70
C HIS C 386 -7.24 -23.46 -35.01
N ASN C 387 -6.06 -23.63 -35.62
CA ASN C 387 -5.58 -22.86 -36.75
C ASN C 387 -6.28 -23.17 -38.07
N ARG C 388 -7.16 -24.16 -38.12
CA ARG C 388 -7.99 -24.36 -39.30
C ARG C 388 -9.27 -23.52 -39.26
N CYS C 389 -9.69 -23.12 -38.07
CA CYS C 389 -10.99 -22.49 -37.88
C CYS C 389 -11.05 -21.10 -38.50
N SER C 390 -12.27 -20.61 -38.66
CA SER C 390 -12.58 -19.27 -39.15
C SER C 390 -13.07 -18.39 -38.01
N PHE C 391 -12.51 -17.18 -37.91
CA PHE C 391 -12.71 -16.29 -36.79
C PHE C 391 -13.29 -14.97 -37.23
N ALA C 392 -14.14 -14.40 -36.39
CA ALA C 392 -14.43 -12.97 -36.41
C ALA C 392 -13.31 -12.18 -35.78
N ASP C 393 -13.18 -10.93 -36.22
CA ASP C 393 -12.60 -9.90 -35.36
C ASP C 393 -13.59 -9.43 -34.31
N LYS C 394 -13.11 -9.28 -33.09
CA LYS C 394 -13.81 -8.61 -32.01
C LYS C 394 -12.91 -7.57 -31.37
N GLN C 395 -13.51 -6.50 -30.85
CA GLN C 395 -12.76 -5.54 -30.05
C GLN C 395 -13.66 -4.96 -28.98
N VAL C 396 -13.04 -4.61 -27.86
CA VAL C 396 -13.71 -4.03 -26.70
C VAL C 396 -13.16 -2.63 -26.44
N ILE C 397 -14.04 -1.71 -26.08
CA ILE C 397 -13.73 -0.30 -25.94
C ILE C 397 -14.39 0.22 -24.67
N LYS C 398 -13.66 1.08 -23.96
CA LYS C 398 -14.11 1.65 -22.70
C LYS C 398 -14.55 3.08 -22.96
N LEU C 399 -15.81 3.38 -22.65
CA LEU C 399 -16.41 4.67 -22.92
C LEU C 399 -16.71 5.42 -21.63
N GLN C 400 -16.07 6.57 -21.47
CA GLN C 400 -16.45 7.62 -20.53
C GLN C 400 -17.71 8.31 -21.04
N GLU C 401 -18.83 8.15 -20.34
CA GLU C 401 -20.13 8.56 -20.84
C GLU C 401 -20.59 9.84 -20.16
N THR C 402 -21.12 10.75 -20.99
CA THR C 402 -21.34 12.14 -20.59
C THR C 402 -22.72 12.56 -21.10
N PRO C 403 -23.76 12.40 -20.30
CA PRO C 403 -25.11 12.76 -20.75
C PRO C 403 -25.35 14.25 -20.90
N ASP C 404 -26.35 14.57 -21.73
CA ASP C 404 -26.86 15.92 -21.92
C ASP C 404 -27.45 16.51 -20.64
N PHE C 405 -27.86 15.66 -19.71
CA PHE C 405 -28.21 16.04 -18.34
C PHE C 405 -27.82 14.86 -17.48
N VAL C 406 -27.35 15.16 -16.27
CA VAL C 406 -27.11 14.14 -15.25
C VAL C 406 -27.74 14.51 -13.92
N PRO C 407 -28.31 13.55 -13.19
CA PRO C 407 -28.99 13.88 -11.94
C PRO C 407 -27.99 14.36 -10.90
N ASP C 408 -28.48 15.20 -10.00
CA ASP C 408 -27.68 15.63 -8.87
C ASP C 408 -27.36 14.45 -7.96
N GLY C 409 -26.07 14.12 -7.86
CA GLY C 409 -25.60 12.97 -7.12
C GLY C 409 -24.65 12.10 -7.91
N GLN C 410 -24.74 12.20 -9.24
CA GLN C 410 -24.07 11.27 -10.13
C GLN C 410 -22.57 11.53 -10.17
N THR C 411 -21.87 10.61 -10.82
CA THR C 411 -20.45 10.68 -11.10
C THR C 411 -20.23 9.93 -12.42
N PRO C 412 -19.15 10.24 -13.14
CA PRO C 412 -18.89 9.53 -14.41
C PRO C 412 -18.80 8.02 -14.30
N HIS C 413 -19.35 7.36 -15.31
CA HIS C 413 -19.36 5.91 -15.45
C HIS C 413 -18.38 5.57 -16.57
N SER C 414 -17.53 4.57 -16.33
CA SER C 414 -16.81 3.87 -17.39
C SER C 414 -17.59 2.66 -17.89
N ILE C 415 -18.48 2.89 -18.86
CA ILE C 415 -19.11 1.78 -19.56
C ILE C 415 -18.03 0.97 -20.29
N SER C 416 -18.27 -0.32 -20.43
CA SER C 416 -17.50 -1.18 -21.32
C SER C 416 -18.41 -1.66 -22.45
N LEU C 417 -17.93 -1.56 -23.68
CA LEU C 417 -18.71 -1.90 -24.85
C LEU C 417 -17.85 -2.69 -25.83
N CYS C 418 -18.52 -3.39 -26.73
CA CYS C 418 -17.89 -4.27 -27.69
C CYS C 418 -18.25 -3.84 -29.11
N VAL C 419 -17.31 -4.01 -30.02
CA VAL C 419 -17.49 -3.65 -31.42
C VAL C 419 -16.99 -4.81 -32.25
N TYR C 420 -17.72 -5.14 -33.30
CA TYR C 420 -17.37 -6.20 -34.21
C TYR C 420 -16.68 -5.70 -35.48
N ASP C 421 -16.33 -6.66 -36.33
CA ASP C 421 -15.73 -6.45 -37.64
C ASP C 421 -16.41 -5.35 -38.46
N GLU C 422 -15.58 -4.63 -39.22
CA GLU C 422 -15.85 -3.40 -39.95
C GLU C 422 -16.01 -2.17 -39.06
N LEU C 423 -15.94 -2.30 -37.75
CA LEU C 423 -15.81 -1.19 -36.81
C LEU C 423 -14.53 -1.17 -36.00
N VAL C 424 -13.84 -2.30 -35.87
CA VAL C 424 -12.53 -2.35 -35.25
C VAL C 424 -11.58 -1.33 -35.84
N ASP C 425 -10.90 -0.61 -34.95
CA ASP C 425 -10.10 0.58 -35.28
C ASP C 425 -10.89 1.64 -36.05
N SER C 426 -12.20 1.73 -35.78
CA SER C 426 -12.94 2.91 -36.21
C SER C 426 -12.68 4.09 -35.30
N CYS C 427 -12.77 3.89 -33.98
CA CYS C 427 -12.67 4.95 -33.00
C CYS C 427 -11.72 4.55 -31.87
N ARG C 428 -11.07 5.56 -31.30
CA ARG C 428 -9.93 5.33 -30.42
C ARG C 428 -9.74 6.55 -29.52
N ALA C 429 -8.86 6.37 -28.54
CA ALA C 429 -8.69 7.23 -27.36
C ALA C 429 -8.69 8.73 -27.63
N GLY C 430 -9.60 9.43 -26.95
CA GLY C 430 -9.77 10.86 -27.03
C GLY C 430 -10.87 11.32 -27.98
N ASP C 431 -11.35 10.44 -28.84
CA ASP C 431 -12.46 10.79 -29.72
C ASP C 431 -13.71 11.10 -28.91
N ARG C 432 -14.44 12.11 -29.38
CA ARG C 432 -15.73 12.49 -28.84
C ARG C 432 -16.79 12.05 -29.84
N ILE C 433 -17.83 11.37 -29.35
CA ILE C 433 -18.55 10.39 -30.15
C ILE C 433 -20.02 10.40 -29.76
N GLU C 434 -20.87 10.13 -30.75
CA GLU C 434 -22.17 9.52 -30.54
C GLU C 434 -22.11 8.11 -31.12
N VAL C 435 -22.48 7.13 -30.30
CA VAL C 435 -22.46 5.72 -30.66
C VAL C 435 -23.83 5.13 -30.36
N THR C 436 -24.22 4.14 -31.17
CA THR C 436 -25.51 3.47 -31.00
C THR C 436 -25.33 1.97 -31.19
N GLY C 437 -26.27 1.22 -30.63
CA GLY C 437 -26.14 -0.22 -30.53
C GLY C 437 -27.28 -0.79 -29.73
N THR C 438 -27.10 -2.04 -29.29
CA THR C 438 -28.06 -2.70 -28.41
C THR C 438 -27.52 -2.79 -27.00
N PHE C 439 -28.32 -2.33 -26.05
CA PHE C 439 -28.03 -2.57 -24.65
C PHE C 439 -28.31 -4.03 -24.33
N ARG C 440 -27.43 -4.62 -23.54
CA ARG C 440 -27.35 -6.07 -23.38
C ARG C 440 -27.16 -6.39 -21.91
N SER C 441 -27.31 -7.66 -21.58
CA SER C 441 -26.77 -8.18 -20.35
C SER C 441 -26.18 -9.55 -20.57
N ILE C 442 -25.26 -9.91 -19.68
CA ILE C 442 -24.52 -11.15 -19.75
C ILE C 442 -24.13 -11.55 -18.33
N PRO C 443 -24.06 -12.84 -18.01
CA PRO C 443 -23.49 -13.25 -16.72
C PRO C 443 -21.97 -13.13 -16.73
N ILE C 444 -21.39 -13.35 -15.57
CA ILE C 444 -19.95 -13.57 -15.43
C ILE C 444 -19.71 -14.84 -14.65
N ARG C 445 -18.69 -15.58 -15.06
CA ARG C 445 -18.20 -16.72 -14.31
C ARG C 445 -17.57 -16.25 -13.01
N ALA C 446 -17.94 -16.90 -11.91
CA ALA C 446 -17.37 -16.49 -10.62
C ALA C 446 -15.88 -16.76 -10.57
N ASN C 447 -15.43 -17.86 -11.18
CA ASN C 447 -14.03 -18.24 -11.10
C ASN C 447 -13.69 -19.11 -12.30
N SER C 448 -12.38 -19.33 -12.49
CA SER C 448 -11.86 -20.19 -13.54
C SER C 448 -11.96 -21.68 -13.20
N ARG C 449 -12.63 -22.06 -12.12
CA ARG C 449 -12.70 -23.45 -11.69
C ARG C 449 -13.98 -24.15 -12.13
N GLN C 450 -15.14 -23.50 -12.01
CA GLN C 450 -16.40 -24.20 -12.13
C GLN C 450 -17.42 -23.23 -12.69
N ARG C 451 -18.45 -23.81 -13.32
CA ARG C 451 -19.57 -23.08 -13.90
C ARG C 451 -20.65 -22.73 -12.87
N VAL C 452 -20.28 -21.88 -11.94
CA VAL C 452 -21.23 -21.08 -11.18
C VAL C 452 -21.15 -19.64 -11.66
N LEU C 453 -22.32 -19.08 -11.94
CA LEU C 453 -22.48 -17.79 -12.61
C LEU C 453 -23.05 -16.80 -11.61
N LYS C 454 -22.53 -15.59 -11.61
CA LYS C 454 -23.10 -14.56 -10.78
C LYS C 454 -24.48 -14.17 -11.29
N SER C 455 -25.44 -14.09 -10.37
CA SER C 455 -26.80 -13.71 -10.72
C SER C 455 -26.98 -12.23 -10.95
N LEU C 456 -26.10 -11.39 -10.41
CA LEU C 456 -26.18 -9.96 -10.62
C LEU C 456 -25.46 -9.59 -11.91
N TYR C 457 -26.22 -9.53 -13.00
CA TYR C 457 -25.66 -9.52 -14.33
C TYR C 457 -24.85 -8.26 -14.62
N LYS C 458 -23.90 -8.42 -15.53
CA LYS C 458 -23.11 -7.39 -16.16
C LYS C 458 -23.84 -6.88 -17.39
N THR C 459 -23.50 -5.65 -17.81
CA THR C 459 -24.19 -4.99 -18.91
C THR C 459 -23.19 -4.22 -19.76
N TYR C 460 -23.54 -4.04 -21.03
CA TYR C 460 -22.66 -3.50 -22.05
C TYR C 460 -23.50 -3.06 -23.24
N VAL C 461 -22.86 -2.39 -24.18
CA VAL C 461 -23.43 -2.10 -25.51
C VAL C 461 -22.74 -2.90 -26.59
N ASP C 462 -23.54 -3.59 -27.40
CA ASP C 462 -23.12 -4.12 -28.70
C ASP C 462 -23.29 -3.01 -29.74
N VAL C 463 -22.18 -2.48 -30.24
CA VAL C 463 -22.23 -1.33 -31.14
C VAL C 463 -22.72 -1.75 -32.51
N VAL C 464 -23.65 -0.98 -33.06
CA VAL C 464 -24.11 -1.16 -34.43
C VAL C 464 -23.73 0.01 -35.33
N HIS C 465 -23.64 1.23 -34.79
CA HIS C 465 -23.19 2.40 -35.51
C HIS C 465 -22.41 3.31 -34.58
N VAL C 466 -21.42 3.99 -35.13
CA VAL C 466 -20.74 5.09 -34.45
C VAL C 466 -20.67 6.30 -35.36
N LYS C 467 -21.07 7.45 -34.84
CA LYS C 467 -21.08 8.71 -35.60
C LYS C 467 -19.80 9.45 -35.24
N LYS C 468 -18.74 9.20 -36.00
CA LYS C 468 -17.42 9.74 -35.72
C LYS C 468 -17.28 11.27 -35.68
N VAL C 469 -18.25 12.00 -36.20
CA VAL C 469 -18.14 13.45 -36.37
C VAL C 469 -19.46 14.15 -36.08
N SER C 470 -19.36 15.46 -35.84
CA SER C 470 -20.50 16.33 -35.63
C SER C 470 -20.28 17.64 -36.35
N ASP C 471 -21.40 18.34 -36.57
CA ASP C 471 -21.41 19.63 -37.25
C ASP C 471 -20.85 20.74 -36.38
N LYS C 472 -20.96 20.59 -35.06
CA LYS C 472 -20.62 21.65 -34.11
C LYS C 472 -19.13 21.74 -33.84
N ARG C 473 -18.38 20.66 -33.99
CA ARG C 473 -16.95 20.63 -33.69
C ARG C 473 -16.17 20.26 -34.94
N LEU C 474 -14.95 20.80 -35.04
CA LEU C 474 -14.19 20.72 -36.28
C LEU C 474 -13.69 19.29 -36.52
N ASP C 475 -12.83 19.15 -37.53
CA ASP C 475 -12.38 17.84 -38.03
C ASP C 475 -10.94 17.51 -37.63
N VAL C 476 -10.77 16.28 -37.15
CA VAL C 476 -9.46 15.74 -36.75
C VAL C 476 -8.45 15.89 -37.88
N ASP C 477 -7.23 16.27 -37.51
CA ASP C 477 -6.18 16.61 -38.46
C ASP C 477 -5.95 15.48 -39.47
N THR C 478 -6.22 15.78 -40.73
CA THR C 478 -6.07 14.84 -41.83
C THR C 478 -4.62 14.43 -42.09
N SER C 479 -3.66 15.27 -41.75
CA SER C 479 -2.25 14.89 -41.87
C SER C 479 -1.86 13.86 -40.82
N THR C 480 -2.25 14.12 -39.57
CA THR C 480 -2.02 13.16 -38.49
C THR C 480 -2.63 11.79 -38.79
N ILE C 481 -3.93 11.75 -39.09
CA ILE C 481 -4.70 10.52 -39.25
C ILE C 481 -4.54 9.86 -40.62
N GLU C 482 -3.58 10.30 -41.41
CA GLU C 482 -3.35 9.76 -42.75
C GLU C 482 -3.21 8.24 -42.78
N GLN C 483 -2.63 7.65 -41.73
CA GLN C 483 -2.54 6.21 -41.62
C GLN C 483 -3.88 5.49 -41.65
N GLU C 484 -4.94 6.08 -41.12
CA GLU C 484 -6.25 5.44 -41.04
C GLU C 484 -7.19 5.76 -42.18
N LEU C 485 -7.03 6.91 -42.83
CA LEU C 485 -7.83 7.23 -44.01
C LEU C 485 -7.71 6.17 -45.09
N MET C 486 -6.52 5.65 -45.34
CA MET C 486 -6.42 4.49 -46.24
C MET C 486 -6.84 3.17 -45.60
N GLN C 487 -6.62 2.99 -44.30
CA GLN C 487 -7.08 1.77 -43.64
C GLN C 487 -8.58 1.56 -43.76
N ASN C 488 -9.35 2.65 -43.78
CA ASN C 488 -10.79 2.55 -44.00
C ASN C 488 -11.13 1.97 -45.37
N LYS C 489 -10.38 2.35 -46.41
CA LYS C 489 -10.51 1.71 -47.70
C LYS C 489 -10.01 0.26 -47.67
N VAL C 490 -8.81 0.05 -47.14
CA VAL C 490 -8.22 -1.29 -47.11
C VAL C 490 -9.06 -2.25 -46.26
N ASP C 491 -9.71 -1.73 -45.22
CA ASP C 491 -10.61 -2.53 -44.39
C ASP C 491 -12.02 -2.64 -44.97
N HIS C 492 -12.32 -1.92 -46.05
CA HIS C 492 -13.67 -1.88 -46.62
C HIS C 492 -14.72 -1.53 -45.56
N ASN C 493 -14.64 -0.28 -45.11
CA ASN C 493 -15.76 0.35 -44.43
C ASN C 493 -15.75 1.83 -44.76
N GLU C 494 -16.95 2.40 -44.88
CA GLU C 494 -17.15 3.82 -45.16
C GLU C 494 -17.67 4.56 -43.93
N VAL C 495 -17.55 3.98 -42.74
CA VAL C 495 -17.81 4.74 -41.52
C VAL C 495 -16.95 5.99 -41.50
N GLU C 496 -17.60 7.14 -41.63
CA GLU C 496 -16.93 8.31 -42.16
C GLU C 496 -15.92 8.86 -41.16
N GLU C 497 -14.85 9.45 -41.69
CA GLU C 497 -13.82 10.10 -40.87
C GLU C 497 -13.84 11.61 -40.96
N VAL C 498 -14.27 12.17 -42.09
CA VAL C 498 -14.17 13.61 -42.36
C VAL C 498 -15.52 14.11 -42.86
N ARG C 499 -15.86 15.33 -42.44
CA ARG C 499 -17.09 15.99 -42.87
C ARG C 499 -17.20 16.09 -44.40
N GLN C 500 -18.35 15.67 -44.91
CA GLN C 500 -18.68 15.85 -46.31
C GLN C 500 -19.21 17.28 -46.49
N ILE C 501 -18.81 17.92 -47.58
CA ILE C 501 -19.36 19.21 -48.00
C ILE C 501 -19.72 19.18 -49.48
N THR C 502 -20.83 19.84 -49.81
CA THR C 502 -21.28 19.95 -51.19
C THR C 502 -20.74 21.23 -51.84
N ASP C 503 -20.74 21.22 -53.18
CA ASP C 503 -20.38 22.39 -53.98
C ASP C 503 -21.15 23.65 -53.61
N GLN C 504 -22.43 23.52 -53.24
CA GLN C 504 -23.18 24.70 -52.80
C GLN C 504 -22.62 25.29 -51.52
N ASP C 505 -21.90 24.50 -50.72
CA ASP C 505 -21.25 25.01 -49.52
C ASP C 505 -19.88 25.60 -49.84
N LEU C 506 -19.11 24.90 -50.67
CA LEU C 506 -17.78 25.38 -51.06
C LEU C 506 -17.88 26.66 -51.89
N ALA C 507 -18.90 26.76 -52.74
CA ALA C 507 -19.15 27.99 -53.47
C ALA C 507 -19.43 29.17 -52.53
N LYS C 508 -20.20 28.94 -51.47
CA LYS C 508 -20.41 29.98 -50.46
C LYS C 508 -19.13 30.31 -49.70
N ILE C 509 -18.39 29.30 -49.30
CA ILE C 509 -17.10 29.49 -48.64
C ILE C 509 -16.18 30.41 -49.44
N ARG C 510 -16.03 30.14 -50.73
CA ARG C 510 -15.16 30.97 -51.56
C ARG C 510 -15.71 32.38 -51.73
N GLU C 511 -17.02 32.52 -51.90
CA GLU C 511 -17.63 33.85 -51.98
C GLU C 511 -17.55 34.63 -50.67
N VAL C 512 -17.52 33.93 -49.54
CA VAL C 512 -17.23 34.55 -48.25
C VAL C 512 -15.77 34.97 -48.14
N ALA C 513 -14.85 34.12 -48.58
CA ALA C 513 -13.42 34.42 -48.43
C ALA C 513 -13.02 35.71 -49.13
N ALA C 514 -13.75 36.15 -50.15
CA ALA C 514 -13.33 37.33 -50.88
C ALA C 514 -13.49 38.62 -50.08
N ARG C 515 -14.29 38.63 -49.02
CA ARG C 515 -14.59 39.91 -48.38
C ARG C 515 -13.39 40.42 -47.59
N GLU C 516 -13.32 41.75 -47.49
CA GLU C 516 -12.22 42.44 -46.83
C GLU C 516 -12.16 42.23 -45.32
N ASP C 517 -13.27 41.92 -44.64
CA ASP C 517 -13.31 41.89 -43.19
C ASP C 517 -13.44 40.51 -42.58
N LEU C 518 -13.14 39.45 -43.34
CA LEU C 518 -13.12 38.10 -42.79
C LEU C 518 -12.20 38.02 -41.57
N TYR C 519 -11.07 38.71 -41.64
CA TYR C 519 -10.11 38.87 -40.55
C TYR C 519 -10.73 39.35 -39.24
N SER C 520 -11.89 40.00 -39.28
CA SER C 520 -12.66 40.39 -38.09
C SER C 520 -14.01 39.69 -37.96
N LEU C 521 -14.58 39.22 -39.06
CA LEU C 521 -15.84 38.46 -39.02
C LEU C 521 -15.71 37.20 -38.19
N LEU C 522 -14.67 36.41 -38.41
CA LEU C 522 -14.44 35.24 -37.58
C LEU C 522 -14.13 35.64 -36.14
N ALA C 523 -13.29 36.65 -35.97
CA ALA C 523 -12.88 37.06 -34.63
C ALA C 523 -14.04 37.60 -33.81
N ARG C 524 -15.15 38.02 -34.44
CA ARG C 524 -16.38 38.27 -33.71
C ARG C 524 -17.20 37.00 -33.51
N SER C 525 -17.39 36.22 -34.56
CA SER C 525 -18.34 35.11 -34.51
C SER C 525 -17.80 33.94 -33.74
N ILE C 526 -16.49 33.91 -33.48
CA ILE C 526 -15.89 32.90 -32.62
C ILE C 526 -16.47 32.89 -31.22
N ALA C 527 -16.88 34.05 -30.70
CA ALA C 527 -17.47 34.10 -29.35
C ALA C 527 -18.50 35.21 -29.23
N PRO C 528 -19.73 34.97 -29.69
CA PRO C 528 -20.66 36.09 -29.84
C PRO C 528 -21.10 36.70 -28.51
N SER C 529 -20.75 36.08 -27.38
CA SER C 529 -21.11 36.58 -26.06
C SER C 529 -19.94 37.26 -25.36
N ILE C 530 -18.76 37.28 -25.97
CA ILE C 530 -17.56 37.82 -25.36
C ILE C 530 -17.27 39.19 -25.99
N TYR C 531 -17.04 40.19 -25.15
CA TYR C 531 -17.02 41.58 -25.58
C TYR C 531 -15.60 42.08 -25.82
N GLU C 532 -15.42 42.75 -26.95
CA GLU C 532 -14.13 43.24 -27.45
C GLU C 532 -13.06 42.15 -27.51
N LEU C 533 -11.90 42.32 -26.86
CA LEU C 533 -10.89 41.26 -26.72
C LEU C 533 -10.48 40.66 -28.05
N GLU C 534 -10.65 41.42 -29.14
CA GLU C 534 -10.52 40.88 -30.48
C GLU C 534 -9.07 40.59 -30.85
N ASP C 535 -8.11 41.18 -30.16
CA ASP C 535 -6.72 40.71 -30.23
C ASP C 535 -6.57 39.28 -29.74
N VAL C 536 -7.27 38.93 -28.65
CA VAL C 536 -7.21 37.59 -28.08
C VAL C 536 -7.91 36.58 -28.97
N LYS C 537 -9.16 36.86 -29.33
CA LYS C 537 -9.95 35.97 -30.17
C LYS C 537 -9.26 35.66 -31.48
N LYS C 538 -8.60 36.65 -32.06
CA LYS C 538 -7.98 36.49 -33.38
C LYS C 538 -6.76 35.57 -33.34
N GLY C 539 -5.89 35.76 -32.37
CA GLY C 539 -4.78 34.82 -32.21
C GLY C 539 -5.21 33.41 -31.85
N ILE C 540 -6.31 33.28 -31.13
CA ILE C 540 -6.90 31.97 -30.86
C ILE C 540 -7.43 31.33 -32.13
N LEU C 541 -8.09 32.13 -32.96
CA LEU C 541 -8.48 31.65 -34.29
C LEU C 541 -7.28 31.13 -35.07
N LEU C 542 -6.16 31.84 -35.01
CA LEU C 542 -4.94 31.44 -35.68
C LEU C 542 -4.26 30.27 -35.01
N GLN C 543 -4.58 29.98 -33.75
CA GLN C 543 -4.22 28.69 -33.18
C GLN C 543 -5.03 27.56 -33.79
N LEU C 544 -6.34 27.75 -33.95
CA LEU C 544 -7.20 26.65 -34.38
C LEU C 544 -6.85 26.19 -35.79
N PHE C 545 -6.58 27.13 -36.69
CA PHE C 545 -6.04 26.78 -38.00
C PHE C 545 -4.72 26.03 -37.92
N GLY C 546 -3.97 26.15 -36.82
CA GLY C 546 -2.65 25.54 -36.73
C GLY C 546 -1.57 26.22 -37.52
N GLY C 547 -1.80 26.41 -38.81
CA GLY C 547 -0.76 26.77 -39.75
C GLY C 547 -0.26 25.56 -40.54
N THR C 548 1.04 25.35 -40.55
CA THR C 548 1.67 24.39 -41.45
C THR C 548 2.39 23.31 -40.65
N ASN C 549 2.36 22.09 -41.18
CA ASN C 549 3.03 20.94 -40.58
C ASN C 549 3.88 20.33 -41.67
N LYS C 550 5.13 20.00 -41.35
CA LYS C 550 6.13 19.62 -42.35
C LYS C 550 7.12 18.63 -41.75
N THR C 551 7.71 17.83 -42.63
CA THR C 551 8.70 16.83 -42.23
C THR C 551 9.81 16.73 -43.28
N PHE C 552 10.94 16.24 -42.81
CA PHE C 552 12.05 15.80 -43.65
C PHE C 552 12.02 14.28 -43.63
N THR C 553 12.09 13.67 -44.83
CA THR C 553 11.46 12.39 -45.11
C THR C 553 11.84 11.29 -44.12
N LYS C 554 13.01 11.37 -43.49
CA LYS C 554 13.28 10.63 -42.27
C LYS C 554 13.52 11.55 -41.07
N GLY C 555 14.50 12.45 -41.17
CA GLY C 555 15.22 13.00 -40.04
C GLY C 555 14.61 14.12 -39.23
N GLY C 556 13.45 14.66 -39.55
CA GLY C 556 12.98 15.81 -38.79
C GLY C 556 11.55 16.19 -39.10
N ARG C 557 10.98 16.95 -38.17
CA ARG C 557 9.58 17.35 -38.22
C ARG C 557 9.41 18.69 -37.55
N TYR C 558 8.39 19.41 -38.00
CA TYR C 558 8.04 20.74 -37.55
C TYR C 558 6.53 20.80 -37.65
N ARG C 559 5.89 21.59 -36.78
CA ARG C 559 4.43 21.64 -36.82
C ARG C 559 3.89 23.03 -36.59
N GLY C 560 2.70 23.25 -37.16
CA GLY C 560 1.99 24.48 -37.06
C GLY C 560 1.17 24.50 -35.80
N ASP C 561 1.47 25.45 -34.95
CA ASP C 561 0.79 25.65 -33.69
C ASP C 561 1.18 27.04 -33.22
N ILE C 562 0.42 27.58 -32.28
CA ILE C 562 0.95 28.54 -31.34
C ILE C 562 0.49 28.18 -29.94
N ASN C 563 1.40 28.23 -28.98
CA ASN C 563 1.08 27.95 -27.60
C ASN C 563 0.91 29.26 -26.85
N ILE C 564 -0.19 29.37 -26.12
CA ILE C 564 -0.79 30.64 -25.71
C ILE C 564 -0.84 30.70 -24.19
N LEU C 565 -0.67 31.92 -23.66
CA LEU C 565 -0.94 32.18 -22.25
C LEU C 565 -1.72 33.47 -22.10
N LEU C 566 -2.67 33.46 -21.16
CA LEU C 566 -3.44 34.63 -20.79
C LEU C 566 -3.05 35.08 -19.38
N CYS C 567 -2.79 36.38 -19.24
CA CYS C 567 -2.35 36.97 -17.99
C CYS C 567 -2.97 38.36 -17.83
N GLY C 568 -2.91 38.86 -16.61
CA GLY C 568 -3.65 40.03 -16.16
C GLY C 568 -4.81 39.76 -15.24
N ASP C 569 -5.69 40.76 -15.16
CA ASP C 569 -6.74 40.80 -14.16
C ASP C 569 -7.67 39.58 -14.19
N PRO C 570 -8.23 39.19 -13.02
CA PRO C 570 -9.50 38.44 -12.97
C PRO C 570 -10.71 39.13 -13.59
N SER C 571 -11.83 38.41 -13.52
CA SER C 571 -13.13 38.86 -14.00
C SER C 571 -13.18 39.10 -15.51
N THR C 572 -12.54 38.20 -16.27
CA THR C 572 -12.41 38.38 -17.71
C THR C 572 -12.59 37.04 -18.41
N SER C 573 -12.68 37.11 -19.74
CA SER C 573 -13.00 35.95 -20.57
C SER C 573 -12.27 34.63 -20.29
N LYS C 574 -11.05 34.72 -19.76
CA LYS C 574 -10.07 33.64 -19.60
C LYS C 574 -10.65 32.25 -19.40
N SER C 575 -11.54 32.12 -18.43
CA SER C 575 -12.12 30.81 -18.13
C SER C 575 -13.18 30.40 -19.14
N GLN C 576 -14.00 31.36 -19.59
CA GLN C 576 -14.99 31.10 -20.63
C GLN C 576 -14.39 30.79 -22.00
N ILE C 577 -13.28 31.44 -22.36
CA ILE C 577 -12.59 31.10 -23.61
C ILE C 577 -12.12 29.64 -23.60
N LEU C 578 -11.57 29.19 -22.49
CA LEU C 578 -11.16 27.80 -22.36
C LEU C 578 -12.31 26.81 -22.54
N GLN C 579 -13.53 27.21 -22.21
CA GLN C 579 -14.68 26.37 -22.53
C GLN C 579 -14.99 26.37 -24.03
N TYR C 580 -15.10 27.56 -24.65
CA TYR C 580 -15.51 27.59 -26.05
C TYR C 580 -14.52 26.85 -26.94
N VAL C 581 -13.23 26.93 -26.64
CA VAL C 581 -12.24 26.13 -27.33
C VAL C 581 -12.54 24.64 -27.13
N HIS C 582 -12.68 24.25 -25.88
CA HIS C 582 -12.99 22.86 -25.52
C HIS C 582 -14.23 22.34 -26.24
N LYS C 583 -15.29 23.14 -26.32
CA LYS C 583 -16.52 22.69 -26.96
C LYS C 583 -16.51 22.78 -28.48
N ILE C 584 -15.52 23.42 -29.09
CA ILE C 584 -15.30 23.36 -30.54
C ILE C 584 -14.27 22.32 -30.90
N THR C 585 -13.23 22.21 -30.13
CA THR C 585 -12.15 21.31 -30.45
C THR C 585 -12.61 19.86 -30.31
N PRO C 586 -12.30 18.98 -31.26
CA PRO C 586 -12.75 17.59 -31.17
C PRO C 586 -12.03 16.82 -30.09
N ARG C 587 -10.91 17.34 -29.60
CA ARG C 587 -10.09 16.63 -28.63
C ARG C 587 -9.49 17.61 -27.65
N GLY C 588 -9.29 17.16 -26.41
CA GLY C 588 -8.65 17.95 -25.38
C GLY C 588 -9.22 17.73 -23.99
N VAL C 589 -8.35 17.64 -22.98
CA VAL C 589 -8.71 17.49 -21.58
C VAL C 589 -8.43 18.77 -20.81
N TYR C 590 -9.48 19.33 -20.20
CA TYR C 590 -9.40 20.60 -19.48
C TYR C 590 -8.72 20.37 -18.12
N THR C 591 -7.39 20.29 -18.15
CA THR C 591 -6.62 20.11 -16.94
C THR C 591 -6.69 21.35 -16.05
N SER C 592 -6.40 21.17 -14.77
CA SER C 592 -6.63 22.25 -13.81
C SER C 592 -5.76 22.10 -12.57
N GLY C 593 -4.94 23.11 -12.32
CA GLY C 593 -4.26 23.31 -11.06
C GLY C 593 -3.41 22.16 -10.56
N LYS C 594 -3.33 22.10 -9.23
CA LYS C 594 -2.71 21.02 -8.47
C LYS C 594 -3.42 19.68 -8.61
N GLY C 595 -4.60 19.66 -9.22
CA GLY C 595 -5.37 18.46 -9.50
C GLY C 595 -4.89 17.69 -10.71
N SER C 596 -3.72 18.03 -11.24
CA SER C 596 -3.21 17.45 -12.48
C SER C 596 -1.71 17.35 -12.38
N SER C 597 -1.19 16.13 -12.33
CA SER C 597 0.24 15.89 -12.14
C SER C 597 0.72 14.77 -13.05
N ALA C 598 2.05 14.67 -13.15
CA ALA C 598 2.77 13.95 -14.19
C ALA C 598 2.20 12.59 -14.57
N VAL C 599 1.96 11.74 -13.58
CA VAL C 599 1.44 10.39 -13.81
C VAL C 599 0.10 10.39 -14.54
N GLY C 600 -0.68 11.46 -14.45
CA GLY C 600 -1.90 11.58 -15.23
C GLY C 600 -1.94 12.56 -16.39
N LEU C 601 -0.84 13.27 -16.64
CA LEU C 601 -0.71 14.04 -17.88
C LEU C 601 -0.12 13.17 -18.99
N THR C 602 1.04 12.58 -18.72
CA THR C 602 1.50 11.43 -19.49
C THR C 602 0.85 10.15 -18.96
N ALA C 603 1.17 9.03 -19.63
CA ALA C 603 0.52 7.77 -19.37
C ALA C 603 0.90 7.14 -18.03
N TYR C 604 0.02 6.25 -17.58
CA TYR C 604 0.16 5.51 -16.33
C TYR C 604 -0.27 4.06 -16.55
N ILE C 605 0.25 3.18 -15.70
CA ILE C 605 -0.07 1.76 -15.71
C ILE C 605 -1.04 1.46 -14.58
N THR C 606 -2.09 0.71 -14.87
CA THR C 606 -3.11 0.41 -13.86
C THR C 606 -3.73 -0.97 -14.08
N ARG C 607 -4.21 -1.53 -12.97
CA ARG C 607 -4.97 -2.78 -12.93
C ARG C 607 -6.38 -2.62 -13.48
N ASP C 608 -6.68 -3.31 -14.58
CA ASP C 608 -8.04 -3.37 -15.10
C ASP C 608 -8.81 -4.41 -14.30
N VAL C 609 -9.51 -3.95 -13.26
CA VAL C 609 -10.27 -4.83 -12.36
C VAL C 609 -11.23 -5.77 -13.07
N ASP C 610 -11.70 -5.39 -14.26
CA ASP C 610 -12.67 -6.24 -14.94
C ASP C 610 -12.05 -7.52 -15.48
N THR C 611 -10.73 -7.54 -15.66
CA THR C 611 -9.99 -8.76 -15.97
C THR C 611 -8.84 -9.04 -15.03
N LYS C 612 -8.41 -8.06 -14.24
CA LYS C 612 -7.26 -8.19 -13.33
C LYS C 612 -6.02 -8.50 -14.16
N GLN C 613 -5.61 -7.50 -14.93
CA GLN C 613 -4.30 -7.44 -15.53
C GLN C 613 -3.81 -5.99 -15.54
N LEU C 614 -2.50 -5.85 -15.57
CA LEU C 614 -1.87 -4.57 -15.82
C LEU C 614 -2.09 -4.14 -17.27
N VAL C 615 -2.49 -2.88 -17.46
CA VAL C 615 -2.75 -2.35 -18.79
C VAL C 615 -2.43 -0.86 -18.77
N LEU C 616 -2.15 -0.32 -19.95
CA LEU C 616 -1.65 1.04 -20.10
C LEU C 616 -2.78 1.96 -20.57
N GLU C 617 -3.01 3.03 -19.82
CA GLU C 617 -3.98 4.06 -20.16
C GLU C 617 -3.29 5.34 -20.60
N SER C 618 -3.77 5.91 -21.70
CA SER C 618 -3.28 7.19 -22.19
C SER C 618 -3.60 8.31 -21.20
N GLY C 619 -2.58 9.07 -20.83
CA GLY C 619 -2.78 10.26 -20.04
C GLY C 619 -3.41 11.41 -20.82
N ALA C 620 -3.58 12.53 -20.09
CA ALA C 620 -4.31 13.68 -20.62
C ALA C 620 -3.71 14.25 -21.88
N LEU C 621 -2.38 14.41 -21.93
CA LEU C 621 -1.75 14.94 -23.14
C LEU C 621 -1.75 13.93 -24.26
N VAL C 622 -1.60 12.65 -23.93
CA VAL C 622 -1.62 11.61 -24.95
C VAL C 622 -3.00 11.53 -25.58
N LEU C 623 -4.06 11.58 -24.77
CA LEU C 623 -5.40 11.70 -25.32
C LEU C 623 -5.54 12.92 -26.21
N SER C 624 -4.74 13.95 -25.96
CA SER C 624 -4.82 15.21 -26.69
C SER C 624 -3.83 15.25 -27.84
N ASP C 625 -3.57 14.12 -28.49
CA ASP C 625 -2.65 14.09 -29.64
C ASP C 625 -3.39 14.69 -30.82
N GLY C 626 -3.51 16.01 -30.77
CA GLY C 626 -4.23 16.79 -31.72
C GLY C 626 -4.90 17.95 -31.01
N GLY C 627 -5.65 18.73 -31.77
CA GLY C 627 -6.51 19.77 -31.24
C GLY C 627 -5.89 20.72 -30.24
N VAL C 628 -6.53 20.86 -29.07
CA VAL C 628 -6.07 21.71 -27.99
C VAL C 628 -6.07 21.00 -26.66
N CYS C 629 -5.02 21.21 -25.87
CA CYS C 629 -5.03 20.89 -24.45
C CYS C 629 -5.15 22.21 -23.70
N CYS C 630 -6.20 22.36 -22.90
CA CYS C 630 -6.55 23.65 -22.29
C CYS C 630 -6.28 23.61 -20.79
N ILE C 631 -5.35 24.46 -20.34
CA ILE C 631 -4.77 24.43 -19.01
C ILE C 631 -5.14 25.69 -18.25
N ASP C 632 -5.52 25.54 -16.98
CA ASP C 632 -5.90 26.70 -16.19
C ASP C 632 -5.36 26.60 -14.76
N GLU C 633 -5.26 27.77 -14.13
CA GLU C 633 -4.42 28.02 -12.95
C GLU C 633 -2.97 27.58 -13.18
N PHE C 634 -2.42 28.01 -14.31
CA PHE C 634 -1.18 27.45 -14.84
C PHE C 634 0.00 27.64 -13.89
N ASP C 635 0.06 28.79 -13.20
CA ASP C 635 1.11 29.02 -12.21
C ASP C 635 0.90 28.34 -10.87
N LYS C 636 -0.29 27.81 -10.60
CA LYS C 636 -0.54 27.11 -9.35
C LYS C 636 -0.36 25.61 -9.52
N MET C 637 -0.02 25.17 -10.72
CA MET C 637 0.61 23.88 -10.94
C MET C 637 2.04 23.88 -10.41
N SER C 638 2.45 22.74 -9.87
CA SER C 638 3.64 22.67 -9.02
C SER C 638 4.92 22.81 -9.86
N ASP C 639 6.01 23.06 -9.14
CA ASP C 639 7.34 23.06 -9.74
C ASP C 639 7.69 21.73 -10.39
N SER C 640 7.17 20.62 -9.87
CA SER C 640 7.53 19.32 -10.44
C SER C 640 6.74 19.02 -11.69
N THR C 641 5.52 19.52 -11.79
CA THR C 641 4.62 19.07 -12.83
C THR C 641 4.94 19.82 -14.12
N ARG C 642 5.26 21.10 -13.97
CA ARG C 642 5.50 22.01 -15.08
C ARG C 642 6.58 21.49 -16.01
N SER C 643 7.48 20.66 -15.49
CA SER C 643 8.65 20.16 -16.21
C SER C 643 8.32 19.24 -17.37
N VAL C 644 7.09 18.71 -17.45
CA VAL C 644 6.67 17.95 -18.62
C VAL C 644 6.38 18.88 -19.79
N LEU C 645 5.59 19.91 -19.54
CA LEU C 645 5.27 20.90 -20.58
C LEU C 645 6.52 21.60 -21.10
N HIS C 646 7.50 21.83 -20.22
CA HIS C 646 8.78 22.40 -20.62
C HIS C 646 9.44 21.66 -21.79
N GLU C 647 9.23 20.35 -21.93
CA GLU C 647 9.65 19.70 -23.17
C GLU C 647 8.60 19.83 -24.28
N VAL C 648 7.35 19.53 -23.95
CA VAL C 648 6.28 19.42 -24.94
C VAL C 648 5.97 20.70 -25.69
N MET C 649 6.15 21.86 -25.07
CA MET C 649 5.73 23.14 -25.64
C MET C 649 6.20 23.41 -27.07
N GLU C 650 7.36 22.89 -27.46
CA GLU C 650 7.75 22.96 -28.87
C GLU C 650 8.15 21.61 -29.45
N GLN C 651 8.68 20.71 -28.62
CA GLN C 651 9.12 19.41 -29.12
C GLN C 651 7.96 18.45 -29.35
N GLN C 652 6.77 18.79 -28.86
CA GLN C 652 5.52 18.10 -29.20
C GLN C 652 5.59 16.58 -29.04
N THR C 653 6.45 16.11 -28.14
CA THR C 653 6.62 14.69 -27.91
C THR C 653 7.01 14.50 -26.46
N ILE C 654 6.72 13.31 -25.94
CA ILE C 654 7.07 12.91 -24.59
C ILE C 654 7.78 11.59 -24.65
N SER C 655 8.78 11.41 -23.79
CA SER C 655 9.63 10.23 -23.83
C SER C 655 9.77 9.66 -22.44
N ILE C 656 9.65 8.33 -22.36
CA ILE C 656 9.31 7.63 -21.13
C ILE C 656 10.35 6.56 -20.88
N ALA C 657 10.70 6.36 -19.61
CA ALA C 657 11.45 5.17 -19.22
C ALA C 657 11.02 4.81 -17.79
N LYS C 658 9.92 4.07 -17.69
CA LYS C 658 9.47 3.50 -16.42
C LYS C 658 8.93 2.10 -16.65
N ALA C 659 8.84 1.36 -15.56
CA ALA C 659 8.68 -0.09 -15.58
C ALA C 659 7.52 -0.57 -16.43
N GLY C 660 7.85 -1.39 -17.44
CA GLY C 660 6.93 -1.91 -18.42
C GLY C 660 6.93 -1.22 -19.76
N ILE C 661 7.41 0.02 -19.84
CA ILE C 661 7.35 0.79 -21.08
C ILE C 661 8.64 1.59 -21.23
N ILE C 662 9.20 1.59 -22.44
CA ILE C 662 10.23 2.54 -22.82
C ILE C 662 9.91 2.94 -24.25
N THR C 663 9.44 4.17 -24.43
CA THR C 663 9.04 4.65 -25.74
C THR C 663 9.01 6.17 -25.69
N THR C 664 9.13 6.79 -26.87
CA THR C 664 8.70 8.16 -27.10
C THR C 664 7.41 8.12 -27.89
N LEU C 665 6.41 8.86 -27.40
CA LEU C 665 5.07 8.88 -27.95
C LEU C 665 4.66 10.29 -28.34
N ASN C 666 3.76 10.36 -29.32
CA ASN C 666 3.37 11.62 -29.92
C ASN C 666 2.47 12.41 -28.98
N ALA C 667 2.66 13.73 -28.99
CA ALA C 667 1.90 14.66 -28.18
C ALA C 667 1.75 15.95 -28.99
N ARG C 668 1.08 15.81 -30.14
CA ARG C 668 0.88 16.87 -31.12
C ARG C 668 0.06 18.06 -30.64
N SER C 669 -0.43 18.01 -29.40
CA SER C 669 -1.27 19.05 -28.83
C SER C 669 -0.68 20.45 -29.01
N SER C 670 -1.55 21.38 -29.42
CA SER C 670 -1.39 22.77 -29.05
C SER C 670 -1.75 22.93 -27.58
N ILE C 671 -1.17 23.95 -26.95
CA ILE C 671 -1.39 24.21 -25.53
C ILE C 671 -1.85 25.64 -25.34
N LEU C 672 -2.85 25.81 -24.49
CA LEU C 672 -3.40 27.11 -24.17
C LEU C 672 -3.53 27.22 -22.66
N ALA C 673 -3.16 28.36 -22.10
CA ALA C 673 -3.03 28.49 -20.65
C ALA C 673 -3.64 29.77 -20.12
N SER C 674 -4.29 29.66 -18.97
CA SER C 674 -4.76 30.81 -18.18
C SER C 674 -3.85 30.98 -16.99
N ALA C 675 -3.42 32.22 -16.74
CA ALA C 675 -2.56 32.51 -15.61
C ALA C 675 -2.97 33.84 -15.00
N ASN C 676 -2.52 34.04 -13.77
CA ASN C 676 -2.76 35.25 -12.99
C ASN C 676 -1.45 35.72 -12.38
N PRO C 677 -1.30 37.02 -12.12
CA PRO C 677 0.01 37.53 -11.70
C PRO C 677 0.35 37.16 -10.27
N ILE C 678 1.58 37.52 -9.89
CA ILE C 678 1.99 37.50 -8.49
C ILE C 678 1.11 38.42 -7.67
N GLY C 679 0.76 37.97 -6.48
CA GLY C 679 -0.14 38.72 -5.64
C GLY C 679 -1.57 38.61 -6.12
N SER C 680 -2.07 39.71 -6.67
CA SER C 680 -3.44 39.77 -7.14
C SER C 680 -3.60 40.96 -8.07
N ARG C 681 -4.71 40.96 -8.78
CA ARG C 681 -5.13 42.01 -9.70
C ARG C 681 -4.08 42.31 -10.80
N TYR C 682 -3.46 43.49 -10.78
CA TYR C 682 -2.26 43.76 -11.54
C TYR C 682 -1.55 44.95 -10.89
N ASN C 683 -0.29 45.16 -11.24
CA ASN C 683 0.54 46.17 -10.59
C ASN C 683 1.53 46.67 -11.64
N PRO C 684 1.16 47.72 -12.41
CA PRO C 684 2.06 48.20 -13.47
C PRO C 684 3.38 48.75 -12.98
N ASN C 685 3.51 49.07 -11.70
CA ASN C 685 4.75 49.57 -11.15
C ASN C 685 5.82 48.51 -10.94
N LEU C 686 5.58 47.27 -11.36
CA LEU C 686 6.59 46.23 -11.38
C LEU C 686 6.67 45.61 -12.78
N PRO C 687 7.87 45.26 -13.25
CA PRO C 687 7.98 44.75 -14.62
C PRO C 687 7.31 43.40 -14.80
N VAL C 688 6.59 43.29 -15.93
CA VAL C 688 5.71 42.18 -16.24
C VAL C 688 6.42 40.84 -16.08
N THR C 689 7.69 40.79 -16.49
CA THR C 689 8.51 39.60 -16.36
C THR C 689 8.58 39.10 -14.94
N GLU C 690 8.61 40.01 -13.97
CA GLU C 690 8.49 39.61 -12.56
C GLU C 690 7.03 39.36 -12.19
N ASN C 691 6.15 40.26 -12.60
CA ASN C 691 4.76 40.26 -12.14
C ASN C 691 4.05 38.93 -12.41
N ILE C 692 4.29 38.33 -13.57
CA ILE C 692 3.67 37.04 -13.92
C ILE C 692 4.04 35.88 -13.00
N ASP C 693 5.20 35.92 -12.34
CA ASP C 693 5.65 34.82 -11.47
C ASP C 693 5.73 33.51 -12.24
N LEU C 694 6.27 33.57 -13.45
CA LEU C 694 6.55 32.42 -14.30
C LEU C 694 7.96 32.62 -14.82
N PRO C 695 8.79 31.57 -14.90
CA PRO C 695 10.21 31.81 -15.15
C PRO C 695 10.43 32.37 -16.54
N PRO C 696 11.44 33.22 -16.73
CA PRO C 696 11.67 33.90 -18.03
C PRO C 696 11.74 32.95 -19.22
N PRO C 697 12.43 31.79 -19.12
CA PRO C 697 12.50 30.92 -20.30
C PRO C 697 11.19 30.27 -20.72
N LEU C 698 10.44 29.72 -19.79
CA LEU C 698 9.16 29.12 -20.14
C LEU C 698 8.22 30.18 -20.70
N LEU C 699 8.24 31.37 -20.11
CA LEU C 699 7.47 32.49 -20.64
C LEU C 699 7.86 32.82 -22.08
N SER C 700 9.15 32.74 -22.39
CA SER C 700 9.62 32.90 -23.76
C SER C 700 9.17 31.78 -24.68
N ARG C 701 9.16 30.54 -24.20
CA ARG C 701 8.79 29.40 -25.02
C ARG C 701 7.30 29.33 -25.32
N PHE C 702 6.47 30.11 -24.62
CA PHE C 702 5.15 30.41 -25.17
C PHE C 702 5.33 31.26 -26.42
N ASP C 703 4.52 30.94 -27.44
CA ASP C 703 4.62 31.63 -28.71
C ASP C 703 3.89 32.96 -28.70
N LEU C 704 2.79 33.06 -27.97
CA LEU C 704 2.09 34.32 -27.77
C LEU C 704 1.65 34.43 -26.32
N VAL C 705 1.95 35.57 -25.70
CA VAL C 705 1.50 35.91 -24.35
C VAL C 705 0.59 37.13 -24.41
N TYR C 706 -0.60 36.98 -23.83
CA TYR C 706 -1.60 38.03 -23.78
C TYR C 706 -1.68 38.70 -22.41
N LEU C 707 -1.59 40.03 -22.43
CA LEU C 707 -1.79 40.86 -21.25
C LEU C 707 -3.17 41.51 -21.38
N VAL C 708 -4.06 41.23 -20.42
CA VAL C 708 -5.50 41.44 -20.60
C VAL C 708 -5.99 42.39 -19.51
N LEU C 709 -5.12 43.30 -19.07
CA LEU C 709 -5.42 44.18 -17.95
C LEU C 709 -6.68 45.02 -18.22
N ASP C 710 -7.35 45.37 -17.13
CA ASP C 710 -8.70 45.95 -17.15
C ASP C 710 -8.72 47.44 -17.49
N LYS C 711 -7.94 48.25 -16.78
CA LYS C 711 -7.78 49.69 -17.00
C LYS C 711 -9.11 50.40 -17.22
N VAL C 712 -9.87 50.52 -16.13
CA VAL C 712 -11.31 50.75 -16.17
C VAL C 712 -11.64 52.09 -16.80
N ASP C 713 -12.73 52.15 -17.55
CA ASP C 713 -13.30 53.43 -17.92
C ASP C 713 -14.76 53.28 -18.30
N GLU C 714 -15.50 54.38 -18.09
CA GLU C 714 -16.78 54.64 -18.75
C GLU C 714 -16.62 54.56 -20.26
N LYS C 715 -17.75 54.38 -20.95
CA LYS C 715 -17.79 54.18 -22.41
C LYS C 715 -17.04 52.94 -22.89
N ASN C 716 -16.67 52.03 -21.99
CA ASN C 716 -16.38 50.65 -22.36
C ASN C 716 -17.18 49.72 -21.48
N ASP C 717 -17.02 49.87 -20.17
CA ASP C 717 -17.70 49.00 -19.22
C ASP C 717 -19.20 49.20 -19.23
N ARG C 718 -19.67 50.39 -19.59
CA ARG C 718 -21.10 50.58 -19.82
C ARG C 718 -21.61 49.78 -21.00
N GLU C 719 -20.86 49.79 -22.10
CA GLU C 719 -21.23 49.04 -23.29
C GLU C 719 -21.20 47.54 -23.04
N LEU C 720 -20.24 47.10 -22.24
CA LEU C 720 -20.20 45.72 -21.75
C LEU C 720 -21.42 45.35 -20.93
N ALA C 721 -21.81 46.22 -19.99
CA ALA C 721 -22.96 45.95 -19.13
C ALA C 721 -24.26 45.83 -19.91
N LYS C 722 -24.49 46.70 -20.88
CA LYS C 722 -25.62 46.54 -21.79
C LYS C 722 -25.58 45.19 -22.53
N HIS C 723 -24.41 44.82 -23.04
CA HIS C 723 -24.28 43.52 -23.71
C HIS C 723 -24.64 42.36 -22.81
N LEU C 724 -24.09 42.32 -21.60
CA LEU C 724 -24.41 41.25 -20.66
C LEU C 724 -25.89 41.19 -20.30
N THR C 725 -26.50 42.33 -19.97
CA THR C 725 -27.88 42.31 -19.51
C THR C 725 -28.89 42.01 -20.62
N ASN C 726 -28.52 42.22 -21.89
CA ASN C 726 -29.33 41.70 -22.99
C ASN C 726 -29.46 40.19 -22.98
N LEU C 727 -28.53 39.46 -22.36
CA LEU C 727 -28.69 38.03 -22.13
C LEU C 727 -29.78 37.69 -21.12
N TYR C 728 -30.26 38.67 -20.36
CA TYR C 728 -31.33 38.49 -19.39
C TYR C 728 -32.58 39.26 -19.79
N LEU C 729 -32.54 39.97 -20.91
CA LEU C 729 -33.73 40.55 -21.51
C LEU C 729 -34.68 39.49 -22.05
N GLU C 730 -34.16 38.57 -22.84
CA GLU C 730 -34.85 37.36 -23.30
C GLU C 730 -34.22 36.12 -22.70
N ASP C 731 -35.03 35.30 -22.01
CA ASP C 731 -34.45 34.35 -21.09
C ASP C 731 -33.75 33.20 -21.82
N LYS C 732 -33.88 33.10 -23.13
CA LYS C 732 -32.81 32.50 -23.92
C LYS C 732 -32.43 33.35 -25.14
N PRO C 733 -31.08 33.59 -25.41
CA PRO C 733 -30.60 34.76 -26.16
C PRO C 733 -30.75 34.61 -27.68
N GLU C 734 -31.93 34.18 -28.12
CA GLU C 734 -32.13 33.95 -29.56
C GLU C 734 -31.91 35.21 -30.40
N HIS C 735 -32.19 36.39 -29.86
CA HIS C 735 -31.85 37.65 -30.53
C HIS C 735 -30.35 37.95 -30.61
N ILE C 736 -29.46 37.08 -30.14
CA ILE C 736 -28.02 37.21 -30.32
C ILE C 736 -27.58 37.22 -31.79
N SER C 737 -28.49 36.98 -32.74
CA SER C 737 -28.18 37.14 -34.16
C SER C 737 -27.88 38.58 -34.54
N GLN C 738 -28.27 39.54 -33.69
CA GLN C 738 -27.88 40.93 -33.91
C GLN C 738 -26.36 41.03 -33.97
N ASP C 739 -25.89 42.11 -34.61
CA ASP C 739 -24.46 42.41 -34.66
C ASP C 739 -23.74 41.29 -35.43
N ASP C 740 -24.10 41.24 -36.71
CA ASP C 740 -24.10 40.04 -37.54
C ASP C 740 -22.82 39.22 -37.45
N VAL C 741 -23.01 37.90 -37.33
CA VAL C 741 -21.91 36.96 -37.11
C VAL C 741 -22.28 35.66 -37.80
N LEU C 742 -21.24 34.93 -38.22
CA LEU C 742 -21.41 33.66 -38.89
C LEU C 742 -22.17 32.64 -38.03
N PRO C 743 -23.01 31.78 -38.64
CA PRO C 743 -23.40 30.54 -37.96
C PRO C 743 -22.17 29.68 -37.67
N VAL C 744 -22.09 29.21 -36.42
CA VAL C 744 -20.99 28.33 -36.00
C VAL C 744 -20.88 27.11 -36.90
N GLU C 745 -22.01 26.55 -37.31
CA GLU C 745 -22.05 25.39 -38.21
C GLU C 745 -21.44 25.66 -39.57
N PHE C 746 -21.30 26.92 -39.97
CA PHE C 746 -20.57 27.28 -41.17
C PHE C 746 -19.10 27.55 -40.87
N LEU C 747 -18.84 28.26 -39.77
CA LEU C 747 -17.48 28.57 -39.34
C LEU C 747 -16.64 27.30 -39.19
N THR C 748 -17.21 26.26 -38.59
CA THR C 748 -16.50 24.98 -38.46
C THR C 748 -16.33 24.27 -39.79
N MET C 749 -17.28 24.45 -40.71
CA MET C 749 -17.14 23.93 -42.06
C MET C 749 -16.08 24.68 -42.85
N TYR C 750 -15.89 25.97 -42.55
CA TYR C 750 -14.80 26.73 -43.16
C TYR C 750 -13.45 26.27 -42.64
N ILE C 751 -13.26 26.29 -41.33
CA ILE C 751 -11.97 25.97 -40.72
C ILE C 751 -11.56 24.53 -41.04
N SER C 752 -12.48 23.59 -40.92
CA SER C 752 -12.17 22.22 -41.29
C SER C 752 -12.02 22.01 -42.79
N TYR C 753 -12.29 23.00 -43.63
CA TYR C 753 -11.78 22.98 -45.00
C TYR C 753 -10.38 23.59 -45.12
N ALA C 754 -10.21 24.82 -44.66
CA ALA C 754 -8.94 25.52 -44.78
C ALA C 754 -7.79 24.76 -44.11
N LYS C 755 -8.05 24.27 -42.91
CA LYS C 755 -7.11 23.41 -42.20
C LYS C 755 -6.72 22.19 -43.02
N GLU C 756 -7.70 21.54 -43.63
CA GLU C 756 -7.47 20.29 -44.35
C GLU C 756 -6.79 20.45 -45.70
N HIS C 757 -6.93 21.60 -46.36
CA HIS C 757 -6.72 21.66 -47.81
C HIS C 757 -5.72 22.71 -48.30
N ILE C 758 -5.06 23.46 -47.42
CA ILE C 758 -4.08 24.47 -47.83
C ILE C 758 -2.80 24.30 -47.03
N HIS C 759 -1.66 24.37 -47.73
CA HIS C 759 -0.32 24.18 -47.18
C HIS C 759 0.53 25.42 -47.46
N PRO C 760 0.33 26.51 -46.71
CA PRO C 760 0.85 27.82 -47.14
C PRO C 760 2.37 27.98 -47.12
N ILE C 761 2.95 28.07 -48.32
CA ILE C 761 4.39 28.23 -48.49
C ILE C 761 4.80 29.66 -48.11
N ILE C 762 5.71 29.76 -47.14
CA ILE C 762 6.42 30.99 -46.80
C ILE C 762 7.41 31.40 -47.89
N THR C 763 6.99 32.34 -48.73
CA THR C 763 7.78 32.80 -49.86
C THR C 763 9.09 33.44 -49.43
N GLU C 764 10.11 33.26 -50.29
CA GLU C 764 11.45 33.78 -50.09
C GLU C 764 11.50 35.30 -50.03
N ALA C 765 10.52 35.99 -50.60
CA ALA C 765 10.42 37.44 -50.49
C ALA C 765 9.94 37.93 -49.13
N ALA C 766 9.28 37.07 -48.37
CA ALA C 766 8.76 37.48 -47.06
C ALA C 766 9.86 37.62 -46.02
N LYS C 767 11.05 37.10 -46.27
CA LYS C 767 12.13 37.14 -45.28
C LYS C 767 12.49 38.57 -44.87
N THR C 768 12.53 39.49 -45.84
CA THR C 768 13.19 40.76 -45.62
C THR C 768 12.47 41.63 -44.61
N GLU C 769 11.14 41.52 -44.54
CA GLU C 769 10.34 42.16 -43.50
C GLU C 769 10.27 41.34 -42.22
N LEU C 770 10.57 40.05 -42.30
CA LEU C 770 10.51 39.16 -41.15
C LEU C 770 11.72 39.28 -40.25
N VAL C 771 12.91 39.31 -40.84
CA VAL C 771 14.14 39.34 -40.06
C VAL C 771 14.31 40.67 -39.31
N ARG C 772 14.00 41.78 -39.96
CA ARG C 772 14.03 43.06 -39.27
C ARG C 772 13.06 43.14 -38.11
N ALA C 773 11.91 42.47 -38.20
CA ALA C 773 10.98 42.45 -37.08
C ALA C 773 11.54 41.65 -35.91
N TYR C 774 12.26 40.57 -36.19
CA TYR C 774 12.97 39.86 -35.14
C TYR C 774 14.11 40.69 -34.55
N VAL C 775 15.01 41.19 -35.42
CA VAL C 775 16.12 42.01 -34.95
C VAL C 775 15.66 43.25 -34.17
N GLY C 776 14.53 43.85 -34.56
CA GLY C 776 14.01 44.95 -33.78
C GLY C 776 13.64 44.59 -32.35
N MET C 777 13.21 43.36 -32.14
CA MET C 777 13.04 42.85 -30.78
C MET C 777 14.36 42.65 -30.06
N ARG C 778 15.43 42.34 -30.80
CA ARG C 778 16.69 42.01 -30.16
C ARG C 778 17.47 43.23 -29.66
N LYS C 779 17.21 44.42 -30.18
CA LYS C 779 17.96 45.61 -29.79
C LYS C 779 17.98 45.83 -28.28
N ALA C 793 14.24 37.86 -25.22
CA ALA C 793 13.74 37.66 -26.61
C ALA C 793 14.65 36.71 -27.36
N THR C 794 14.06 35.83 -28.18
CA THR C 794 14.81 34.72 -28.75
C THR C 794 14.04 34.16 -29.93
N THR C 795 14.71 33.25 -30.65
CA THR C 795 14.16 32.61 -31.85
C THR C 795 12.74 32.07 -31.73
N ARG C 796 12.27 31.74 -30.53
CA ARG C 796 10.88 31.32 -30.38
C ARG C 796 9.90 32.32 -30.97
N GLN C 797 10.25 33.61 -30.93
CA GLN C 797 9.43 34.63 -31.57
C GLN C 797 9.43 34.44 -33.08
N LEU C 798 10.62 34.26 -33.65
CA LEU C 798 10.76 33.99 -35.07
C LEU C 798 10.06 32.69 -35.45
N GLU C 799 10.34 31.63 -34.71
CA GLU C 799 9.70 30.35 -34.94
C GLU C 799 8.20 30.41 -34.69
N SER C 800 7.73 31.37 -33.90
CA SER C 800 6.31 31.65 -33.74
C SER C 800 5.71 32.45 -34.89
N MET C 801 6.35 33.55 -35.28
CA MET C 801 5.86 34.39 -36.37
C MET C 801 5.60 33.63 -37.66
N ILE C 802 6.49 32.71 -38.03
CA ILE C 802 6.24 31.93 -39.23
C ILE C 802 5.03 31.01 -39.03
N ARG C 803 4.90 30.40 -37.85
CA ARG C 803 3.75 29.56 -37.58
C ARG C 803 2.46 30.35 -37.38
N LEU C 804 2.54 31.62 -37.00
CA LEU C 804 1.37 32.49 -36.90
C LEU C 804 0.98 33.15 -38.21
N ALA C 805 1.96 33.65 -38.97
CA ALA C 805 1.70 34.28 -40.25
C ALA C 805 1.19 33.31 -41.31
N GLU C 806 1.67 32.08 -41.28
CA GLU C 806 1.17 31.08 -42.20
C GLU C 806 -0.27 30.70 -41.89
N ALA C 807 -0.63 30.68 -40.61
CA ALA C 807 -2.05 30.56 -40.26
C ALA C 807 -2.88 31.72 -40.81
N HIS C 808 -2.34 32.94 -40.77
CA HIS C 808 -3.00 34.08 -41.42
C HIS C 808 -3.06 33.95 -42.94
N ALA C 809 -2.42 32.94 -43.52
CA ALA C 809 -2.62 32.55 -44.90
C ALA C 809 -3.50 31.32 -45.06
N LYS C 810 -3.60 30.46 -44.04
CA LYS C 810 -4.69 29.48 -44.03
C LYS C 810 -6.02 30.21 -44.05
N MET C 811 -6.17 31.20 -43.17
CA MET C 811 -7.23 32.19 -43.31
C MET C 811 -7.00 32.99 -44.57
N LYS C 812 -8.07 33.14 -45.36
CA LYS C 812 -8.07 33.59 -46.76
C LYS C 812 -7.56 32.55 -47.73
N LEU C 813 -7.24 31.35 -47.27
CA LEU C 813 -7.03 30.21 -48.17
C LEU C 813 -5.88 30.41 -49.16
N LYS C 814 -4.78 31.02 -48.74
CA LYS C 814 -3.73 31.41 -49.67
C LYS C 814 -2.65 30.33 -49.67
N ASN C 815 -2.37 29.80 -50.86
CA ASN C 815 -1.34 28.78 -51.01
C ASN C 815 0.05 29.33 -50.71
N VAL C 816 0.24 30.64 -50.87
CA VAL C 816 1.52 31.29 -50.65
C VAL C 816 1.33 32.53 -49.78
N VAL C 817 2.29 32.73 -48.89
CA VAL C 817 2.34 33.89 -48.01
C VAL C 817 2.80 35.10 -48.78
N GLU C 818 2.20 36.25 -48.44
CA GLU C 818 2.49 37.52 -49.10
C GLU C 818 2.96 38.50 -48.03
N LEU C 819 3.78 39.45 -48.48
CA LEU C 819 4.50 40.37 -47.60
C LEU C 819 3.60 41.12 -46.62
N GLU C 820 2.30 41.22 -46.90
CA GLU C 820 1.40 41.91 -45.99
C GLU C 820 1.09 41.08 -44.75
N ASP C 821 0.90 39.77 -44.92
CA ASP C 821 0.34 38.98 -43.82
C ASP C 821 1.30 38.81 -42.65
N VAL C 822 2.60 39.05 -42.85
CA VAL C 822 3.54 39.12 -41.75
C VAL C 822 3.29 40.39 -40.91
N GLN C 823 2.82 41.45 -41.55
CA GLN C 823 2.69 42.75 -40.89
C GLN C 823 1.64 42.73 -39.79
N GLU C 824 0.49 42.11 -40.04
CA GLU C 824 -0.51 41.96 -39.00
C GLU C 824 -0.06 40.98 -37.91
N ALA C 825 0.71 39.97 -38.27
CA ALA C 825 1.18 38.98 -37.30
C ALA C 825 2.16 39.56 -36.27
N VAL C 826 3.13 40.35 -36.72
CA VAL C 826 4.07 40.96 -35.77
C VAL C 826 3.38 41.99 -34.89
N ARG C 827 2.49 42.80 -35.46
CA ARG C 827 1.77 43.80 -34.68
C ARG C 827 0.95 43.15 -33.57
N LEU C 828 0.33 42.02 -33.89
CA LEU C 828 -0.38 41.21 -32.91
C LEU C 828 0.50 40.78 -31.76
N ILE C 829 1.72 40.32 -32.04
CA ILE C 829 2.64 39.94 -30.98
C ILE C 829 2.97 41.13 -30.08
N ARG C 830 3.34 42.26 -30.69
CA ARG C 830 3.68 43.44 -29.92
C ARG C 830 2.50 43.98 -29.13
N SER C 831 1.31 44.02 -29.74
CA SER C 831 0.15 44.56 -29.05
C SER C 831 -0.44 43.60 -28.02
N ALA C 832 -0.23 42.30 -28.20
CA ALA C 832 -0.70 41.35 -27.20
C ALA C 832 -0.05 41.55 -25.84
N ILE C 833 1.16 42.12 -25.79
CA ILE C 833 1.82 42.47 -24.54
C ILE C 833 1.99 43.98 -24.39
N LYS C 834 1.24 44.77 -25.16
CA LYS C 834 1.25 46.23 -25.04
C LYS C 834 2.68 46.81 -25.06
N ASP C 835 3.48 46.31 -25.99
CA ASP C 835 4.92 46.57 -26.03
C ASP C 835 5.24 48.05 -26.17
N TYR C 836 4.30 48.85 -26.66
CA TYR C 836 4.51 50.29 -26.79
C TYR C 836 4.53 51.01 -25.45
N ALA C 837 3.89 50.45 -24.42
CA ALA C 837 3.68 51.24 -23.21
C ALA C 837 4.93 51.29 -22.34
N THR C 838 5.55 50.15 -22.08
CA THR C 838 6.61 50.04 -21.07
C THR C 838 7.93 49.60 -21.69
N SER D 2 -25.76 -63.24 28.60
CA SER D 2 -24.74 -62.18 28.57
C SER D 2 -23.56 -62.58 29.44
N PHE D 3 -22.36 -62.09 29.13
CA PHE D 3 -21.21 -62.35 29.97
C PHE D 3 -20.30 -61.13 30.01
N ASP D 4 -19.55 -61.05 31.10
CA ASP D 4 -18.45 -60.12 31.22
C ASP D 4 -17.26 -60.55 30.36
N ARG D 5 -16.39 -59.59 30.11
CA ARG D 5 -15.21 -59.81 29.30
C ARG D 5 -14.35 -60.93 29.88
N PRO D 6 -13.83 -61.86 29.05
CA PRO D 6 -12.83 -62.80 29.55
C PRO D 6 -11.51 -62.13 29.86
N GLU D 7 -11.23 -61.92 31.14
CA GLU D 7 -10.00 -61.26 31.54
C GLU D 7 -8.79 -62.16 31.36
N ILE D 8 -7.62 -61.53 31.28
CA ILE D 8 -6.35 -62.20 31.13
C ILE D 8 -5.33 -61.58 32.07
N TYR D 9 -4.50 -62.44 32.68
CA TYR D 9 -3.47 -61.98 33.61
C TYR D 9 -2.41 -63.07 33.76
N SER D 10 -1.26 -62.68 34.30
CA SER D 10 -0.13 -63.60 34.47
C SER D 10 0.85 -63.05 35.49
N ALA D 11 1.75 -63.91 35.96
CA ALA D 11 2.87 -63.46 36.77
C ALA D 11 4.10 -64.33 36.53
N PRO D 12 5.34 -63.79 36.76
CA PRO D 12 6.57 -64.60 36.62
C PRO D 12 6.81 -65.72 37.62
N VAL D 13 6.33 -66.93 37.32
CA VAL D 13 6.46 -68.05 38.24
C VAL D 13 7.91 -68.52 38.36
N LEU D 14 8.68 -68.41 37.27
CA LEU D 14 10.08 -68.87 37.28
C LEU D 14 10.98 -67.97 36.44
N GLN D 15 12.27 -68.09 36.75
CA GLN D 15 13.31 -67.42 35.98
C GLN D 15 13.28 -67.90 34.55
N GLY D 16 13.21 -66.94 33.63
CA GLY D 16 13.08 -67.18 32.21
C GLY D 16 14.33 -67.43 31.40
N GLU D 17 14.99 -66.36 30.96
CA GLU D 17 16.25 -66.43 30.26
C GLU D 17 17.07 -65.21 30.65
N SER D 18 18.39 -65.33 30.57
CA SER D 18 19.25 -64.19 30.85
C SER D 18 19.06 -63.08 29.81
N PRO D 19 18.93 -61.81 30.24
CA PRO D 19 18.90 -60.71 29.28
C PRO D 19 20.15 -60.65 28.41
N ASN D 20 19.95 -60.26 27.15
CA ASN D 20 21.05 -60.11 26.22
C ASN D 20 21.81 -58.79 26.38
N ASP D 21 21.34 -57.91 27.27
CA ASP D 21 21.87 -56.56 27.57
C ASP D 21 21.42 -55.54 26.53
N ASP D 22 20.57 -55.94 25.57
CA ASP D 22 20.04 -55.07 24.53
C ASP D 22 18.52 -55.04 24.51
N ASP D 23 17.87 -56.01 25.15
CA ASP D 23 16.47 -55.87 25.50
C ASP D 23 16.24 -54.69 26.44
N ASN D 24 15.07 -54.09 26.30
CA ASN D 24 14.82 -52.77 26.88
C ASN D 24 14.74 -52.81 28.40
N THR D 25 14.26 -53.91 28.98
CA THR D 25 14.08 -53.97 30.42
C THR D 25 15.42 -53.86 31.14
N GLU D 26 16.47 -54.43 30.57
CA GLU D 26 17.80 -54.27 31.14
C GLU D 26 18.39 -52.91 30.84
N ILE D 27 17.92 -52.24 29.79
CA ILE D 27 18.30 -50.85 29.52
C ILE D 27 17.62 -49.94 30.55
N ILE D 28 16.32 -50.16 30.77
CA ILE D 28 15.55 -49.44 31.79
C ILE D 28 16.19 -49.57 33.16
N LYS D 29 16.38 -50.81 33.61
CA LYS D 29 16.92 -51.06 34.94
C LYS D 29 18.33 -50.52 35.15
N SER D 30 19.15 -50.49 34.10
CA SER D 30 20.44 -49.84 34.22
C SER D 30 20.32 -48.34 34.44
N PHE D 31 19.32 -47.70 33.84
CA PHE D 31 19.09 -46.28 34.09
C PHE D 31 18.56 -46.00 35.49
N LYS D 32 17.70 -46.87 36.04
CA LYS D 32 17.33 -46.73 37.45
C LYS D 32 18.55 -46.79 38.36
N ASN D 33 19.52 -47.63 38.02
CA ASN D 33 20.80 -47.68 38.70
C ASN D 33 21.67 -46.47 38.43
N PHE D 34 21.38 -45.67 37.40
CA PHE D 34 21.97 -44.34 37.34
C PHE D 34 21.33 -43.40 38.35
N ILE D 35 20.01 -43.33 38.37
CA ILE D 35 19.30 -42.45 39.30
C ILE D 35 19.68 -42.74 40.75
N LEU D 36 19.71 -44.02 41.11
CA LEU D 36 19.85 -44.45 42.50
C LEU D 36 21.28 -44.70 42.97
N GLU D 37 22.28 -44.60 42.10
CA GLU D 37 23.64 -44.96 42.52
C GLU D 37 24.70 -44.08 41.88
N PHE D 38 24.34 -43.04 41.13
CA PHE D 38 25.32 -42.06 40.72
C PHE D 38 25.63 -41.18 41.93
N ARG D 39 26.92 -40.99 42.20
CA ARG D 39 27.38 -40.27 43.37
C ARG D 39 28.41 -39.23 42.96
N LEU D 40 28.29 -38.04 43.54
CA LEU D 40 29.31 -37.02 43.44
C LEU D 40 29.28 -36.20 44.71
N ASP D 41 30.45 -35.66 45.07
CA ASP D 41 30.63 -34.88 46.29
C ASP D 41 30.09 -35.67 47.49
N SER D 42 30.43 -36.96 47.52
CA SER D 42 29.94 -37.91 48.52
C SER D 42 28.43 -37.83 48.72
N GLN D 43 27.68 -37.50 47.67
CA GLN D 43 26.23 -37.39 47.77
C GLN D 43 25.62 -37.84 46.46
N PHE D 44 24.40 -38.37 46.53
CA PHE D 44 23.61 -38.56 45.32
C PHE D 44 23.17 -37.21 44.75
N ILE D 45 22.58 -37.28 43.55
CA ILE D 45 22.08 -36.10 42.85
C ILE D 45 20.64 -36.38 42.44
N TYR D 46 20.44 -37.40 41.60
CA TYR D 46 19.17 -37.59 40.93
C TYR D 46 18.11 -38.20 41.84
N ARG D 47 18.51 -38.93 42.88
CA ARG D 47 17.56 -39.41 43.88
C ARG D 47 16.82 -38.25 44.58
N ASP D 48 17.57 -37.40 45.28
CA ASP D 48 16.96 -36.27 45.98
C ASP D 48 16.43 -35.21 45.02
N GLN D 49 17.04 -35.07 43.84
CA GLN D 49 16.49 -34.15 42.84
C GLN D 49 15.09 -34.55 42.39
N LEU D 50 14.84 -35.85 42.23
CA LEU D 50 13.48 -36.30 41.97
C LEU D 50 12.57 -35.96 43.13
N ARG D 51 13.05 -36.24 44.34
CA ARG D 51 12.29 -35.94 45.55
C ARG D 51 11.94 -34.47 45.64
N ASN D 52 12.92 -33.60 45.39
CA ASN D 52 12.69 -32.16 45.37
C ASN D 52 11.70 -31.71 44.30
N ASN D 53 11.73 -32.34 43.12
CA ASN D 53 10.83 -31.93 42.04
C ASN D 53 9.43 -32.51 42.09
N ILE D 54 9.26 -33.70 42.67
CA ILE D 54 7.91 -34.26 42.84
C ILE D 54 7.12 -33.49 43.87
N LEU D 55 7.75 -33.06 44.96
CA LEU D 55 7.16 -32.14 45.92
C LEU D 55 6.80 -30.77 45.35
N VAL D 56 7.20 -30.46 44.11
CA VAL D 56 6.89 -29.19 43.48
C VAL D 56 5.95 -29.37 42.29
N LYS D 57 5.44 -30.58 42.06
CA LYS D 57 4.61 -30.89 40.90
C LYS D 57 5.31 -30.54 39.58
N ASN D 58 6.63 -30.64 39.56
CA ASN D 58 7.42 -30.19 38.44
C ASN D 58 7.56 -31.26 37.37
N TYR D 59 7.27 -32.53 37.72
CA TYR D 59 7.23 -33.68 36.83
C TYR D 59 8.32 -33.67 35.77
N SER D 60 9.52 -33.28 36.17
CA SER D 60 10.65 -33.19 35.27
C SER D 60 11.94 -33.22 36.07
N LEU D 61 13.04 -33.50 35.37
CA LEU D 61 14.35 -33.42 35.99
C LEU D 61 15.38 -33.02 34.95
N THR D 62 16.51 -32.51 35.43
CA THR D 62 17.62 -32.11 34.58
C THR D 62 18.76 -33.11 34.73
N VAL D 63 19.41 -33.42 33.62
CA VAL D 63 20.47 -34.43 33.55
C VAL D 63 21.66 -33.88 32.78
N ASN D 64 22.87 -34.25 33.19
CA ASN D 64 24.07 -33.98 32.40
C ASN D 64 24.60 -35.30 31.88
N MET D 65 24.63 -35.43 30.55
CA MET D 65 25.07 -36.64 29.88
C MET D 65 26.54 -36.98 30.13
N GLU D 66 27.34 -35.99 30.51
CA GLU D 66 28.74 -36.23 30.82
C GLU D 66 28.92 -37.03 32.10
N HIS D 67 27.94 -36.98 33.00
CA HIS D 67 27.88 -37.95 34.09
C HIS D 67 27.47 -39.33 33.62
N LEU D 68 26.61 -39.41 32.61
CA LEU D 68 26.14 -40.69 32.10
C LEU D 68 27.24 -41.47 31.38
N ILE D 69 28.02 -40.79 30.54
CA ILE D 69 29.20 -41.42 29.94
C ILE D 69 30.28 -41.68 30.97
N GLY D 70 30.29 -40.92 32.05
CA GLY D 70 31.12 -41.30 33.18
C GLY D 70 30.72 -42.64 33.78
N TYR D 71 29.42 -42.88 33.92
CA TYR D 71 28.96 -44.10 34.58
C TYR D 71 28.86 -45.30 33.65
N ASN D 72 28.28 -45.14 32.45
CA ASN D 72 27.91 -46.32 31.65
C ASN D 72 28.06 -46.00 30.15
N GLU D 73 29.23 -46.32 29.60
CA GLU D 73 29.50 -46.19 28.18
C GLU D 73 28.73 -47.21 27.33
N ASP D 74 28.10 -48.20 27.94
CA ASP D 74 27.21 -49.15 27.27
C ASP D 74 25.83 -48.57 26.99
N ILE D 75 25.58 -47.32 27.37
CA ILE D 75 24.30 -46.64 27.15
C ILE D 75 24.50 -45.41 26.28
N TYR D 76 25.42 -44.52 26.69
CA TYR D 76 25.48 -43.16 26.18
C TYR D 76 25.56 -43.15 24.67
N LYS D 77 26.45 -43.98 24.14
CA LYS D 77 26.62 -44.09 22.70
C LYS D 77 25.32 -44.54 22.03
N LYS D 78 24.58 -45.45 22.67
CA LYS D 78 23.36 -45.93 22.05
C LYS D 78 22.23 -44.91 22.12
N LEU D 79 22.19 -44.11 23.19
CA LEU D 79 21.30 -42.94 23.21
C LEU D 79 21.66 -41.91 22.15
N SER D 80 22.95 -41.65 21.97
CA SER D 80 23.36 -40.71 20.93
C SER D 80 23.12 -41.25 19.53
N ASP D 81 23.23 -42.56 19.33
CA ASP D 81 22.84 -43.16 18.06
C ASP D 81 21.33 -43.15 17.86
N GLU D 82 20.56 -43.58 18.86
CA GLU D 82 19.16 -43.98 18.67
C GLU D 82 18.22 -43.32 19.67
N PRO D 83 18.29 -41.99 19.81
CA PRO D 83 17.55 -41.29 20.87
C PRO D 83 16.05 -41.49 20.88
N SER D 84 15.40 -41.52 19.71
CA SER D 84 13.96 -41.69 19.62
C SER D 84 13.48 -43.09 19.97
N ASP D 85 14.39 -44.04 20.19
CA ASP D 85 14.07 -45.35 20.73
C ASP D 85 14.24 -45.41 22.25
N ILE D 86 15.34 -44.87 22.76
CA ILE D 86 15.79 -45.06 24.13
C ILE D 86 15.18 -44.06 25.10
N ILE D 87 15.02 -42.81 24.68
CA ILE D 87 14.52 -41.78 25.58
C ILE D 87 13.16 -42.09 26.21
N PRO D 88 12.16 -42.62 25.50
CA PRO D 88 10.92 -42.98 26.19
C PRO D 88 11.05 -44.10 27.22
N LEU D 89 12.08 -44.95 27.11
CA LEU D 89 12.42 -45.91 28.15
C LEU D 89 12.89 -45.24 29.43
N PHE D 90 13.76 -44.24 29.34
CA PHE D 90 14.24 -43.58 30.55
C PHE D 90 13.15 -42.79 31.24
N GLU D 91 12.28 -42.12 30.48
CA GLU D 91 11.11 -41.50 31.08
C GLU D 91 10.18 -42.51 31.73
N THR D 92 10.13 -43.74 31.23
CA THR D 92 9.43 -44.81 31.94
C THR D 92 10.15 -45.17 33.24
N ALA D 93 11.45 -45.43 33.16
CA ALA D 93 12.26 -45.77 34.32
C ALA D 93 12.13 -44.77 35.45
N ILE D 94 12.17 -43.48 35.11
CA ILE D 94 11.90 -42.43 36.08
C ILE D 94 10.53 -42.60 36.73
N THR D 95 9.53 -42.88 35.92
CA THR D 95 8.17 -42.99 36.44
C THR D 95 7.97 -44.19 37.36
N GLN D 96 8.69 -45.29 37.13
CA GLN D 96 8.64 -46.39 38.08
C GLN D 96 9.19 -46.03 39.44
N VAL D 97 10.33 -45.34 39.48
CA VAL D 97 10.84 -44.77 40.73
C VAL D 97 9.89 -43.74 41.31
N ALA D 98 9.33 -42.87 40.47
CA ALA D 98 8.49 -41.78 40.94
C ALA D 98 7.22 -42.24 41.63
N LYS D 99 6.62 -43.34 41.19
CA LYS D 99 5.49 -43.91 41.91
C LYS D 99 5.84 -44.33 43.32
N ARG D 100 6.99 -44.98 43.49
CA ARG D 100 7.43 -45.38 44.83
C ARG D 100 7.66 -44.20 45.75
N ILE D 101 8.32 -43.16 45.26
CA ILE D 101 8.54 -41.95 46.04
C ILE D 101 7.25 -41.21 46.36
N SER D 102 6.32 -41.15 45.41
CA SER D 102 5.03 -40.49 45.68
C SER D 102 4.28 -41.12 46.84
N ILE D 103 4.11 -42.44 46.81
CA ILE D 103 3.49 -43.16 47.92
C ILE D 103 4.26 -42.93 49.22
N LEU D 104 5.56 -43.16 49.20
CA LEU D 104 6.39 -43.07 50.40
C LEU D 104 6.48 -41.65 50.93
N SER D 105 6.24 -40.65 50.10
CA SER D 105 6.19 -39.27 50.54
C SER D 105 4.77 -38.92 51.00
N ARG D 106 3.77 -39.28 50.19
CA ARG D 106 2.38 -38.98 50.53
C ARG D 106 1.98 -39.61 51.86
N ALA D 107 2.42 -40.84 52.12
CA ALA D 107 2.02 -41.52 53.34
C ALA D 107 2.56 -40.87 54.61
N GLN D 108 3.54 -39.99 54.51
CA GLN D 108 4.17 -39.45 55.72
C GLN D 108 3.24 -38.45 56.40
N SER D 109 2.82 -37.43 55.65
CA SER D 109 1.88 -36.44 56.09
C SER D 109 1.12 -35.96 54.87
N ALA D 110 -0.13 -35.55 55.07
CA ALA D 110 -0.98 -35.00 54.02
C ALA D 110 -0.98 -35.83 52.73
N ASN D 130 -2.18 -42.63 42.30
CA ASN D 130 -3.29 -41.88 41.65
C ASN D 130 -3.00 -41.70 40.16
N SER D 131 -2.48 -40.53 39.77
CA SER D 131 -2.17 -40.23 38.38
C SER D 131 -0.83 -39.53 38.31
N LEU D 132 -0.01 -39.93 37.32
CA LEU D 132 1.17 -39.19 36.96
C LEU D 132 1.31 -39.22 35.45
N PRO D 133 1.71 -38.12 34.80
CA PRO D 133 2.22 -38.22 33.44
C PRO D 133 3.61 -38.81 33.42
N THR D 134 3.95 -39.38 32.27
CA THR D 134 5.31 -39.86 32.06
C THR D 134 6.28 -38.70 32.15
N PHE D 135 7.20 -38.77 33.12
CA PHE D 135 8.03 -37.62 33.44
C PHE D 135 8.91 -37.21 32.28
N GLN D 136 8.95 -35.91 32.03
CA GLN D 136 9.82 -35.37 31.00
C GLN D 136 11.23 -35.36 31.54
N LEU D 137 12.15 -35.98 30.81
CA LEU D 137 13.57 -35.89 31.14
C LEU D 137 14.21 -34.83 30.25
N ILE D 138 14.85 -33.87 30.90
CA ILE D 138 15.45 -32.72 30.28
C ILE D 138 16.93 -32.84 30.56
N LEU D 139 17.76 -32.48 29.60
CA LEU D 139 19.19 -32.64 29.79
C LEU D 139 19.93 -31.53 29.10
N ASN D 140 21.13 -31.27 29.59
CA ASN D 140 22.00 -30.24 29.09
C ASN D 140 23.45 -30.72 29.10
N SER D 141 24.25 -30.19 28.18
CA SER D 141 25.64 -30.59 28.07
C SER D 141 26.40 -29.53 27.28
N ASN D 142 27.72 -29.55 27.45
CA ASN D 142 28.63 -28.63 26.77
C ASN D 142 29.85 -29.34 26.19
N ALA D 143 29.82 -30.67 26.09
CA ALA D 143 30.88 -31.42 25.43
C ALA D 143 31.10 -31.01 23.98
N ASN D 144 30.08 -30.50 23.30
CA ASN D 144 30.29 -29.92 21.98
C ASN D 144 29.30 -28.79 21.74
N GLN D 145 29.63 -27.95 20.76
CA GLN D 145 28.73 -26.89 20.32
C GLN D 145 29.01 -26.68 18.83
N ILE D 146 28.05 -27.06 18.01
CA ILE D 146 28.24 -27.24 16.57
C ILE D 146 27.54 -26.09 15.86
N PRO D 147 28.21 -25.33 14.99
CA PRO D 147 27.50 -24.29 14.25
C PRO D 147 26.61 -24.87 13.17
N LEU D 148 25.53 -24.17 12.88
CA LEU D 148 24.57 -24.60 11.86
C LEU D 148 25.26 -24.82 10.52
N ARG D 149 26.23 -23.97 10.21
CA ARG D 149 27.05 -24.09 9.01
C ARG D 149 27.67 -25.47 8.84
N ASP D 150 27.87 -26.21 9.94
CA ASP D 150 28.44 -27.55 9.89
C ASP D 150 27.40 -28.65 10.02
N LEU D 151 26.12 -28.33 10.19
CA LEU D 151 25.10 -29.35 10.12
C LEU D 151 25.14 -30.02 8.75
N ASP D 152 24.79 -31.30 8.74
CA ASP D 152 24.96 -32.16 7.59
C ASP D 152 23.86 -33.21 7.61
N SER D 153 23.64 -33.84 6.45
CA SER D 153 22.77 -35.00 6.47
C SER D 153 23.42 -36.15 7.22
N GLU D 154 24.74 -36.14 7.32
CA GLU D 154 25.44 -36.93 8.30
C GLU D 154 24.87 -36.64 9.68
N HIS D 155 24.66 -37.69 10.47
CA HIS D 155 24.14 -37.70 11.86
C HIS D 155 22.71 -37.18 12.00
N VAL D 156 21.91 -37.20 10.94
CA VAL D 156 20.46 -37.03 11.09
C VAL D 156 19.92 -37.97 12.17
N SER D 157 19.11 -37.43 13.05
CA SER D 157 18.51 -38.10 14.21
C SER D 157 19.48 -38.55 15.29
N LYS D 158 20.77 -38.22 15.21
CA LYS D 158 21.57 -38.18 16.42
C LYS D 158 21.21 -36.95 17.26
N ILE D 159 21.69 -36.95 18.51
CA ILE D 159 21.67 -35.74 19.31
C ILE D 159 22.68 -34.75 18.77
N VAL D 160 22.28 -33.47 18.70
CA VAL D 160 23.12 -32.39 18.25
C VAL D 160 23.13 -31.26 19.27
N ARG D 161 24.29 -30.66 19.45
CA ARG D 161 24.51 -29.49 20.29
C ARG D 161 24.82 -28.28 19.41
N LEU D 162 23.98 -27.24 19.49
CA LEU D 162 24.21 -26.04 18.69
C LEU D 162 23.64 -24.81 19.39
N SER D 163 24.04 -23.64 18.88
CA SER D 163 23.79 -22.35 19.51
C SER D 163 23.36 -21.32 18.49
N GLY D 164 22.71 -20.26 18.98
CA GLY D 164 22.28 -19.16 18.15
C GLY D 164 21.53 -18.08 18.91
N ILE D 165 20.66 -17.33 18.22
CA ILE D 165 19.71 -16.42 18.84
C ILE D 165 18.31 -16.88 18.50
N ILE D 166 17.44 -16.99 19.52
CA ILE D 166 16.02 -17.19 19.29
C ILE D 166 15.39 -15.92 18.74
N ILE D 167 14.76 -16.01 17.57
CA ILE D 167 14.07 -14.87 17.01
C ILE D 167 12.67 -14.73 17.60
N SER D 168 11.95 -15.85 17.68
CA SER D 168 10.51 -15.83 17.90
C SER D 168 10.03 -17.13 18.51
N THR D 169 8.82 -17.08 19.08
CA THR D 169 8.36 -18.05 20.06
C THR D 169 6.89 -18.44 19.86
N SER D 170 6.22 -17.90 18.85
CA SER D 170 4.95 -18.37 18.28
C SER D 170 3.85 -18.44 19.34
N VAL D 171 3.09 -19.53 19.43
CA VAL D 171 2.00 -19.70 20.38
C VAL D 171 2.09 -21.07 21.02
N LEU D 172 1.64 -21.15 22.27
CA LEU D 172 1.55 -22.42 22.99
C LEU D 172 0.40 -23.27 22.47
N SER D 173 0.63 -23.88 21.31
CA SER D 173 -0.34 -24.79 20.71
C SER D 173 -0.60 -25.97 21.65
N SER D 174 -1.75 -26.61 21.46
CA SER D 174 -2.26 -27.63 22.37
C SER D 174 -2.25 -28.96 21.65
N ARG D 175 -1.58 -29.94 22.23
CA ARG D 175 -1.56 -31.30 21.71
C ARG D 175 -2.04 -32.26 22.80
N ALA D 176 -2.57 -33.38 22.37
CA ALA D 176 -3.03 -34.41 23.29
C ALA D 176 -1.88 -35.13 23.99
N THR D 177 -2.24 -35.80 25.07
CA THR D 177 -1.46 -36.87 25.68
C THR D 177 -2.32 -38.00 26.21
N TYR D 178 -3.57 -37.73 26.59
CA TYR D 178 -4.63 -38.73 26.71
C TYR D 178 -5.85 -38.18 26.00
N LEU D 179 -6.48 -39.00 25.18
CA LEU D 179 -7.81 -38.72 24.64
C LEU D 179 -8.69 -39.94 24.79
N SER D 180 -9.92 -39.71 25.22
CA SER D 180 -10.97 -40.72 25.26
C SER D 180 -11.98 -40.54 24.14
N ILE D 181 -12.38 -41.66 23.54
CA ILE D 181 -12.98 -41.71 22.22
C ILE D 181 -14.18 -42.64 22.25
N MET D 182 -15.28 -42.23 21.61
CA MET D 182 -16.46 -43.06 21.44
C MET D 182 -16.83 -43.16 19.97
N CYS D 183 -17.25 -44.34 19.55
CA CYS D 183 -17.86 -44.57 18.25
C CYS D 183 -19.26 -43.98 18.21
N ARG D 184 -19.54 -43.11 17.23
CA ARG D 184 -20.86 -42.50 17.16
C ARG D 184 -21.96 -43.48 16.74
N ASN D 185 -21.63 -44.69 16.32
CA ASN D 185 -22.61 -45.70 15.95
C ASN D 185 -22.57 -46.93 16.81
N CYS D 186 -21.39 -47.34 17.25
CA CYS D 186 -21.27 -48.50 18.11
C CYS D 186 -21.45 -48.18 19.59
N ARG D 187 -21.48 -46.90 19.97
CA ARG D 187 -21.62 -46.50 21.38
C ARG D 187 -20.55 -47.20 22.22
N HIS D 188 -19.34 -47.23 21.71
CA HIS D 188 -18.27 -48.09 22.17
C HIS D 188 -17.05 -47.24 22.41
N THR D 189 -16.39 -47.47 23.55
CA THR D 189 -15.38 -46.57 24.08
C THR D 189 -14.04 -47.26 24.19
N THR D 190 -13.00 -46.47 23.97
CA THR D 190 -11.61 -46.87 24.07
C THR D 190 -10.85 -45.70 24.66
N SER D 191 -9.54 -45.86 24.79
CA SER D 191 -8.70 -44.72 25.08
C SER D 191 -7.37 -44.91 24.39
N ILE D 192 -6.74 -43.78 24.08
CA ILE D 192 -5.45 -43.74 23.41
C ILE D 192 -4.53 -42.84 24.22
N THR D 193 -3.26 -43.22 24.31
CA THR D 193 -2.26 -42.41 24.98
C THR D 193 -1.08 -42.23 24.06
N ILE D 194 -0.44 -41.07 24.20
CA ILE D 194 0.82 -40.76 23.51
C ILE D 194 1.75 -40.11 24.51
N ASN D 195 3.01 -40.56 24.53
CA ASN D 195 3.95 -40.20 25.58
C ASN D 195 5.01 -39.19 25.19
N ASN D 196 5.60 -39.32 23.99
CA ASN D 196 6.88 -38.68 23.70
C ASN D 196 6.96 -38.00 22.34
N PHE D 197 6.22 -38.47 21.32
CA PHE D 197 6.40 -37.95 19.98
C PHE D 197 6.01 -36.48 19.84
N ASN D 198 5.22 -35.96 20.77
CA ASN D 198 4.64 -34.62 20.70
C ASN D 198 5.66 -33.53 20.38
N THR D 201 3.05 -34.71 11.53
CA THR D 201 3.11 -34.87 10.03
C THR D 201 3.71 -36.22 9.69
N GLY D 202 2.88 -37.12 9.15
CA GLY D 202 3.31 -38.43 8.72
C GLY D 202 3.76 -39.37 9.82
N ASN D 203 3.67 -38.93 11.07
CA ASN D 203 4.23 -39.63 12.23
C ASN D 203 3.25 -39.43 13.39
N THR D 204 3.66 -39.84 14.58
CA THR D 204 2.79 -39.88 15.77
C THR D 204 1.59 -40.78 15.46
N VAL D 205 0.35 -40.34 15.72
CA VAL D 205 -0.83 -41.21 15.61
C VAL D 205 -2.03 -40.42 15.13
N SER D 206 -3.05 -41.16 14.70
CA SER D 206 -4.32 -40.61 14.27
C SER D 206 -5.41 -41.49 14.86
N LEU D 207 -6.64 -41.00 14.84
CA LEU D 207 -7.77 -41.80 15.27
C LEU D 207 -7.89 -43.07 14.42
N PRO D 208 -8.27 -44.22 15.00
CA PRO D 208 -8.28 -45.44 14.20
C PRO D 208 -9.26 -45.37 13.05
N ARG D 209 -8.84 -45.93 11.90
CA ARG D 209 -9.58 -45.80 10.66
C ARG D 209 -10.99 -46.38 10.74
N SER D 210 -11.15 -47.56 11.32
CA SER D 210 -12.46 -48.06 11.74
C SER D 210 -12.35 -48.89 13.02
N CYS D 211 -13.49 -49.09 13.66
CA CYS D 211 -13.56 -49.80 14.93
C CYS D 211 -13.16 -51.26 14.78
N ASN D 235 -21.53 -52.70 10.40
CA ASN D 235 -20.36 -51.79 10.20
C ASN D 235 -20.71 -50.41 10.76
N CYS D 236 -19.69 -49.58 10.95
CA CYS D 236 -19.87 -48.15 11.17
C CYS D 236 -18.94 -47.29 10.33
N GLY D 237 -18.19 -47.89 9.40
CA GLY D 237 -17.56 -47.18 8.32
C GLY D 237 -16.38 -46.34 8.76
N PRO D 238 -15.83 -45.55 7.83
CA PRO D 238 -14.64 -44.76 8.15
C PRO D 238 -14.94 -43.60 9.09
N ASP D 239 -13.89 -43.18 9.79
CA ASP D 239 -13.92 -42.01 10.66
C ASP D 239 -15.05 -42.02 11.69
N PRO D 240 -15.28 -43.14 12.39
CA PRO D 240 -16.49 -43.28 13.20
C PRO D 240 -16.44 -42.62 14.56
N TYR D 241 -15.34 -41.94 14.89
CA TYR D 241 -15.00 -41.69 16.29
C TYR D 241 -15.16 -40.22 16.65
N ILE D 242 -15.72 -40.00 17.84
CA ILE D 242 -15.82 -38.69 18.46
C ILE D 242 -14.86 -38.61 19.61
N ILE D 243 -14.06 -37.54 19.63
CA ILE D 243 -13.20 -37.23 20.76
C ILE D 243 -14.02 -36.65 21.91
N ILE D 244 -14.01 -37.33 23.05
CA ILE D 244 -14.66 -36.89 24.28
C ILE D 244 -13.74 -35.92 25.00
N HIS D 245 -13.76 -34.65 24.57
CA HIS D 245 -12.86 -33.62 25.09
C HIS D 245 -12.92 -33.49 26.61
N GLU D 246 -14.10 -33.58 27.20
CA GLU D 246 -14.22 -33.41 28.65
C GLU D 246 -13.72 -34.59 29.48
N SER D 247 -13.08 -35.57 28.89
CA SER D 247 -12.36 -36.61 29.65
C SER D 247 -11.05 -36.92 28.94
N SER D 248 -10.32 -35.87 28.59
CA SER D 248 -9.08 -35.97 27.85
C SER D 248 -8.10 -34.94 28.39
N LYS D 249 -6.80 -35.26 28.25
CA LYS D 249 -5.72 -34.47 28.81
C LYS D 249 -4.77 -34.05 27.70
N PHE D 250 -4.28 -32.82 27.83
CA PHE D 250 -3.60 -32.11 26.77
C PHE D 250 -2.38 -31.42 27.35
N ILE D 251 -1.50 -30.98 26.44
CA ILE D 251 -0.19 -30.45 26.79
C ILE D 251 0.10 -29.29 25.86
N ASP D 252 1.02 -28.45 26.29
CA ASP D 252 1.46 -27.29 25.54
C ASP D 252 2.78 -27.55 24.85
N GLN D 253 2.87 -27.14 23.59
CA GLN D 253 4.13 -27.15 22.88
C GLN D 253 4.26 -25.83 22.14
N GLN D 254 5.47 -25.56 21.67
CA GLN D 254 5.81 -24.24 21.17
C GLN D 254 6.76 -24.39 20.01
N PHE D 255 6.69 -23.44 19.08
CA PHE D 255 7.59 -23.34 17.94
C PHE D 255 8.56 -22.18 18.11
N LEU D 256 9.84 -22.48 17.97
CA LEU D 256 10.91 -21.53 18.11
C LEU D 256 11.65 -21.49 16.78
N LYS D 257 12.29 -20.37 16.48
CA LYS D 257 13.27 -20.29 15.43
C LYS D 257 14.60 -19.78 15.95
N LEU D 258 15.67 -20.49 15.59
CA LEU D 258 17.04 -20.14 15.90
C LEU D 258 17.78 -19.80 14.62
N GLN D 259 18.54 -18.71 14.62
CA GLN D 259 19.40 -18.36 13.51
C GLN D 259 20.83 -18.16 14.00
N GLU D 260 21.75 -18.48 13.11
CA GLU D 260 23.18 -18.20 13.31
C GLU D 260 23.45 -16.73 13.60
N ILE D 261 24.22 -16.51 14.66
CA ILE D 261 24.43 -15.20 15.28
C ILE D 261 24.97 -14.23 14.22
N PRO D 262 24.33 -13.07 14.01
CA PRO D 262 24.74 -12.21 12.88
C PRO D 262 26.15 -11.66 13.01
N GLU D 263 26.78 -11.83 14.17
CA GLU D 263 28.17 -11.46 14.39
C GLU D 263 29.13 -12.31 13.57
N LEU D 264 28.72 -13.52 13.17
CA LEU D 264 29.61 -14.41 12.43
C LEU D 264 28.75 -15.16 11.40
N VAL D 265 28.62 -14.57 10.22
CA VAL D 265 27.92 -15.19 9.10
C VAL D 265 28.58 -14.72 7.82
N PRO D 266 28.56 -15.49 6.73
CA PRO D 266 28.89 -14.90 5.43
C PRO D 266 28.57 -13.45 5.03
N VAL D 267 29.58 -12.74 4.55
CA VAL D 267 29.37 -11.37 4.12
C VAL D 267 28.41 -11.31 2.95
N GLY D 268 28.37 -12.36 2.12
CA GLY D 268 27.60 -12.34 0.91
C GLY D 268 26.09 -12.55 1.04
N GLU D 269 25.57 -13.03 2.17
CA GLU D 269 24.15 -13.35 2.19
C GLU D 269 23.60 -13.35 3.61
N MET D 270 22.27 -13.43 3.70
CA MET D 270 21.53 -13.57 4.94
C MET D 270 21.89 -14.84 5.73
N PRO D 271 21.72 -14.81 7.06
CA PRO D 271 21.82 -16.06 7.84
C PRO D 271 20.72 -17.04 7.49
N ARG D 272 21.01 -18.33 7.70
CA ARG D 272 20.02 -19.38 7.72
C ARG D 272 19.57 -19.69 9.15
N ASN D 273 18.47 -20.44 9.25
CA ASN D 273 17.80 -20.68 10.52
C ASN D 273 17.17 -22.07 10.51
N LEU D 274 16.80 -22.53 11.71
CA LEU D 274 16.11 -23.80 11.88
C LEU D 274 14.82 -23.66 12.68
N THR D 275 13.75 -24.24 12.15
CA THR D 275 12.55 -24.51 12.92
C THR D 275 12.87 -25.39 14.12
N MET D 276 12.40 -24.99 15.29
CA MET D 276 12.73 -25.62 16.55
C MET D 276 11.46 -25.74 17.39
N THR D 277 11.28 -26.89 18.04
CA THR D 277 10.08 -27.17 18.82
C THR D 277 10.39 -27.75 20.18
N CYS D 278 9.49 -27.48 21.13
CA CYS D 278 9.66 -27.94 22.51
C CYS D 278 8.31 -28.16 23.17
N ASP D 279 8.32 -29.03 24.19
CA ASP D 279 7.12 -29.57 24.81
C ASP D 279 7.18 -29.52 26.33
N ARG D 280 5.98 -29.49 26.94
CA ARG D 280 5.76 -29.46 28.40
C ARG D 280 6.56 -28.33 29.06
N TYR D 281 7.28 -28.60 30.17
CA TYR D 281 7.86 -27.60 31.05
C TYR D 281 8.96 -26.80 30.38
N LEU D 282 9.43 -27.28 29.24
CA LEU D 282 10.44 -26.64 28.43
C LEU D 282 9.90 -25.42 27.70
N THR D 283 8.59 -25.26 27.66
CA THR D 283 7.93 -24.07 27.13
C THR D 283 8.09 -22.86 28.05
N ASN D 284 8.16 -21.68 27.41
CA ASN D 284 8.26 -20.39 28.07
C ASN D 284 9.50 -20.16 28.93
N LYS D 285 10.42 -21.12 28.95
CA LYS D 285 11.71 -20.91 29.59
C LYS D 285 12.54 -19.84 28.88
N VAL D 286 12.32 -19.62 27.58
CA VAL D 286 13.18 -18.74 26.79
C VAL D 286 12.41 -17.61 26.12
N ILE D 287 13.11 -16.48 26.04
CA ILE D 287 12.61 -15.17 25.63
C ILE D 287 13.32 -14.85 24.31
N PRO D 288 12.65 -14.29 23.30
CA PRO D 288 13.32 -13.99 22.04
C PRO D 288 14.46 -12.99 22.22
N GLY D 289 15.59 -13.28 21.58
CA GLY D 289 16.79 -12.47 21.74
C GLY D 289 17.76 -12.92 22.80
N THR D 290 17.48 -14.01 23.51
CA THR D 290 18.49 -14.60 24.36
C THR D 290 19.42 -15.54 23.57
N ARG D 291 20.62 -15.70 24.11
CA ARG D 291 21.69 -16.49 23.54
C ARG D 291 21.67 -17.85 24.22
N VAL D 292 21.69 -18.92 23.42
CA VAL D 292 21.39 -20.26 23.93
C VAL D 292 22.29 -21.31 23.30
N THR D 293 22.44 -22.41 24.01
CA THR D 293 22.84 -23.68 23.43
C THR D 293 21.67 -24.64 23.58
N ILE D 294 21.32 -25.30 22.48
CA ILE D 294 20.30 -26.34 22.43
C ILE D 294 20.97 -27.68 22.27
N VAL D 295 20.48 -28.66 23.04
CA VAL D 295 20.72 -30.07 22.77
C VAL D 295 19.45 -30.65 22.18
N GLY D 296 19.57 -31.31 21.02
CA GLY D 296 18.37 -31.68 20.30
C GLY D 296 18.59 -32.82 19.34
N ILE D 297 17.46 -33.36 18.90
CA ILE D 297 17.35 -34.32 17.80
C ILE D 297 17.15 -33.61 16.48
N TYR D 298 18.18 -33.59 15.65
CA TYR D 298 18.08 -33.06 14.29
C TYR D 298 17.29 -34.04 13.43
N SER D 299 16.08 -33.63 13.04
CA SER D 299 15.07 -34.52 12.52
C SER D 299 14.47 -33.91 11.26
N ILE D 300 13.66 -34.71 10.57
CA ILE D 300 13.24 -34.41 9.21
C ILE D 300 11.73 -34.51 9.03
N TYR D 301 11.14 -33.53 8.36
CA TYR D 301 9.69 -33.48 8.16
C TYR D 301 9.42 -33.02 6.74
N ASN D 302 8.16 -33.18 6.30
CA ASN D 302 7.71 -32.79 4.98
C ASN D 302 6.90 -31.50 5.02
N SER D 303 7.26 -30.53 4.18
CA SER D 303 6.63 -29.23 4.17
C SER D 303 5.79 -29.04 2.91
N LYS D 304 4.59 -28.49 3.10
CA LYS D 304 3.60 -28.30 2.04
C LYS D 304 3.96 -27.07 1.20
N ASN D 305 5.11 -27.17 0.54
CA ASN D 305 5.83 -26.05 -0.02
C ASN D 305 5.00 -25.28 -1.05
N GLY D 306 5.38 -24.02 -1.27
CA GLY D 306 4.77 -23.15 -2.26
C GLY D 306 4.31 -21.82 -1.70
N SER D 319 11.70 -25.20 -3.66
CA SER D 319 11.84 -26.56 -3.10
C SER D 319 11.86 -27.61 -4.22
N GLY D 320 12.44 -28.77 -3.94
CA GLY D 320 13.01 -29.61 -4.97
C GLY D 320 12.14 -30.79 -5.38
N VAL D 321 12.74 -31.65 -6.20
CA VAL D 321 12.00 -32.72 -6.86
C VAL D 321 11.57 -33.80 -5.88
N ALA D 322 12.39 -34.06 -4.86
CA ALA D 322 11.97 -34.83 -3.70
C ALA D 322 12.94 -34.53 -2.58
N ILE D 323 12.42 -34.10 -1.45
CA ILE D 323 13.21 -33.37 -0.47
C ILE D 323 12.44 -33.41 0.84
N ARG D 324 13.09 -33.03 1.91
CA ARG D 324 12.44 -32.82 3.19
C ARG D 324 13.08 -31.63 3.89
N THR D 325 12.40 -31.14 4.91
CA THR D 325 12.82 -30.00 5.69
C THR D 325 13.36 -30.41 7.05
N PRO D 326 14.50 -29.89 7.49
CA PRO D 326 15.02 -30.21 8.83
C PRO D 326 14.38 -29.43 9.95
N TYR D 327 14.27 -30.10 11.10
CA TYR D 327 13.81 -29.47 12.32
C TYR D 327 14.48 -30.15 13.50
N ILE D 328 14.47 -29.47 14.64
CA ILE D 328 15.01 -29.98 15.89
C ILE D 328 13.91 -30.11 16.92
N LYS D 329 13.74 -31.31 17.47
CA LYS D 329 13.00 -31.50 18.70
C LYS D 329 13.91 -31.25 19.89
N ILE D 330 13.67 -30.15 20.62
CA ILE D 330 14.46 -29.87 21.81
C ILE D 330 14.15 -30.93 22.84
N LEU D 331 15.18 -31.55 23.39
CA LEU D 331 15.06 -32.36 24.59
C LEU D 331 15.85 -31.79 25.76
N GLY D 332 16.47 -30.63 25.59
CA GLY D 332 16.72 -29.75 26.71
C GLY D 332 17.52 -28.56 26.26
N ILE D 333 17.61 -27.59 27.16
CA ILE D 333 18.04 -26.25 26.80
C ILE D 333 18.77 -25.60 27.97
N GLN D 334 19.67 -24.69 27.64
CA GLN D 334 20.45 -23.92 28.60
C GLN D 334 20.91 -22.66 27.90
N SER D 335 21.44 -21.72 28.67
CA SER D 335 21.67 -20.37 28.16
C SER D 335 22.84 -19.73 28.88
N ASP D 336 23.34 -18.66 28.28
CA ASP D 336 24.01 -17.61 29.04
C ASP D 336 23.09 -17.06 30.12
N VAL D 337 23.67 -16.84 31.30
CA VAL D 337 22.93 -16.89 32.56
C VAL D 337 21.72 -15.96 32.61
N GLU D 338 21.80 -14.79 31.98
CA GLU D 338 20.60 -14.05 31.59
C GLU D 338 21.01 -12.99 30.57
N THR D 339 20.39 -13.02 29.38
CA THR D 339 20.76 -12.09 28.32
C THR D 339 20.28 -10.67 28.59
N SER D 340 21.16 -9.69 28.38
CA SER D 340 20.88 -8.29 28.69
C SER D 340 20.39 -8.08 30.12
N SER D 341 19.66 -7.00 30.35
CA SER D 341 18.90 -6.78 31.58
C SER D 341 17.42 -7.03 31.33
N ILE D 342 16.83 -7.92 32.10
CA ILE D 342 15.45 -8.34 31.96
C ILE D 342 14.76 -8.13 33.31
N TRP D 343 13.47 -7.80 33.28
CA TRP D 343 12.75 -7.43 34.50
C TRP D 343 12.73 -8.54 35.54
N ASN D 344 12.92 -9.79 35.12
CA ASN D 344 13.15 -10.88 36.07
C ASN D 344 14.30 -10.54 37.00
N SER D 345 14.12 -10.84 38.28
CA SER D 345 15.11 -10.55 39.30
C SER D 345 14.84 -11.47 40.48
N VAL D 346 15.83 -11.57 41.38
CA VAL D 346 15.75 -12.46 42.53
C VAL D 346 15.73 -11.64 43.80
N THR D 347 14.70 -11.86 44.62
CA THR D 347 14.60 -11.31 45.97
C THR D 347 15.02 -12.29 47.05
N MET D 348 15.08 -13.59 46.73
CA MET D 348 15.24 -14.66 47.70
C MET D 348 16.69 -14.84 48.11
N PHE D 349 17.34 -13.76 48.56
CA PHE D 349 18.73 -13.84 49.01
C PHE D 349 18.86 -14.85 50.15
N THR D 350 20.07 -15.40 50.27
CA THR D 350 20.36 -16.46 51.22
C THR D 350 20.83 -15.95 52.58
N GLU D 351 20.73 -16.85 53.57
CA GLU D 351 20.92 -16.50 54.97
C GLU D 351 22.33 -15.97 55.23
N GLU D 352 23.32 -16.51 54.53
CA GLU D 352 24.70 -16.05 54.62
C GLU D 352 24.96 -14.75 53.87
N GLU D 353 23.97 -14.22 53.15
CA GLU D 353 24.08 -12.88 52.57
C GLU D 353 23.58 -11.82 53.54
N GLU D 354 22.39 -12.01 54.11
CA GLU D 354 21.90 -11.08 55.12
C GLU D 354 22.86 -10.98 56.29
N GLU D 355 23.40 -12.12 56.73
CA GLU D 355 24.42 -12.15 57.78
C GLU D 355 25.57 -11.20 57.50
N GLU D 356 26.12 -11.24 56.28
CA GLU D 356 27.26 -10.37 55.95
C GLU D 356 26.85 -8.97 55.51
N PHE D 357 25.67 -8.79 54.91
CA PHE D 357 25.22 -7.43 54.61
C PHE D 357 24.94 -6.64 55.88
N LEU D 358 24.37 -7.30 56.88
CA LEU D 358 24.23 -6.70 58.20
C LEU D 358 25.59 -6.34 58.80
N GLN D 359 26.57 -7.25 58.68
CA GLN D 359 27.90 -6.96 59.19
C GLN D 359 28.57 -5.82 58.41
N LEU D 360 28.35 -5.77 57.09
CA LEU D 360 28.79 -4.62 56.31
C LEU D 360 28.11 -3.32 56.74
N SER D 361 26.82 -3.37 57.02
CA SER D 361 26.11 -2.20 57.56
C SER D 361 26.71 -1.70 58.86
N ARG D 362 27.26 -2.58 59.68
CA ARG D 362 27.91 -2.21 60.92
C ARG D 362 29.38 -1.82 60.79
N ASN D 363 29.90 -1.68 59.57
CA ASN D 363 31.11 -0.87 59.41
C ASN D 363 30.77 0.63 59.49
N PRO D 364 31.52 1.43 60.26
CA PRO D 364 31.23 2.89 60.25
C PRO D 364 31.63 3.56 58.95
N LYS D 365 32.71 3.11 58.32
CA LYS D 365 33.30 3.76 57.15
C LYS D 365 32.54 3.47 55.86
N LEU D 366 31.40 2.79 55.95
CA LEU D 366 30.79 2.11 54.81
C LEU D 366 30.53 3.06 53.64
N TYR D 367 30.09 4.27 53.94
CA TYR D 367 29.92 5.29 52.90
C TYR D 367 31.23 5.60 52.18
N GLU D 368 32.29 5.87 52.94
CA GLU D 368 33.62 6.10 52.38
C GLU D 368 34.23 4.88 51.73
N ILE D 369 33.77 3.67 52.06
CA ILE D 369 34.20 2.48 51.35
C ILE D 369 33.55 2.39 49.97
N LEU D 370 32.27 2.71 49.87
CA LEU D 370 31.61 2.69 48.56
C LEU D 370 32.12 3.78 47.63
N THR D 371 32.37 4.99 48.13
CA THR D 371 33.00 6.00 47.29
C THR D 371 34.40 5.58 46.84
N ASN D 372 35.10 4.82 47.69
CA ASN D 372 36.34 4.17 47.30
C ASN D 372 36.14 3.01 46.33
N SER D 373 34.93 2.46 46.28
CA SER D 373 34.64 1.25 45.54
C SER D 373 33.97 1.52 44.20
N ILE D 374 33.14 2.55 44.10
CA ILE D 374 32.32 2.72 42.92
C ILE D 374 33.14 3.22 41.73
N ALA D 375 34.46 3.38 41.91
CA ALA D 375 35.33 3.90 40.85
C ALA D 375 36.74 3.39 41.13
N PRO D 376 37.20 2.37 40.41
CA PRO D 376 38.61 1.98 40.56
C PRO D 376 39.54 2.95 39.86
N SER D 377 39.14 3.39 38.67
CA SER D 377 39.98 4.11 37.73
C SER D 377 39.84 5.61 37.90
N ILE D 378 38.60 6.10 37.94
CA ILE D 378 38.34 7.53 37.83
C ILE D 378 39.08 8.25 38.93
N PHE D 379 39.70 9.37 38.59
CA PHE D 379 40.46 10.17 39.53
C PHE D 379 39.70 11.41 39.99
N GLY D 380 39.69 11.60 41.31
CA GLY D 380 38.90 12.60 41.99
C GLY D 380 37.41 12.46 41.76
N ASN D 381 36.74 13.60 41.62
CA ASN D 381 35.31 13.65 41.33
C ASN D 381 34.51 13.00 42.45
N GLU D 382 35.02 13.13 43.69
CA GLU D 382 34.34 12.60 44.87
C GLU D 382 32.94 13.16 45.00
N ASP D 383 32.80 14.48 44.81
CA ASP D 383 31.51 15.15 44.88
C ASP D 383 30.50 14.63 43.85
N ILE D 384 30.94 13.83 42.89
CA ILE D 384 30.05 13.18 41.93
C ILE D 384 29.72 11.76 42.38
N LYS D 385 30.76 10.98 42.67
CA LYS D 385 30.58 9.59 43.05
C LYS D 385 29.76 9.47 44.32
N LYS D 386 30.00 10.37 45.27
CA LYS D 386 29.18 10.45 46.47
C LYS D 386 27.70 10.57 46.16
N ALA D 387 27.35 11.41 45.18
CA ALA D 387 25.96 11.57 44.77
C ALA D 387 25.42 10.32 44.07
N ILE D 388 26.24 9.70 43.22
CA ILE D 388 25.84 8.50 42.50
C ILE D 388 25.56 7.34 43.44
N VAL D 389 26.35 7.19 44.50
CA VAL D 389 26.02 6.24 45.55
C VAL D 389 24.63 6.52 46.12
N CYS D 390 24.28 7.79 46.32
CA CYS D 390 22.95 8.12 46.79
C CYS D 390 21.87 7.80 45.76
N LEU D 391 22.22 7.60 44.49
CA LEU D 391 21.19 7.43 43.48
C LEU D 391 20.66 6.00 43.49
N LEU D 392 21.58 5.04 43.46
CA LEU D 392 21.22 3.64 43.26
C LEU D 392 20.32 3.09 44.36
N MET D 393 20.18 3.79 45.48
CA MET D 393 19.39 3.36 46.62
C MET D 393 17.92 3.72 46.49
N GLY D 394 17.54 4.47 45.46
CA GLY D 394 16.22 5.09 45.38
C GLY D 394 15.98 6.12 46.45
N GLY D 395 14.74 6.19 46.91
CA GLY D 395 14.39 7.12 47.97
C GLY D 395 13.01 6.95 48.58
N SER D 396 12.46 8.07 49.05
CA SER D 396 11.15 8.13 49.71
C SER D 396 10.01 7.96 48.72
N LYS D 397 9.79 6.72 48.30
CA LYS D 397 8.58 6.44 47.54
C LYS D 397 7.38 6.53 48.48
N LYS D 398 6.39 7.35 48.12
CA LYS D 398 5.33 7.74 49.04
C LYS D 398 3.96 7.64 48.35
N ILE D 399 3.21 6.57 48.62
CA ILE D 399 1.86 6.45 48.06
C ILE D 399 0.85 7.25 48.88
N LEU D 400 0.82 8.56 48.68
CA LEU D 400 -0.10 9.42 49.40
C LEU D 400 -1.54 8.98 49.14
N PRO D 401 -2.46 9.22 50.09
CA PRO D 401 -3.78 8.59 49.98
C PRO D 401 -4.62 9.13 48.84
N ASP D 402 -4.38 10.37 48.41
CA ASP D 402 -5.02 10.84 47.19
C ASP D 402 -4.44 10.21 45.92
N GLY D 403 -3.40 9.39 46.03
CA GLY D 403 -2.77 8.78 44.89
C GLY D 403 -1.65 9.58 44.26
N MET D 404 -1.51 10.85 44.62
CA MET D 404 -0.50 11.71 44.01
C MET D 404 0.86 11.41 44.60
N ARG D 405 1.35 10.21 44.31
CA ARG D 405 2.65 9.77 44.80
C ARG D 405 3.75 10.70 44.34
N LEU D 406 4.86 10.68 45.08
CA LEU D 406 6.05 11.45 44.73
C LEU D 406 7.17 10.46 44.47
N ARG D 407 7.99 10.79 43.46
CA ARG D 407 9.12 9.93 43.12
C ARG D 407 10.11 9.84 44.28
N GLY D 408 10.63 8.63 44.48
CA GLY D 408 11.76 8.37 45.35
C GLY D 408 13.09 8.55 44.64
N ASP D 409 13.12 8.20 43.36
CA ASP D 409 14.34 8.27 42.58
C ASP D 409 14.87 9.70 42.52
N ILE D 410 16.15 9.82 42.17
CA ILE D 410 16.81 11.10 41.99
C ILE D 410 17.37 11.19 40.57
N ASN D 411 17.48 12.41 40.08
CA ASN D 411 17.99 12.73 38.75
C ASN D 411 19.29 13.50 38.90
N VAL D 412 20.33 13.04 38.23
CA VAL D 412 21.64 13.68 38.28
C VAL D 412 22.15 13.97 36.88
N LEU D 413 22.64 15.19 36.69
CA LEU D 413 23.17 15.68 35.43
C LEU D 413 24.67 15.90 35.56
N LEU D 414 25.41 15.37 34.60
CA LEU D 414 26.83 15.65 34.43
C LEU D 414 26.99 16.62 33.26
N LEU D 415 27.76 17.68 33.47
CA LEU D 415 28.00 18.66 32.41
C LEU D 415 29.47 19.03 32.37
N GLY D 416 30.01 19.12 31.16
CA GLY D 416 31.35 19.62 30.99
C GLY D 416 31.86 19.41 29.59
N ASP D 417 33.05 19.93 29.36
CA ASP D 417 33.84 19.59 28.19
C ASP D 417 34.16 18.09 28.19
N PRO D 418 34.36 17.50 27.01
CA PRO D 418 34.57 16.06 26.94
C PRO D 418 35.86 15.64 27.64
N GLY D 419 36.03 14.34 27.77
CA GLY D 419 36.89 13.80 28.79
C GLY D 419 36.18 13.69 30.13
N THR D 420 37.01 13.68 31.18
CA THR D 420 36.60 13.78 32.60
C THR D 420 35.46 12.85 32.98
N ALA D 421 35.40 11.68 32.34
CA ALA D 421 34.53 10.55 32.68
C ALA D 421 33.03 10.85 32.66
N LYS D 422 32.59 11.98 32.10
CA LYS D 422 31.16 12.29 32.14
C LYS D 422 30.33 11.26 31.39
N SER D 423 30.88 10.67 30.33
CA SER D 423 30.27 9.50 29.69
C SER D 423 30.67 8.17 30.32
N GLN D 424 31.93 8.04 30.74
CA GLN D 424 32.41 6.79 31.31
C GLN D 424 31.62 6.38 32.55
N LEU D 425 31.36 7.32 33.46
CA LEU D 425 30.71 7.00 34.73
C LEU D 425 29.36 6.32 34.56
N LEU D 426 28.73 6.44 33.40
CA LEU D 426 27.49 5.74 33.16
C LEU D 426 27.75 4.27 32.87
N LYS D 427 28.88 3.98 32.25
CA LYS D 427 29.17 2.63 31.77
C LYS D 427 29.30 1.66 32.93
N PHE D 428 30.00 2.09 33.98
CA PHE D 428 30.15 1.27 35.19
C PHE D 428 28.83 1.15 35.94
N VAL D 429 28.03 2.22 35.93
CA VAL D 429 26.70 2.18 36.54
C VAL D 429 25.83 1.13 35.85
N GLU D 430 26.01 0.96 34.55
CA GLU D 430 25.34 -0.09 33.79
C GLU D 430 25.83 -1.49 34.13
N LYS D 431 26.95 -1.62 34.85
CA LYS D 431 27.35 -2.91 35.39
C LYS D 431 26.74 -3.16 36.76
N VAL D 432 26.90 -2.21 37.68
CA VAL D 432 26.54 -2.43 39.07
C VAL D 432 25.03 -2.37 39.29
N SER D 433 24.32 -1.50 38.57
CA SER D 433 22.95 -1.27 39.00
C SER D 433 21.99 -2.35 38.49
N PRO D 434 21.03 -2.79 39.32
CA PRO D 434 19.95 -3.66 38.83
C PRO D 434 19.20 -3.06 37.65
N ILE D 435 18.96 -3.90 36.63
CA ILE D 435 18.19 -3.59 35.43
C ILE D 435 18.56 -2.23 34.83
N ALA D 436 19.85 -1.93 34.82
CA ALA D 436 20.36 -0.73 34.16
C ALA D 436 20.21 -0.80 32.64
N VAL D 437 20.00 0.37 32.05
CA VAL D 437 19.95 0.51 30.59
C VAL D 437 20.79 1.72 30.17
N TYR D 438 21.55 1.55 29.09
CA TYR D 438 22.45 2.58 28.58
C TYR D 438 21.98 2.94 27.18
N THR D 439 21.64 4.21 26.98
CA THR D 439 21.17 4.71 25.70
C THR D 439 21.69 6.14 25.54
N SER D 440 21.11 6.87 24.59
CA SER D 440 21.54 8.21 24.28
C SER D 440 20.31 9.03 23.90
N GLY D 441 20.52 10.34 23.82
CA GLY D 441 19.71 11.18 22.96
C GLY D 441 19.56 10.64 21.56
N LYS D 442 18.44 10.97 20.92
CA LYS D 442 17.95 10.33 19.70
C LYS D 442 17.75 8.83 19.82
N GLY D 443 17.78 8.27 21.03
CA GLY D 443 17.72 6.83 21.17
C GLY D 443 18.96 6.13 20.67
N SER D 444 18.75 5.04 19.93
CA SER D 444 19.83 4.34 19.26
C SER D 444 19.24 3.48 18.15
N SER D 445 20.14 2.90 17.35
CA SER D 445 19.79 1.95 16.31
C SER D 445 18.78 0.92 16.77
N ALA D 446 17.62 0.89 16.10
CA ALA D 446 16.52 -0.03 16.42
C ALA D 446 16.07 0.04 17.88
N ALA D 447 16.31 1.14 18.57
CA ALA D 447 15.77 1.35 19.91
C ALA D 447 15.35 2.80 20.07
N GLY D 448 14.25 3.02 20.78
CA GLY D 448 13.82 4.35 21.10
C GLY D 448 14.13 4.70 22.55
N LEU D 449 14.10 6.00 22.83
CA LEU D 449 14.28 6.48 24.20
C LEU D 449 13.05 6.21 25.05
N THR D 450 11.87 6.37 24.46
CA THR D 450 10.62 6.40 25.20
C THR D 450 9.62 5.52 24.47
N ALA D 451 8.58 5.15 25.22
CA ALA D 451 7.66 4.08 24.84
C ALA D 451 7.08 4.28 23.45
N SER D 452 7.38 3.34 22.57
CA SER D 452 6.94 3.35 21.18
C SER D 452 5.91 2.26 20.98
N VAL D 453 4.81 2.61 20.33
CA VAL D 453 3.72 1.70 20.00
C VAL D 453 3.67 1.47 18.51
N GLN D 454 3.42 0.23 18.10
CA GLN D 454 3.17 -0.07 16.70
C GLN D 454 2.38 -1.37 16.63
N ARG D 455 1.78 -1.59 15.46
CA ARG D 455 1.10 -2.85 15.19
C ARG D 455 2.07 -4.01 15.06
N ASP D 456 1.62 -5.16 15.57
CA ASP D 456 2.24 -6.43 15.26
C ASP D 456 2.01 -6.77 13.78
N PRO D 457 3.06 -7.06 12.99
CA PRO D 457 2.84 -7.21 11.53
C PRO D 457 1.82 -8.29 11.18
N MET D 458 1.63 -9.26 12.07
CA MET D 458 0.64 -10.32 11.91
C MET D 458 -0.30 -10.28 13.11
N THR D 459 -1.58 -10.56 12.83
CA THR D 459 -2.73 -10.29 13.68
C THR D 459 -2.99 -8.80 13.99
N ARG D 460 -2.15 -7.89 13.47
CA ARG D 460 -2.37 -6.43 13.49
C ARG D 460 -2.86 -5.92 14.85
N GLU D 461 -2.13 -6.29 15.89
CA GLU D 461 -2.42 -5.87 17.25
C GLU D 461 -1.48 -4.74 17.64
N PHE D 462 -2.05 -3.63 18.08
CA PHE D 462 -1.26 -2.62 18.75
C PHE D 462 -0.58 -3.21 19.98
N TYR D 463 0.69 -2.85 20.16
CA TYR D 463 1.37 -3.23 21.39
C TYR D 463 2.51 -2.25 21.65
N LEU D 464 2.94 -2.24 22.90
CA LEU D 464 4.18 -1.59 23.33
C LEU D 464 5.38 -2.31 22.73
N GLU D 465 6.08 -1.63 21.82
CA GLU D 465 7.28 -2.23 21.24
C GLU D 465 8.37 -2.16 22.29
N GLY D 466 8.89 -0.98 22.57
CA GLY D 466 9.93 -0.88 23.58
C GLY D 466 10.44 0.52 23.73
N GLY D 467 11.43 0.64 24.61
CA GLY D 467 12.09 1.87 24.94
C GLY D 467 12.82 1.71 26.24
N ALA D 468 13.83 2.55 26.44
CA ALA D 468 14.66 2.45 27.63
C ALA D 468 13.83 2.62 28.91
N MET D 469 12.98 3.64 28.92
CA MET D 469 12.07 3.89 30.05
C MET D 469 11.09 2.74 30.30
N VAL D 470 10.86 1.87 29.33
CA VAL D 470 9.96 0.74 29.52
C VAL D 470 10.70 -0.48 30.04
N LEU D 471 11.87 -0.75 29.50
CA LEU D 471 12.69 -1.86 29.97
C LEU D 471 13.26 -1.59 31.37
N ALA D 472 13.65 -0.34 31.62
CA ALA D 472 14.28 0.07 32.87
C ALA D 472 13.32 0.20 34.05
N ASP D 473 12.09 -0.28 33.94
CA ASP D 473 11.16 -0.29 35.05
C ASP D 473 11.80 -0.93 36.27
N GLY D 474 12.03 -0.13 37.31
CA GLY D 474 12.70 -0.60 38.50
C GLY D 474 14.18 -0.34 38.59
N GLY D 475 14.70 0.67 37.91
CA GLY D 475 16.12 0.95 38.01
C GLY D 475 16.51 2.25 37.35
N VAL D 476 17.82 2.42 37.16
CA VAL D 476 18.38 3.62 36.56
C VAL D 476 18.46 3.50 35.04
N VAL D 477 18.19 4.62 34.38
CA VAL D 477 18.46 4.79 32.96
C VAL D 477 19.70 5.65 32.82
N CYS D 478 20.65 5.20 32.01
CA CYS D 478 21.84 5.97 31.67
C CYS D 478 21.65 6.64 30.32
N ILE D 479 21.76 7.96 30.27
CA ILE D 479 21.58 8.75 29.05
C ILE D 479 22.81 9.60 28.81
N ASP D 480 23.18 9.74 27.53
CA ASP D 480 24.29 10.57 27.11
C ASP D 480 23.83 11.35 25.88
N GLU D 481 24.57 12.42 25.55
CA GLU D 481 24.18 13.34 24.48
C GLU D 481 22.80 13.93 24.71
N PHE D 482 22.49 14.27 25.96
CA PHE D 482 21.14 14.63 26.36
C PHE D 482 20.63 15.90 25.69
N ASP D 483 21.51 16.67 25.05
CA ASP D 483 21.05 17.83 24.28
C ASP D 483 20.30 17.40 23.02
N LYS D 484 20.70 16.29 22.40
CA LYS D 484 20.13 15.84 21.13
C LYS D 484 18.91 14.93 21.38
N MET D 485 17.86 15.54 21.92
CA MET D 485 16.57 14.87 22.11
C MET D 485 15.57 15.37 21.08
N ARG D 486 14.94 14.42 20.39
CA ARG D 486 13.92 14.79 19.42
C ARG D 486 12.67 15.26 20.16
N ASP D 487 11.96 16.22 19.56
CA ASP D 487 10.81 16.83 20.22
C ASP D 487 9.78 15.80 20.64
N GLU D 488 9.53 14.79 19.80
CA GLU D 488 8.58 13.74 20.16
C GLU D 488 9.11 12.80 21.23
N ASP D 489 10.43 12.78 21.43
CA ASP D 489 11.02 11.96 22.49
C ASP D 489 10.96 12.73 23.80
N ARG D 490 11.35 14.01 23.75
CA ARG D 490 11.71 14.73 24.96
C ARG D 490 10.49 14.91 25.85
N VAL D 491 9.38 15.33 25.25
CA VAL D 491 8.14 15.62 25.96
C VAL D 491 7.64 14.47 26.83
N ALA D 492 7.98 13.23 26.47
CA ALA D 492 7.64 12.09 27.32
C ALA D 492 8.57 11.99 28.53
N ILE D 493 9.88 11.93 28.29
CA ILE D 493 10.84 11.90 29.39
C ILE D 493 10.70 13.16 30.23
N HIS D 494 10.45 14.29 29.57
CA HIS D 494 10.19 15.55 30.24
C HIS D 494 9.05 15.45 31.25
N GLU D 495 8.11 14.53 31.06
CA GLU D 495 7.11 14.19 32.07
C GLU D 495 7.53 13.01 32.96
N ALA D 496 8.04 11.94 32.37
CA ALA D 496 8.38 10.73 33.13
C ALA D 496 9.46 10.97 34.17
N MET D 497 10.27 12.00 34.00
CA MET D 497 11.26 12.37 35.01
C MET D 497 10.63 13.00 36.25
N GLU D 498 9.35 13.40 36.18
CA GLU D 498 8.71 14.11 37.29
C GLU D 498 7.39 13.52 37.75
N GLN D 499 6.72 12.69 36.94
CA GLN D 499 5.57 11.91 37.43
C GLN D 499 5.69 10.42 37.14
N GLN D 500 6.83 9.96 36.63
CA GLN D 500 7.19 8.55 36.50
C GLN D 500 6.09 7.67 35.88
N THR D 501 5.29 8.25 34.99
CA THR D 501 4.42 7.47 34.13
C THR D 501 4.45 8.10 32.75
N ILE D 502 4.11 7.30 31.75
CA ILE D 502 3.94 7.77 30.37
C ILE D 502 2.52 7.47 29.96
N SER D 503 1.82 8.49 29.48
CA SER D 503 0.43 8.39 29.06
C SER D 503 0.38 8.50 27.56
N ILE D 504 -0.32 7.57 26.91
CA ILE D 504 -0.38 7.47 25.46
C ILE D 504 -1.83 7.57 25.00
N ALA D 505 -2.04 8.30 23.91
CA ALA D 505 -3.37 8.73 23.47
C ALA D 505 -3.71 8.30 22.04
N LYS D 506 -2.89 7.47 21.41
CA LYS D 506 -3.27 6.94 20.11
C LYS D 506 -4.55 6.12 20.20
N ALA D 507 -5.31 6.14 19.09
CA ALA D 507 -6.64 5.53 19.05
C ALA D 507 -6.59 4.05 19.41
N GLY D 508 -5.58 3.36 18.91
CA GLY D 508 -5.40 1.94 19.12
C GLY D 508 -5.51 1.48 20.55
N ILE D 509 -4.68 2.05 21.43
CA ILE D 509 -4.70 1.74 22.84
C ILE D 509 -4.42 2.99 23.67
N THR D 510 -4.99 2.99 24.86
CA THR D 510 -4.99 4.16 25.76
C THR D 510 -4.27 3.78 27.04
N THR D 511 -2.96 3.56 26.93
CA THR D 511 -2.15 3.10 28.04
C THR D 511 -1.70 4.26 28.91
N VAL D 512 -1.52 3.98 30.20
CA VAL D 512 -0.74 4.83 31.10
C VAL D 512 0.19 3.95 31.92
N LEU D 513 1.44 3.83 31.49
CA LEU D 513 2.35 2.80 31.96
C LEU D 513 3.41 3.43 32.85
N ASN D 514 3.73 2.75 33.95
CA ASN D 514 4.72 3.21 34.91
C ASN D 514 6.13 3.16 34.32
N SER D 515 6.85 4.29 34.38
CA SER D 515 8.26 4.25 33.96
C SER D 515 9.17 3.76 35.07
N ARG D 516 8.99 4.26 36.30
CA ARG D 516 9.75 3.81 37.48
C ARG D 516 11.27 3.87 37.23
N THR D 517 11.74 5.00 36.72
CA THR D 517 13.13 5.16 36.31
C THR D 517 13.79 6.30 37.06
N SER D 518 15.08 6.11 37.36
CA SER D 518 15.98 7.22 37.62
C SER D 518 16.74 7.57 36.34
N VAL D 519 17.36 8.75 36.34
CA VAL D 519 18.20 9.20 35.24
C VAL D 519 19.54 9.67 35.76
N LEU D 520 20.61 9.18 35.16
CA LEU D 520 21.91 9.81 35.24
C LEU D 520 22.22 10.28 33.83
N ALA D 521 22.40 11.59 33.66
CA ALA D 521 22.46 12.23 32.35
C ALA D 521 23.76 12.99 32.14
N ALA D 522 24.16 13.11 30.87
CA ALA D 522 25.33 13.87 30.48
C ALA D 522 25.02 14.83 29.34
N ALA D 523 25.53 16.06 29.46
CA ALA D 523 25.19 17.15 28.56
C ALA D 523 26.40 18.06 28.42
N ASN D 524 26.35 18.95 27.41
CA ASN D 524 27.44 19.87 27.11
C ASN D 524 27.02 21.34 27.22
N PRO D 525 27.94 22.25 27.59
CA PRO D 525 27.63 23.69 27.61
C PRO D 525 27.59 24.37 26.25
N ILE D 526 27.73 23.61 25.15
CA ILE D 526 27.84 24.19 23.81
C ILE D 526 26.61 25.01 23.47
N TYR D 527 26.86 26.12 22.78
CA TYR D 527 25.87 27.16 22.47
C TYR D 527 25.31 27.76 23.77
N GLY D 528 26.17 27.86 24.78
CA GLY D 528 25.88 28.75 25.90
C GLY D 528 25.90 30.21 25.51
N ARG D 529 26.52 30.53 24.36
CA ARG D 529 26.66 31.90 23.89
C ARG D 529 25.29 32.49 23.58
N TYR D 530 24.97 33.60 24.23
CA TYR D 530 23.61 34.13 24.19
C TYR D 530 23.34 34.74 22.82
N ASP D 531 22.37 34.18 22.10
CA ASP D 531 21.59 34.93 21.13
C ASP D 531 20.24 34.22 21.00
N ASP D 532 19.25 34.93 20.48
CA ASP D 532 17.94 34.37 20.17
C ASP D 532 17.70 34.36 18.66
N LEU D 533 17.57 33.16 18.11
CA LEU D 533 17.29 32.96 16.70
C LEU D 533 16.93 31.48 16.52
N LYS D 534 16.35 31.16 15.37
CA LYS D 534 16.16 29.75 15.03
C LYS D 534 17.50 29.04 14.95
N SER D 535 17.50 27.75 15.28
CA SER D 535 18.71 26.96 15.14
C SER D 535 18.34 25.48 15.13
N PRO D 536 19.22 24.61 14.63
CA PRO D 536 19.01 23.17 14.82
C PRO D 536 19.00 22.76 16.29
N GLY D 537 18.46 21.56 16.51
CA GLY D 537 18.38 20.94 17.82
C GLY D 537 17.50 21.65 18.82
N ASP D 538 18.01 21.78 20.04
CA ASP D 538 17.27 22.42 21.12
C ASP D 538 17.21 23.95 20.96
N ASN D 539 16.65 24.60 21.98
CA ASN D 539 16.56 26.05 22.10
C ASN D 539 16.69 26.40 23.58
N ILE D 540 16.90 27.69 23.85
CA ILE D 540 17.16 28.20 25.21
C ILE D 540 16.15 27.69 26.23
N ASP D 541 14.91 27.39 25.80
CA ASP D 541 13.90 26.69 26.60
C ASP D 541 14.49 25.56 27.44
N PHE D 542 15.48 24.89 26.86
CA PHE D 542 16.22 23.82 27.51
C PHE D 542 16.91 24.28 28.79
N GLN D 543 17.10 25.58 28.96
CA GLN D 543 17.52 26.18 30.23
C GLN D 543 16.59 25.85 31.39
N THR D 544 15.30 25.63 31.12
CA THR D 544 14.38 25.19 32.19
C THR D 544 14.60 23.75 32.59
N THR D 545 14.49 22.82 31.64
CA THR D 545 14.53 21.40 31.99
C THR D 545 15.85 20.99 32.64
N ILE D 546 16.92 21.73 32.38
CA ILE D 546 18.19 21.45 33.06
C ILE D 546 18.14 21.86 34.53
N LEU D 547 17.68 23.08 34.81
CA LEU D 547 17.72 23.55 36.19
C LEU D 547 16.51 23.15 37.02
N SER D 548 15.35 22.94 36.39
CA SER D 548 14.14 22.63 37.13
C SER D 548 13.95 21.14 37.44
N ARG D 549 14.36 20.26 36.54
CA ARG D 549 14.00 18.85 36.61
C ARG D 549 15.14 17.92 36.97
N PHE D 550 16.35 18.42 37.12
CA PHE D 550 17.48 17.64 37.63
C PHE D 550 17.73 18.02 39.08
N ASP D 551 17.86 17.01 39.92
CA ASP D 551 18.02 17.20 41.36
C ASP D 551 19.43 17.63 41.74
N MET D 552 20.45 17.20 41.02
CA MET D 552 21.74 17.89 41.03
C MET D 552 22.28 18.07 39.62
N ILE D 553 22.88 19.24 39.40
CA ILE D 553 23.66 19.54 38.21
C ILE D 553 25.09 19.77 38.67
N PHE D 554 26.04 19.03 38.10
CA PHE D 554 27.45 19.20 38.40
C PHE D 554 28.23 19.66 37.17
N ILE D 555 28.95 20.77 37.33
CA ILE D 555 29.76 21.38 36.28
C ILE D 555 31.24 21.17 36.60
N VAL D 556 31.92 20.42 35.75
CA VAL D 556 33.16 19.73 36.09
C VAL D 556 34.10 20.04 34.93
N LYS D 557 34.70 21.22 35.00
CA LYS D 557 35.93 21.53 34.27
C LYS D 557 36.95 22.25 35.14
N ASP D 558 38.21 21.81 35.02
CA ASP D 558 39.34 22.47 35.64
C ASP D 558 40.46 22.51 34.61
N ASP D 559 41.41 23.42 34.82
CA ASP D 559 42.19 23.99 33.72
C ASP D 559 43.64 23.51 33.82
N HIS D 560 43.88 22.33 33.21
CA HIS D 560 45.22 21.87 32.76
C HIS D 560 46.31 22.06 33.82
N ASN D 561 45.94 21.94 35.10
CA ASN D 561 46.91 22.06 36.18
C ASN D 561 48.07 21.08 35.99
N GLU D 562 49.28 21.63 36.07
CA GLU D 562 50.49 20.90 35.69
C GLU D 562 50.68 19.61 36.48
N GLU D 563 50.39 19.64 37.79
CA GLU D 563 50.49 18.42 38.58
C GLU D 563 49.29 17.48 38.42
N ARG D 564 48.08 18.02 38.31
CA ARG D 564 46.91 17.18 38.05
C ARG D 564 47.04 16.31 36.81
N ASP D 565 47.47 16.89 35.68
CA ASP D 565 47.58 16.10 34.46
C ASP D 565 48.74 15.12 34.50
N ILE D 566 49.64 15.24 35.48
CA ILE D 566 50.60 14.19 35.80
C ILE D 566 50.00 13.17 36.76
N SER D 567 49.23 13.62 37.75
CA SER D 567 48.63 12.71 38.73
C SER D 567 47.70 11.73 38.04
N ILE D 568 46.76 12.25 37.25
CA ILE D 568 45.81 11.42 36.53
C ILE D 568 46.52 10.57 35.49
N ALA D 569 47.47 11.16 34.75
CA ALA D 569 48.26 10.43 33.77
C ALA D 569 49.00 9.25 34.39
N ASN D 570 49.70 9.48 35.51
CA ASN D 570 50.44 8.39 36.12
C ASN D 570 49.50 7.35 36.71
N HIS D 571 48.30 7.75 37.12
CA HIS D 571 47.29 6.79 37.52
C HIS D 571 46.78 6.00 36.32
N VAL D 572 46.52 6.70 35.22
CA VAL D 572 46.02 6.10 33.98
C VAL D 572 47.04 5.17 33.32
N ILE D 573 48.33 5.46 33.47
CA ILE D 573 49.36 4.49 33.08
C ILE D 573 49.27 3.23 33.93
N ASN D 574 49.12 3.39 35.24
CA ASN D 574 48.91 2.29 36.17
C ASN D 574 47.59 1.54 35.95
N ILE D 575 46.73 2.01 35.06
CA ILE D 575 45.59 1.24 34.56
C ILE D 575 46.00 0.35 33.39
N HIS D 576 46.57 0.93 32.33
CA HIS D 576 46.61 0.25 31.04
C HIS D 576 47.45 -1.02 31.08
N THR D 577 48.56 -1.04 31.82
CA THR D 577 49.26 -2.29 32.00
C THR D 577 50.13 -2.17 33.24
N GLY D 578 50.54 -3.33 33.77
CA GLY D 578 51.00 -3.45 35.13
C GLY D 578 49.89 -3.49 36.16
N ASN D 579 48.63 -3.28 35.75
CA ASN D 579 47.40 -3.65 36.47
C ASN D 579 47.40 -3.26 37.95
N ALA D 580 48.25 -2.30 38.34
CA ALA D 580 48.46 -1.99 39.74
C ALA D 580 47.16 -1.58 40.44
N ASN D 581 46.24 -0.96 39.70
CA ASN D 581 44.93 -0.66 40.27
C ASN D 581 44.10 -1.92 40.43
N ALA D 582 44.16 -2.83 39.45
CA ALA D 582 43.50 -4.12 39.62
C ALA D 582 44.11 -4.87 40.80
N MET D 583 45.44 -4.90 40.87
CA MET D 583 46.12 -5.44 42.04
C MET D 583 45.67 -4.76 43.32
N GLN D 584 45.68 -3.43 43.34
CA GLN D 584 45.22 -2.67 44.50
C GLN D 584 43.76 -2.96 44.83
N ASN D 585 42.89 -3.03 43.82
CA ASN D 585 41.49 -3.32 44.09
C ASN D 585 41.31 -4.73 44.63
N GLN D 586 42.12 -5.68 44.13
CA GLN D 586 42.13 -7.01 44.73
C GLN D 586 42.65 -6.98 46.16
N GLN D 587 43.79 -6.32 46.38
CA GLN D 587 44.30 -6.18 47.74
C GLN D 587 43.31 -5.41 48.62
N GLU D 588 42.69 -4.38 48.07
CA GLU D 588 41.64 -3.68 48.80
C GLU D 588 40.36 -4.49 48.92
N GLU D 589 40.18 -5.54 48.12
CA GLU D 589 39.15 -6.53 48.42
C GLU D 589 39.54 -7.41 49.60
N ASN D 590 40.84 -7.58 49.84
CA ASN D 590 41.33 -8.10 51.11
C ASN D 590 41.29 -7.01 52.18
N GLY D 591 41.61 -5.78 51.80
CA GLY D 591 41.41 -4.64 52.65
C GLY D 591 39.95 -4.22 52.63
N SER D 592 39.66 -2.92 52.60
CA SER D 592 38.29 -2.43 52.70
C SER D 592 37.81 -1.87 51.36
N GLU D 593 37.33 -2.77 50.50
CA GLU D 593 36.45 -2.43 49.39
C GLU D 593 35.46 -3.56 49.20
N ILE D 594 34.36 -3.25 48.52
CA ILE D 594 33.36 -4.24 48.11
C ILE D 594 33.50 -4.53 46.62
N SER D 595 33.55 -5.82 46.29
CA SER D 595 33.56 -6.29 44.91
C SER D 595 32.21 -6.08 44.24
N ILE D 596 32.26 -5.71 42.96
CA ILE D 596 31.13 -5.28 42.14
C ILE D 596 29.89 -6.14 42.34
N GLU D 597 30.02 -7.46 42.20
CA GLU D 597 28.88 -8.36 42.34
C GLU D 597 28.27 -8.27 43.73
N LYS D 598 29.09 -8.06 44.75
CA LYS D 598 28.58 -7.95 46.11
C LYS D 598 27.94 -6.60 46.38
N MET D 599 28.50 -5.53 45.81
CA MET D 599 27.89 -4.21 45.98
C MET D 599 26.50 -4.17 45.35
N LYS D 600 26.37 -4.73 44.15
CA LYS D 600 25.07 -4.92 43.51
C LYS D 600 24.08 -5.65 44.40
N ARG D 601 24.46 -6.80 44.94
CA ARG D 601 23.54 -7.56 45.77
C ARG D 601 23.22 -6.81 47.06
N TYR D 602 24.19 -6.08 47.59
CA TYR D 602 23.94 -5.20 48.73
C TYR D 602 22.96 -4.08 48.38
N ILE D 603 23.12 -3.47 47.20
CA ILE D 603 22.18 -2.45 46.74
C ILE D 603 20.77 -3.00 46.66
N THR D 604 20.60 -4.11 45.94
CA THR D 604 19.27 -4.68 45.75
C THR D 604 18.64 -5.11 47.07
N TYR D 605 19.45 -5.62 48.00
CA TYR D 605 18.95 -5.93 49.34
C TYR D 605 18.46 -4.68 50.04
N CYS D 606 19.32 -3.67 50.17
CA CYS D 606 18.96 -2.45 50.90
C CYS D 606 17.89 -1.64 50.19
N ARG D 607 17.83 -1.73 48.86
CA ARG D 607 16.76 -1.11 48.11
C ARG D 607 15.39 -1.70 48.46
N LEU D 608 15.31 -3.02 48.53
CA LEU D 608 14.04 -3.70 48.77
C LEU D 608 13.68 -3.82 50.24
N LYS D 609 14.67 -4.11 51.08
CA LYS D 609 14.42 -4.37 52.50
C LYS D 609 13.90 -3.15 53.24
N CYS D 610 14.38 -1.95 52.90
CA CYS D 610 14.15 -0.75 53.69
C CYS D 610 13.12 0.17 53.03
N ALA D 611 12.19 0.68 53.86
CA ALA D 611 11.28 1.77 53.51
C ALA D 611 11.45 2.88 54.56
N PRO D 612 12.51 3.73 54.44
CA PRO D 612 12.81 4.68 55.52
C PRO D 612 11.86 5.86 55.71
N ARG D 613 12.19 6.64 56.75
CA ARG D 613 11.50 7.87 57.13
C ARG D 613 12.52 8.73 57.87
N LEU D 614 12.20 10.01 58.06
CA LEU D 614 13.05 10.91 58.84
C LEU D 614 12.30 11.56 59.99
N SER D 615 13.02 11.78 61.09
CA SER D 615 12.44 12.41 62.28
C SER D 615 12.25 13.92 62.09
N PRO D 616 11.21 14.50 62.71
CA PRO D 616 11.12 15.98 62.77
C PRO D 616 12.30 16.70 63.41
N GLN D 617 13.08 16.03 64.26
CA GLN D 617 14.35 16.60 64.72
C GLN D 617 15.27 16.97 63.57
N ALA D 618 15.44 16.07 62.61
CA ALA D 618 16.24 16.40 61.44
C ALA D 618 15.53 17.37 60.52
N ALA D 619 14.20 17.22 60.39
CA ALA D 619 13.42 17.99 59.43
C ALA D 619 13.56 19.50 59.61
N GLU D 620 13.63 19.99 60.85
CA GLU D 620 13.69 21.44 61.06
C GLU D 620 14.95 22.08 60.49
N LYS D 621 16.01 21.30 60.27
CA LYS D 621 17.25 21.83 59.72
C LYS D 621 17.07 22.26 58.27
N LEU D 622 16.16 21.61 57.55
CA LEU D 622 15.98 21.78 56.12
C LEU D 622 15.19 23.05 55.79
N SER D 623 14.14 23.34 56.55
CA SER D 623 13.50 24.65 56.43
C SER D 623 14.47 25.75 56.86
N SER D 624 15.23 25.51 57.91
CA SER D 624 16.27 26.45 58.35
C SER D 624 17.28 26.72 57.24
N ASN D 625 17.49 25.76 56.35
CA ASN D 625 18.32 25.95 55.17
C ASN D 625 17.57 26.65 54.04
N PHE D 626 16.34 26.23 53.79
CA PHE D 626 15.60 26.72 52.62
C PHE D 626 15.26 28.19 52.76
N VAL D 627 14.78 28.60 53.93
CA VAL D 627 14.36 29.97 54.11
C VAL D 627 15.54 30.92 53.95
N THR D 628 16.73 30.49 54.39
CA THR D 628 17.91 31.32 54.22
C THR D 628 18.38 31.38 52.76
N ILE D 629 18.49 30.23 52.10
CA ILE D 629 18.94 30.24 50.71
C ILE D 629 17.92 30.91 49.81
N ARG D 630 16.63 30.68 50.10
CA ARG D 630 15.56 31.42 49.41
C ARG D 630 15.64 32.93 49.66
N LYS D 631 15.88 33.33 50.92
CA LYS D 631 16.02 34.74 51.25
C LYS D 631 17.28 35.39 50.67
N GLN D 632 18.40 34.68 50.65
CA GLN D 632 19.64 35.27 50.15
C GLN D 632 19.63 35.49 48.66
N LEU D 633 19.44 34.42 47.89
CA LEU D 633 19.70 34.47 46.46
C LEU D 633 18.64 35.26 45.69
N LEU D 634 17.48 35.50 46.30
CA LEU D 634 16.57 36.54 45.77
C LEU D 634 17.30 37.83 45.44
N ILE D 635 18.29 38.20 46.26
CA ILE D 635 19.06 39.42 46.03
C ILE D 635 19.72 39.39 44.66
N ASN D 636 20.16 38.20 44.21
CA ASN D 636 20.87 38.11 42.95
C ASN D 636 19.93 38.19 41.75
N GLU D 637 18.65 37.85 41.94
CA GLU D 637 17.58 38.14 40.99
C GLU D 637 16.90 39.48 41.25
N LEU D 638 17.02 40.01 42.47
CA LEU D 638 16.72 41.42 42.70
C LEU D 638 17.64 42.31 41.88
N GLU D 639 18.93 41.99 41.85
CA GLU D 639 19.93 42.55 40.94
C GLU D 639 19.79 42.04 39.45
N SER D 640 18.69 41.34 39.14
CA SER D 640 18.33 40.94 37.78
C SER D 640 19.46 40.23 37.05
N THR D 641 20.23 39.42 37.78
CA THR D 641 21.30 38.67 37.12
C THR D 641 20.74 37.53 36.28
N GLU D 642 19.48 37.15 36.50
CA GLU D 642 18.74 36.20 35.66
C GLU D 642 19.50 34.88 35.46
N ARG D 643 20.28 34.48 36.47
CA ARG D 643 20.87 33.14 36.62
C ARG D 643 21.45 32.56 35.33
N PRO D 647 16.77 26.98 39.47
CA PRO D 647 16.85 27.92 40.59
C PRO D 647 16.32 27.36 41.91
N ILE D 648 16.28 28.22 42.92
CA ILE D 648 15.88 27.86 44.28
C ILE D 648 14.38 27.51 44.29
N THR D 649 14.06 26.22 44.42
CA THR D 649 12.68 25.77 44.29
C THR D 649 12.48 24.60 45.22
N ILE D 650 11.21 24.32 45.52
CA ILE D 650 10.82 23.09 46.22
C ILE D 650 11.12 21.81 45.46
N ARG D 651 11.36 21.90 44.16
CA ARG D 651 11.92 20.77 43.42
C ARG D 651 13.30 20.39 43.92
N GLN D 652 14.09 21.39 44.32
CA GLN D 652 15.39 21.12 44.93
C GLN D 652 15.26 20.71 46.38
N LEU D 653 14.36 21.33 47.13
CA LEU D 653 14.16 20.93 48.51
C LEU D 653 13.69 19.49 48.59
N GLU D 654 12.72 19.13 47.76
CA GLU D 654 12.22 17.76 47.68
C GLU D 654 13.24 16.78 47.14
N ALA D 655 14.27 17.28 46.44
CA ALA D 655 15.44 16.46 46.15
C ALA D 655 16.28 16.19 47.40
N ILE D 656 16.54 17.22 48.20
CA ILE D 656 17.33 17.08 49.42
C ILE D 656 16.72 16.03 50.35
N ILE D 657 15.41 16.09 50.56
CA ILE D 657 14.75 15.08 51.38
C ILE D 657 14.95 13.66 50.86
N ARG D 658 15.22 13.49 49.57
CA ARG D 658 15.56 12.19 49.02
C ARG D 658 17.04 11.85 49.14
N ILE D 659 17.95 12.79 48.87
CA ILE D 659 19.37 12.48 49.00
C ILE D 659 19.74 12.23 50.45
N THR D 660 19.15 12.99 51.38
CA THR D 660 19.36 12.75 52.80
C THR D 660 18.99 11.32 53.16
N GLU D 661 17.81 10.89 52.72
CA GLU D 661 17.24 9.63 53.17
C GLU D 661 17.85 8.43 52.46
N SER D 662 18.28 8.59 51.20
CA SER D 662 19.06 7.55 50.53
C SER D 662 20.42 7.38 51.17
N LEU D 663 21.06 8.49 51.53
CA LEU D 663 22.31 8.42 52.29
C LEU D 663 22.13 7.68 53.61
N ALA D 664 21.00 7.92 54.28
CA ALA D 664 20.66 7.17 55.48
C ALA D 664 20.18 5.75 55.19
N LYS D 665 19.86 5.45 53.94
CA LYS D 665 19.39 4.12 53.57
C LYS D 665 20.54 3.16 53.33
N LEU D 666 21.70 3.68 52.91
CA LEU D 666 22.92 2.88 52.83
C LEU D 666 23.21 2.12 54.12
N GLU D 667 22.81 2.68 55.26
CA GLU D 667 23.20 2.17 56.57
C GLU D 667 22.37 0.97 57.01
N LEU D 668 21.31 0.64 56.29
CA LEU D 668 20.23 -0.20 56.81
C LEU D 668 19.68 0.40 58.10
N SER D 669 19.02 1.54 57.93
CA SER D 669 18.39 2.28 59.02
C SER D 669 16.98 2.69 58.58
N PRO D 670 15.96 2.47 59.41
CA PRO D 670 14.64 3.04 59.12
C PRO D 670 14.53 4.53 59.35
N ILE D 671 15.53 5.16 59.96
CA ILE D 671 15.43 6.52 60.46
C ILE D 671 16.67 7.31 60.09
N ALA D 672 16.55 8.64 60.17
CA ALA D 672 17.61 9.54 59.74
C ALA D 672 17.69 10.74 60.67
N GLN D 673 18.89 11.31 60.69
CA GLN D 673 19.30 12.30 61.66
C GLN D 673 20.21 13.30 60.98
N GLU D 674 20.37 14.46 61.63
CA GLU D 674 21.28 15.51 61.14
C GLU D 674 22.68 14.97 60.83
N ARG D 675 23.07 13.87 61.49
CA ARG D 675 24.30 13.15 61.19
C ARG D 675 24.45 12.85 59.70
N HIS D 676 23.35 12.57 59.01
CA HIS D 676 23.35 12.46 57.56
C HIS D 676 23.05 13.76 56.82
N VAL D 677 22.13 14.57 57.35
CA VAL D 677 21.59 15.72 56.62
C VAL D 677 22.66 16.78 56.38
N ASP D 678 23.51 17.05 57.37
CA ASP D 678 24.59 18.02 57.21
C ASP D 678 25.57 17.63 56.11
N GLU D 679 25.69 16.34 55.82
CA GLU D 679 26.47 15.92 54.65
C GLU D 679 25.71 16.15 53.34
N ALA D 680 24.39 15.96 53.34
CA ALA D 680 23.60 16.18 52.13
C ALA D 680 23.55 17.64 51.68
N ILE D 681 23.42 18.59 52.60
CA ILE D 681 23.49 20.00 52.19
C ILE D 681 24.88 20.36 51.68
N ARG D 682 25.93 19.80 52.29
CA ARG D 682 27.28 20.02 51.78
C ARG D 682 27.46 19.47 50.38
N LEU D 683 26.84 18.32 50.10
CA LEU D 683 26.79 17.78 48.76
C LEU D 683 25.92 18.60 47.82
N PHE D 684 24.75 19.04 48.29
CA PHE D 684 23.86 19.87 47.49
C PHE D 684 24.49 21.20 47.06
N GLN D 685 25.10 21.93 47.99
CA GLN D 685 25.59 23.26 47.63
C GLN D 685 26.74 23.22 46.64
N ALA D 686 27.40 22.08 46.48
CA ALA D 686 28.32 21.89 45.36
C ALA D 686 27.62 22.05 44.01
N SER D 687 26.31 21.78 43.97
CA SER D 687 25.50 22.02 42.76
C SER D 687 25.09 23.48 42.60
N THR D 688 24.75 24.17 43.68
CA THR D 688 24.30 25.56 43.56
C THR D 688 25.44 26.46 43.16
N MET D 689 26.65 26.18 43.65
CA MET D 689 27.85 26.86 43.18
C MET D 689 28.13 26.63 41.70
N ASP D 690 27.55 25.58 41.11
CA ASP D 690 27.59 25.38 39.67
C ASP D 690 26.44 26.06 38.94
N ALA D 691 25.26 26.19 39.56
CA ALA D 691 24.18 26.92 38.93
C ALA D 691 24.54 28.40 38.78
N ALA D 692 24.99 29.03 39.85
CA ALA D 692 25.37 30.45 39.77
C ALA D 692 26.53 30.68 38.82
N SER D 693 27.39 29.68 38.64
CA SER D 693 28.46 29.77 37.65
C SER D 693 29.02 28.39 37.32
N VAL E 103 -11.07 -30.97 -48.19
CA VAL E 103 -10.69 -31.34 -49.58
C VAL E 103 -9.21 -31.63 -49.65
N ASP E 104 -8.42 -30.88 -48.88
CA ASP E 104 -7.00 -30.73 -49.16
C ASP E 104 -6.19 -31.97 -48.82
N ASP E 105 -6.80 -33.03 -48.27
CA ASP E 105 -6.18 -34.34 -48.35
C ASP E 105 -5.91 -34.78 -49.78
N VAL E 106 -6.67 -34.25 -50.75
CA VAL E 106 -6.31 -34.40 -52.16
C VAL E 106 -5.33 -33.31 -52.57
N THR E 107 -5.75 -32.05 -52.45
CA THR E 107 -5.01 -30.91 -53.00
C THR E 107 -3.60 -30.80 -52.45
N GLY E 108 -3.39 -31.17 -51.19
CA GLY E 108 -2.08 -31.05 -50.57
C GLY E 108 -0.98 -31.82 -51.29
N GLU E 109 -1.31 -32.99 -51.85
CA GLU E 109 -0.33 -33.74 -52.63
C GLU E 109 -0.04 -33.07 -53.97
N LYS E 110 -1.07 -32.48 -54.59
CA LYS E 110 -0.86 -31.72 -55.82
C LYS E 110 0.03 -30.50 -55.59
N VAL E 111 -0.07 -29.86 -54.43
CA VAL E 111 0.82 -28.76 -54.11
C VAL E 111 2.22 -29.26 -53.76
N ARG E 112 2.32 -30.40 -53.08
CA ARG E 112 3.63 -31.01 -52.85
C ARG E 112 4.34 -31.31 -54.16
N GLU E 113 3.63 -31.93 -55.10
CA GLU E 113 4.17 -32.14 -56.44
C GLU E 113 4.47 -30.83 -57.15
N ALA E 114 3.66 -29.80 -56.91
CA ALA E 114 3.94 -28.48 -57.45
C ALA E 114 5.15 -27.84 -56.79
N PHE E 115 5.19 -27.80 -55.46
CA PHE E 115 6.26 -27.11 -54.76
C PHE E 115 7.60 -27.82 -54.95
N GLU E 116 7.61 -29.15 -54.90
CA GLU E 116 8.84 -29.90 -55.18
C GLU E 116 9.29 -29.69 -56.61
N GLN E 117 8.36 -29.42 -57.51
CA GLN E 117 8.72 -29.10 -58.89
C GLN E 117 9.40 -27.74 -58.98
N PHE E 118 8.87 -26.73 -58.28
CA PHE E 118 9.59 -25.46 -58.14
C PHE E 118 11.00 -25.68 -57.62
N LEU E 119 11.16 -26.56 -56.64
CA LEU E 119 12.47 -26.94 -56.13
C LEU E 119 13.24 -27.90 -57.02
N GLU E 120 12.70 -28.31 -58.17
CA GLU E 120 13.36 -29.21 -59.10
C GLU E 120 13.55 -28.62 -60.48
N ASP E 121 12.52 -28.00 -61.05
CA ASP E 121 12.63 -27.44 -62.39
C ASP E 121 13.48 -26.18 -62.41
N PHE E 122 13.76 -25.59 -61.26
CA PHE E 122 14.80 -24.59 -61.10
C PHE E 122 16.03 -25.22 -60.47
N SER E 123 17.19 -24.95 -61.07
CA SER E 123 18.49 -25.26 -60.50
C SER E 123 19.47 -24.20 -60.99
N VAL E 124 20.49 -23.94 -60.18
CA VAL E 124 21.30 -22.71 -60.22
C VAL E 124 21.77 -22.39 -61.64
N GLN E 125 21.36 -21.22 -62.14
CA GLN E 125 22.00 -20.54 -63.26
C GLN E 125 22.68 -19.27 -62.74
N SER E 126 22.21 -18.09 -63.16
CA SER E 126 22.91 -16.82 -63.05
C SER E 126 24.24 -16.79 -63.80
N THR E 127 24.47 -17.80 -64.65
CA THR E 127 25.81 -18.08 -65.16
C THR E 127 26.29 -16.93 -66.02
N ASP E 128 27.53 -16.49 -65.78
CA ASP E 128 28.10 -15.30 -66.40
C ASP E 128 27.26 -14.05 -66.16
N THR E 129 26.52 -14.02 -65.04
CA THR E 129 25.53 -12.96 -64.78
C THR E 129 24.46 -12.86 -65.87
N GLY E 130 24.15 -13.97 -66.52
CA GLY E 130 23.13 -13.97 -67.56
C GLY E 130 21.78 -14.40 -67.03
N GLU E 131 21.16 -15.38 -67.68
CA GLU E 131 19.85 -15.84 -67.23
C GLU E 131 19.95 -16.44 -65.83
N VAL E 132 18.83 -16.40 -65.11
CA VAL E 132 18.77 -16.72 -63.70
C VAL E 132 17.80 -17.87 -63.50
N GLU E 133 18.09 -18.69 -62.49
CA GLU E 133 17.32 -19.87 -62.19
C GLU E 133 17.77 -20.36 -60.82
N LYS E 134 16.81 -20.70 -59.98
CA LYS E 134 16.97 -20.58 -58.54
C LYS E 134 17.94 -21.60 -57.98
N VAL E 135 18.59 -21.20 -56.88
CA VAL E 135 19.86 -21.75 -56.40
C VAL E 135 19.71 -23.03 -55.59
N TYR E 136 18.49 -23.34 -55.14
CA TYR E 136 18.26 -24.14 -53.93
C TYR E 136 19.04 -25.45 -53.88
N ARG E 137 19.26 -26.11 -55.01
CA ARG E 137 20.04 -27.33 -54.97
C ARG E 137 21.48 -27.06 -54.57
N ALA E 138 22.05 -25.95 -55.06
CA ALA E 138 23.38 -25.55 -54.63
C ALA E 138 23.42 -25.19 -53.14
N GLN E 139 22.34 -24.63 -52.61
CA GLN E 139 22.27 -24.36 -51.17
C GLN E 139 22.11 -25.63 -50.35
N ILE E 140 21.36 -26.60 -50.87
CA ILE E 140 21.29 -27.92 -50.24
C ILE E 140 22.63 -28.63 -50.29
N GLU E 141 23.32 -28.53 -51.42
CA GLU E 141 24.68 -29.09 -51.54
C GLU E 141 25.70 -28.34 -50.70
N PHE E 142 25.38 -27.13 -50.25
CA PHE E 142 26.15 -26.50 -49.18
C PHE E 142 25.72 -27.06 -47.82
N MET E 143 24.41 -27.04 -47.57
CA MET E 143 23.83 -27.51 -46.31
C MET E 143 24.16 -28.97 -46.00
N LYS E 144 24.48 -29.76 -47.01
CA LYS E 144 25.04 -31.11 -46.85
C LYS E 144 26.10 -31.23 -45.76
N ILE E 145 26.95 -30.23 -45.61
CA ILE E 145 28.11 -30.39 -44.73
C ILE E 145 27.73 -30.31 -43.25
N TYR E 146 26.71 -29.53 -42.87
CA TYR E 146 26.57 -29.05 -41.50
C TYR E 146 25.39 -29.64 -40.73
N ASP E 147 24.45 -30.33 -41.39
CA ASP E 147 23.24 -30.86 -40.76
C ASP E 147 22.35 -29.79 -40.10
N LEU E 148 22.53 -28.53 -40.44
CA LEU E 148 21.82 -27.45 -39.75
C LEU E 148 20.34 -27.43 -40.11
N ASN E 149 20.00 -27.84 -41.33
CA ASN E 149 18.61 -27.99 -41.79
C ASN E 149 17.76 -26.76 -41.48
N THR E 150 18.19 -25.64 -42.04
CA THR E 150 17.69 -24.31 -41.69
C THR E 150 17.57 -23.43 -42.94
N ILE E 151 17.01 -24.01 -44.00
CA ILE E 151 17.14 -23.47 -45.35
C ILE E 151 16.26 -22.24 -45.51
N TYR E 152 16.75 -21.26 -46.27
CA TYR E 152 16.06 -20.00 -46.50
C TYR E 152 15.61 -19.94 -47.96
N ILE E 153 14.32 -19.65 -48.15
CA ILE E 153 13.72 -19.46 -49.46
C ILE E 153 13.26 -18.02 -49.64
N ASP E 154 13.71 -17.39 -50.73
CA ASP E 154 13.17 -16.10 -51.15
C ASP E 154 11.78 -16.24 -51.75
N TYR E 155 10.80 -15.55 -51.15
CA TYR E 155 9.41 -15.67 -51.58
C TYR E 155 9.13 -14.97 -52.92
N GLN E 156 9.89 -13.92 -53.23
CA GLN E 156 9.78 -13.25 -54.53
C GLN E 156 10.19 -14.15 -55.70
N HIS E 157 11.21 -14.98 -55.50
CA HIS E 157 11.52 -16.00 -56.49
C HIS E 157 10.42 -17.04 -56.64
N LEU E 158 9.61 -17.27 -55.60
CA LEU E 158 8.51 -18.22 -55.72
C LEU E 158 7.30 -17.66 -56.48
N SER E 159 7.07 -16.35 -56.44
CA SER E 159 5.80 -15.82 -56.92
C SER E 159 5.65 -15.89 -58.43
N MET E 160 6.75 -15.91 -59.19
CA MET E 160 6.62 -15.86 -60.64
C MET E 160 6.12 -17.17 -61.24
N ARG E 161 6.53 -18.32 -60.71
CA ARG E 161 5.98 -19.57 -61.22
C ARG E 161 4.47 -19.64 -60.96
N GLU E 162 3.79 -20.39 -61.82
CA GLU E 162 2.33 -20.64 -61.74
C GLU E 162 1.52 -19.34 -61.76
N ASN E 163 2.09 -18.26 -62.29
CA ASN E 163 1.45 -16.94 -62.33
C ASN E 163 0.95 -16.49 -60.96
N GLY E 164 1.71 -16.82 -59.91
CA GLY E 164 1.33 -16.48 -58.55
C GLY E 164 0.25 -17.33 -57.91
N ALA E 165 -0.51 -18.12 -58.69
CA ALA E 165 -1.63 -18.87 -58.15
C ALA E 165 -1.20 -19.96 -57.18
N LEU E 166 0.08 -20.31 -57.16
CA LEU E 166 0.66 -21.12 -56.10
C LEU E 166 0.88 -20.31 -54.82
N ALA E 167 1.51 -19.15 -54.94
CA ALA E 167 1.90 -18.36 -53.77
C ALA E 167 0.69 -17.76 -53.06
N MET E 168 -0.21 -17.13 -53.81
CA MET E 168 -1.42 -16.56 -53.20
C MET E 168 -2.30 -17.62 -52.56
N ALA E 169 -2.20 -18.87 -53.02
CA ALA E 169 -2.84 -19.98 -52.33
C ALA E 169 -2.08 -20.37 -51.07
N ILE E 170 -0.79 -20.70 -51.20
CA ILE E 170 -0.01 -21.23 -50.08
C ILE E 170 0.03 -20.23 -48.93
N SER E 171 0.31 -18.96 -49.21
CA SER E 171 0.45 -17.99 -48.13
C SER E 171 -0.84 -17.81 -47.35
N GLU E 172 -1.99 -17.96 -48.01
CA GLU E 172 -3.27 -17.91 -47.31
C GLU E 172 -3.55 -19.21 -46.54
N GLN E 173 -3.35 -20.36 -47.19
CA GLN E 173 -3.70 -21.67 -46.64
C GLN E 173 -2.55 -22.31 -45.86
N TYR E 174 -1.56 -21.51 -45.49
CA TYR E 174 -0.20 -21.95 -45.18
C TYR E 174 -0.13 -23.13 -44.22
N TYR E 175 -0.65 -22.97 -43.00
CA TYR E 175 -0.51 -23.99 -41.97
C TYR E 175 -1.16 -25.33 -42.34
N ARG E 176 -2.04 -25.35 -43.33
CA ARG E 176 -2.62 -26.60 -43.82
C ARG E 176 -1.79 -27.24 -44.92
N PHE E 177 -0.94 -26.46 -45.60
CA PHE E 177 0.00 -26.97 -46.59
C PHE E 177 1.42 -27.15 -46.08
N LEU E 178 1.78 -26.51 -44.97
CA LEU E 178 3.12 -26.66 -44.40
C LEU E 178 3.54 -28.10 -44.16
N PRO E 179 2.70 -29.01 -43.67
CA PRO E 179 3.11 -30.42 -43.60
C PRO E 179 3.50 -31.04 -44.94
N PHE E 180 2.90 -30.59 -46.04
CA PHE E 180 3.22 -31.10 -47.36
C PHE E 180 4.44 -30.44 -48.00
N LEU E 181 4.73 -29.18 -47.69
CA LEU E 181 5.94 -28.54 -48.21
C LEU E 181 7.20 -29.09 -47.54
N GLN E 182 7.15 -29.38 -46.25
CA GLN E 182 8.33 -29.89 -45.57
C GLN E 182 8.73 -31.27 -46.07
N LYS E 183 7.76 -32.17 -46.26
CA LYS E 183 8.03 -33.43 -46.96
C LYS E 183 8.37 -33.19 -48.43
N GLY E 184 7.80 -32.16 -49.03
CA GLY E 184 8.17 -31.71 -50.37
C GLY E 184 9.63 -31.32 -50.50
N LEU E 185 10.28 -31.01 -49.38
CA LEU E 185 11.73 -30.89 -49.30
C LEU E 185 12.40 -32.24 -49.08
N ARG E 186 11.97 -32.99 -48.06
CA ARG E 186 12.60 -34.24 -47.66
C ARG E 186 12.86 -35.17 -48.84
N ARG E 187 11.83 -35.45 -49.65
CA ARG E 187 11.99 -36.44 -50.70
C ARG E 187 12.83 -35.92 -51.87
N VAL E 188 13.03 -34.61 -51.97
CA VAL E 188 14.04 -34.07 -52.87
C VAL E 188 15.43 -34.29 -52.28
N VAL E 189 15.57 -34.00 -50.99
CA VAL E 189 16.81 -34.22 -50.26
C VAL E 189 17.17 -35.70 -50.24
N ARG E 190 16.19 -36.57 -50.03
CA ARG E 190 16.43 -38.01 -50.00
C ARG E 190 16.99 -38.58 -51.30
N LYS E 191 16.96 -37.84 -52.41
CA LYS E 191 17.39 -38.41 -53.69
C LYS E 191 18.46 -37.60 -54.38
N TYR E 192 18.65 -36.33 -54.03
CA TYR E 192 19.90 -35.61 -54.28
C TYR E 192 20.91 -35.77 -53.16
N ALA E 193 20.47 -36.16 -51.98
CA ALA E 193 21.32 -36.44 -50.84
C ALA E 193 20.88 -37.71 -50.15
N PRO E 194 21.76 -38.35 -49.35
CA PRO E 194 21.42 -39.65 -48.78
C PRO E 194 20.21 -39.61 -47.86
N GLU E 260 18.07 -38.97 -36.90
CA GLU E 260 18.85 -37.70 -36.74
C GLU E 260 18.44 -36.75 -37.85
N ARG E 261 17.25 -36.16 -37.70
CA ARG E 261 16.71 -35.29 -38.74
C ARG E 261 15.60 -34.41 -38.17
N VAL E 262 15.72 -33.10 -38.37
CA VAL E 262 14.63 -32.15 -38.19
C VAL E 262 14.86 -31.03 -39.19
N PHE E 263 13.78 -30.38 -39.62
CA PHE E 263 13.83 -29.26 -40.55
C PHE E 263 13.18 -27.99 -40.02
N GLN E 264 13.74 -26.85 -40.44
CA GLN E 264 13.08 -25.55 -40.39
C GLN E 264 13.16 -24.89 -41.77
N ILE E 265 12.06 -24.25 -42.17
CA ILE E 265 11.93 -23.65 -43.49
C ILE E 265 11.40 -22.23 -43.29
N SER E 266 11.98 -21.27 -44.01
CA SER E 266 11.50 -19.89 -44.01
C SER E 266 11.23 -19.35 -45.40
N PHE E 267 10.18 -18.53 -45.50
CA PHE E 267 9.96 -17.63 -46.62
C PHE E 267 10.22 -16.21 -46.15
N PHE E 268 11.03 -15.46 -46.89
CA PHE E 268 11.37 -14.09 -46.52
C PHE E 268 11.26 -13.16 -47.72
N ASN E 269 11.39 -11.86 -47.44
CA ASN E 269 11.28 -10.81 -48.45
C ASN E 269 9.87 -10.77 -49.05
N LEU E 270 8.88 -10.83 -48.18
CA LEU E 270 7.50 -10.70 -48.63
C LEU E 270 7.20 -9.29 -49.14
N PRO E 271 6.19 -9.15 -50.01
CA PRO E 271 6.03 -7.88 -50.74
C PRO E 271 5.59 -6.72 -49.86
N THR E 272 5.11 -6.96 -48.63
CA THR E 272 4.52 -5.91 -47.82
C THR E 272 4.88 -6.12 -46.35
N VAL E 273 4.80 -5.02 -45.59
CA VAL E 273 4.88 -5.02 -44.13
C VAL E 273 3.55 -4.59 -43.55
N HIS E 274 2.99 -5.42 -42.66
CA HIS E 274 1.72 -5.10 -42.02
C HIS E 274 2.02 -4.66 -40.60
N ARG E 275 1.66 -3.41 -40.30
CA ARG E 275 1.75 -2.89 -38.95
C ARG E 275 0.79 -3.64 -38.03
N ILE E 276 1.28 -4.07 -36.87
CA ILE E 276 0.56 -5.06 -36.08
C ILE E 276 -0.75 -4.54 -35.51
N ARG E 277 -0.96 -3.22 -35.50
CA ARG E 277 -2.29 -2.70 -35.25
C ARG E 277 -3.31 -3.22 -36.26
N ASP E 278 -2.87 -3.50 -37.49
CA ASP E 278 -3.74 -4.08 -38.51
C ASP E 278 -3.67 -5.61 -38.57
N ILE E 279 -3.22 -6.27 -37.51
CA ILE E 279 -3.53 -7.69 -37.35
C ILE E 279 -5.04 -7.89 -37.31
N ARG E 280 -5.53 -8.81 -38.14
CA ARG E 280 -6.93 -9.16 -38.18
C ARG E 280 -7.07 -10.67 -38.20
N SER E 281 -8.06 -11.16 -37.45
CA SER E 281 -8.31 -12.60 -37.34
C SER E 281 -8.66 -13.27 -38.66
N GLU E 282 -9.14 -12.52 -39.64
CA GLU E 282 -9.24 -13.05 -41.01
C GLU E 282 -7.94 -13.66 -41.55
N LYS E 283 -6.79 -13.34 -40.96
CA LYS E 283 -5.49 -13.87 -41.34
C LYS E 283 -4.97 -15.06 -40.53
N ILE E 284 -5.72 -15.56 -39.53
CA ILE E 284 -5.21 -16.61 -38.66
C ILE E 284 -4.74 -17.81 -39.47
N GLY E 285 -3.58 -18.35 -39.08
CA GLY E 285 -2.96 -19.47 -39.77
C GLY E 285 -2.30 -19.13 -41.08
N SER E 286 -2.48 -17.92 -41.59
CA SER E 286 -1.84 -17.45 -42.80
C SER E 286 -0.43 -16.95 -42.52
N LEU E 287 0.35 -16.84 -43.60
CA LEU E 287 1.65 -16.20 -43.54
C LEU E 287 1.49 -14.69 -43.44
N LEU E 288 2.35 -14.05 -42.67
CA LEU E 288 2.26 -12.61 -42.50
C LEU E 288 3.62 -12.00 -42.24
N SER E 289 3.74 -10.73 -42.60
CA SER E 289 4.94 -9.92 -42.41
C SER E 289 4.73 -8.89 -41.32
N ILE E 290 5.65 -8.85 -40.35
CA ILE E 290 5.50 -8.04 -39.13
C ILE E 290 6.85 -7.36 -38.86
N SER E 291 6.79 -6.19 -38.23
CA SER E 291 7.96 -5.50 -37.71
C SER E 291 7.60 -4.71 -36.47
N GLY E 292 8.62 -4.36 -35.68
CA GLY E 292 8.39 -3.62 -34.46
C GLY E 292 9.64 -3.55 -33.60
N THR E 293 9.43 -3.31 -32.30
CA THR E 293 10.49 -3.26 -31.30
C THR E 293 10.40 -4.44 -30.34
N VAL E 294 11.48 -5.20 -30.24
CA VAL E 294 11.60 -6.28 -29.27
C VAL E 294 11.87 -5.73 -27.87
N THR E 295 10.95 -5.98 -26.95
CA THR E 295 10.99 -5.45 -25.59
C THR E 295 11.59 -6.41 -24.56
N ARG E 296 11.42 -7.71 -24.74
CA ARG E 296 12.11 -8.72 -23.93
C ARG E 296 12.53 -9.90 -24.78
N THR E 297 13.49 -10.65 -24.28
CA THR E 297 13.70 -12.02 -24.70
C THR E 297 13.51 -12.94 -23.51
N SER E 298 13.66 -14.24 -23.74
CA SER E 298 13.55 -15.21 -22.66
C SER E 298 14.49 -16.39 -22.83
N GLU E 299 14.71 -17.06 -21.71
CA GLU E 299 15.51 -18.27 -21.60
C GLU E 299 15.16 -19.28 -22.69
N VAL E 300 16.15 -19.72 -23.46
CA VAL E 300 15.90 -20.69 -24.50
C VAL E 300 15.65 -22.06 -23.88
N ARG E 301 14.52 -22.68 -24.23
CA ARG E 301 14.02 -23.87 -23.57
C ARG E 301 13.74 -25.01 -24.57
N PRO E 302 13.80 -26.26 -24.13
CA PRO E 302 13.30 -27.38 -24.94
C PRO E 302 11.78 -27.39 -25.14
N GLU E 303 11.37 -27.61 -26.38
CA GLU E 303 9.99 -27.92 -26.75
C GLU E 303 9.87 -29.41 -27.10
N LEU E 304 8.85 -30.05 -26.53
CA LEU E 304 8.78 -31.51 -26.45
C LEU E 304 8.84 -32.23 -27.80
N TYR E 305 8.24 -31.66 -28.84
CA TYR E 305 8.28 -32.21 -30.19
C TYR E 305 7.91 -33.70 -30.14
N LYS E 306 8.61 -34.58 -30.85
CA LYS E 306 8.51 -36.04 -30.72
C LYS E 306 9.06 -36.59 -29.41
N ALA E 307 8.23 -37.38 -28.71
CA ALA E 307 8.65 -37.98 -27.45
C ALA E 307 8.04 -39.38 -27.33
N SER E 308 8.76 -40.24 -26.63
CA SER E 308 8.25 -41.56 -26.28
C SER E 308 7.21 -41.47 -25.18
N PHE E 309 6.16 -42.28 -25.29
CA PHE E 309 5.15 -42.42 -24.25
C PHE E 309 5.00 -43.91 -23.93
N THR E 310 5.02 -44.24 -22.64
CA THR E 310 5.06 -45.62 -22.19
C THR E 310 3.77 -45.87 -21.43
N CYS E 311 3.19 -47.04 -21.62
CA CYS E 311 2.05 -47.43 -20.81
C CYS E 311 2.49 -47.82 -19.41
N ASP E 312 1.70 -47.42 -18.42
CA ASP E 312 1.92 -47.90 -17.06
C ASP E 312 1.50 -49.36 -16.88
N MET E 313 0.79 -49.95 -17.84
CA MET E 313 0.22 -51.28 -17.71
C MET E 313 1.10 -52.34 -18.37
N CYS E 314 1.87 -51.97 -19.38
CA CYS E 314 2.80 -52.87 -20.02
C CYS E 314 3.91 -52.07 -20.68
N ARG E 315 5.02 -52.76 -20.96
CA ARG E 315 6.25 -52.18 -21.50
C ARG E 315 6.10 -51.60 -22.91
N ALA E 316 4.93 -51.71 -23.53
CA ALA E 316 4.68 -51.10 -24.83
C ALA E 316 4.86 -49.59 -24.81
N ILE E 317 5.40 -49.05 -25.90
CA ILE E 317 5.75 -47.64 -26.02
C ILE E 317 5.26 -47.16 -27.39
N VAL E 318 5.09 -45.85 -27.50
CA VAL E 318 4.88 -45.17 -28.77
C VAL E 318 5.73 -43.91 -28.85
N ASP E 319 6.33 -43.70 -30.02
CA ASP E 319 7.17 -42.53 -30.27
C ASP E 319 6.53 -41.53 -31.22
N ASN E 320 5.70 -42.00 -32.16
CA ASN E 320 4.92 -41.09 -32.99
C ASN E 320 4.04 -40.20 -32.10
N VAL E 321 4.03 -38.90 -32.40
CA VAL E 321 3.67 -37.90 -31.41
C VAL E 321 2.48 -37.06 -31.85
N GLU E 322 1.71 -36.63 -30.87
CA GLU E 322 0.86 -35.45 -30.92
C GLU E 322 1.46 -34.42 -29.97
N GLN E 323 1.71 -33.19 -30.44
CA GLN E 323 2.79 -32.40 -29.86
C GLN E 323 2.51 -30.91 -29.63
N SER E 324 1.78 -30.24 -30.52
CA SER E 324 1.62 -28.79 -30.36
C SER E 324 0.80 -28.43 -29.12
N PHE E 325 -0.41 -28.97 -29.03
CA PHE E 325 -1.18 -29.08 -27.80
C PHE E 325 -1.58 -30.55 -27.73
N LYS E 326 -2.56 -30.90 -26.88
CA LYS E 326 -3.09 -32.27 -26.75
C LYS E 326 -2.00 -33.31 -26.57
N TYR E 327 -0.86 -32.91 -26.00
CA TYR E 327 0.39 -33.59 -26.23
C TYR E 327 0.56 -34.89 -25.45
N THR E 328 -0.52 -35.46 -24.90
CA THR E 328 -0.43 -36.46 -23.84
C THR E 328 -0.98 -37.83 -24.19
N GLU E 329 -1.90 -37.96 -25.14
CA GLU E 329 -2.81 -39.11 -25.23
C GLU E 329 -2.93 -39.65 -26.65
N PRO E 330 -1.98 -40.50 -27.06
CA PRO E 330 -2.17 -41.27 -28.30
C PRO E 330 -3.28 -42.30 -28.13
N THR E 331 -4.00 -42.56 -29.22
CA THR E 331 -5.27 -43.27 -29.16
C THR E 331 -5.14 -44.79 -29.27
N PHE E 332 -3.96 -45.33 -29.56
CA PHE E 332 -3.79 -46.76 -29.75
C PHE E 332 -2.56 -47.27 -29.01
N CYS E 333 -2.70 -48.46 -28.42
CA CYS E 333 -1.64 -49.20 -27.76
C CYS E 333 -1.28 -50.42 -28.59
N PRO E 334 0.02 -50.68 -28.88
CA PRO E 334 0.35 -51.72 -29.87
C PRO E 334 -0.06 -53.14 -29.50
N ASN E 335 -0.58 -53.37 -28.29
CA ASN E 335 -1.50 -54.47 -28.06
C ASN E 335 -2.88 -53.91 -27.67
N PRO E 336 -3.96 -54.20 -28.40
CA PRO E 336 -5.23 -53.48 -28.15
C PRO E 336 -5.78 -53.64 -26.75
N SER E 337 -5.61 -54.79 -26.12
CA SER E 337 -6.14 -55.04 -24.80
C SER E 337 -5.37 -54.33 -23.70
N CYS E 338 -6.10 -53.56 -22.90
CA CYS E 338 -5.64 -52.96 -21.66
C CYS E 338 -6.83 -52.92 -20.72
N GLU E 339 -6.58 -52.91 -19.41
CA GLU E 339 -7.70 -52.65 -18.51
C GLU E 339 -8.17 -51.19 -18.59
N ASN E 340 -7.37 -50.30 -19.16
CA ASN E 340 -7.88 -49.08 -19.76
C ASN E 340 -6.86 -48.62 -20.79
N ARG E 341 -7.28 -48.56 -22.05
CA ARG E 341 -6.40 -48.38 -23.20
C ARG E 341 -5.92 -46.95 -23.41
N ALA E 342 -6.71 -45.96 -23.01
CA ALA E 342 -6.50 -44.60 -23.48
C ALA E 342 -5.27 -43.90 -22.92
N PHE E 343 -4.80 -44.23 -21.72
CA PHE E 343 -3.87 -43.35 -21.00
C PHE E 343 -2.50 -43.98 -20.79
N TRP E 344 -1.51 -43.09 -20.77
CA TRP E 344 -0.10 -43.37 -20.99
C TRP E 344 0.69 -42.54 -19.99
N THR E 345 1.98 -42.84 -19.88
CA THR E 345 2.94 -41.92 -19.29
C THR E 345 4.00 -41.57 -20.33
N LEU E 346 4.54 -40.36 -20.21
CA LEU E 346 5.66 -39.97 -21.06
C LEU E 346 6.97 -40.66 -20.63
N ASN E 347 7.97 -40.48 -21.47
CA ASN E 347 9.36 -40.73 -21.13
C ASN E 347 10.17 -39.45 -21.35
N VAL E 348 11.11 -39.19 -20.45
CA VAL E 348 12.06 -38.10 -20.61
C VAL E 348 13.33 -38.50 -21.35
N THR E 349 13.61 -39.79 -21.49
CA THR E 349 14.86 -40.27 -22.08
C THR E 349 14.81 -40.33 -23.60
N ARG E 350 13.90 -41.13 -24.16
CA ARG E 350 13.77 -41.23 -25.62
C ARG E 350 12.75 -40.22 -26.10
N SER E 351 13.25 -39.04 -26.47
CA SER E 351 12.46 -37.97 -27.03
C SER E 351 13.37 -37.15 -27.93
N ARG E 352 12.80 -36.60 -29.00
CA ARG E 352 13.40 -35.40 -29.58
C ARG E 352 13.07 -34.16 -28.76
N PHE E 353 13.87 -33.13 -28.95
CA PHE E 353 13.59 -31.79 -28.43
C PHE E 353 14.14 -30.76 -29.41
N LEU E 354 13.51 -29.59 -29.41
CA LEU E 354 14.01 -28.43 -30.14
C LEU E 354 14.08 -27.21 -29.21
N ASP E 355 15.10 -26.39 -29.45
CA ASP E 355 15.26 -25.12 -28.75
C ASP E 355 14.13 -24.17 -29.07
N TRP E 356 13.58 -23.57 -28.01
CA TRP E 356 12.39 -22.75 -28.05
C TRP E 356 12.60 -21.50 -27.23
N GLN E 357 12.04 -20.39 -27.71
CA GLN E 357 12.22 -19.08 -27.10
C GLN E 357 10.95 -18.28 -27.28
N LYS E 358 10.65 -17.44 -26.30
CA LYS E 358 9.66 -16.39 -26.42
C LYS E 358 10.34 -15.03 -26.40
N VAL E 359 9.91 -14.15 -27.30
CA VAL E 359 10.29 -12.74 -27.24
C VAL E 359 9.04 -11.88 -27.32
N ARG E 360 9.13 -10.70 -26.72
CA ARG E 360 8.06 -9.74 -26.65
C ARG E 360 8.36 -8.62 -27.64
N ILE E 361 7.41 -8.30 -28.52
CA ILE E 361 7.58 -7.26 -29.53
C ILE E 361 6.55 -6.17 -29.32
N GLN E 362 6.98 -4.93 -29.59
CA GLN E 362 6.23 -3.70 -29.34
C GLN E 362 6.05 -2.89 -30.62
N GLU E 363 4.93 -2.18 -30.69
CA GLU E 363 4.60 -1.34 -31.84
C GLU E 363 5.63 -0.24 -32.07
N ASN E 364 5.83 0.07 -33.35
CA ASN E 364 6.82 1.07 -33.75
C ASN E 364 6.32 2.46 -33.39
N ALA E 365 7.10 3.16 -32.56
CA ALA E 365 6.73 4.49 -32.08
C ALA E 365 6.54 5.51 -33.20
N ASN E 366 7.08 5.26 -34.39
CA ASN E 366 6.82 6.09 -35.56
C ASN E 366 5.41 5.96 -36.12
N GLU E 367 4.67 4.91 -35.73
CA GLU E 367 3.39 4.59 -36.35
C GLU E 367 2.30 4.20 -35.36
N ILE E 368 2.43 4.58 -34.09
CA ILE E 368 1.30 4.40 -33.18
C ILE E 368 0.12 5.30 -33.55
N PRO E 369 -1.11 4.89 -33.24
CA PRO E 369 -2.26 5.79 -33.46
C PRO E 369 -2.18 7.00 -32.55
N THR E 370 -2.98 8.01 -32.87
CA THR E 370 -3.12 9.13 -31.95
C THR E 370 -3.72 8.64 -30.65
N GLY E 371 -3.00 8.89 -29.57
CA GLY E 371 -3.49 8.67 -28.23
C GLY E 371 -3.58 7.24 -27.77
N SER E 372 -3.59 6.28 -28.68
CA SER E 372 -3.35 4.89 -28.30
C SER E 372 -1.95 4.72 -27.72
N MET E 373 -1.82 3.68 -26.90
CA MET E 373 -0.56 3.26 -26.33
C MET E 373 0.19 2.33 -27.29
N PRO E 374 1.51 2.19 -27.14
CA PRO E 374 2.27 1.27 -28.00
C PRO E 374 1.92 -0.19 -27.75
N ARG E 375 0.96 -0.70 -28.54
CA ARG E 375 0.51 -2.08 -28.46
C ARG E 375 1.66 -3.07 -28.46
N THR E 376 1.52 -4.11 -27.65
CA THR E 376 2.48 -5.19 -27.53
C THR E 376 1.80 -6.52 -27.84
N LEU E 377 2.58 -7.46 -28.36
CA LEU E 377 2.10 -8.82 -28.55
C LEU E 377 3.27 -9.78 -28.41
N ASP E 378 2.92 -11.05 -28.17
CA ASP E 378 3.89 -12.09 -27.86
C ASP E 378 4.19 -12.89 -29.12
N VAL E 379 5.48 -13.08 -29.38
CA VAL E 379 5.96 -13.76 -30.58
C VAL E 379 7.03 -14.77 -30.18
N ILE E 380 6.94 -15.97 -30.75
CA ILE E 380 7.61 -17.16 -30.27
C ILE E 380 8.52 -17.69 -31.37
N LEU E 381 9.67 -18.25 -30.97
CA LEU E 381 10.68 -18.73 -31.91
C LEU E 381 11.01 -20.20 -31.72
N ARG E 382 11.25 -20.87 -32.84
CA ARG E 382 11.68 -22.26 -32.93
C ARG E 382 12.95 -22.41 -33.74
N GLY E 383 13.76 -23.40 -33.34
CA GLY E 383 14.94 -23.86 -34.07
C GLY E 383 16.06 -22.85 -34.21
N ASP E 384 16.81 -22.97 -35.31
CA ASP E 384 17.99 -22.14 -35.53
C ASP E 384 17.67 -20.66 -35.72
N SER E 385 16.40 -20.29 -35.83
CA SER E 385 16.02 -18.88 -35.72
C SER E 385 16.15 -18.37 -34.29
N VAL E 386 16.13 -19.26 -33.30
CA VAL E 386 16.41 -18.87 -31.93
C VAL E 386 17.76 -18.20 -31.79
N GLU E 387 17.83 -17.25 -30.86
CA GLU E 387 18.99 -16.42 -30.51
C GLU E 387 19.42 -15.52 -31.68
N ARG E 388 18.48 -15.16 -32.55
CA ARG E 388 18.71 -14.14 -33.58
C ARG E 388 17.92 -12.86 -33.35
N ALA E 389 17.05 -12.81 -32.34
CA ALA E 389 16.50 -11.54 -31.87
C ALA E 389 17.43 -10.92 -30.84
N LYS E 390 17.40 -9.58 -30.78
CA LYS E 390 18.18 -8.82 -29.80
C LYS E 390 17.31 -7.71 -29.21
N PRO E 391 17.29 -7.54 -27.88
CA PRO E 391 16.37 -6.56 -27.29
C PRO E 391 16.65 -5.15 -27.78
N GLY E 392 15.61 -4.32 -27.68
CA GLY E 392 15.80 -2.90 -27.80
C GLY E 392 16.00 -2.36 -29.20
N ASP E 393 15.69 -3.13 -30.24
CA ASP E 393 15.98 -2.67 -31.59
C ASP E 393 14.90 -3.13 -32.55
N ARG E 394 14.86 -2.44 -33.70
CA ARG E 394 13.97 -2.76 -34.80
C ARG E 394 14.25 -4.16 -35.34
N CYS E 395 13.18 -4.90 -35.58
CA CYS E 395 13.25 -6.24 -36.13
C CYS E 395 12.14 -6.42 -37.14
N LYS E 396 12.36 -7.35 -38.05
CA LYS E 396 11.38 -7.73 -39.05
C LYS E 396 11.20 -9.23 -38.99
N PHE E 397 9.98 -9.66 -39.28
CA PHE E 397 9.58 -11.05 -39.15
C PHE E 397 8.78 -11.51 -40.34
N THR E 398 8.72 -12.83 -40.48
CA THR E 398 7.74 -13.49 -41.32
C THR E 398 7.42 -14.82 -40.66
N GLY E 399 6.21 -15.31 -40.86
CA GLY E 399 5.81 -16.53 -40.19
C GLY E 399 4.29 -16.64 -40.07
N VAL E 400 3.88 -17.37 -39.04
CA VAL E 400 2.52 -17.90 -38.92
C VAL E 400 1.71 -17.12 -37.89
N GLU E 401 0.54 -16.65 -38.31
CA GLU E 401 -0.42 -15.97 -37.45
C GLU E 401 -1.12 -16.95 -36.53
N ILE E 402 -0.37 -17.48 -35.56
CA ILE E 402 -0.87 -18.44 -34.59
C ILE E 402 -1.91 -17.80 -33.66
N VAL E 403 -2.70 -18.67 -33.02
CA VAL E 403 -3.60 -18.31 -31.92
C VAL E 403 -3.34 -19.24 -30.74
N VAL E 404 -3.45 -18.70 -29.52
CA VAL E 404 -3.10 -19.42 -28.30
C VAL E 404 -4.19 -19.25 -27.23
N PRO E 405 -4.57 -20.32 -26.51
CA PRO E 405 -5.61 -20.18 -25.47
C PRO E 405 -5.30 -19.18 -24.37
N ASP E 406 -6.30 -18.37 -24.02
CA ASP E 406 -6.17 -17.34 -22.99
C ASP E 406 -7.36 -17.45 -22.04
N VAL E 407 -7.09 -17.44 -20.75
CA VAL E 407 -8.12 -17.62 -19.72
C VAL E 407 -8.66 -16.30 -19.20
N THR E 408 -7.79 -15.29 -19.11
CA THR E 408 -8.12 -14.03 -18.45
C THR E 408 -9.18 -13.21 -19.19
N GLN E 409 -9.56 -13.62 -20.39
CA GLN E 409 -10.68 -13.02 -21.10
C GLN E 409 -12.04 -13.35 -20.48
N LEU E 410 -12.09 -14.16 -19.43
CA LEU E 410 -13.29 -14.26 -18.62
C LEU E 410 -13.59 -12.95 -17.90
N GLY E 411 -14.86 -12.56 -17.94
CA GLY E 411 -15.31 -11.27 -17.45
C GLY E 411 -15.43 -10.19 -18.51
N LEU E 412 -15.02 -10.47 -19.73
CA LEU E 412 -15.25 -9.59 -20.87
C LEU E 412 -16.68 -9.69 -21.42
N PRO E 413 -17.17 -8.61 -22.01
CA PRO E 413 -18.51 -8.63 -22.62
C PRO E 413 -18.58 -9.55 -23.83
N GLY E 414 -19.83 -9.80 -24.23
CA GLY E 414 -20.17 -10.75 -25.26
C GLY E 414 -20.11 -12.20 -24.82
N VAL E 415 -20.90 -13.03 -25.51
CA VAL E 415 -20.85 -14.46 -25.32
C VAL E 415 -19.48 -15.02 -25.62
N LYS E 416 -19.10 -16.04 -24.87
CA LYS E 416 -17.90 -16.80 -25.07
C LYS E 416 -18.30 -18.14 -25.64
N PRO E 417 -17.74 -18.61 -26.75
CA PRO E 417 -18.17 -19.90 -27.28
C PRO E 417 -17.68 -21.04 -26.40
N SER E 418 -18.61 -21.90 -25.98
CA SER E 418 -18.32 -23.08 -25.19
C SER E 418 -18.66 -24.31 -26.02
N SER E 419 -17.71 -25.21 -26.13
CA SER E 419 -17.92 -26.50 -26.77
C SER E 419 -18.55 -27.50 -25.84
N THR E 420 -19.23 -28.48 -26.43
CA THR E 420 -19.79 -29.59 -25.69
C THR E 420 -19.77 -30.81 -26.61
N LEU E 421 -19.60 -31.98 -26.01
CA LEU E 421 -19.77 -33.25 -26.73
C LEU E 421 -21.25 -33.59 -26.85
N ASP E 422 -21.67 -33.96 -28.05
CA ASP E 422 -23.08 -34.18 -28.30
C ASP E 422 -23.60 -35.35 -27.45
N THR E 423 -24.92 -35.52 -27.50
CA THR E 423 -25.65 -36.49 -26.69
C THR E 423 -26.59 -37.35 -27.52
N ARG E 424 -26.48 -37.32 -28.84
CA ARG E 424 -27.41 -37.99 -29.76
C ARG E 424 -26.77 -39.24 -30.34
N GLY E 425 -27.53 -40.34 -30.30
CA GLY E 425 -27.11 -41.65 -30.76
C GLY E 425 -26.23 -42.43 -29.81
N ILE E 426 -26.08 -41.99 -28.56
CA ILE E 426 -25.50 -42.81 -27.50
C ILE E 426 -26.45 -42.69 -26.31
N SER E 427 -26.77 -43.82 -25.67
CA SER E 427 -27.78 -43.82 -24.62
C SER E 427 -27.53 -44.89 -23.56
N LYS E 428 -28.03 -44.62 -22.36
CA LYS E 428 -28.03 -45.54 -21.23
C LYS E 428 -26.61 -46.02 -20.87
N THR E 429 -25.65 -45.11 -20.90
CA THR E 429 -24.27 -45.43 -20.52
C THR E 429 -23.70 -44.32 -19.64
N ARG E 441 -17.91 -31.08 -14.40
CA ARG E 441 -18.30 -30.99 -15.83
C ARG E 441 -18.50 -32.38 -16.46
N SER E 442 -19.40 -33.16 -15.89
CA SER E 442 -19.58 -34.53 -16.35
C SER E 442 -20.34 -34.57 -17.67
N LEU E 443 -20.99 -33.47 -18.03
CA LEU E 443 -21.66 -33.37 -19.31
C LEU E 443 -20.66 -33.24 -20.47
N GLY E 444 -19.40 -32.92 -20.18
CA GLY E 444 -18.42 -32.70 -21.23
C GLY E 444 -18.56 -31.35 -21.89
N VAL E 445 -17.88 -30.36 -21.34
CA VAL E 445 -17.96 -28.98 -21.80
C VAL E 445 -16.61 -28.30 -21.61
N ARG E 446 -16.33 -27.32 -22.47
CA ARG E 446 -15.09 -26.54 -22.40
C ARG E 446 -15.31 -25.14 -22.94
N ASP E 447 -14.52 -24.19 -22.43
CA ASP E 447 -14.43 -22.82 -22.94
C ASP E 447 -13.17 -22.65 -23.78
N LEU E 448 -13.36 -22.25 -25.05
CA LEU E 448 -12.26 -22.08 -26.01
C LEU E 448 -12.05 -20.60 -26.35
N THR E 449 -11.45 -19.87 -25.41
CA THR E 449 -11.15 -18.45 -25.58
C THR E 449 -9.66 -18.24 -25.77
N TYR E 450 -9.29 -17.48 -26.83
CA TYR E 450 -7.93 -17.48 -27.34
C TYR E 450 -7.33 -16.08 -27.40
N LYS E 451 -6.01 -16.00 -27.23
CA LYS E 451 -5.19 -14.86 -27.62
C LYS E 451 -4.56 -15.08 -29.00
N ILE E 452 -4.10 -13.98 -29.61
CA ILE E 452 -3.40 -13.99 -30.90
C ILE E 452 -1.93 -13.64 -30.72
N SER E 453 -1.12 -14.61 -30.33
CA SER E 453 0.32 -14.52 -30.53
C SER E 453 0.69 -14.69 -32.00
N PHE E 454 2.00 -14.66 -32.26
CA PHE E 454 2.57 -14.89 -33.59
C PHE E 454 3.71 -15.91 -33.46
N LEU E 455 3.87 -16.74 -34.50
CA LEU E 455 5.01 -17.64 -34.63
C LEU E 455 5.85 -17.29 -35.85
N ALA E 456 7.11 -16.90 -35.63
CA ALA E 456 7.95 -16.34 -36.68
C ALA E 456 9.01 -17.36 -37.08
N CYS E 457 9.16 -17.58 -38.39
CA CYS E 457 10.20 -18.44 -38.95
C CYS E 457 11.46 -17.71 -39.40
N HIS E 458 11.39 -16.41 -39.67
CA HIS E 458 12.56 -15.64 -40.13
C HIS E 458 12.70 -14.35 -39.35
N VAL E 459 13.96 -13.97 -39.11
CA VAL E 459 14.30 -12.75 -38.40
C VAL E 459 15.44 -12.03 -39.12
N ILE E 460 15.40 -10.70 -39.08
CA ILE E 460 16.54 -9.88 -39.46
C ILE E 460 16.50 -8.61 -38.64
N SER E 461 17.68 -8.03 -38.40
CA SER E 461 17.81 -6.83 -37.57
C SER E 461 17.68 -5.54 -38.38
N ILE E 462 16.52 -5.35 -39.00
CA ILE E 462 16.34 -4.25 -39.94
C ILE E 462 16.59 -2.92 -39.22
N GLY E 463 17.20 -1.98 -39.93
CA GLY E 463 17.34 -0.63 -39.45
C GLY E 463 18.14 -0.51 -38.16
N SER E 510 32.65 -4.59 -50.92
CA SER E 510 32.54 -4.05 -52.31
C SER E 510 33.26 -2.69 -52.38
N ASP E 511 32.65 -1.68 -53.04
CA ASP E 511 33.28 -0.36 -53.25
C ASP E 511 33.35 0.52 -51.95
N GLU E 512 33.04 -0.06 -50.78
CA GLU E 512 33.04 0.70 -49.53
C GLU E 512 34.45 1.07 -49.10
N ILE E 513 35.34 0.08 -49.05
CA ILE E 513 36.75 0.31 -48.74
C ILE E 513 37.36 1.36 -49.67
N ASN E 514 36.96 1.35 -50.94
CA ASN E 514 37.42 2.36 -51.87
C ASN E 514 36.99 3.77 -51.48
N GLU E 515 36.02 3.90 -50.57
CA GLU E 515 35.65 5.16 -49.94
C GLU E 515 36.30 5.35 -48.58
N LEU E 516 36.36 4.30 -47.75
CA LEU E 516 36.95 4.43 -46.41
C LEU E 516 38.42 4.82 -46.51
N LYS E 517 39.18 4.11 -47.34
CA LYS E 517 40.56 4.47 -47.61
C LYS E 517 40.64 5.89 -48.17
N GLU E 518 39.78 6.20 -49.14
CA GLU E 518 39.76 7.51 -49.78
C GLU E 518 39.58 8.66 -48.80
N MET E 519 38.78 8.49 -47.75
CA MET E 519 38.63 9.56 -46.78
C MET E 519 39.82 9.66 -45.82
N VAL E 520 40.29 8.55 -45.25
CA VAL E 520 41.39 8.64 -44.28
C VAL E 520 42.67 9.15 -44.94
N LYS E 521 42.88 8.86 -46.22
CA LYS E 521 44.02 9.43 -46.92
C LYS E 521 43.94 10.95 -47.05
N ASP E 522 42.77 11.55 -46.89
CA ASP E 522 42.65 12.99 -47.01
C ASP E 522 42.82 13.70 -45.66
N GLU E 523 43.39 14.90 -45.74
CA GLU E 523 43.96 15.59 -44.58
C GLU E 523 42.90 16.29 -43.74
N HIS E 524 41.77 16.66 -44.34
CA HIS E 524 40.77 17.53 -43.71
C HIS E 524 39.64 16.81 -43.00
N ILE E 525 39.51 15.49 -43.12
CA ILE E 525 38.25 14.80 -42.86
C ILE E 525 37.78 15.06 -41.43
N TYR E 526 38.73 15.28 -40.52
CA TYR E 526 38.39 15.61 -39.14
C TYR E 526 37.59 16.89 -39.07
N ASP E 527 38.03 17.93 -39.78
CA ASP E 527 37.32 19.19 -39.78
C ASP E 527 36.00 19.10 -40.53
N LYS E 528 35.96 18.26 -41.57
CA LYS E 528 34.69 17.95 -42.24
C LYS E 528 33.72 17.26 -41.28
N LEU E 529 34.21 16.30 -40.50
CA LEU E 529 33.39 15.64 -39.50
C LEU E 529 32.90 16.58 -38.40
N VAL E 530 33.75 17.48 -37.92
CA VAL E 530 33.30 18.46 -36.93
C VAL E 530 32.17 19.35 -37.44
N ARG E 531 32.24 19.80 -38.70
CA ARG E 531 31.12 20.55 -39.28
C ARG E 531 30.09 19.67 -39.99
N SER E 532 30.06 18.37 -39.69
CA SER E 532 29.03 17.49 -40.23
C SER E 532 28.50 16.49 -39.21
N ILE E 533 29.00 16.50 -37.98
CA ILE E 533 28.48 15.62 -36.93
C ILE E 533 27.11 16.08 -36.45
N ALA E 534 26.71 17.30 -36.76
CA ALA E 534 25.32 17.73 -36.58
C ALA E 534 24.98 18.84 -37.55
N PRO E 535 24.65 18.50 -38.79
CA PRO E 535 24.67 19.49 -39.88
C PRO E 535 23.80 20.72 -39.67
N ALA E 536 22.64 20.58 -39.00
CA ALA E 536 21.71 21.70 -38.91
C ALA E 536 22.01 22.68 -37.80
N VAL E 537 22.85 22.33 -36.85
CA VAL E 537 23.14 23.24 -35.74
C VAL E 537 24.10 24.30 -36.23
N PHE E 538 23.90 25.54 -35.78
CA PHE E 538 24.65 26.67 -36.28
C PHE E 538 25.70 27.08 -35.26
N GLY E 539 26.94 27.19 -35.71
CA GLY E 539 28.11 27.30 -34.85
C GLY E 539 28.32 26.08 -33.99
N HIS E 540 28.72 26.33 -32.74
CA HIS E 540 28.85 25.29 -31.71
C HIS E 540 29.73 24.13 -32.16
N GLU E 541 30.86 24.49 -32.78
CA GLU E 541 31.94 23.54 -33.04
C GLU E 541 32.39 22.79 -31.80
N ALA E 542 32.36 23.46 -30.65
CA ALA E 542 32.75 22.85 -29.38
C ALA E 542 31.97 21.57 -29.09
N VAL E 543 30.64 21.67 -29.03
CA VAL E 543 29.80 20.51 -28.77
C VAL E 543 29.85 19.50 -29.91
N LYS E 544 30.00 19.97 -31.14
CA LYS E 544 30.13 19.06 -32.28
C LYS E 544 31.35 18.17 -32.13
N LYS E 545 32.50 18.75 -31.80
CA LYS E 545 33.67 17.96 -31.44
C LYS E 545 33.37 16.98 -30.31
N GLY E 546 32.78 17.50 -29.22
CA GLY E 546 32.45 16.66 -28.07
C GLY E 546 31.63 15.44 -28.40
N ILE E 547 30.58 15.62 -29.21
CA ILE E 547 29.72 14.49 -29.57
C ILE E 547 30.42 13.53 -30.51
N LEU E 548 31.14 14.06 -31.51
CA LEU E 548 31.92 13.21 -32.40
C LEU E 548 32.91 12.36 -31.62
N LEU E 549 33.62 12.99 -30.70
CA LEU E 549 34.52 12.30 -29.78
C LEU E 549 33.78 11.38 -28.85
N GLN E 550 32.53 11.71 -28.50
CA GLN E 550 31.78 10.85 -27.61
C GLN E 550 31.38 9.55 -28.28
N MET E 551 31.16 9.56 -29.57
CA MET E 551 30.97 8.31 -30.32
C MET E 551 32.26 7.44 -30.40
N LEU E 552 33.38 7.75 -29.75
CA LEU E 552 34.62 7.00 -29.88
C LEU E 552 35.21 6.68 -28.52
N GLY E 553 35.71 5.44 -28.37
CA GLY E 553 36.07 4.89 -27.09
C GLY E 553 37.51 5.09 -26.68
N GLY E 554 37.78 4.66 -25.45
CA GLY E 554 39.12 4.55 -24.93
C GLY E 554 39.30 3.24 -24.18
N VAL E 555 40.52 2.69 -24.23
CA VAL E 555 40.78 1.34 -23.76
C VAL E 555 40.45 1.21 -22.27
N HIS E 556 39.33 0.55 -22.02
CA HIS E 556 38.79 0.33 -20.67
C HIS E 556 39.64 -0.61 -19.80
N LYS E 557 40.10 -1.74 -20.37
CA LYS E 557 40.94 -2.74 -19.70
C LYS E 557 42.40 -2.34 -19.53
N SER E 558 42.71 -1.04 -19.48
CA SER E 558 44.08 -0.54 -19.43
C SER E 558 44.69 -0.63 -18.02
N THR E 559 44.71 -1.84 -17.46
CA THR E 559 45.30 -2.06 -16.15
C THR E 559 46.02 -3.41 -16.12
N VAL E 560 46.97 -3.52 -15.18
CA VAL E 560 47.67 -4.78 -14.90
C VAL E 560 47.00 -5.58 -13.79
N GLU E 561 46.26 -4.91 -12.91
CA GLU E 561 45.72 -5.54 -11.71
C GLU E 561 44.56 -6.48 -12.00
N GLY E 562 43.91 -6.35 -13.15
CA GLY E 562 42.72 -7.13 -13.41
C GLY E 562 41.51 -6.46 -12.80
N ILE E 563 41.51 -5.13 -12.76
CA ILE E 563 40.30 -4.33 -12.63
C ILE E 563 40.30 -3.33 -13.77
N LYS E 564 39.14 -3.14 -14.37
CA LYS E 564 39.01 -2.34 -15.59
C LYS E 564 38.88 -0.87 -15.24
N LEU E 565 38.76 -0.03 -16.28
CA LEU E 565 38.66 1.42 -16.10
C LEU E 565 37.54 1.99 -16.95
N ARG E 566 37.14 3.21 -16.57
CA ARG E 566 36.12 3.97 -17.27
C ARG E 566 36.69 4.53 -18.57
N GLY E 567 36.89 3.65 -19.54
CA GLY E 567 37.43 4.06 -20.82
C GLY E 567 36.52 4.99 -21.60
N ASP E 568 35.21 4.89 -21.38
CA ASP E 568 34.29 5.72 -22.13
C ASP E 568 34.21 7.14 -21.56
N ILE E 569 33.65 8.02 -22.39
CA ILE E 569 33.65 9.48 -22.22
C ILE E 569 32.24 9.95 -21.93
N ASN E 570 32.08 10.80 -20.91
CA ASN E 570 30.79 11.40 -20.58
C ASN E 570 30.81 12.90 -20.79
N ILE E 571 29.66 13.43 -21.25
CA ILE E 571 29.49 14.82 -21.64
C ILE E 571 28.20 15.39 -21.05
N CYS E 572 28.24 16.67 -20.67
CA CYS E 572 27.07 17.42 -20.29
C CYS E 572 27.00 18.70 -21.12
N VAL E 573 25.79 19.02 -21.61
CA VAL E 573 25.54 20.23 -22.40
C VAL E 573 24.65 21.18 -21.61
N VAL E 574 25.08 22.44 -21.52
CA VAL E 574 24.56 23.40 -20.56
C VAL E 574 24.46 24.74 -21.28
N GLY E 575 23.61 25.61 -20.76
CA GLY E 575 23.35 26.92 -21.33
C GLY E 575 21.92 27.33 -21.08
N ASP E 576 21.67 28.63 -21.23
CA ASP E 576 20.31 29.15 -21.16
C ASP E 576 19.37 28.50 -22.18
N PRO E 577 18.09 28.36 -21.84
CA PRO E 577 17.11 27.81 -22.79
C PRO E 577 17.02 28.58 -24.09
N SER E 578 16.38 27.93 -25.06
CA SER E 578 16.36 28.25 -26.48
C SER E 578 17.72 28.16 -27.17
N THR E 579 18.75 27.68 -26.51
CA THR E 579 19.83 27.00 -27.20
C THR E 579 19.31 25.73 -27.86
N SER E 580 19.82 25.42 -29.02
CA SER E 580 19.52 24.18 -29.74
C SER E 580 20.17 22.92 -29.10
N LYS E 581 20.66 22.99 -27.87
CA LYS E 581 21.32 21.87 -27.21
C LYS E 581 20.47 20.60 -27.21
N SER E 582 19.14 20.76 -27.19
CA SER E 582 18.27 19.59 -27.21
C SER E 582 18.22 18.95 -28.59
N GLN E 583 18.44 19.73 -29.66
CA GLN E 583 18.44 19.16 -31.01
C GLN E 583 19.47 18.05 -31.16
N PHE E 584 20.67 18.24 -30.60
CA PHE E 584 21.72 17.23 -30.70
C PHE E 584 21.23 15.87 -30.24
N LEU E 585 20.45 15.84 -29.17
CA LEU E 585 19.97 14.59 -28.63
C LEU E 585 19.02 13.93 -29.59
N LYS E 586 18.24 14.73 -30.31
CA LYS E 586 17.38 14.19 -31.36
C LYS E 586 18.19 13.70 -32.55
N TYR E 587 19.21 14.48 -32.95
CA TYR E 587 20.07 14.04 -34.03
C TYR E 587 20.79 12.74 -33.69
N VAL E 588 21.41 12.68 -32.50
CA VAL E 588 22.08 11.47 -32.04
C VAL E 588 21.13 10.28 -32.03
N VAL E 589 19.97 10.42 -31.40
CA VAL E 589 19.03 9.30 -31.34
C VAL E 589 18.48 9.00 -32.73
N GLY E 590 18.53 9.96 -33.65
CA GLY E 590 18.22 9.70 -35.03
C GLY E 590 19.31 9.00 -35.81
N PHE E 591 20.53 8.92 -35.26
CA PHE E 591 21.72 8.60 -36.03
C PHE E 591 22.56 7.50 -35.40
N ALA E 592 22.75 7.51 -34.08
CA ALA E 592 23.63 6.54 -33.45
C ALA E 592 22.87 5.25 -33.12
N PRO E 593 23.21 4.10 -33.74
CA PRO E 593 22.27 2.96 -33.72
C PRO E 593 22.00 2.41 -32.34
N ARG E 594 23.01 2.43 -31.47
CA ARG E 594 22.88 2.08 -30.06
C ARG E 594 22.71 3.31 -29.20
N SER E 595 21.59 3.99 -29.42
CA SER E 595 21.22 5.16 -28.64
C SER E 595 19.75 5.08 -28.29
N VAL E 596 19.39 5.76 -27.21
CA VAL E 596 18.01 5.90 -26.78
C VAL E 596 17.87 7.22 -26.04
N TYR E 597 16.63 7.67 -25.88
CA TYR E 597 16.34 9.04 -25.45
C TYR E 597 15.35 8.97 -24.31
N THR E 598 15.59 9.80 -23.28
CA THR E 598 14.66 9.95 -22.17
C THR E 598 14.47 11.42 -21.83
N SER E 599 13.24 11.75 -21.47
CA SER E 599 12.90 13.10 -21.03
C SER E 599 13.51 13.41 -19.66
N GLY E 600 13.89 12.39 -18.90
CA GLY E 600 14.64 12.58 -17.67
C GLY E 600 13.83 13.05 -16.49
N LYS E 601 12.73 13.78 -16.72
CA LYS E 601 11.69 13.88 -15.71
C LYS E 601 10.84 12.63 -15.71
N ALA E 602 10.20 12.34 -16.84
CA ALA E 602 9.37 11.15 -16.98
C ALA E 602 10.30 9.95 -17.05
N SER E 603 10.69 9.49 -15.86
CA SER E 603 11.62 8.37 -15.75
C SER E 603 11.54 7.82 -14.34
N SER E 604 12.05 6.60 -14.18
CA SER E 604 12.37 6.02 -12.89
C SER E 604 13.61 5.17 -13.01
N ALA E 605 14.30 5.01 -11.87
CA ALA E 605 15.46 4.13 -11.80
C ALA E 605 15.13 2.74 -12.31
N ALA E 606 13.94 2.23 -11.95
CA ALA E 606 13.48 0.93 -12.43
C ALA E 606 13.10 0.92 -13.90
N GLY E 607 13.21 2.04 -14.62
CA GLY E 607 13.08 2.05 -16.06
C GLY E 607 14.38 2.32 -16.77
N LEU E 608 15.30 3.01 -16.09
CA LEU E 608 16.66 3.14 -16.60
C LEU E 608 17.44 1.87 -16.36
N THR E 609 17.59 1.50 -15.09
CA THR E 609 18.07 0.17 -14.73
C THR E 609 17.01 -0.87 -15.06
N ALA E 610 17.47 -2.08 -15.36
CA ALA E 610 16.56 -3.15 -15.73
C ALA E 610 15.67 -3.56 -14.56
N ALA E 611 14.38 -3.73 -14.85
CA ALA E 611 13.47 -4.38 -13.94
C ALA E 611 13.56 -5.90 -14.11
N VAL E 612 12.78 -6.62 -13.31
CA VAL E 612 12.67 -8.07 -13.36
C VAL E 612 11.19 -8.42 -13.36
N VAL E 613 10.82 -9.46 -14.10
CA VAL E 613 9.49 -10.08 -14.01
C VAL E 613 9.58 -11.32 -13.14
N ARG E 614 8.78 -11.33 -12.08
CA ARG E 614 8.89 -12.23 -10.95
C ARG E 614 8.44 -13.66 -11.23
N ASP E 615 9.25 -14.44 -11.97
CA ASP E 615 9.04 -15.89 -12.07
C ASP E 615 7.66 -16.27 -12.60
N GLU E 616 7.06 -15.39 -13.40
CA GLU E 616 5.70 -15.59 -13.88
C GLU E 616 5.67 -16.53 -15.09
N GLU E 617 4.46 -16.93 -15.47
CA GLU E 617 4.17 -17.84 -16.60
C GLU E 617 4.87 -19.19 -16.48
N GLY E 618 5.08 -19.67 -15.26
CA GLY E 618 5.60 -21.02 -15.08
C GLY E 618 7.07 -21.25 -15.38
N GLY E 619 7.67 -20.41 -16.22
CA GLY E 619 9.11 -20.33 -16.34
C GLY E 619 9.74 -19.78 -15.08
N ASP E 620 11.03 -19.50 -15.17
CA ASP E 620 11.75 -18.77 -14.14
C ASP E 620 11.70 -17.27 -14.46
N TYR E 621 12.45 -16.48 -13.70
CA TYR E 621 12.46 -15.03 -13.87
C TYR E 621 13.18 -14.63 -15.15
N THR E 622 12.89 -13.41 -15.59
CA THR E 622 13.43 -12.83 -16.80
C THR E 622 13.76 -11.37 -16.49
N ILE E 623 14.77 -10.85 -17.17
CA ILE E 623 15.27 -9.49 -16.96
C ILE E 623 14.78 -8.57 -18.05
N GLU E 624 14.35 -7.38 -17.65
CA GLU E 624 13.61 -6.45 -18.49
C GLU E 624 14.56 -5.35 -18.96
N ALA E 625 14.63 -5.15 -20.28
CA ALA E 625 15.72 -4.39 -20.89
C ALA E 625 15.65 -2.91 -20.55
N GLY E 626 16.14 -2.59 -19.35
CA GLY E 626 16.15 -1.21 -18.91
C GLY E 626 16.90 -0.30 -19.87
N ALA E 627 16.52 0.98 -19.87
CA ALA E 627 17.01 1.91 -20.88
C ALA E 627 18.50 2.18 -20.76
N LEU E 628 19.06 2.11 -19.55
CA LEU E 628 20.50 2.26 -19.34
C LEU E 628 21.28 0.96 -19.33
N MET E 629 20.62 -0.20 -19.28
CA MET E 629 21.32 -1.43 -19.64
C MET E 629 21.46 -1.50 -21.15
N LEU E 630 20.36 -1.28 -21.85
CA LEU E 630 20.40 -0.84 -23.23
C LEU E 630 21.20 0.45 -23.31
N ALA E 631 21.62 0.82 -24.53
CA ALA E 631 22.70 1.79 -24.69
C ALA E 631 23.98 1.36 -23.96
N ASP E 632 24.20 0.05 -23.90
CA ASP E 632 25.57 -0.46 -23.82
C ASP E 632 26.34 -0.10 -25.07
N ASN E 633 27.61 0.23 -24.88
CA ASN E 633 28.51 0.58 -25.98
C ASN E 633 28.03 1.80 -26.75
N GLY E 634 27.58 2.83 -26.01
CA GLY E 634 27.11 4.03 -26.67
C GLY E 634 26.55 5.15 -25.80
N ILE E 635 25.61 5.92 -26.36
CA ILE E 635 25.12 7.15 -25.74
C ILE E 635 23.67 7.03 -25.29
N CYS E 636 23.41 7.47 -24.05
CA CYS E 636 22.06 7.73 -23.56
C CYS E 636 21.83 9.24 -23.53
N CYS E 637 20.82 9.72 -24.27
CA CYS E 637 20.45 11.13 -24.29
C CYS E 637 19.49 11.45 -23.15
N ILE E 638 20.03 11.76 -21.98
CA ILE E 638 19.25 12.22 -20.82
C ILE E 638 18.94 13.70 -20.86
N ASP E 639 17.89 14.05 -21.60
CA ASP E 639 17.40 15.42 -21.68
C ASP E 639 16.80 15.89 -20.35
N GLU E 640 16.90 17.19 -20.11
CA GLU E 640 16.50 17.85 -18.85
C GLU E 640 16.97 17.09 -17.62
N PHE E 641 18.27 16.81 -17.62
CA PHE E 641 18.94 15.98 -16.62
C PHE E 641 18.59 16.34 -15.17
N ASP E 642 18.58 17.63 -14.86
CA ASP E 642 18.40 18.08 -13.48
C ASP E 642 17.04 17.77 -12.87
N LYS E 643 16.01 17.54 -13.68
CA LYS E 643 14.70 17.21 -13.13
C LYS E 643 14.58 15.77 -12.66
N MET E 644 15.60 14.94 -12.86
CA MET E 644 15.67 13.67 -12.16
C MET E 644 15.72 13.88 -10.66
N ASP E 645 15.39 12.81 -9.93
CA ASP E 645 15.43 12.83 -8.48
C ASP E 645 16.79 12.36 -7.97
N ILE E 646 16.96 12.46 -6.66
CA ILE E 646 18.12 11.89 -5.97
C ILE E 646 18.23 10.39 -6.19
N SER E 647 17.10 9.68 -6.20
CA SER E 647 17.12 8.22 -6.32
C SER E 647 17.78 7.73 -7.61
N ASP E 648 17.33 8.21 -8.76
CA ASP E 648 17.83 7.68 -10.03
C ASP E 648 19.18 8.25 -10.46
N GLN E 649 19.54 9.46 -10.06
CA GLN E 649 20.89 9.95 -10.32
C GLN E 649 21.93 9.20 -9.50
N VAL E 650 21.58 8.83 -8.27
CA VAL E 650 22.47 7.97 -7.49
C VAL E 650 22.54 6.57 -8.09
N ALA E 651 21.41 6.08 -8.59
CA ALA E 651 21.42 4.82 -9.35
C ALA E 651 22.38 4.91 -10.53
N ILE E 652 22.41 6.06 -11.20
CA ILE E 652 23.38 6.31 -12.25
C ILE E 652 24.80 6.31 -11.66
N HIS E 653 25.03 7.09 -10.61
CA HIS E 653 26.39 7.24 -10.11
C HIS E 653 26.92 5.96 -9.47
N GLU E 654 26.05 5.14 -8.91
CA GLU E 654 26.48 3.79 -8.55
C GLU E 654 26.76 2.94 -9.78
N ALA E 655 26.18 3.29 -10.93
CA ALA E 655 26.56 2.73 -12.23
C ALA E 655 27.60 3.57 -12.95
N MET E 656 28.31 4.46 -12.25
CA MET E 656 29.51 5.09 -12.81
C MET E 656 30.71 4.93 -11.90
N GLU E 657 30.49 4.92 -10.57
CA GLU E 657 31.53 4.41 -9.69
C GLU E 657 31.92 2.98 -10.02
N GLN E 658 31.04 2.22 -10.67
CA GLN E 658 31.40 0.99 -11.34
C GLN E 658 30.69 0.97 -12.68
N GLN E 659 31.38 0.42 -13.68
CA GLN E 659 30.74 0.07 -14.93
C GLN E 659 29.57 -0.89 -14.72
N THR E 660 29.69 -1.80 -13.76
CA THR E 660 28.63 -2.75 -13.46
C THR E 660 27.40 -2.11 -12.85
N ILE E 661 26.30 -2.85 -12.93
CA ILE E 661 25.01 -2.56 -12.30
C ILE E 661 24.61 -3.81 -11.51
N SER E 662 24.08 -3.60 -10.31
CA SER E 662 23.54 -4.68 -9.49
C SER E 662 22.10 -4.43 -9.12
N ILE E 663 21.35 -5.54 -9.04
CA ILE E 663 19.91 -5.54 -8.83
C ILE E 663 19.57 -6.57 -7.76
N ALA E 664 18.66 -6.22 -6.86
CA ALA E 664 18.11 -7.18 -5.92
C ALA E 664 16.61 -6.99 -5.79
N LYS E 665 15.87 -8.10 -5.93
CA LYS E 665 14.53 -8.22 -5.39
C LYS E 665 14.25 -9.70 -5.24
N ALA E 666 13.30 -10.05 -4.37
CA ALA E 666 12.79 -11.41 -4.21
C ALA E 666 13.90 -12.43 -3.93
N GLY E 667 15.00 -11.96 -3.35
CA GLY E 667 16.21 -12.75 -3.22
C GLY E 667 16.98 -13.03 -4.51
N ILE E 668 16.40 -12.86 -5.70
CA ILE E 668 17.17 -13.02 -6.93
C ILE E 668 18.11 -11.83 -7.03
N HIS E 669 19.40 -12.08 -6.95
CA HIS E 669 20.43 -11.06 -7.15
C HIS E 669 21.13 -11.27 -8.49
N ALA E 670 21.17 -10.21 -9.27
CA ALA E 670 21.84 -10.19 -10.56
C ALA E 670 22.76 -8.98 -10.55
N THR E 671 23.98 -9.17 -11.06
CA THR E 671 24.83 -8.07 -11.47
C THR E 671 24.86 -8.04 -12.99
N LEU E 672 24.35 -6.94 -13.57
CA LEU E 672 24.47 -6.75 -15.00
C LEU E 672 25.82 -6.14 -15.36
N ASN E 673 26.34 -6.54 -16.51
CA ASN E 673 27.23 -5.69 -17.28
C ASN E 673 26.61 -4.33 -17.51
N ALA E 674 27.44 -3.30 -17.50
CA ALA E 674 27.14 -2.12 -18.30
C ALA E 674 28.44 -1.44 -18.68
N ARG E 675 28.38 -0.70 -19.78
CA ARG E 675 29.44 0.19 -20.20
C ARG E 675 28.79 1.18 -21.13
N THR E 676 28.82 2.45 -20.76
CA THR E 676 27.95 3.43 -21.37
C THR E 676 28.61 4.79 -21.34
N SER E 677 28.18 5.65 -22.27
CA SER E 677 28.37 7.07 -22.13
C SER E 677 27.01 7.71 -21.95
N ILE E 678 26.99 8.75 -21.14
CA ILE E 678 25.82 9.60 -20.95
C ILE E 678 26.06 10.90 -21.67
N LEU E 679 25.08 11.34 -22.45
CA LEU E 679 24.99 12.73 -22.87
C LEU E 679 23.83 13.35 -22.10
N ALA E 680 24.14 14.29 -21.22
CA ALA E 680 23.17 14.97 -20.38
C ALA E 680 22.95 16.39 -20.85
N ALA E 681 21.70 16.78 -20.99
CA ALA E 681 21.32 18.18 -21.14
C ALA E 681 20.76 18.67 -19.81
N ALA E 682 21.24 19.82 -19.36
CA ALA E 682 20.93 20.33 -18.05
C ALA E 682 20.61 21.82 -18.17
N ASN E 683 19.96 22.35 -17.14
CA ASN E 683 19.50 23.73 -17.12
C ASN E 683 19.87 24.40 -15.80
N PRO E 684 20.34 25.65 -15.83
CA PRO E 684 20.64 26.36 -14.57
C PRO E 684 19.42 26.44 -13.66
N VAL E 685 19.71 26.70 -12.38
CA VAL E 685 18.67 26.83 -11.36
C VAL E 685 17.59 27.82 -11.78
N GLY E 686 17.97 28.90 -12.44
CA GLY E 686 17.01 29.85 -12.95
C GLY E 686 16.97 29.94 -14.46
N GLY E 687 17.48 28.91 -15.14
CA GLY E 687 17.61 28.95 -16.58
C GLY E 687 18.67 29.89 -17.13
N ARG E 688 18.60 31.16 -16.76
CA ARG E 688 19.67 32.11 -17.06
C ARG E 688 20.99 31.69 -16.45
N TYR E 689 22.03 31.68 -17.28
CA TYR E 689 23.38 31.32 -16.84
C TYR E 689 24.02 32.47 -16.07
N ASN E 690 24.34 32.23 -14.80
CA ASN E 690 25.04 33.22 -13.99
C ASN E 690 26.51 33.15 -14.35
N ARG E 691 26.97 34.12 -15.15
CA ARG E 691 28.40 34.24 -15.45
C ARG E 691 29.27 34.28 -14.21
N LYS E 692 28.75 34.79 -13.09
CA LYS E 692 29.58 35.15 -11.95
C LYS E 692 29.63 34.06 -10.89
N LEU E 693 29.23 32.84 -11.23
CA LEU E 693 29.21 31.72 -10.30
C LEU E 693 30.03 30.57 -10.87
N SER E 694 30.59 29.77 -9.98
CA SER E 694 31.08 28.45 -10.34
C SER E 694 29.95 27.53 -10.78
N LEU E 695 30.35 26.53 -11.58
CA LEU E 695 29.39 25.59 -12.18
C LEU E 695 28.73 24.72 -11.13
N ARG E 696 29.46 24.39 -10.06
CA ARG E 696 28.88 23.70 -8.91
C ARG E 696 27.68 24.45 -8.35
N GLY E 697 27.81 25.76 -8.16
CA GLY E 697 26.70 26.54 -7.65
C GLY E 697 25.60 26.72 -8.66
N ASN E 698 25.97 27.09 -9.88
CA ASN E 698 24.98 27.35 -10.91
C ASN E 698 24.13 26.13 -11.22
N LEU E 699 24.78 24.97 -11.37
CA LEU E 699 24.14 23.82 -12.01
C LEU E 699 23.32 22.98 -11.03
N ASN E 700 23.71 22.97 -9.75
CA ASN E 700 22.97 22.28 -8.68
C ASN E 700 22.78 20.79 -9.00
N MET E 701 23.91 20.11 -9.14
CA MET E 701 23.98 18.66 -9.04
C MET E 701 25.19 18.31 -8.18
N THR E 702 25.00 17.40 -7.23
CA THR E 702 26.00 17.16 -6.20
C THR E 702 27.32 16.70 -6.81
N ALA E 703 28.41 17.06 -6.12
CA ALA E 703 29.76 16.90 -6.64
C ALA E 703 30.10 15.52 -7.19
N PRO E 704 29.72 14.39 -6.55
CA PRO E 704 30.00 13.09 -7.17
C PRO E 704 29.40 12.92 -8.55
N ILE E 705 28.13 13.31 -8.74
CA ILE E 705 27.56 13.20 -10.08
C ILE E 705 27.99 14.34 -10.98
N MET E 706 28.57 15.42 -10.42
CA MET E 706 29.20 16.41 -11.26
C MET E 706 30.60 15.99 -11.64
N SER E 707 31.18 15.08 -10.86
CA SER E 707 32.38 14.38 -11.25
C SER E 707 32.02 13.37 -12.35
N ARG E 708 33.03 12.68 -12.84
CA ARG E 708 32.89 11.67 -13.88
C ARG E 708 32.28 12.23 -15.15
N PHE E 709 32.39 13.53 -15.39
CA PHE E 709 32.13 14.13 -16.67
C PHE E 709 33.44 14.65 -17.24
N ASP E 710 33.79 14.17 -18.43
CA ASP E 710 35.07 14.54 -19.01
C ASP E 710 35.09 16.02 -19.35
N LEU E 711 33.96 16.53 -19.86
CA LEU E 711 33.83 17.94 -20.17
C LEU E 711 32.44 18.42 -19.80
N PHE E 712 32.35 19.70 -19.48
CA PHE E 712 31.11 20.46 -19.54
C PHE E 712 31.21 21.50 -20.64
N PHE E 713 30.15 21.59 -21.44
CA PHE E 713 30.01 22.62 -22.45
C PHE E 713 28.97 23.60 -21.95
N VAL E 714 29.31 24.88 -22.01
CA VAL E 714 28.48 25.96 -21.49
C VAL E 714 28.25 27.00 -22.58
N ILE E 715 27.01 27.47 -22.68
CA ILE E 715 26.60 28.40 -23.73
C ILE E 715 25.89 29.58 -23.09
N LEU E 716 26.25 30.78 -23.54
CA LEU E 716 25.67 32.04 -23.10
C LEU E 716 25.33 32.85 -24.34
N ASP E 717 24.16 33.48 -24.34
CA ASP E 717 23.59 34.09 -25.54
C ASP E 717 23.24 35.55 -25.28
N ASP E 718 23.37 36.36 -26.34
CA ASP E 718 22.96 37.75 -26.35
C ASP E 718 22.94 38.23 -27.79
N CYS E 719 22.36 39.41 -28.00
CA CYS E 719 22.33 40.02 -29.33
C CYS E 719 23.72 40.33 -29.87
N ASN E 720 24.03 39.71 -31.02
CA ASN E 720 25.27 39.97 -31.75
C ASN E 720 24.86 40.05 -33.22
N GLU E 721 24.50 41.26 -33.66
CA GLU E 721 23.64 41.46 -34.83
C GLU E 721 24.23 40.83 -36.10
N LYS E 722 25.56 40.84 -36.22
CA LYS E 722 26.23 40.17 -37.34
C LYS E 722 25.89 38.69 -37.43
N ILE E 723 25.67 38.03 -36.30
CA ILE E 723 25.24 36.64 -36.27
C ILE E 723 23.72 36.50 -36.34
N ASP E 724 22.99 37.37 -35.62
CA ASP E 724 21.55 37.19 -35.48
C ASP E 724 20.84 37.21 -36.83
N THR E 725 21.31 38.02 -37.77
CA THR E 725 20.74 38.00 -39.11
C THR E 725 21.11 36.73 -39.87
N GLU E 726 22.30 36.19 -39.63
CA GLU E 726 22.68 34.92 -40.23
C GLU E 726 21.95 33.74 -39.60
N LEU E 727 21.74 33.79 -38.29
CA LEU E 727 20.91 32.80 -37.61
C LEU E 727 19.45 32.87 -38.05
N ALA E 728 18.85 34.06 -38.00
CA ALA E 728 17.47 34.24 -38.46
C ALA E 728 17.28 33.75 -39.89
N SER E 729 18.24 34.06 -40.76
CA SER E 729 18.20 33.52 -42.11
C SER E 729 18.26 32.01 -42.10
N HIS E 730 19.13 31.43 -41.27
CA HIS E 730 19.27 29.99 -41.20
C HIS E 730 17.99 29.30 -40.73
N ILE E 731 17.29 29.88 -39.77
CA ILE E 731 16.00 29.33 -39.35
C ILE E 731 14.97 29.42 -40.46
N VAL E 732 14.77 30.60 -41.05
CA VAL E 732 13.71 30.75 -42.04
C VAL E 732 14.10 30.04 -43.34
N ASP E 733 15.38 30.06 -43.70
CA ASP E 733 15.80 29.33 -44.89
C ASP E 733 15.61 27.83 -44.73
N LEU E 734 15.61 27.34 -43.49
CA LEU E 734 15.29 25.94 -43.25
C LEU E 734 13.87 25.63 -43.68
N HIS E 735 12.94 26.57 -43.46
CA HIS E 735 11.55 26.38 -43.90
C HIS E 735 11.39 26.75 -45.38
N MET E 736 12.14 26.04 -46.20
CA MET E 736 11.81 25.80 -47.59
C MET E 736 12.05 24.31 -47.78
N LYS E 737 11.12 23.65 -48.47
CA LYS E 737 10.97 22.21 -48.41
C LYS E 737 12.24 21.41 -48.64
N ARG E 738 12.73 20.75 -47.59
CA ARG E 738 13.90 19.87 -47.66
C ARG E 738 15.11 20.52 -48.34
N ASP E 739 15.25 21.83 -48.20
CA ASP E 739 16.31 22.55 -48.91
C ASP E 739 17.68 22.27 -48.27
N GLU E 740 18.72 22.53 -49.07
CA GLU E 740 20.15 22.25 -48.87
C GLU E 740 20.84 23.17 -47.84
N ALA E 741 20.08 23.96 -47.07
CA ALA E 741 20.66 24.87 -46.09
C ALA E 741 21.54 24.14 -45.08
N ILE E 742 21.26 22.86 -44.84
CA ILE E 742 22.01 22.03 -43.91
C ILE E 742 22.77 20.92 -44.63
N GLU E 743 23.11 21.13 -45.90
CA GLU E 743 23.86 20.13 -46.65
C GLU E 743 25.26 20.00 -46.04
N PRO E 744 25.66 18.84 -45.55
CA PRO E 744 27.04 18.67 -45.08
C PRO E 744 28.01 18.48 -46.23
N PRO E 745 29.32 18.50 -45.94
CA PRO E 745 30.28 18.00 -46.93
C PRO E 745 29.95 16.59 -47.37
N PHE E 746 29.72 15.69 -46.43
CA PHE E 746 29.29 14.34 -46.76
C PHE E 746 28.36 13.80 -45.69
N SER E 747 27.59 12.78 -46.09
CA SER E 747 26.44 12.29 -45.35
C SER E 747 26.71 10.96 -44.66
N ALA E 748 25.72 10.56 -43.86
CA ALA E 748 25.74 9.35 -43.06
C ALA E 748 26.07 8.08 -43.84
N GLU E 749 25.77 8.07 -45.15
CA GLU E 749 26.04 6.93 -46.02
C GLU E 749 27.46 6.35 -45.90
N GLN E 750 28.44 7.17 -45.52
CA GLN E 750 29.77 6.70 -45.13
C GLN E 750 30.14 6.95 -43.68
N LEU E 751 29.52 7.93 -43.03
CA LEU E 751 29.98 8.38 -41.72
C LEU E 751 29.84 7.28 -40.67
N ARG E 752 28.72 6.56 -40.65
CA ARG E 752 28.54 5.52 -39.65
C ARG E 752 29.51 4.35 -39.86
N ARG E 753 29.59 3.85 -41.10
CA ARG E 753 30.54 2.79 -41.42
C ARG E 753 32.00 3.20 -41.24
N TYR E 754 32.35 4.46 -41.48
CA TYR E 754 33.68 4.94 -41.12
C TYR E 754 33.93 4.92 -39.62
N ILE E 755 32.93 5.28 -38.83
CA ILE E 755 33.04 5.22 -37.37
C ILE E 755 33.29 3.79 -36.88
N LYS E 756 32.66 2.79 -37.50
CA LYS E 756 32.98 1.41 -37.13
C LYS E 756 34.41 1.04 -37.51
N TYR E 757 34.93 1.53 -38.62
CA TYR E 757 36.33 1.31 -38.94
C TYR E 757 37.24 1.98 -37.91
N ALA E 758 36.84 3.17 -37.45
CA ALA E 758 37.54 3.88 -36.38
C ALA E 758 37.48 3.16 -35.03
N ARG E 759 36.31 2.65 -34.64
CA ARG E 759 36.21 1.87 -33.41
C ARG E 759 37.20 0.70 -33.35
N THR E 760 37.13 -0.22 -34.31
CA THR E 760 38.00 -1.42 -34.30
C THR E 760 39.51 -1.13 -34.60
N PHE E 761 39.91 0.14 -34.63
CA PHE E 761 41.29 0.56 -34.77
C PHE E 761 42.16 0.46 -33.50
N LYS E 762 41.61 0.62 -32.30
CA LYS E 762 42.30 0.47 -31.01
C LYS E 762 43.72 1.04 -30.84
N PRO E 763 43.89 2.36 -30.95
CA PRO E 763 45.24 2.96 -31.02
C PRO E 763 45.94 3.03 -29.66
N ILE E 764 47.20 3.51 -29.67
CA ILE E 764 48.11 3.46 -28.52
C ILE E 764 48.92 4.76 -28.37
N LEU E 765 49.41 5.00 -27.15
CA LEU E 765 50.24 6.14 -26.74
C LEU E 765 51.64 6.10 -27.39
N THR E 766 52.44 7.13 -27.08
CA THR E 766 53.82 7.26 -27.54
C THR E 766 54.67 7.98 -26.50
N LYS E 767 55.98 7.69 -26.54
CA LYS E 767 56.90 8.11 -25.49
C LYS E 767 57.00 9.63 -25.42
N GLU E 768 57.24 10.27 -26.56
CA GLU E 768 57.30 11.72 -26.62
C GLU E 768 55.98 12.37 -26.22
N ALA E 769 54.85 11.76 -26.58
CA ALA E 769 53.57 12.29 -26.14
C ALA E 769 53.40 12.24 -24.62
N ARG E 770 53.62 11.07 -24.01
CA ARG E 770 53.47 10.96 -22.56
C ARG E 770 54.44 11.88 -21.83
N SER E 771 55.68 11.98 -22.30
CA SER E 771 56.66 12.84 -21.65
C SER E 771 56.31 14.32 -21.79
N TYR E 772 55.64 14.69 -22.88
CA TYR E 772 55.13 16.04 -23.10
C TYR E 772 53.79 16.28 -22.40
N LEU E 773 52.94 15.26 -22.39
CA LEU E 773 51.65 15.30 -21.71
C LEU E 773 51.79 15.59 -20.21
N VAL E 774 52.76 14.97 -19.55
CA VAL E 774 53.06 15.25 -18.14
C VAL E 774 53.34 16.72 -17.87
N GLU E 775 53.91 17.45 -18.82
CA GLU E 775 54.11 18.89 -18.64
C GLU E 775 52.87 19.74 -18.91
N LYS E 776 51.99 19.32 -19.82
CA LYS E 776 50.74 20.07 -20.04
C LYS E 776 49.76 19.97 -18.88
N TYR E 777 49.80 18.90 -18.09
CA TYR E 777 49.03 18.90 -16.85
C TYR E 777 49.60 19.86 -15.81
N LYS E 778 50.91 19.99 -15.75
CA LYS E 778 51.49 21.10 -14.98
C LYS E 778 51.07 22.45 -15.54
N GLU E 779 51.11 22.60 -16.86
CA GLU E 779 50.68 23.84 -17.50
C GLU E 779 49.21 24.13 -17.20
N LEU E 780 48.35 23.14 -17.38
CA LEU E 780 46.94 23.28 -17.01
C LEU E 780 46.80 23.67 -15.55
N ARG E 781 47.31 22.84 -14.64
CA ARG E 781 47.04 23.01 -13.22
C ARG E 781 47.71 24.27 -12.67
N LYS E 782 48.79 24.74 -13.30
CA LYS E 782 49.39 26.01 -12.89
C LYS E 782 48.42 27.17 -13.06
N ASP E 783 47.50 27.08 -14.03
CA ASP E 783 46.51 28.14 -14.21
C ASP E 783 45.58 28.32 -13.01
N ASP E 784 45.60 27.41 -12.03
CA ASP E 784 44.84 27.59 -10.80
C ASP E 784 45.66 28.26 -9.71
N ALA E 785 46.98 28.27 -9.81
CA ALA E 785 47.69 29.36 -9.17
C ALA E 785 47.32 30.67 -9.87
N GLN E 786 47.31 31.75 -9.08
CA GLN E 786 46.67 33.00 -9.48
C GLN E 786 45.26 32.75 -10.00
N GLY E 787 44.58 31.76 -9.41
CA GLY E 787 43.35 31.28 -9.95
C GLY E 787 42.19 32.24 -9.80
N PHE E 788 41.00 31.71 -10.09
CA PHE E 788 39.73 32.42 -9.97
C PHE E 788 39.68 33.69 -10.81
N SER E 789 40.43 33.71 -11.90
CA SER E 789 40.18 34.55 -13.05
C SER E 789 40.38 33.63 -14.24
N ARG E 790 39.46 33.68 -15.21
CA ARG E 790 39.38 32.66 -16.25
C ARG E 790 39.56 31.26 -15.64
N SER E 791 38.85 31.03 -14.53
CA SER E 791 38.85 29.74 -13.87
C SER E 791 37.66 29.64 -12.95
N SER E 792 36.93 28.52 -13.04
CA SER E 792 35.63 28.38 -12.39
C SER E 792 35.39 26.99 -11.79
N TYR E 793 36.39 26.11 -11.78
CA TYR E 793 36.23 24.83 -11.09
C TYR E 793 37.60 24.26 -10.78
N ARG E 794 37.63 23.28 -9.88
CA ARG E 794 38.87 22.67 -9.45
C ARG E 794 39.43 21.77 -10.54
N ILE E 795 40.75 21.72 -10.62
CA ILE E 795 41.49 20.86 -11.53
C ILE E 795 42.24 19.78 -10.77
N THR E 796 42.00 18.52 -11.15
CA THR E 796 42.57 17.39 -10.43
C THR E 796 42.88 16.27 -11.43
N VAL E 797 43.33 15.13 -10.89
CA VAL E 797 43.84 14.00 -11.67
C VAL E 797 42.84 13.53 -12.72
N ARG E 798 41.56 13.58 -12.40
CA ARG E 798 40.52 13.20 -13.36
C ARG E 798 40.54 14.03 -14.63
N GLN E 799 41.07 15.25 -14.58
CA GLN E 799 41.25 16.00 -15.81
C GLN E 799 42.40 15.45 -16.65
N LEU E 800 43.43 14.90 -16.01
CA LEU E 800 44.43 14.14 -16.75
C LEU E 800 43.83 12.85 -17.33
N GLU E 801 43.00 12.15 -16.57
CA GLU E 801 42.35 10.94 -17.09
C GLU E 801 41.37 11.24 -18.20
N SER E 802 40.64 12.36 -18.08
CA SER E 802 39.84 12.87 -19.19
C SER E 802 40.68 13.10 -20.43
N MET E 803 41.79 13.83 -20.26
CA MET E 803 42.73 14.11 -21.33
C MET E 803 43.32 12.86 -21.98
N ILE E 804 43.62 11.82 -21.20
CA ILE E 804 44.06 10.55 -21.79
C ILE E 804 42.99 9.94 -22.72
N ARG E 805 41.78 9.75 -22.22
CA ARG E 805 40.78 9.07 -23.05
C ARG E 805 40.22 9.90 -24.18
N LEU E 806 40.45 11.22 -24.19
CA LEU E 806 40.31 11.99 -25.42
C LEU E 806 41.41 11.72 -26.44
N SER E 807 42.60 11.34 -25.97
CA SER E 807 43.71 11.03 -26.88
C SER E 807 43.39 9.87 -27.83
N GLU E 808 42.71 8.84 -27.34
CA GLU E 808 42.27 7.76 -28.21
C GLU E 808 41.17 8.19 -29.17
N ALA E 809 40.24 9.02 -28.71
CA ALA E 809 39.17 9.51 -29.57
C ALA E 809 39.70 10.22 -30.82
N ILE E 810 40.65 11.15 -30.66
CA ILE E 810 41.22 11.78 -31.85
C ILE E 810 42.06 10.79 -32.64
N ALA E 811 42.77 9.88 -31.96
CA ALA E 811 43.55 8.88 -32.67
C ALA E 811 42.67 7.94 -33.46
N ARG E 812 41.51 7.59 -32.90
CA ARG E 812 40.49 6.89 -33.69
C ARG E 812 39.94 7.80 -34.78
N ALA E 813 39.62 9.05 -34.43
CA ALA E 813 39.06 9.99 -35.40
C ALA E 813 39.95 10.16 -36.62
N ASN E 814 41.27 10.16 -36.43
CA ASN E 814 42.20 10.27 -37.55
C ASN E 814 42.61 8.92 -38.11
N CYS E 815 42.25 7.84 -37.43
CA CYS E 815 42.77 6.50 -37.72
C CYS E 815 44.30 6.52 -37.76
N VAL E 816 44.88 6.97 -36.64
CA VAL E 816 46.32 6.99 -36.44
C VAL E 816 46.58 6.08 -35.27
N ASP E 817 47.37 5.02 -35.51
CA ASP E 817 47.50 3.93 -34.55
C ASP E 817 48.34 4.32 -33.35
N GLU E 818 49.16 5.35 -33.49
CA GLU E 818 50.18 5.64 -32.50
C GLU E 818 50.34 7.16 -32.51
N ILE E 819 49.79 7.79 -31.47
CA ILE E 819 49.43 9.20 -31.49
C ILE E 819 50.67 10.09 -31.38
N THR E 820 50.52 11.35 -31.77
CA THR E 820 51.50 12.41 -31.64
C THR E 820 50.98 13.56 -30.79
N PRO E 821 51.84 14.22 -30.01
CA PRO E 821 51.34 15.20 -29.04
C PRO E 821 50.71 16.43 -29.66
N SER E 822 51.03 16.75 -30.91
CA SER E 822 50.40 17.89 -31.57
C SER E 822 48.91 17.69 -31.85
N PHE E 823 48.44 16.44 -31.85
CA PHE E 823 46.99 16.20 -31.85
C PHE E 823 46.39 16.28 -30.45
N ILE E 824 47.10 15.76 -29.46
CA ILE E 824 46.66 15.87 -28.07
C ILE E 824 46.61 17.32 -27.60
N ALA E 825 47.40 18.20 -28.20
CA ALA E 825 47.26 19.64 -27.94
C ALA E 825 45.90 20.19 -28.36
N GLU E 826 45.24 19.58 -29.34
CA GLU E 826 43.87 20.00 -29.66
C GLU E 826 42.85 19.56 -28.61
N ALA E 827 43.04 18.40 -28.02
CA ALA E 827 42.19 18.00 -26.89
C ALA E 827 42.45 18.86 -25.67
N TYR E 828 43.72 19.20 -25.43
CA TYR E 828 44.10 20.11 -24.36
C TYR E 828 43.45 21.48 -24.51
N ASP E 829 43.47 22.04 -25.72
CA ASP E 829 42.77 23.29 -25.98
C ASP E 829 41.26 23.17 -25.86
N LEU E 830 40.70 21.97 -25.98
CA LEU E 830 39.28 21.78 -25.68
C LEU E 830 39.01 21.81 -24.17
N LEU E 831 39.87 21.17 -23.39
CA LEU E 831 39.80 21.29 -21.94
C LEU E 831 39.98 22.74 -21.48
N ARG E 832 40.89 23.47 -22.13
CA ARG E 832 41.00 24.89 -21.84
C ARG E 832 39.72 25.63 -22.19
N GLN E 833 39.21 25.45 -23.40
CA GLN E 833 38.03 26.19 -23.85
C GLN E 833 36.84 25.94 -22.93
N SER E 834 36.76 24.73 -22.37
CA SER E 834 35.69 24.36 -21.43
C SER E 834 35.69 25.18 -20.15
N ILE E 835 36.80 25.82 -19.77
CA ILE E 835 36.83 26.56 -18.51
C ILE E 835 36.14 27.89 -18.73
N ILE E 836 35.82 28.61 -17.65
CA ILE E 836 34.99 29.82 -17.73
C ILE E 836 35.53 30.89 -16.78
N ARG E 837 35.20 32.13 -17.12
CA ARG E 837 35.48 33.31 -16.31
C ARG E 837 34.74 33.29 -14.98
N VAL E 838 35.24 34.11 -14.06
CA VAL E 838 34.49 34.53 -12.88
C VAL E 838 34.90 35.96 -12.55
N ASP E 839 34.02 36.66 -11.84
CA ASP E 839 34.38 37.97 -11.29
C ASP E 839 35.48 37.82 -10.25
N VAL E 840 36.45 38.73 -10.30
CA VAL E 840 37.57 38.70 -9.37
C VAL E 840 37.07 38.97 -7.95
N MET F 1 -40.84 -41.65 8.96
CA MET F 1 -40.69 -41.19 10.36
C MET F 1 -41.24 -39.79 10.48
N SER F 2 -42.54 -39.69 10.79
CA SER F 2 -43.15 -38.39 11.00
C SER F 2 -42.77 -37.76 12.32
N ALA F 3 -41.99 -38.44 13.16
CA ALA F 3 -41.28 -37.76 14.23
C ALA F 3 -40.14 -36.91 13.71
N ALA F 4 -39.69 -37.13 12.48
CA ALA F 4 -38.95 -36.12 11.75
C ALA F 4 -39.91 -35.21 10.98
N LEU F 5 -39.49 -33.97 10.81
CA LEU F 5 -40.40 -32.88 10.48
C LEU F 5 -41.65 -32.87 11.37
N PRO F 6 -41.49 -32.91 12.69
CA PRO F 6 -42.66 -33.03 13.54
C PRO F 6 -43.69 -31.92 13.33
N SER F 7 -44.96 -32.33 13.34
CA SER F 7 -46.08 -31.42 13.14
C SER F 7 -46.31 -30.53 14.34
N ILE F 8 -46.57 -29.26 14.07
CA ILE F 8 -46.94 -28.30 15.08
C ILE F 8 -48.00 -27.40 14.46
N GLN F 9 -48.73 -26.68 15.31
CA GLN F 9 -49.72 -25.74 14.82
C GLN F 9 -49.72 -24.47 15.66
N LEU F 10 -50.27 -23.42 15.07
CA LEU F 10 -50.19 -22.07 15.60
C LEU F 10 -51.49 -21.32 15.30
N PRO F 11 -51.76 -20.22 16.02
CA PRO F 11 -53.05 -19.53 15.86
C PRO F 11 -53.34 -19.00 14.48
N VAL F 12 -52.33 -18.80 13.63
CA VAL F 12 -52.61 -18.32 12.27
C VAL F 12 -53.39 -19.36 11.46
N ASP F 13 -54.09 -18.89 10.42
CA ASP F 13 -54.84 -19.74 9.49
C ASP F 13 -54.92 -19.07 8.11
N TYR F 14 -53.81 -19.13 7.38
CA TYR F 14 -53.69 -18.44 6.08
C TYR F 14 -54.82 -18.79 5.12
N ASN F 15 -55.29 -20.04 5.16
CA ASN F 15 -56.43 -20.53 4.39
C ASN F 15 -57.73 -19.78 4.58
N ASN F 16 -57.85 -18.85 5.54
CA ASN F 16 -58.95 -17.89 5.53
C ASN F 16 -58.55 -16.43 5.66
N LEU F 17 -57.26 -16.14 5.83
CA LEU F 17 -56.78 -14.77 5.66
C LEU F 17 -56.73 -14.37 4.20
N PHE F 18 -56.46 -15.33 3.30
CA PHE F 18 -56.68 -15.11 1.88
C PHE F 18 -58.12 -14.75 1.58
N ASN F 19 -59.06 -15.40 2.29
CA ASN F 19 -60.48 -15.06 2.21
C ASN F 19 -60.80 -13.68 2.74
N GLU F 20 -59.94 -13.11 3.58
CA GLU F 20 -60.09 -11.73 4.03
C GLU F 20 -59.59 -10.74 2.99
N ILE F 21 -58.43 -11.02 2.41
CA ILE F 21 -57.84 -10.19 1.37
C ILE F 21 -58.76 -10.06 0.17
N THR F 22 -59.30 -11.18 -0.31
CA THR F 22 -60.25 -11.16 -1.41
C THR F 22 -61.51 -10.35 -1.16
N ASP F 23 -61.80 -9.97 0.09
CA ASP F 23 -62.81 -8.95 0.31
C ASP F 23 -62.21 -7.54 0.38
N PHE F 24 -61.13 -7.36 1.14
CA PHE F 24 -60.51 -6.05 1.30
C PHE F 24 -60.17 -5.37 -0.02
N LEU F 25 -59.64 -6.14 -0.97
CA LEU F 25 -59.25 -5.56 -2.26
C LEU F 25 -60.44 -5.04 -3.05
N VAL F 26 -61.66 -5.46 -2.72
CA VAL F 26 -62.86 -5.03 -3.42
C VAL F 26 -63.88 -4.36 -2.51
N THR F 27 -63.78 -4.52 -1.19
CA THR F 27 -64.79 -4.09 -0.24
C THR F 27 -64.40 -2.79 0.47
N PHE F 28 -63.51 -1.99 -0.11
CA PHE F 28 -63.01 -0.78 0.52
C PHE F 28 -63.43 0.44 -0.29
N LYS F 29 -64.21 1.33 0.35
CA LYS F 29 -64.61 2.62 -0.22
C LYS F 29 -64.36 3.80 0.73
N GLN F 30 -63.74 3.58 1.88
CA GLN F 30 -63.44 4.69 2.80
C GLN F 30 -62.53 5.74 2.18
N ASP F 31 -61.79 5.38 1.13
CA ASP F 31 -61.24 6.36 0.21
C ASP F 31 -61.35 5.85 -1.22
N LYS F 59 -63.61 4.87 -11.21
CA LYS F 59 -63.20 4.91 -9.79
C LYS F 59 -64.32 4.39 -8.88
N GLY F 60 -63.97 4.09 -7.63
CA GLY F 60 -64.86 3.41 -6.72
C GLY F 60 -64.09 2.59 -5.70
N PRO F 61 -64.26 1.26 -5.67
CA PRO F 61 -63.42 0.43 -4.81
C PRO F 61 -61.96 0.50 -5.24
N LYS F 62 -61.23 1.47 -4.65
CA LYS F 62 -60.09 2.11 -5.29
C LYS F 62 -59.05 1.11 -5.78
N TYR F 63 -58.84 0.03 -5.04
CA TYR F 63 -57.92 -1.00 -5.48
C TYR F 63 -58.33 -1.61 -6.82
N MET F 64 -59.63 -1.74 -7.07
CA MET F 64 -60.08 -2.25 -8.37
C MET F 64 -59.84 -1.25 -9.49
N ALA F 65 -60.01 0.04 -9.20
CA ALA F 65 -59.72 1.07 -10.19
C ALA F 65 -58.23 1.26 -10.42
N MET F 66 -57.44 1.16 -9.35
CA MET F 66 -55.99 1.07 -9.49
C MET F 66 -55.57 -0.11 -10.36
N LEU F 67 -56.19 -1.28 -10.15
CA LEU F 67 -55.97 -2.42 -11.02
C LEU F 67 -56.52 -2.24 -12.44
N GLN F 68 -57.49 -1.34 -12.63
CA GLN F 68 -57.85 -0.93 -13.98
C GLN F 68 -56.74 -0.12 -14.65
N LYS F 69 -56.04 0.72 -13.88
CA LYS F 69 -54.86 1.38 -14.42
C LYS F 69 -53.72 0.40 -14.70
N VAL F 70 -53.64 -0.71 -13.98
CA VAL F 70 -52.80 -1.80 -14.43
C VAL F 70 -53.38 -2.45 -15.69
N ALA F 71 -54.70 -2.62 -15.75
CA ALA F 71 -55.32 -3.12 -16.97
C ALA F 71 -55.28 -2.09 -18.09
N ASN F 72 -55.15 -0.80 -17.75
CA ASN F 72 -54.80 0.25 -18.67
C ASN F 72 -53.31 0.23 -19.03
N ARG F 73 -52.49 -0.47 -18.25
CA ARG F 73 -51.04 -0.56 -18.42
C ARG F 73 -50.34 0.79 -18.31
N GLU F 74 -50.78 1.61 -17.35
CA GLU F 74 -50.26 2.95 -17.19
C GLU F 74 -49.52 3.15 -15.87
N LEU F 75 -49.56 2.17 -14.98
CA LEU F 75 -48.69 2.11 -13.81
C LEU F 75 -48.28 0.66 -13.58
N ASN F 76 -47.23 0.49 -12.78
CA ASN F 76 -46.46 -0.74 -12.72
C ASN F 76 -46.24 -1.24 -11.30
N SER F 77 -46.54 -0.42 -10.28
CA SER F 77 -46.25 -0.74 -8.89
C SER F 77 -47.47 -0.48 -8.02
N VAL F 78 -47.71 -1.41 -7.11
CA VAL F 78 -48.88 -1.41 -6.22
C VAL F 78 -48.37 -1.15 -4.82
N ILE F 79 -48.90 -0.10 -4.19
CA ILE F 79 -48.55 0.25 -2.81
C ILE F 79 -49.73 -0.05 -1.92
N ILE F 80 -49.50 -0.91 -0.94
CA ILE F 80 -50.51 -1.36 0.01
C ILE F 80 -50.25 -0.72 1.36
N ASP F 81 -51.24 -0.04 1.91
CA ASP F 81 -51.06 0.67 3.17
C ASP F 81 -51.92 0.04 4.26
N LEU F 82 -51.30 -0.18 5.42
CA LEU F 82 -51.99 -0.66 6.60
C LEU F 82 -53.04 0.32 7.14
N ASP F 83 -52.94 1.60 6.76
CA ASP F 83 -53.94 2.60 7.13
C ASP F 83 -55.36 2.21 6.76
N ASP F 84 -55.52 1.49 5.67
CA ASP F 84 -56.83 1.08 5.17
C ASP F 84 -57.29 -0.24 5.77
N ILE F 85 -56.36 -1.17 5.95
CA ILE F 85 -56.67 -2.45 6.56
C ILE F 85 -57.22 -2.29 7.97
N LEU F 86 -56.67 -1.37 8.77
CA LEU F 86 -57.17 -1.17 10.12
C LEU F 86 -58.62 -0.66 10.11
N GLN F 87 -58.90 0.40 9.36
CA GLN F 87 -60.27 0.92 9.26
C GLN F 87 -61.21 0.03 8.50
N TYR F 88 -60.70 -0.90 7.69
CA TYR F 88 -61.55 -1.96 7.17
C TYR F 88 -61.99 -2.93 8.25
N GLN F 89 -61.08 -3.35 9.14
CA GLN F 89 -61.48 -4.21 10.25
C GLN F 89 -62.45 -3.54 11.20
N ASN F 90 -62.35 -2.23 11.40
CA ASN F 90 -63.38 -1.52 12.18
C ASN F 90 -64.75 -1.61 11.54
N GLU F 91 -64.84 -1.51 10.21
CA GLU F 91 -66.11 -1.70 9.54
C GLU F 91 -66.64 -3.12 9.67
N LYS F 92 -65.76 -4.10 9.93
CA LYS F 92 -66.20 -5.43 10.33
C LYS F 92 -66.52 -5.51 11.82
N PHE F 93 -65.55 -5.19 12.66
CA PHE F 93 -65.67 -5.40 14.11
C PHE F 93 -66.85 -4.64 14.70
N LEU F 94 -67.03 -3.38 14.30
CA LEU F 94 -68.17 -2.62 14.80
C LEU F 94 -69.48 -3.11 14.21
N GLN F 95 -69.44 -3.94 13.17
CA GLN F 95 -70.58 -4.69 12.72
C GLN F 95 -70.59 -6.12 13.26
N GLY F 96 -69.83 -6.39 14.32
CA GLY F 96 -69.81 -7.70 14.93
C GLY F 96 -69.19 -8.80 14.11
N THR F 97 -68.39 -8.46 13.11
CA THR F 97 -67.81 -9.44 12.18
C THR F 97 -66.33 -9.63 12.50
N GLN F 98 -65.91 -10.88 12.61
CA GLN F 98 -64.56 -11.23 13.05
C GLN F 98 -63.49 -10.59 12.17
N ALA F 99 -62.47 -10.03 12.83
CA ALA F 99 -61.33 -9.42 12.14
C ALA F 99 -60.33 -10.46 11.66
N ASP F 100 -59.93 -11.37 12.55
CA ASP F 100 -58.86 -12.34 12.28
C ASP F 100 -57.56 -11.67 11.81
N ASP F 101 -57.01 -10.84 12.70
CA ASP F 101 -56.13 -9.71 12.37
C ASP F 101 -55.05 -10.06 11.36
N LEU F 102 -55.02 -9.27 10.28
CA LEU F 102 -53.92 -9.27 9.31
C LEU F 102 -52.71 -8.46 9.75
N VAL F 103 -52.93 -7.36 10.48
CA VAL F 103 -51.86 -6.41 10.77
C VAL F 103 -50.81 -6.99 11.70
N SER F 104 -51.23 -7.60 12.80
CA SER F 104 -50.26 -8.25 13.67
C SER F 104 -49.58 -9.43 13.00
N ALA F 105 -50.21 -10.04 12.02
CA ALA F 105 -49.55 -11.08 11.23
C ALA F 105 -48.57 -10.48 10.24
N ILE F 106 -49.02 -9.45 9.52
CA ILE F 106 -48.24 -8.86 8.44
C ILE F 106 -46.98 -8.17 8.93
N GLN F 107 -46.94 -7.66 10.16
CA GLN F 107 -45.67 -7.11 10.62
C GLN F 107 -44.66 -8.22 10.89
N GLN F 108 -45.12 -9.45 11.02
CA GLN F 108 -44.30 -10.65 10.90
C GLN F 108 -44.35 -11.17 9.46
N ASN F 109 -43.32 -11.95 9.12
CA ASN F 109 -43.41 -12.98 8.08
C ASN F 109 -43.87 -12.44 6.73
N ALA F 110 -43.50 -11.21 6.40
CA ALA F 110 -44.15 -10.55 5.27
C ALA F 110 -43.77 -11.17 3.94
N ASN F 111 -42.67 -11.93 3.89
CA ASN F 111 -42.28 -12.66 2.69
C ASN F 111 -43.29 -13.73 2.27
N HIS F 112 -44.14 -14.19 3.18
CA HIS F 112 -45.26 -15.05 2.82
C HIS F 112 -46.39 -14.24 2.20
N PHE F 113 -46.87 -13.23 2.91
CA PHE F 113 -47.98 -12.40 2.43
C PHE F 113 -47.66 -11.76 1.09
N THR F 114 -46.47 -11.16 0.97
CA THR F 114 -46.09 -10.45 -0.24
C THR F 114 -45.98 -11.36 -1.47
N GLU F 115 -46.09 -12.67 -1.31
CA GLU F 115 -46.06 -13.63 -2.40
C GLU F 115 -47.35 -14.45 -2.47
N LEU F 116 -48.37 -14.05 -1.71
CA LEU F 116 -49.70 -14.66 -1.62
C LEU F 116 -50.79 -13.61 -1.68
N PHE F 117 -50.58 -12.46 -1.05
CA PHE F 117 -51.45 -11.31 -1.21
C PHE F 117 -51.55 -10.91 -2.67
N CYS F 118 -50.46 -11.08 -3.41
CA CYS F 118 -50.40 -10.83 -4.85
C CYS F 118 -51.11 -11.88 -5.68
N ARG F 119 -51.28 -13.10 -5.17
CA ARG F 119 -52.01 -14.14 -5.88
C ARG F 119 -53.48 -13.79 -6.07
N ALA F 120 -54.09 -13.18 -5.05
CA ALA F 120 -55.47 -12.74 -5.17
C ALA F 120 -55.67 -11.78 -6.32
N ILE F 121 -54.76 -10.82 -6.47
CA ILE F 121 -54.86 -9.81 -7.52
C ILE F 121 -54.79 -10.43 -8.92
N ASP F 122 -54.04 -11.51 -9.09
CA ASP F 122 -54.06 -12.21 -10.36
C ASP F 122 -55.44 -12.79 -10.65
N ASN F 123 -56.13 -13.23 -9.60
CA ASN F 123 -57.38 -13.95 -9.69
C ASN F 123 -58.59 -13.03 -9.74
N ASN F 124 -58.45 -11.76 -9.38
CA ASN F 124 -59.51 -10.77 -9.59
C ASN F 124 -58.93 -9.41 -9.97
N MET F 125 -58.86 -9.16 -11.28
CA MET F 125 -58.49 -7.84 -11.78
C MET F 125 -59.27 -7.57 -13.06
N PRO F 126 -59.50 -6.30 -13.40
CA PRO F 126 -60.23 -5.97 -14.63
C PRO F 126 -59.50 -6.39 -15.89
N LEU F 127 -60.29 -6.47 -16.97
CA LEU F 127 -59.77 -6.83 -18.28
C LEU F 127 -59.19 -5.61 -19.01
N PRO F 128 -58.21 -5.81 -19.90
CA PRO F 128 -57.56 -4.67 -20.55
C PRO F 128 -58.50 -3.89 -21.46
N THR F 129 -58.32 -2.57 -21.50
CA THR F 129 -59.25 -1.67 -22.18
C THR F 129 -58.55 -0.93 -23.31
N LYS F 130 -57.47 -0.19 -23.06
CA LYS F 130 -56.67 0.36 -24.16
C LYS F 130 -56.02 -0.81 -24.86
N GLU F 131 -56.46 -1.10 -26.07
CA GLU F 131 -56.01 -2.30 -26.75
C GLU F 131 -54.53 -2.25 -27.12
N ILE F 132 -53.94 -3.44 -27.17
CA ILE F 132 -52.50 -3.63 -27.32
C ILE F 132 -52.03 -2.95 -28.60
N ASP F 133 -50.91 -2.24 -28.51
CA ASP F 133 -50.47 -1.32 -29.55
C ASP F 133 -48.96 -1.24 -29.48
N TYR F 134 -48.40 -0.73 -30.56
CA TYR F 134 -46.96 -0.69 -30.77
C TYR F 134 -46.29 0.27 -29.80
N LYS F 135 -46.80 1.48 -29.67
CA LYS F 135 -46.24 2.41 -28.67
C LYS F 135 -46.67 1.95 -27.28
N ASP F 136 -45.97 0.90 -26.81
CA ASP F 136 -46.04 0.41 -25.44
C ASP F 136 -44.76 -0.34 -25.12
N ASP F 137 -44.54 -0.56 -23.83
CA ASP F 137 -43.31 -1.18 -23.35
C ASP F 137 -43.28 -2.66 -23.68
N VAL F 138 -42.15 -3.10 -24.24
CA VAL F 138 -42.09 -4.34 -25.00
C VAL F 138 -42.48 -5.54 -24.16
N LEU F 139 -42.21 -5.51 -22.86
CA LEU F 139 -42.58 -6.61 -21.98
C LEU F 139 -44.07 -6.91 -21.94
N ASP F 140 -44.92 -5.91 -22.19
CA ASP F 140 -46.37 -6.07 -22.13
C ASP F 140 -47.02 -6.75 -23.35
N VAL F 141 -46.26 -7.13 -24.38
CA VAL F 141 -46.78 -8.06 -25.39
C VAL F 141 -46.23 -9.47 -25.20
N ILE F 142 -45.02 -9.59 -24.69
CA ILE F 142 -44.47 -10.92 -24.43
C ILE F 142 -45.35 -11.64 -23.42
N LEU F 143 -45.73 -10.93 -22.37
CA LEU F 143 -46.65 -11.49 -21.38
C LEU F 143 -48.03 -11.74 -21.97
N ASN F 144 -48.51 -10.83 -22.80
CA ASN F 144 -49.78 -11.01 -23.50
C ASN F 144 -49.82 -12.28 -24.35
N GLN F 145 -48.77 -12.54 -25.11
CA GLN F 145 -48.74 -13.73 -25.96
C GLN F 145 -48.80 -15.04 -25.16
N ARG F 146 -48.02 -15.14 -24.09
CA ARG F 146 -48.08 -16.33 -23.24
C ARG F 146 -49.44 -16.47 -22.56
N ARG F 147 -50.02 -15.36 -22.13
CA ARG F 147 -51.35 -15.39 -21.52
C ARG F 147 -52.39 -15.86 -22.52
N LEU F 148 -52.28 -15.43 -23.77
CA LEU F 148 -53.14 -15.93 -24.84
C LEU F 148 -52.89 -17.41 -25.10
N ARG F 149 -51.62 -17.80 -25.27
CA ARG F 149 -51.28 -19.19 -25.57
C ARG F 149 -51.79 -20.13 -24.48
N ASN F 150 -51.69 -19.69 -23.22
CA ASN F 150 -52.27 -20.41 -22.09
C ASN F 150 -53.72 -20.82 -22.30
N GLU F 151 -54.57 -19.88 -22.74
CA GLU F 151 -55.98 -20.21 -22.94
C GLU F 151 -56.25 -21.07 -24.17
N ARG F 152 -55.50 -20.92 -25.25
CA ARG F 152 -55.68 -21.80 -26.39
C ARG F 152 -55.36 -23.26 -26.08
N MET F 153 -54.35 -23.49 -25.23
CA MET F 153 -54.05 -24.86 -24.82
C MET F 153 -55.21 -25.51 -24.08
N LEU F 154 -55.87 -24.76 -23.21
CA LEU F 154 -57.08 -25.28 -22.58
C LEU F 154 -58.19 -25.49 -23.60
N SER F 155 -58.29 -24.59 -24.58
CA SER F 155 -59.39 -24.61 -25.54
C SER F 155 -59.31 -25.81 -26.49
N ASP F 156 -58.09 -26.18 -26.90
CA ASP F 156 -57.92 -27.39 -27.71
C ASP F 156 -57.99 -28.67 -26.88
N ARG F 157 -57.40 -28.71 -25.70
CA ARG F 157 -57.36 -29.95 -24.95
C ARG F 157 -58.74 -30.37 -24.48
N THR F 158 -59.57 -29.41 -24.06
CA THR F 158 -60.95 -29.69 -23.70
C THR F 158 -61.74 -30.27 -24.86
N ASN F 159 -61.60 -29.70 -26.05
CA ASN F 159 -62.32 -30.19 -27.22
C ASN F 159 -61.84 -31.56 -27.68
N GLU F 160 -60.54 -31.83 -27.57
CA GLU F 160 -60.06 -33.16 -27.89
C GLU F 160 -60.56 -34.19 -26.89
N ILE F 161 -60.55 -33.85 -25.61
CA ILE F 161 -61.10 -34.74 -24.59
C ILE F 161 -62.59 -34.97 -24.81
N ARG F 162 -63.36 -33.90 -25.00
CA ARG F 162 -64.77 -34.06 -25.31
C ARG F 162 -65.00 -34.89 -26.57
N SER F 163 -64.18 -34.67 -27.60
CA SER F 163 -64.36 -35.42 -28.84
C SER F 163 -64.03 -36.90 -28.71
N GLU F 164 -63.23 -37.29 -27.72
CA GLU F 164 -62.89 -38.70 -27.50
C GLU F 164 -63.99 -39.44 -26.74
N ASN F 165 -65.11 -39.65 -27.44
CA ASN F 165 -66.19 -40.58 -27.08
C ASN F 165 -66.62 -40.45 -25.62
N LEU F 166 -66.77 -39.21 -25.16
CA LEU F 166 -67.17 -38.94 -23.78
C LEU F 166 -66.27 -39.65 -22.77
N MET F 177 -69.32 -32.32 -17.87
CA MET F 177 -69.71 -31.28 -16.86
C MET F 177 -68.50 -30.43 -16.51
N ASN F 178 -68.71 -29.11 -16.55
CA ASN F 178 -67.62 -28.13 -16.48
C ASN F 178 -66.66 -28.41 -15.32
N ASP F 179 -67.17 -28.43 -14.09
CA ASP F 179 -66.31 -28.61 -12.91
C ASP F 179 -65.65 -29.98 -12.91
N ALA F 180 -66.26 -30.96 -13.58
CA ALA F 180 -65.61 -32.25 -13.81
C ALA F 180 -64.55 -32.14 -14.90
N LEU F 181 -64.94 -31.63 -16.07
CA LEU F 181 -64.05 -31.62 -17.22
C LEU F 181 -62.91 -30.62 -17.02
N ARG F 182 -63.24 -29.40 -16.61
CA ARG F 182 -62.26 -28.32 -16.62
C ARG F 182 -61.09 -28.59 -15.69
N GLU F 183 -61.32 -29.36 -14.62
CA GLU F 183 -60.25 -29.83 -13.76
C GLU F 183 -59.35 -30.88 -14.42
N VAL F 184 -59.90 -31.70 -15.31
CA VAL F 184 -59.09 -32.61 -16.12
C VAL F 184 -58.15 -31.84 -17.04
N VAL F 185 -58.67 -30.83 -17.73
CA VAL F 185 -57.85 -29.99 -18.60
C VAL F 185 -56.72 -29.35 -17.81
N GLU F 186 -57.05 -28.72 -16.68
CA GLU F 186 -56.04 -28.05 -15.87
C GLU F 186 -54.92 -28.98 -15.41
N ASP F 187 -55.26 -30.21 -15.01
CA ASP F 187 -54.21 -31.12 -14.53
C ASP F 187 -53.38 -31.70 -15.66
N GLU F 188 -54.01 -32.04 -16.78
CA GLU F 188 -53.28 -32.66 -17.89
C GLU F 188 -52.40 -31.67 -18.64
N THR F 189 -52.87 -30.44 -18.81
CA THR F 189 -52.02 -29.34 -19.28
C THR F 189 -50.91 -28.98 -18.30
N GLU F 190 -49.90 -28.31 -18.87
CA GLU F 190 -48.85 -27.62 -18.13
C GLU F 190 -48.66 -26.23 -18.73
N LEU F 191 -48.55 -25.22 -17.87
CA LEU F 191 -48.89 -23.84 -18.23
C LEU F 191 -47.85 -22.89 -17.68
N PHE F 192 -47.80 -21.69 -18.25
CA PHE F 192 -47.00 -20.63 -17.65
C PHE F 192 -47.55 -20.30 -16.26
N PRO F 193 -46.71 -20.18 -15.24
CA PRO F 193 -47.23 -19.85 -13.92
C PRO F 193 -47.59 -18.38 -13.78
N PRO F 194 -48.51 -18.08 -12.86
CA PRO F 194 -49.00 -16.69 -12.72
C PRO F 194 -47.95 -15.72 -12.21
N ASN F 195 -46.91 -16.22 -11.52
CA ASN F 195 -45.78 -15.37 -11.13
C ASN F 195 -44.89 -14.99 -12.31
N LEU F 196 -44.97 -15.74 -13.41
CA LEU F 196 -44.21 -15.42 -14.61
C LEU F 196 -45.01 -14.58 -15.60
N THR F 197 -46.33 -14.52 -15.43
CA THR F 197 -47.20 -13.55 -16.07
C THR F 197 -47.48 -12.32 -15.21
N ARG F 198 -46.71 -12.11 -14.15
CA ARG F 198 -47.01 -11.04 -13.20
C ARG F 198 -46.58 -9.69 -13.75
N ARG F 199 -47.57 -8.89 -14.15
CA ARG F 199 -47.38 -7.61 -14.83
C ARG F 199 -46.65 -6.58 -13.97
N TYR F 200 -46.56 -6.78 -12.65
CA TYR F 200 -46.31 -5.67 -11.73
C TYR F 200 -45.54 -6.15 -10.51
N PHE F 201 -44.96 -5.17 -9.80
CA PHE F 201 -44.26 -5.39 -8.54
C PHE F 201 -45.13 -4.87 -7.41
N LEU F 202 -45.24 -5.64 -6.34
CA LEU F 202 -46.06 -5.30 -5.18
C LEU F 202 -45.19 -4.96 -3.96
N TYR F 203 -45.60 -3.90 -3.26
CA TYR F 203 -44.89 -3.39 -2.10
C TYR F 203 -45.89 -3.03 -1.01
N PHE F 204 -45.35 -2.82 0.20
CA PHE F 204 -46.10 -2.44 1.39
C PHE F 204 -45.53 -1.15 1.97
N LYS F 205 -46.41 -0.39 2.61
CA LYS F 205 -46.02 0.64 3.56
C LYS F 205 -46.74 0.47 4.89
N PRO F 206 -46.06 0.75 6.02
CA PRO F 206 -46.69 0.59 7.33
C PRO F 206 -47.76 1.63 7.64
N LEU F 207 -48.26 1.60 8.88
CA LEU F 207 -49.17 2.62 9.38
C LEU F 207 -48.43 3.51 10.36
N SER F 208 -48.56 4.82 10.17
CA SER F 208 -47.90 5.78 11.03
C SER F 208 -48.54 5.78 12.42
N GLN F 209 -47.76 6.30 13.37
CA GLN F 209 -48.13 6.34 14.79
C GLN F 209 -49.52 6.92 14.99
N ASN F 210 -49.86 7.97 14.22
CA ASN F 210 -51.20 8.56 14.22
C ASN F 210 -52.28 7.50 14.11
N CYS F 211 -52.13 6.55 13.20
CA CYS F 211 -53.16 5.52 13.06
C CYS F 211 -53.01 4.44 14.13
N ALA F 212 -51.85 4.36 14.78
CA ALA F 212 -51.66 3.46 15.91
C ALA F 212 -52.29 4.01 17.18
N ARG F 213 -52.17 5.31 17.43
CA ARG F 213 -52.81 5.90 18.61
C ARG F 213 -54.28 6.22 18.35
N ARG F 214 -54.63 6.67 17.15
CA ARG F 214 -56.03 6.71 16.74
C ARG F 214 -56.55 5.27 16.64
N TYR F 215 -57.66 4.99 17.32
CA TYR F 215 -58.14 3.64 17.61
C TYR F 215 -57.14 2.84 18.45
N ARG F 216 -56.14 3.48 19.05
CA ARG F 216 -55.20 2.86 19.97
C ARG F 216 -54.64 1.51 19.49
N ILE F 220 -46.03 0.85 18.14
CA ILE F 220 -46.28 -0.61 18.02
C ILE F 220 -45.70 -1.15 16.72
N SER F 221 -46.39 -0.83 15.62
CA SER F 221 -46.10 -1.47 14.35
C SER F 221 -44.82 -0.95 13.71
N SER F 222 -44.45 0.31 13.94
CA SER F 222 -43.28 0.89 13.28
C SER F 222 -42.65 1.98 14.15
N LYS F 223 -41.90 1.55 15.15
CA LYS F 223 -40.92 2.44 15.75
C LYS F 223 -39.73 2.59 14.79
N PRO F 224 -39.29 3.81 14.46
CA PRO F 224 -38.07 3.93 13.67
C PRO F 224 -36.85 3.58 14.49
N LEU F 225 -36.44 2.32 14.37
CA LEU F 225 -35.36 1.76 15.16
C LEU F 225 -33.97 2.20 14.72
N SER F 226 -33.09 2.28 15.71
CA SER F 226 -31.65 2.37 15.52
C SER F 226 -31.08 1.04 15.03
N VAL F 227 -30.03 1.15 14.21
CA VAL F 227 -29.33 -0.03 13.71
C VAL F 227 -28.69 -0.80 14.85
N ARG F 228 -28.36 -0.13 15.94
CA ARG F 228 -27.92 -0.81 17.14
C ARG F 228 -29.09 -1.47 17.85
N GLN F 229 -30.23 -0.79 17.89
CA GLN F 229 -31.41 -1.22 18.63
C GLN F 229 -32.03 -2.50 18.08
N ILE F 230 -31.67 -2.92 16.87
CA ILE F 230 -32.34 -4.02 16.18
C ILE F 230 -32.20 -5.38 16.85
N LYS F 231 -31.21 -5.59 17.71
CA LYS F 231 -31.12 -6.70 18.67
C LYS F 231 -31.27 -8.09 18.00
N GLY F 232 -31.03 -8.19 16.68
CA GLY F 232 -31.05 -9.44 15.96
C GLY F 232 -32.36 -10.19 15.74
N ASP F 233 -33.02 -10.62 16.81
CA ASP F 233 -34.17 -11.55 16.79
C ASP F 233 -35.46 -10.96 16.22
N PHE F 234 -35.43 -9.76 15.67
CA PHE F 234 -36.43 -9.23 14.77
C PHE F 234 -36.47 -9.85 13.38
N LEU F 235 -35.53 -10.73 13.02
CA LEU F 235 -35.57 -11.41 11.72
C LEU F 235 -36.96 -11.93 11.38
N GLY F 236 -37.41 -11.58 10.18
CA GLY F 236 -38.74 -11.83 9.70
C GLY F 236 -39.65 -10.62 9.76
N GLN F 237 -39.40 -9.69 10.66
CA GLN F 237 -40.40 -8.67 10.90
C GLN F 237 -40.30 -7.57 9.85
N LEU F 238 -41.41 -6.89 9.65
CA LEU F 238 -41.43 -5.58 9.00
C LEU F 238 -41.03 -4.49 9.98
N ILE F 239 -39.95 -3.77 9.67
CA ILE F 239 -39.36 -2.79 10.57
C ILE F 239 -39.10 -1.48 9.86
N THR F 240 -39.06 -0.41 10.65
CA THR F 240 -38.63 0.91 10.19
C THR F 240 -37.29 1.24 10.81
N VAL F 241 -36.32 1.65 9.98
CA VAL F 241 -35.01 2.10 10.43
C VAL F 241 -34.70 3.42 9.76
N ARG F 242 -34.06 4.34 10.48
CA ARG F 242 -33.58 5.59 9.92
C ARG F 242 -32.10 5.87 10.21
N GLY F 243 -31.43 6.45 9.20
CA GLY F 243 -30.02 6.74 9.28
C GLY F 243 -29.52 7.30 7.97
N ILE F 244 -28.23 7.61 7.93
CA ILE F 244 -27.58 8.10 6.72
C ILE F 244 -27.34 6.95 5.76
N ILE F 245 -27.84 7.09 4.54
CA ILE F 245 -27.45 6.31 3.37
C ILE F 245 -26.07 6.72 2.87
N THR F 246 -25.02 6.15 3.45
CA THR F 246 -23.69 6.59 3.09
C THR F 246 -23.34 6.23 1.65
N ARG F 247 -23.54 4.97 1.27
CA ARG F 247 -23.07 4.43 0.00
C ARG F 247 -24.08 3.54 -0.69
N VAL F 248 -24.17 3.68 -2.01
CA VAL F 248 -25.09 2.89 -2.83
C VAL F 248 -24.27 2.29 -3.96
N SER F 249 -24.69 1.13 -4.44
CA SER F 249 -24.34 0.66 -5.77
C SER F 249 -25.19 1.32 -6.85
N ASP F 250 -24.66 1.29 -8.07
CA ASP F 250 -25.47 1.50 -9.25
C ASP F 250 -26.52 0.40 -9.40
N VAL F 251 -27.64 0.76 -10.02
CA VAL F 251 -28.64 -0.22 -10.41
C VAL F 251 -28.15 -1.09 -11.57
N LYS F 252 -28.40 -2.38 -11.48
CA LYS F 252 -28.15 -3.32 -12.55
C LYS F 252 -29.20 -4.41 -12.48
N PRO F 253 -29.45 -5.12 -13.58
CA PRO F 253 -30.34 -6.28 -13.51
C PRO F 253 -29.77 -7.43 -12.68
N ALA F 254 -30.64 -8.02 -11.86
CA ALA F 254 -30.37 -9.33 -11.27
C ALA F 254 -31.54 -10.26 -11.54
N VAL F 255 -31.22 -11.46 -12.01
CA VAL F 255 -32.24 -12.38 -12.50
C VAL F 255 -32.98 -13.02 -11.33
N GLU F 256 -34.28 -13.22 -11.51
CA GLU F 256 -35.12 -13.97 -10.60
C GLU F 256 -35.59 -15.28 -11.21
N VAL F 257 -35.83 -15.29 -12.52
CA VAL F 257 -36.13 -16.50 -13.27
C VAL F 257 -35.31 -16.49 -14.55
N ILE F 258 -34.75 -17.65 -14.88
CA ILE F 258 -34.10 -17.92 -16.15
C ILE F 258 -35.04 -18.71 -17.05
N ALA F 259 -35.23 -18.22 -18.28
CA ALA F 259 -36.03 -18.91 -19.29
C ALA F 259 -35.08 -19.61 -20.24
N TYR F 260 -35.35 -20.88 -20.53
CA TYR F 260 -34.55 -21.68 -21.45
C TYR F 260 -35.40 -22.22 -22.58
N THR F 261 -34.80 -22.26 -23.77
CA THR F 261 -35.43 -22.69 -25.00
C THR F 261 -34.91 -24.05 -25.43
N CYS F 262 -35.81 -24.97 -25.73
CA CYS F 262 -35.47 -26.28 -26.27
C CYS F 262 -36.17 -26.41 -27.61
N ASP F 263 -35.36 -26.57 -28.66
CA ASP F 263 -35.89 -26.77 -30.00
C ASP F 263 -36.64 -28.09 -30.16
N GLN F 264 -36.01 -29.19 -29.76
CA GLN F 264 -36.58 -30.50 -30.05
C GLN F 264 -37.89 -30.73 -29.31
N CYS F 265 -38.07 -30.09 -28.17
CA CYS F 265 -39.38 -30.05 -27.52
C CYS F 265 -40.26 -28.94 -28.07
N GLY F 266 -39.73 -27.72 -28.13
CA GLY F 266 -40.54 -26.53 -28.19
C GLY F 266 -41.06 -26.05 -26.85
N TYR F 267 -41.04 -26.89 -25.82
CA TYR F 267 -41.37 -26.42 -24.49
C TYR F 267 -40.26 -25.54 -23.94
N GLU F 268 -40.66 -24.45 -23.30
CA GLU F 268 -39.71 -23.68 -22.53
C GLU F 268 -39.41 -24.39 -21.22
N VAL F 269 -38.24 -24.10 -20.68
CA VAL F 269 -37.85 -24.49 -19.33
C VAL F 269 -37.57 -23.23 -18.53
N PHE F 270 -38.22 -23.10 -17.38
CA PHE F 270 -38.01 -21.97 -16.48
C PHE F 270 -37.39 -22.48 -15.19
N GLN F 271 -36.27 -21.84 -14.82
CA GLN F 271 -35.56 -22.10 -13.57
C GLN F 271 -35.70 -20.89 -12.66
N GLU F 272 -36.24 -21.10 -11.46
CA GLU F 272 -36.25 -20.05 -10.47
C GLU F 272 -34.86 -19.89 -9.87
N VAL F 273 -34.37 -18.65 -9.85
CA VAL F 273 -33.10 -18.29 -9.21
C VAL F 273 -33.37 -17.54 -7.92
N ASN F 274 -32.80 -18.02 -6.82
CA ASN F 274 -33.16 -17.59 -5.48
C ASN F 274 -31.97 -17.09 -4.69
N SER F 275 -30.87 -17.85 -4.71
CA SER F 275 -29.61 -17.41 -4.13
C SER F 275 -28.86 -16.46 -5.05
N ARG F 276 -27.69 -16.05 -4.57
CA ARG F 276 -26.76 -15.23 -5.34
C ARG F 276 -26.27 -15.91 -6.61
N THR F 277 -26.32 -17.23 -6.68
CA THR F 277 -25.72 -17.97 -7.79
C THR F 277 -26.67 -19.04 -8.28
N PHE F 278 -26.36 -19.53 -9.48
CA PHE F 278 -27.08 -20.62 -10.10
C PHE F 278 -26.13 -21.40 -10.98
N THR F 279 -26.54 -22.62 -11.32
CA THR F 279 -25.86 -23.42 -12.31
C THR F 279 -26.80 -23.70 -13.48
N PRO F 280 -26.33 -23.62 -14.72
CA PRO F 280 -27.23 -23.73 -15.88
C PRO F 280 -27.85 -25.13 -16.01
N LEU F 281 -29.18 -25.18 -16.04
CA LEU F 281 -29.92 -26.44 -16.15
C LEU F 281 -29.84 -27.00 -17.57
N SER F 282 -28.60 -27.30 -17.99
CA SER F 282 -28.34 -27.62 -19.38
C SER F 282 -29.03 -28.92 -19.81
N GLU F 283 -29.10 -29.89 -18.91
CA GLU F 283 -29.77 -31.16 -19.20
C GLU F 283 -31.27 -30.93 -19.26
N CYS F 284 -31.85 -31.11 -20.44
CA CYS F 284 -33.24 -30.73 -20.67
C CYS F 284 -34.22 -31.54 -19.84
N THR F 285 -34.92 -30.85 -18.94
CA THR F 285 -35.87 -31.44 -18.01
C THR F 285 -37.26 -31.61 -18.61
N SER F 286 -37.44 -31.26 -19.88
CA SER F 286 -38.77 -31.19 -20.49
C SER F 286 -39.56 -32.48 -20.32
N GLU F 287 -40.87 -32.31 -20.15
CA GLU F 287 -41.87 -33.37 -20.12
C GLU F 287 -41.97 -34.19 -21.40
N GLU F 288 -41.41 -33.71 -22.51
CA GLU F 288 -41.40 -34.47 -23.74
C GLU F 288 -40.11 -35.25 -23.95
N CYS F 289 -39.02 -34.84 -23.31
CA CYS F 289 -37.75 -35.53 -23.43
C CYS F 289 -37.51 -36.47 -22.26
N SER F 290 -38.28 -36.33 -21.17
CA SER F 290 -38.04 -37.18 -20.02
C SER F 290 -38.31 -38.62 -20.39
N GLN F 291 -39.48 -38.89 -20.97
CA GLN F 291 -39.81 -40.22 -21.47
C GLN F 291 -39.38 -40.34 -22.93
N ASN F 292 -38.10 -40.09 -23.16
CA ASN F 292 -37.55 -40.12 -24.51
C ASN F 292 -36.09 -40.53 -24.43
N GLN F 293 -35.61 -41.14 -25.51
CA GLN F 293 -34.22 -41.54 -25.56
C GLN F 293 -33.33 -40.31 -25.59
N THR F 294 -33.44 -39.52 -26.65
CA THR F 294 -32.66 -38.30 -26.74
C THR F 294 -33.19 -37.20 -25.82
N LYS F 295 -32.25 -36.51 -25.20
CA LYS F 295 -32.45 -35.55 -24.11
C LYS F 295 -31.97 -34.19 -24.56
N GLY F 296 -32.35 -33.78 -25.76
CA GLY F 296 -31.77 -32.66 -26.47
C GLY F 296 -31.65 -31.33 -25.75
N GLN F 297 -30.66 -30.57 -26.19
CA GLN F 297 -30.07 -29.44 -25.49
C GLN F 297 -31.01 -28.24 -25.48
N LEU F 298 -30.68 -27.27 -24.62
CA LEU F 298 -31.40 -26.02 -24.54
C LEU F 298 -30.49 -24.82 -24.31
N PHE F 299 -31.02 -23.64 -24.64
CA PHE F 299 -30.32 -22.36 -24.67
C PHE F 299 -31.11 -21.29 -23.93
N MET F 300 -30.43 -20.46 -23.15
CA MET F 300 -31.13 -19.43 -22.40
C MET F 300 -31.59 -18.29 -23.31
N SER F 301 -32.72 -17.71 -22.95
CA SER F 301 -33.25 -16.50 -23.57
C SER F 301 -33.12 -15.33 -22.61
N THR F 302 -32.40 -14.29 -23.01
CA THR F 302 -32.02 -13.20 -22.13
C THR F 302 -33.01 -12.05 -22.14
N ARG F 303 -34.19 -12.23 -22.74
CA ARG F 303 -35.33 -11.35 -22.50
C ARG F 303 -36.54 -12.05 -21.90
N ALA F 304 -36.75 -13.33 -22.21
CA ALA F 304 -37.76 -14.12 -21.52
C ALA F 304 -37.42 -14.37 -20.06
N SER F 305 -36.15 -14.24 -19.69
CA SER F 305 -35.72 -14.29 -18.30
C SER F 305 -36.21 -13.09 -17.52
N LYS F 306 -37.09 -13.35 -16.55
CA LYS F 306 -37.64 -12.29 -15.71
C LYS F 306 -36.53 -11.77 -14.82
N PHE F 307 -36.22 -10.48 -14.97
CA PHE F 307 -35.27 -9.82 -14.08
C PHE F 307 -35.97 -9.10 -12.95
N SER F 308 -35.19 -8.42 -12.13
CA SER F 308 -35.65 -7.25 -11.40
C SER F 308 -34.50 -6.26 -11.31
N ALA F 309 -34.84 -4.99 -11.23
CA ALA F 309 -33.86 -3.96 -10.91
C ALA F 309 -33.35 -4.13 -9.49
N PHE F 310 -32.05 -4.37 -9.35
CA PHE F 310 -31.41 -4.61 -8.06
C PHE F 310 -30.49 -3.45 -7.71
N GLN F 311 -30.63 -2.94 -6.49
CA GLN F 311 -29.75 -1.92 -5.94
C GLN F 311 -29.62 -2.20 -4.45
N GLU F 312 -28.51 -1.76 -3.86
CA GLU F 312 -28.33 -1.91 -2.42
C GLU F 312 -27.57 -0.73 -1.84
N CYS F 313 -27.75 -0.55 -0.53
CA CYS F 313 -27.08 0.52 0.17
C CYS F 313 -26.77 0.09 1.60
N LYS F 314 -25.71 0.70 2.15
CA LYS F 314 -25.50 0.91 3.57
C LYS F 314 -26.33 2.04 4.15
N ILE F 315 -27.00 1.78 5.27
CA ILE F 315 -27.34 2.83 6.22
C ILE F 315 -26.43 2.73 7.43
N GLN F 316 -25.70 3.81 7.70
CA GLN F 316 -24.99 3.98 8.97
C GLN F 316 -25.92 4.60 10.01
N GLU F 317 -25.67 4.23 11.26
CA GLU F 317 -26.41 4.78 12.38
C GLU F 317 -26.44 6.30 12.34
N LEU F 318 -27.59 6.84 12.75
CA LEU F 318 -27.76 8.27 12.93
C LEU F 318 -27.05 8.72 14.20
N SER F 319 -26.06 9.60 14.06
CA SER F 319 -25.01 9.78 15.07
C SER F 319 -25.55 10.11 16.47
N GLN F 320 -26.50 11.04 16.57
CA GLN F 320 -27.09 11.36 17.88
C GLN F 320 -27.77 10.18 18.58
N GLN F 321 -28.03 9.08 17.88
CA GLN F 321 -28.61 7.90 18.51
C GLN F 321 -27.55 6.89 18.93
N VAL F 322 -26.30 7.09 18.55
CA VAL F 322 -25.22 6.24 19.03
C VAL F 322 -25.08 6.40 20.54
N PRO F 323 -24.82 5.33 21.31
CA PRO F 323 -24.52 5.51 22.74
C PRO F 323 -23.28 6.32 23.01
N VAL F 324 -23.01 6.58 24.29
CA VAL F 324 -21.72 7.14 24.67
C VAL F 324 -20.60 6.17 24.31
N GLY F 325 -19.54 6.72 23.72
CA GLY F 325 -18.31 6.02 23.43
C GLY F 325 -18.35 5.06 22.27
N HIS F 326 -19.52 4.71 21.76
CA HIS F 326 -19.69 3.70 20.73
C HIS F 326 -19.60 4.31 19.32
N ILE F 327 -19.64 3.42 18.33
CA ILE F 327 -19.39 3.77 16.93
C ILE F 327 -20.63 3.58 16.05
N PRO F 328 -20.87 4.47 15.04
CA PRO F 328 -21.98 4.29 14.10
C PRO F 328 -21.85 3.11 13.14
N ARG F 329 -22.20 1.92 13.63
CA ARG F 329 -22.15 0.72 12.83
C ARG F 329 -23.20 0.75 11.71
N SER F 330 -23.06 -0.19 10.77
CA SER F 330 -23.71 -0.16 9.47
C SER F 330 -24.54 -1.41 9.23
N LEU F 331 -25.57 -1.25 8.41
CA LEU F 331 -26.47 -2.32 7.97
C LEU F 331 -26.64 -2.31 6.46
N ASN F 332 -26.84 -3.50 5.88
CA ASN F 332 -26.91 -3.69 4.44
C ASN F 332 -28.37 -3.85 4.00
N ILE F 333 -28.76 -3.06 3.00
CA ILE F 333 -30.12 -2.98 2.47
C ILE F 333 -30.13 -3.42 1.02
N HIS F 334 -31.08 -4.29 0.65
CA HIS F 334 -31.24 -4.74 -0.71
C HIS F 334 -32.56 -4.20 -1.24
N VAL F 335 -32.58 -3.81 -2.52
CA VAL F 335 -33.73 -3.21 -3.17
C VAL F 335 -34.11 -4.01 -4.41
N ASN F 336 -35.40 -4.09 -4.68
CA ASN F 336 -35.90 -4.74 -5.89
C ASN F 336 -36.97 -3.85 -6.52
N GLY F 337 -36.91 -3.71 -7.85
CA GLY F 337 -37.98 -3.12 -8.61
C GLY F 337 -38.09 -1.60 -8.60
N THR F 338 -39.34 -1.15 -8.81
CA THR F 338 -39.70 0.26 -9.03
C THR F 338 -39.16 1.25 -7.99
N LEU F 339 -38.89 0.81 -6.78
CA LEU F 339 -38.38 1.69 -5.73
C LEU F 339 -36.95 2.17 -5.96
N VAL F 340 -36.25 1.56 -6.92
CA VAL F 340 -34.81 1.45 -6.88
C VAL F 340 -34.06 2.78 -6.76
N ARG F 341 -34.48 3.83 -7.47
CA ARG F 341 -33.74 5.09 -7.39
C ARG F 341 -34.13 6.02 -6.25
N SER F 342 -35.03 5.60 -5.37
CA SER F 342 -35.47 6.47 -4.29
C SER F 342 -34.39 6.72 -3.23
N LEU F 343 -33.30 5.95 -3.24
CA LEU F 343 -32.19 6.16 -2.33
C LEU F 343 -30.97 6.71 -3.05
N SER F 344 -30.50 7.85 -2.57
CA SER F 344 -29.37 8.64 -3.03
C SER F 344 -28.45 9.00 -1.86
N PRO F 345 -27.14 8.98 -2.04
CA PRO F 345 -26.23 9.06 -0.89
C PRO F 345 -26.26 10.43 -0.23
N GLY F 346 -25.90 10.46 1.04
CA GLY F 346 -25.78 11.71 1.72
C GLY F 346 -27.10 12.28 2.15
N ASP F 347 -28.11 11.43 2.35
CA ASP F 347 -29.44 11.85 2.76
C ASP F 347 -29.92 10.95 3.87
N ILE F 348 -30.89 11.48 4.61
CA ILE F 348 -31.48 10.85 5.78
C ILE F 348 -32.86 10.34 5.38
N VAL F 349 -33.14 9.08 5.70
CA VAL F 349 -34.41 8.48 5.30
C VAL F 349 -34.95 7.60 6.41
N ASP F 350 -36.27 7.48 6.45
CA ASP F 350 -36.92 6.29 6.98
C ASP F 350 -36.92 5.23 5.89
N VAL F 351 -36.41 4.04 6.18
CA VAL F 351 -36.67 2.87 5.35
C VAL F 351 -37.62 1.97 6.12
N THR F 352 -38.70 1.56 5.46
CA THR F 352 -39.58 0.52 5.93
C THR F 352 -39.39 -0.74 5.10
N GLY F 353 -39.22 -1.87 5.76
CA GLY F 353 -39.01 -3.10 5.02
C GLY F 353 -38.79 -4.27 5.94
N ILE F 354 -38.53 -5.41 5.31
CA ILE F 354 -38.61 -6.72 5.93
C ILE F 354 -37.20 -7.26 6.10
N PHE F 355 -36.88 -7.67 7.31
CA PHE F 355 -35.51 -7.84 7.79
C PHE F 355 -35.21 -9.32 7.88
N LEU F 356 -34.18 -9.77 7.18
CA LEU F 356 -34.11 -11.15 6.73
C LEU F 356 -32.69 -11.67 6.78
N PRO F 357 -32.51 -12.97 6.92
CA PRO F 357 -31.19 -13.58 6.84
C PRO F 357 -30.66 -13.74 5.43
N ALA F 358 -29.34 -13.86 5.35
CA ALA F 358 -28.66 -14.29 4.15
C ALA F 358 -27.63 -15.33 4.53
N PRO F 359 -27.39 -16.33 3.70
CA PRO F 359 -26.45 -17.40 4.07
C PRO F 359 -24.99 -16.99 3.93
N TYR F 360 -24.40 -16.43 4.98
CA TYR F 360 -22.96 -16.24 5.03
C TYR F 360 -22.52 -16.22 6.48
N THR F 361 -21.25 -16.56 6.69
CA THR F 361 -20.76 -16.92 8.01
C THR F 361 -19.34 -16.48 8.32
N GLY F 362 -18.54 -16.07 7.34
CA GLY F 362 -17.14 -15.75 7.58
C GLY F 362 -16.25 -16.44 6.56
N PHE F 363 -15.34 -17.28 7.04
CA PHE F 363 -14.58 -18.14 6.12
C PHE F 363 -14.27 -19.48 6.81
N LYS F 364 -15.34 -20.28 6.97
CA LYS F 364 -15.24 -21.68 7.34
C LYS F 364 -14.71 -21.94 8.73
N ALA F 365 -13.48 -21.51 9.03
CA ALA F 365 -12.92 -21.77 10.35
C ALA F 365 -13.46 -20.77 11.38
N LEU F 366 -13.67 -19.52 10.95
CA LEU F 366 -14.13 -18.49 11.86
C LEU F 366 -15.65 -18.58 12.02
N LYS F 367 -16.08 -19.71 12.60
CA LYS F 367 -17.47 -20.15 12.50
C LYS F 367 -17.85 -20.94 13.75
N ALA F 368 -19.15 -20.94 14.06
CA ALA F 368 -19.72 -21.79 15.11
C ALA F 368 -21.10 -22.33 14.70
N GLY F 369 -21.31 -22.51 13.40
CA GLY F 369 -22.41 -23.23 12.80
C GLY F 369 -23.70 -22.46 12.63
N LEU F 370 -24.25 -22.59 11.41
CA LEU F 370 -25.57 -22.06 11.04
C LEU F 370 -25.70 -20.56 11.32
N LEU F 371 -24.59 -19.84 11.25
CA LEU F 371 -24.64 -18.38 11.26
C LEU F 371 -25.35 -17.86 10.02
N THR F 372 -25.85 -16.63 10.14
CA THR F 372 -26.39 -15.91 9.00
C THR F 372 -25.93 -14.46 8.97
N GLU F 373 -25.67 -14.00 7.74
CA GLU F 373 -25.69 -12.59 7.42
C GLU F 373 -27.12 -12.11 7.46
N THR F 374 -27.32 -10.79 7.48
CA THR F 374 -28.66 -10.23 7.40
C THR F 374 -28.72 -8.95 6.58
N TYR F 375 -29.89 -8.74 5.97
CA TYR F 375 -30.16 -7.63 5.07
C TYR F 375 -31.60 -7.20 5.27
N LEU F 376 -31.92 -5.98 4.82
CA LEU F 376 -33.28 -5.46 4.79
C LEU F 376 -33.74 -5.30 3.36
N GLU F 377 -34.85 -5.96 3.02
CA GLU F 377 -35.50 -5.82 1.73
C GLU F 377 -36.44 -4.62 1.72
N ALA F 378 -36.04 -3.55 1.04
CA ALA F 378 -36.75 -2.28 1.12
C ALA F 378 -38.12 -2.34 0.43
N GLN F 379 -39.13 -1.78 1.10
CA GLN F 379 -40.51 -1.77 0.63
C GLN F 379 -41.08 -0.39 0.35
N PHE F 380 -40.80 0.59 1.20
CA PHE F 380 -41.24 1.96 0.99
C PHE F 380 -40.27 2.92 1.66
N VAL F 381 -40.19 4.14 1.13
CA VAL F 381 -39.20 5.14 1.55
C VAL F 381 -39.87 6.50 1.75
N ARG F 382 -39.49 7.18 2.83
CA ARG F 382 -39.75 8.60 3.02
C ARG F 382 -38.49 9.24 3.59
N GLN F 383 -38.26 10.51 3.25
CA GLN F 383 -36.98 11.15 3.53
C GLN F 383 -37.18 12.55 4.08
N HIS F 384 -36.51 12.83 5.20
CA HIS F 384 -36.84 13.97 6.04
C HIS F 384 -36.44 15.31 5.44
N LYS F 385 -35.42 15.34 4.60
CA LYS F 385 -35.15 16.47 3.71
C LYS F 385 -35.43 16.06 2.29
N LYS F 386 -36.37 16.75 1.65
CA LYS F 386 -36.93 16.22 0.41
C LYS F 386 -36.20 16.72 -0.82
N LYS F 387 -36.39 15.98 -1.90
CA LYS F 387 -35.84 16.33 -3.20
C LYS F 387 -36.61 17.51 -3.79
N PHE F 388 -35.90 18.55 -4.21
CA PHE F 388 -36.61 19.69 -4.79
C PHE F 388 -37.30 19.31 -6.08
N ALA F 389 -36.75 18.33 -6.80
CA ALA F 389 -37.23 17.97 -8.13
C ALA F 389 -38.66 17.47 -8.12
N SER F 390 -39.18 17.02 -6.97
CA SER F 390 -40.59 16.68 -6.84
C SER F 390 -41.27 17.74 -5.99
N PHE F 391 -42.23 18.43 -6.61
CA PHE F 391 -42.78 19.65 -6.04
C PHE F 391 -44.20 19.95 -6.52
N SER F 392 -44.88 19.03 -7.19
CA SER F 392 -46.19 19.33 -7.76
C SER F 392 -47.20 19.68 -6.67
N LEU F 393 -48.26 20.36 -7.10
CA LEU F 393 -49.20 21.01 -6.21
C LEU F 393 -50.50 20.23 -6.12
N THR F 394 -50.91 19.97 -4.88
CA THR F 394 -52.06 19.16 -4.55
C THR F 394 -52.67 19.73 -3.29
N SER F 395 -53.85 19.21 -2.97
CA SER F 395 -54.80 19.80 -2.02
C SER F 395 -54.23 20.18 -0.65
N ASP F 396 -53.06 19.67 -0.26
CA ASP F 396 -52.45 20.03 1.02
C ASP F 396 -51.24 20.96 0.97
N VAL F 397 -50.57 21.14 -0.16
CA VAL F 397 -49.32 21.92 -0.16
C VAL F 397 -49.54 23.37 -0.56
N GLU F 398 -50.53 23.64 -1.40
CA GLU F 398 -50.79 25.01 -1.82
C GLU F 398 -51.23 25.88 -0.65
N GLU F 399 -52.09 25.33 0.21
CA GLU F 399 -52.57 26.07 1.37
C GLU F 399 -51.45 26.29 2.39
N ARG F 400 -50.47 25.41 2.42
CA ARG F 400 -49.29 25.61 3.26
C ARG F 400 -48.39 26.73 2.75
N VAL F 401 -48.36 26.94 1.44
CA VAL F 401 -47.74 28.13 0.86
C VAL F 401 -48.59 29.38 1.07
N MET F 402 -49.89 29.27 0.77
CA MET F 402 -50.78 30.44 0.83
C MET F 402 -50.89 31.02 2.23
N GLU F 403 -50.99 30.18 3.27
CA GLU F 403 -51.07 30.70 4.63
C GLU F 403 -49.77 31.34 5.09
N LEU F 404 -48.65 30.97 4.47
CA LEU F 404 -47.38 31.65 4.72
C LEU F 404 -47.34 33.04 4.07
N ILE F 405 -47.88 33.15 2.87
CA ILE F 405 -47.85 34.43 2.15
C ILE F 405 -48.74 35.47 2.82
N THR F 406 -49.98 35.12 3.17
CA THR F 406 -50.98 36.13 3.44
C THR F 406 -50.65 37.00 4.65
N SER F 407 -49.80 36.55 5.56
CA SER F 407 -49.38 37.45 6.63
C SER F 407 -48.47 38.57 6.10
N GLY F 408 -47.93 38.44 4.90
CA GLY F 408 -47.13 39.51 4.31
C GLY F 408 -45.73 39.59 4.89
N ASP F 409 -44.96 40.52 4.31
CA ASP F 409 -43.57 40.76 4.69
C ASP F 409 -42.72 39.49 4.66
N VAL F 410 -43.02 38.61 3.68
CA VAL F 410 -42.58 37.22 3.71
C VAL F 410 -41.06 37.14 3.79
N TYR F 411 -40.39 38.00 3.01
CA TYR F 411 -38.94 38.02 2.93
C TYR F 411 -38.30 38.29 4.29
N ASN F 412 -38.84 39.25 5.05
CA ASN F 412 -38.34 39.50 6.39
C ASN F 412 -38.81 38.45 7.40
N ARG F 413 -40.02 37.93 7.21
CA ARG F 413 -40.50 36.81 8.01
C ARG F 413 -39.60 35.58 7.92
N LEU F 414 -39.18 35.23 6.71
CA LEU F 414 -38.28 34.09 6.54
C LEU F 414 -36.85 34.34 6.98
N ALA F 415 -36.32 35.54 6.77
CA ALA F 415 -34.98 35.85 7.31
C ALA F 415 -34.92 35.70 8.82
N LYS F 416 -35.86 36.33 9.53
CA LYS F 416 -35.91 36.14 10.98
C LYS F 416 -36.22 34.70 11.35
N SER F 417 -36.94 33.97 10.50
CA SER F 417 -37.23 32.57 10.77
C SER F 417 -36.05 31.65 10.50
N ILE F 418 -35.06 32.09 9.75
CA ILE F 418 -33.79 31.38 9.69
C ILE F 418 -33.03 31.63 10.98
N ALA F 419 -32.54 30.56 11.62
CA ALA F 419 -31.71 30.62 12.81
C ALA F 419 -32.15 31.65 13.86
N PRO F 420 -33.42 31.65 14.27
CA PRO F 420 -33.86 32.67 15.24
C PRO F 420 -33.25 32.51 16.62
N GLU F 421 -32.62 31.36 16.88
CA GLU F 421 -31.85 31.07 18.06
C GLU F 421 -30.54 31.84 18.16
N ILE F 422 -30.18 32.69 17.20
CA ILE F 422 -29.07 33.62 17.36
C ILE F 422 -29.51 35.05 17.06
N TYR F 423 -28.91 35.98 17.80
CA TYR F 423 -29.32 37.38 17.83
C TYR F 423 -29.17 38.13 16.50
N GLY F 424 -30.26 38.78 16.10
CA GLY F 424 -30.23 39.91 15.17
C GLY F 424 -29.52 39.68 13.86
N ASN F 425 -28.73 40.69 13.47
CA ASN F 425 -27.82 40.68 12.31
C ASN F 425 -28.52 40.34 10.99
N LEU F 426 -29.81 40.68 10.88
CA LEU F 426 -30.73 40.12 9.87
C LEU F 426 -30.16 40.14 8.46
N ASP F 427 -29.36 41.16 8.13
CA ASP F 427 -28.79 41.29 6.80
C ASP F 427 -28.01 40.05 6.38
N VAL F 428 -27.32 39.39 7.31
CA VAL F 428 -26.65 38.14 6.97
C VAL F 428 -27.67 37.04 6.70
N LYS F 429 -28.60 36.84 7.63
CA LYS F 429 -29.59 35.77 7.52
C LYS F 429 -30.59 36.01 6.40
N LYS F 430 -30.86 37.27 6.10
CA LYS F 430 -31.63 37.66 4.94
C LYS F 430 -30.95 37.32 3.62
N ALA F 431 -29.62 37.40 3.56
CA ALA F 431 -28.90 36.93 2.38
C ALA F 431 -28.83 35.41 2.28
N LEU F 432 -28.80 34.70 3.40
CA LEU F 432 -28.82 33.24 3.36
C LEU F 432 -30.08 32.67 2.73
N LEU F 433 -31.19 33.38 2.81
CA LEU F 433 -32.38 32.95 2.07
C LEU F 433 -32.20 33.07 0.56
N LEU F 434 -31.46 34.06 0.10
CA LEU F 434 -31.15 34.21 -1.33
C LEU F 434 -30.15 33.16 -1.81
N LEU F 435 -29.20 32.80 -0.96
CA LEU F 435 -28.30 31.68 -1.23
C LEU F 435 -29.07 30.39 -1.53
N LEU F 436 -30.16 30.16 -0.82
CA LEU F 436 -30.97 28.97 -1.06
C LEU F 436 -31.70 29.06 -2.39
N VAL F 437 -32.37 30.17 -2.65
CA VAL F 437 -33.16 30.30 -3.86
C VAL F 437 -32.25 30.56 -5.06
N GLY F 438 -31.12 31.22 -4.86
CA GLY F 438 -29.98 31.05 -5.73
C GLY F 438 -29.98 31.82 -7.02
N GLY F 439 -31.12 32.37 -7.44
CA GLY F 439 -31.18 33.07 -8.71
C GLY F 439 -31.52 32.16 -9.88
N VAL F 440 -30.97 32.42 -11.06
CA VAL F 440 -31.32 31.68 -12.27
C VAL F 440 -30.08 31.19 -12.99
N ASP F 441 -30.12 29.92 -13.39
CA ASP F 441 -29.13 29.34 -14.29
C ASP F 441 -29.41 29.83 -15.69
N LYS F 442 -28.36 30.29 -16.38
CA LYS F 442 -28.48 30.79 -17.75
C LYS F 442 -27.64 29.95 -18.69
N ARG F 443 -28.28 29.40 -19.72
CA ARG F 443 -27.60 28.80 -20.86
C ARG F 443 -27.79 29.67 -22.09
N VAL F 444 -26.67 30.01 -22.75
CA VAL F 444 -26.67 31.00 -23.81
C VAL F 444 -27.30 30.49 -25.10
N GLY F 445 -27.65 29.20 -25.17
CA GLY F 445 -28.09 28.61 -26.42
C GLY F 445 -27.04 28.61 -27.50
N ASP F 446 -25.76 28.68 -27.14
CA ASP F 446 -24.69 28.88 -28.10
C ASP F 446 -23.36 28.40 -27.51
N GLY F 447 -23.44 27.44 -26.58
CA GLY F 447 -22.25 26.88 -25.97
C GLY F 447 -21.61 27.79 -24.94
N MET F 448 -22.43 28.32 -24.02
CA MET F 448 -21.86 29.01 -22.86
C MET F 448 -22.84 28.89 -21.70
N LYS F 449 -22.29 28.83 -20.50
CA LYS F 449 -23.04 28.70 -19.26
C LYS F 449 -22.46 29.62 -18.20
N ILE F 450 -23.33 30.26 -17.41
CA ILE F 450 -22.89 31.14 -16.33
C ILE F 450 -23.68 30.83 -15.07
N ARG F 451 -22.98 30.84 -13.94
CA ARG F 451 -23.47 30.27 -12.69
C ARG F 451 -24.70 31.02 -12.20
N GLY F 452 -25.78 30.27 -12.00
CA GLY F 452 -27.01 30.74 -11.40
C GLY F 452 -27.05 30.57 -9.90
N ASP F 453 -25.93 30.86 -9.23
CA ASP F 453 -25.72 30.45 -7.84
C ASP F 453 -24.91 31.50 -7.09
N ILE F 454 -25.07 31.46 -5.76
CA ILE F 454 -24.56 32.46 -4.82
C ILE F 454 -23.45 31.84 -3.99
N ASN F 455 -22.28 32.50 -3.94
CA ASN F 455 -21.13 32.10 -3.13
C ASN F 455 -20.74 33.21 -2.15
N VAL F 456 -20.66 32.87 -0.86
CA VAL F 456 -20.62 33.84 0.23
C VAL F 456 -19.62 33.44 1.30
N CYS F 457 -19.01 34.46 1.94
CA CYS F 457 -18.08 34.32 3.05
C CYS F 457 -18.60 35.10 4.25
N LEU F 458 -18.31 34.60 5.45
CA LEU F 458 -18.84 35.15 6.70
C LEU F 458 -17.74 35.64 7.64
N MET F 459 -16.69 36.21 7.05
CA MET F 459 -15.53 36.78 7.76
C MET F 459 -15.92 37.51 9.03
N GLY F 460 -15.16 37.28 10.09
CA GLY F 460 -15.36 38.05 11.31
C GLY F 460 -14.46 37.57 12.43
N ASP F 461 -14.72 38.10 13.62
CA ASP F 461 -14.01 37.74 14.84
C ASP F 461 -14.77 36.69 15.67
N PRO F 462 -14.13 36.14 16.70
CA PRO F 462 -14.82 35.20 17.59
C PRO F 462 -16.04 35.79 18.27
N GLY F 463 -16.90 34.91 18.76
CA GLY F 463 -17.99 35.29 19.61
C GLY F 463 -19.28 35.68 18.91
N VAL F 464 -19.20 36.27 17.72
CA VAL F 464 -20.36 36.36 16.84
C VAL F 464 -20.48 35.06 16.05
N ALA F 465 -21.45 34.23 16.45
CA ALA F 465 -21.45 32.82 16.12
C ALA F 465 -21.44 32.60 14.61
N LYS F 466 -20.66 31.61 14.18
CA LYS F 466 -20.54 31.24 12.77
C LYS F 466 -21.04 29.84 12.50
N SER F 467 -20.46 28.83 13.15
CA SER F 467 -20.81 27.44 12.87
C SER F 467 -22.27 27.15 13.16
N GLN F 468 -22.88 27.89 14.08
CA GLN F 468 -24.31 27.73 14.32
C GLN F 468 -25.12 28.16 13.10
N LEU F 469 -24.71 29.22 12.42
CA LEU F 469 -25.39 29.58 11.18
C LEU F 469 -25.09 28.59 10.06
N LEU F 470 -23.84 28.12 10.00
CA LEU F 470 -23.45 27.07 9.06
C LEU F 470 -24.26 25.80 9.29
N LYS F 471 -24.36 25.40 10.56
CA LYS F 471 -25.11 24.21 10.93
C LYS F 471 -26.60 24.37 10.70
N ALA F 472 -27.16 25.55 11.02
CA ALA F 472 -28.57 25.80 10.78
C ALA F 472 -28.94 25.68 9.29
N ILE F 473 -28.09 26.19 8.41
CA ILE F 473 -28.32 26.10 6.97
C ILE F 473 -28.05 24.70 6.42
N CYS F 474 -27.17 23.93 7.05
CA CYS F 474 -27.05 22.51 6.72
C CYS F 474 -28.32 21.71 7.00
N LYS F 475 -29.05 22.03 8.07
CA LYS F 475 -30.32 21.34 8.31
C LYS F 475 -31.40 21.79 7.35
N ILE F 476 -31.54 23.10 7.16
CA ILE F 476 -32.59 23.65 6.31
C ILE F 476 -32.36 23.38 4.83
N SER F 477 -31.12 23.16 4.43
CA SER F 477 -30.83 22.73 3.07
C SER F 477 -30.93 21.21 2.92
N PRO F 478 -31.89 20.67 2.15
CA PRO F 478 -31.66 19.33 1.60
C PRO F 478 -30.35 19.28 0.85
N ARG F 479 -29.69 18.12 0.91
CA ARG F 479 -28.35 17.92 0.36
C ARG F 479 -27.31 18.87 0.96
N GLY F 480 -27.61 19.55 2.07
CA GLY F 480 -26.63 20.37 2.73
C GLY F 480 -25.51 19.54 3.32
N VAL F 481 -24.33 20.12 3.38
CA VAL F 481 -23.14 19.42 3.85
C VAL F 481 -22.23 20.37 4.62
N TYR F 482 -21.49 19.82 5.58
CA TYR F 482 -20.67 20.57 6.51
C TYR F 482 -19.25 20.04 6.39
N THR F 483 -18.27 20.94 6.48
CA THR F 483 -16.88 20.63 6.19
C THR F 483 -15.98 21.38 7.17
N THR F 484 -14.69 21.06 7.10
CA THR F 484 -13.73 21.56 8.06
C THR F 484 -12.38 21.72 7.37
N GLY F 485 -11.53 22.52 8.01
CA GLY F 485 -10.33 23.00 7.36
C GLY F 485 -9.33 21.92 6.96
N LYS F 486 -9.07 20.96 7.83
CA LYS F 486 -7.84 20.17 7.73
C LYS F 486 -8.10 18.69 7.97
N GLY F 487 -7.11 17.90 7.59
CA GLY F 487 -7.23 16.45 7.54
C GLY F 487 -7.49 15.93 6.13
N SER F 488 -8.55 15.16 5.98
CA SER F 488 -8.84 14.43 4.75
C SER F 488 -9.15 15.29 3.52
N SER F 489 -9.18 16.61 3.66
CA SER F 489 -9.97 17.44 2.76
C SER F 489 -9.46 17.44 1.32
N GLY F 490 -8.25 16.94 1.07
CA GLY F 490 -7.78 16.79 -0.29
C GLY F 490 -8.65 15.83 -1.08
N VAL F 491 -8.71 14.57 -0.64
CA VAL F 491 -9.67 13.62 -1.16
C VAL F 491 -11.09 14.01 -0.76
N GLY F 492 -11.26 14.57 0.44
CA GLY F 492 -12.58 14.90 0.96
C GLY F 492 -13.31 15.95 0.14
N LEU F 493 -12.57 16.75 -0.63
CA LEU F 493 -13.14 17.69 -1.59
C LEU F 493 -13.04 17.19 -3.02
N THR F 494 -12.75 15.90 -3.22
CA THR F 494 -12.35 15.39 -4.53
C THR F 494 -13.02 14.02 -4.71
N ALA F 495 -13.06 13.57 -5.95
CA ALA F 495 -13.30 12.16 -6.25
C ALA F 495 -12.16 11.26 -5.81
N ALA F 496 -12.44 10.36 -4.89
CA ALA F 496 -11.66 9.13 -4.73
C ALA F 496 -11.92 8.21 -5.91
N VAL F 497 -11.19 7.10 -5.96
CA VAL F 497 -11.57 5.96 -6.79
C VAL F 497 -11.55 4.69 -5.94
N MET F 498 -12.59 3.87 -6.12
CA MET F 498 -12.89 2.76 -5.23
C MET F 498 -13.24 1.53 -6.06
N LYS F 499 -12.73 0.38 -5.66
CA LYS F 499 -13.22 -0.92 -6.14
C LYS F 499 -14.51 -1.30 -5.42
N ASP F 500 -15.62 -1.22 -6.15
CA ASP F 500 -16.97 -1.26 -5.59
C ASP F 500 -17.27 -2.60 -4.92
N PRO F 501 -17.65 -2.64 -3.62
CA PRO F 501 -17.69 -3.93 -2.90
C PRO F 501 -18.59 -4.98 -3.52
N VAL F 502 -19.78 -4.59 -4.00
CA VAL F 502 -20.78 -5.56 -4.42
C VAL F 502 -20.54 -6.10 -5.82
N THR F 503 -19.84 -5.36 -6.68
CA THR F 503 -19.72 -5.77 -8.07
C THR F 503 -18.40 -5.28 -8.62
N ASP F 504 -17.90 -6.01 -9.62
CA ASP F 504 -16.51 -5.97 -10.03
C ASP F 504 -16.25 -4.79 -10.97
N GLU F 505 -16.35 -3.58 -10.40
CA GLU F 505 -16.02 -2.38 -11.14
C GLU F 505 -15.49 -1.32 -10.20
N MET F 506 -14.68 -0.42 -10.76
CA MET F 506 -14.27 0.78 -10.07
C MET F 506 -15.37 1.84 -10.10
N ILE F 507 -15.44 2.64 -9.05
CA ILE F 507 -16.32 3.80 -9.04
C ILE F 507 -15.59 4.99 -8.43
N LEU F 508 -15.89 6.17 -8.96
CA LEU F 508 -15.57 7.42 -8.29
C LEU F 508 -16.47 7.62 -7.08
N GLU F 509 -15.88 7.95 -5.94
CA GLU F 509 -16.60 8.29 -4.72
C GLU F 509 -16.42 9.77 -4.45
N GLY F 510 -17.55 10.48 -4.33
CA GLY F 510 -17.57 11.92 -4.22
C GLY F 510 -17.26 12.46 -2.84
N GLY F 511 -16.23 13.29 -2.75
CA GLY F 511 -16.09 14.20 -1.62
C GLY F 511 -17.17 15.25 -1.51
N ALA F 512 -17.03 16.12 -0.50
CA ALA F 512 -18.11 17.02 -0.07
C ALA F 512 -18.72 17.79 -1.22
N LEU F 513 -17.87 18.39 -2.07
CA LEU F 513 -18.35 19.14 -3.23
C LEU F 513 -19.05 18.26 -4.26
N VAL F 514 -19.00 16.95 -4.10
CA VAL F 514 -19.67 16.01 -4.99
C VAL F 514 -20.70 15.19 -4.24
N LEU F 515 -20.54 15.03 -2.93
CA LEU F 515 -21.60 14.45 -2.13
C LEU F 515 -22.72 15.44 -1.98
N ALA F 516 -22.38 16.73 -1.93
CA ALA F 516 -23.30 17.80 -2.22
C ALA F 516 -23.29 18.16 -3.69
N ASP F 517 -24.46 18.49 -4.22
CA ASP F 517 -24.64 19.13 -5.50
C ASP F 517 -26.02 19.74 -5.43
N ASN F 518 -26.27 20.77 -6.25
CA ASN F 518 -27.57 21.43 -6.29
C ASN F 518 -28.04 21.77 -4.87
N GLY F 519 -27.12 22.35 -4.10
CA GLY F 519 -27.27 22.48 -2.66
C GLY F 519 -26.02 23.09 -2.07
N ILE F 520 -26.05 23.23 -0.75
CA ILE F 520 -25.07 24.06 -0.04
C ILE F 520 -23.94 23.23 0.52
N CYS F 521 -22.70 23.68 0.30
CA CYS F 521 -21.52 23.16 0.98
C CYS F 521 -21.01 24.20 1.96
N CYS F 522 -20.84 23.81 3.21
CA CYS F 522 -20.45 24.73 4.29
C CYS F 522 -19.00 24.51 4.67
N ILE F 523 -18.22 25.58 4.68
CA ILE F 523 -16.79 25.52 4.98
C ILE F 523 -16.49 26.38 6.19
N ASP F 524 -15.62 25.87 7.06
CA ASP F 524 -15.35 26.45 8.37
C ASP F 524 -13.85 26.41 8.61
N GLU F 525 -13.41 27.27 9.54
CA GLU F 525 -11.98 27.51 9.81
C GLU F 525 -11.23 27.91 8.54
N PHE F 526 -11.92 28.59 7.62
CA PHE F 526 -11.65 28.54 6.18
C PHE F 526 -10.17 28.67 5.82
N ASP F 527 -9.51 29.69 6.38
CA ASP F 527 -8.13 29.98 6.04
C ASP F 527 -7.14 28.92 6.53
N LYS F 528 -7.52 28.08 7.48
CA LYS F 528 -6.73 26.92 7.87
C LYS F 528 -6.73 25.79 6.86
N MET F 529 -7.48 25.89 5.77
CA MET F 529 -7.23 25.08 4.59
C MET F 529 -5.90 25.44 3.94
N ASP F 530 -5.58 24.73 2.87
CA ASP F 530 -4.30 24.81 2.20
C ASP F 530 -4.51 24.92 0.70
N GLU F 531 -3.42 25.27 0.01
CA GLU F 531 -3.44 25.51 -1.43
C GLU F 531 -4.08 24.38 -2.24
N SER F 532 -3.78 23.12 -1.90
CA SER F 532 -4.45 22.01 -2.57
C SER F 532 -5.96 21.98 -2.35
N ASP F 533 -6.46 22.59 -1.27
CA ASP F 533 -7.90 22.70 -1.06
C ASP F 533 -8.48 23.89 -1.79
N ARG F 534 -7.83 25.04 -1.68
CA ARG F 534 -8.29 26.27 -2.32
C ARG F 534 -8.36 26.13 -3.84
N THR F 535 -7.33 25.56 -4.45
CA THR F 535 -7.31 25.43 -5.91
C THR F 535 -8.33 24.42 -6.40
N ALA F 536 -8.95 23.66 -5.51
CA ALA F 536 -10.18 22.95 -5.83
C ALA F 536 -11.40 23.86 -5.66
N ILE F 537 -11.41 24.66 -4.59
CA ILE F 537 -12.56 25.50 -4.30
C ILE F 537 -12.65 26.64 -5.31
N HIS F 538 -11.53 27.28 -5.58
CA HIS F 538 -11.51 28.46 -6.44
C HIS F 538 -12.11 28.20 -7.81
N GLU F 539 -11.91 27.00 -8.36
CA GLU F 539 -12.56 26.62 -9.61
C GLU F 539 -14.07 26.44 -9.46
N VAL F 540 -14.52 25.96 -8.30
CA VAL F 540 -15.94 25.64 -8.13
C VAL F 540 -16.81 26.87 -7.92
N MET F 541 -16.29 27.94 -7.33
CA MET F 541 -17.06 29.17 -7.28
C MET F 541 -17.16 29.76 -8.67
N GLU F 542 -16.08 29.72 -9.43
CA GLU F 542 -16.06 30.34 -10.75
C GLU F 542 -17.01 29.60 -11.69
N GLN F 543 -16.95 28.28 -11.70
CA GLN F 543 -17.79 27.48 -12.58
C GLN F 543 -18.20 26.20 -11.85
N GLN F 544 -19.23 25.58 -12.38
CA GLN F 544 -19.93 24.39 -11.90
C GLN F 544 -19.11 23.12 -12.00
N THR F 545 -17.82 23.10 -12.33
CA THR F 545 -17.12 21.85 -12.56
C THR F 545 -15.73 21.83 -11.97
N ILE F 546 -15.27 20.60 -11.80
CA ILE F 546 -13.98 20.21 -11.24
C ILE F 546 -13.32 19.38 -12.33
N SER F 547 -12.00 19.40 -12.35
CA SER F 547 -11.25 18.56 -13.28
C SER F 547 -10.07 17.93 -12.56
N ILE F 548 -9.82 16.67 -12.91
CA ILE F 548 -8.80 15.85 -12.28
C ILE F 548 -8.01 15.20 -13.40
N SER F 549 -6.72 14.99 -13.15
CA SER F 549 -5.85 14.36 -14.13
C SER F 549 -4.68 13.69 -13.43
N LYS F 550 -4.96 12.98 -12.33
CA LYS F 550 -3.97 12.15 -11.67
C LYS F 550 -4.41 10.70 -11.58
N ALA F 551 -3.45 9.80 -11.78
CA ALA F 551 -3.65 8.35 -11.77
C ALA F 551 -4.84 7.95 -12.62
N GLY F 552 -5.64 6.97 -12.18
CA GLY F 552 -6.76 6.40 -12.92
C GLY F 552 -7.92 7.34 -13.16
N ILE F 553 -7.81 8.61 -12.80
CA ILE F 553 -8.89 9.58 -12.86
C ILE F 553 -8.48 10.63 -13.89
N ASN F 554 -9.36 10.87 -14.85
CA ASN F 554 -9.16 11.89 -15.87
C ASN F 554 -10.42 12.69 -16.13
N THR F 555 -11.48 12.48 -15.36
CA THR F 555 -12.78 13.05 -15.65
C THR F 555 -12.85 14.55 -15.43
N THR F 556 -13.92 15.11 -15.99
CA THR F 556 -14.46 16.43 -15.70
C THR F 556 -15.76 16.18 -14.96
N LEU F 557 -15.93 16.84 -13.82
CA LEU F 557 -16.94 16.44 -12.85
C LEU F 557 -17.82 17.62 -12.49
N ASN F 558 -19.12 17.37 -12.46
CA ASN F 558 -20.12 18.39 -12.15
C ASN F 558 -20.26 18.63 -10.66
N ALA F 559 -20.05 19.88 -10.24
CA ALA F 559 -20.17 20.30 -8.84
C ALA F 559 -21.56 20.83 -8.52
N ARG F 560 -21.93 21.95 -9.15
CA ARG F 560 -23.24 22.58 -8.97
C ARG F 560 -23.56 22.81 -7.49
N THR F 561 -22.61 23.41 -6.79
CA THR F 561 -22.72 23.64 -5.35
C THR F 561 -22.56 25.12 -5.05
N SER F 562 -23.21 25.53 -3.97
CA SER F 562 -23.08 26.86 -3.41
C SER F 562 -22.12 26.74 -2.24
N ILE F 563 -21.13 27.61 -2.20
CA ILE F 563 -20.13 27.59 -1.13
C ILE F 563 -20.42 28.75 -0.19
N LEU F 564 -20.67 28.41 1.07
CA LEU F 564 -20.92 29.34 2.15
C LEU F 564 -19.83 29.14 3.20
N ALA F 565 -19.05 30.18 3.46
CA ALA F 565 -17.76 30.04 4.11
C ALA F 565 -17.70 30.92 5.36
N ALA F 566 -17.08 30.39 6.41
CA ALA F 566 -16.77 31.13 7.61
C ALA F 566 -15.26 31.18 7.78
N ALA F 567 -14.74 32.38 8.04
CA ALA F 567 -13.32 32.62 8.07
C ALA F 567 -13.02 33.68 9.12
N ASN F 568 -11.75 33.70 9.58
CA ASN F 568 -11.32 34.63 10.62
C ASN F 568 -10.09 35.39 10.13
N PRO F 569 -9.96 36.67 10.48
CA PRO F 569 -8.73 37.42 10.15
C PRO F 569 -7.47 36.82 10.77
N LEU F 570 -6.35 37.39 10.34
CA LEU F 570 -5.00 36.95 10.70
C LEU F 570 -4.76 36.90 12.20
N TYR F 571 -5.51 37.65 13.00
CA TYR F 571 -5.31 37.75 14.44
C TYR F 571 -6.60 37.42 15.17
N GLY F 572 -7.43 36.60 14.56
CA GLY F 572 -8.73 36.27 15.10
C GLY F 572 -9.70 37.42 15.00
N ARG F 573 -9.46 38.48 15.78
CA ARG F 573 -10.10 39.76 15.57
C ARG F 573 -9.37 40.64 14.58
N TYR F 574 -10.10 41.64 14.09
CA TYR F 574 -9.60 42.65 13.17
C TYR F 574 -8.55 43.52 13.86
N ASN F 575 -7.78 44.23 13.05
CA ASN F 575 -6.95 45.33 13.55
C ASN F 575 -7.32 46.59 12.77
N PRO F 576 -7.77 47.68 13.41
CA PRO F 576 -8.22 48.85 12.64
C PRO F 576 -7.09 49.58 11.91
N ARG F 577 -5.84 49.33 12.28
CA ARG F 577 -4.71 49.96 11.63
C ARG F 577 -4.29 49.26 10.35
N LEU F 578 -4.92 48.14 10.01
CA LEU F 578 -4.60 47.34 8.84
C LEU F 578 -5.71 47.51 7.82
N SER F 579 -5.33 47.85 6.59
CA SER F 579 -6.29 47.87 5.51
C SER F 579 -6.81 46.46 5.22
N PRO F 580 -8.09 46.33 4.80
CA PRO F 580 -8.70 44.99 4.69
C PRO F 580 -7.96 44.02 3.80
N LEU F 581 -7.31 44.49 2.73
CA LEU F 581 -6.51 43.61 1.90
C LEU F 581 -5.30 43.05 2.65
N ASP F 582 -4.93 43.66 3.77
CA ASP F 582 -3.88 43.14 4.65
C ASP F 582 -4.44 42.52 5.91
N ASN F 583 -5.57 43.04 6.40
CA ASN F 583 -6.24 42.39 7.51
C ASN F 583 -6.71 41.01 7.07
N ILE F 584 -7.33 40.93 5.91
CA ILE F 584 -7.72 39.66 5.32
C ILE F 584 -6.48 39.02 4.71
N ASN F 585 -6.33 37.73 4.95
CA ASN F 585 -5.26 36.94 4.36
C ASN F 585 -5.57 36.39 2.98
N LEU F 586 -6.85 36.23 2.66
CA LEU F 586 -7.23 35.67 1.37
C LEU F 586 -6.82 36.54 0.18
N PRO F 587 -6.45 35.92 -0.95
CA PRO F 587 -6.14 36.67 -2.16
C PRO F 587 -7.40 37.16 -2.85
N ALA F 588 -7.33 38.38 -3.37
CA ALA F 588 -8.50 39.08 -3.89
C ALA F 588 -9.06 38.46 -5.15
N ALA F 589 -8.27 37.66 -5.88
CA ALA F 589 -8.82 36.87 -6.97
C ALA F 589 -9.85 35.85 -6.50
N LEU F 590 -9.53 35.08 -5.47
CA LEU F 590 -10.53 34.20 -4.87
C LEU F 590 -11.67 34.98 -4.23
N LEU F 591 -11.34 36.06 -3.54
CA LEU F 591 -12.36 36.88 -2.89
C LEU F 591 -13.35 37.46 -3.88
N SER F 592 -12.90 37.84 -5.07
CA SER F 592 -13.81 38.30 -6.10
C SER F 592 -14.79 37.24 -6.55
N ARG F 593 -14.57 35.98 -6.23
CA ARG F 593 -15.59 34.97 -6.50
C ARG F 593 -16.64 34.86 -5.41
N PHE F 594 -16.40 35.42 -4.22
CA PHE F 594 -17.50 35.67 -3.30
C PHE F 594 -18.30 36.89 -3.73
N ASP F 595 -19.55 36.67 -4.10
CA ASP F 595 -20.42 37.75 -4.54
C ASP F 595 -20.82 38.68 -3.40
N ILE F 596 -20.92 38.15 -2.17
CA ILE F 596 -20.87 38.97 -0.96
C ILE F 596 -19.92 38.36 0.06
N LEU F 597 -19.10 39.22 0.66
CA LEU F 597 -18.42 38.99 1.92
C LEU F 597 -19.02 39.85 3.01
N PHE F 598 -19.19 39.28 4.21
CA PHE F 598 -19.68 40.02 5.38
C PHE F 598 -18.56 40.25 6.38
N LEU F 599 -18.23 41.51 6.65
CA LEU F 599 -17.32 41.88 7.73
C LEU F 599 -18.06 41.84 9.08
N MET F 600 -18.52 40.65 9.43
CA MET F 600 -19.40 40.44 10.58
C MET F 600 -18.60 40.39 11.88
N LEU F 601 -18.18 41.58 12.33
CA LEU F 601 -17.26 41.74 13.46
C LEU F 601 -17.90 42.57 14.57
N ASP F 602 -17.53 42.24 15.80
CA ASP F 602 -18.11 42.81 17.01
C ASP F 602 -17.34 44.02 17.54
N ILE F 603 -18.08 44.96 18.13
CA ILE F 603 -17.52 46.06 18.92
C ILE F 603 -18.35 46.15 20.21
N PRO F 604 -17.74 46.21 21.39
CA PRO F 604 -18.51 46.36 22.63
C PRO F 604 -19.33 47.65 22.73
N SER F 605 -20.50 47.55 23.35
CA SER F 605 -21.41 48.69 23.43
C SER F 605 -22.29 48.53 24.67
N ARG F 606 -22.67 49.68 25.24
CA ARG F 606 -23.46 49.72 26.48
C ARG F 606 -24.86 49.16 26.33
N ASP F 607 -25.61 49.60 25.32
CA ASP F 607 -26.97 49.10 25.10
C ASP F 607 -27.02 47.76 24.38
N ASP F 608 -26.50 47.71 23.14
CA ASP F 608 -26.82 46.60 22.22
C ASP F 608 -26.52 45.24 22.83
N ASP F 609 -25.49 45.14 23.67
CA ASP F 609 -25.13 43.88 24.30
C ASP F 609 -26.14 43.43 25.35
N GLU F 610 -27.07 44.30 25.75
CA GLU F 610 -28.05 44.01 26.79
C GLU F 610 -29.17 43.15 26.27
N LYS F 611 -29.66 43.50 25.08
CA LYS F 611 -30.73 42.76 24.42
C LYS F 611 -30.25 41.37 23.99
N LEU F 612 -29.00 41.28 23.54
CA LEU F 612 -28.38 39.98 23.30
C LEU F 612 -28.39 39.12 24.55
N ALA F 613 -27.93 39.67 25.67
CA ALA F 613 -27.88 38.95 26.94
C ALA F 613 -29.26 38.55 27.44
N GLU F 614 -30.30 39.27 27.00
CA GLU F 614 -31.67 38.85 27.26
C GLU F 614 -32.03 37.63 26.42
N HIS F 615 -31.81 37.71 25.12
CA HIS F 615 -32.16 36.63 24.21
C HIS F 615 -31.45 35.33 24.57
N VAL F 616 -30.16 35.39 24.86
CA VAL F 616 -29.40 34.20 25.24
C VAL F 616 -29.88 33.63 26.58
N THR F 617 -30.11 34.49 27.57
CA THR F 617 -30.62 33.99 28.84
C THR F 617 -32.07 33.53 28.74
N TYR F 618 -32.87 34.17 27.89
CA TYR F 618 -34.23 33.70 27.68
C TYR F 618 -34.23 32.32 27.03
N VAL F 619 -33.50 32.18 25.92
CA VAL F 619 -33.44 30.91 25.20
C VAL F 619 -32.65 29.85 25.97
N HIS F 620 -31.83 30.24 26.95
CA HIS F 620 -31.25 29.27 27.86
C HIS F 620 -32.13 29.00 29.07
N MET F 621 -32.99 29.92 29.45
CA MET F 621 -33.95 29.62 30.50
C MET F 621 -34.90 28.53 30.04
N HIS F 622 -35.23 28.54 28.75
CA HIS F 622 -36.06 27.51 28.17
C HIS F 622 -35.80 27.51 26.67
N ASN F 623 -36.16 26.40 26.02
CA ASN F 623 -36.06 26.30 24.57
C ASN F 623 -36.73 27.42 23.79
N LYS F 624 -37.83 27.97 24.30
CA LYS F 624 -38.66 28.84 23.48
C LYS F 624 -37.92 30.14 23.12
N GLN F 625 -38.29 30.68 21.99
CA GLN F 625 -37.83 31.92 21.39
C GLN F 625 -38.70 33.08 21.88
N PRO F 626 -38.25 34.33 21.69
CA PRO F 626 -38.95 35.47 22.33
C PRO F 626 -40.42 35.60 21.97
N ASP F 627 -41.16 36.24 22.90
CA ASP F 627 -42.59 36.54 22.82
C ASP F 627 -42.92 37.73 21.93
N LEU F 628 -42.24 37.86 20.81
CA LEU F 628 -42.61 38.82 19.78
C LEU F 628 -43.98 38.46 19.18
N ASP F 629 -44.60 39.46 18.57
CA ASP F 629 -45.85 39.35 17.82
C ASP F 629 -45.54 38.74 16.46
N PHE F 630 -44.92 37.56 16.50
CA PHE F 630 -44.27 36.88 15.39
C PHE F 630 -44.31 35.40 15.72
N THR F 631 -44.14 34.57 14.68
CA THR F 631 -43.81 33.17 14.87
C THR F 631 -42.63 32.77 13.98
N PRO F 632 -41.62 32.07 14.50
CA PRO F 632 -40.54 31.61 13.61
C PRO F 632 -41.05 30.40 12.83
N VAL F 633 -40.98 30.49 11.50
CA VAL F 633 -41.64 29.50 10.66
C VAL F 633 -41.00 28.13 10.83
N GLU F 634 -41.83 27.10 10.79
CA GLU F 634 -41.35 25.74 10.77
C GLU F 634 -40.53 25.44 9.50
N PRO F 635 -39.36 24.80 9.63
CA PRO F 635 -38.43 24.78 8.49
C PRO F 635 -38.95 24.05 7.26
N SER F 636 -39.65 22.94 7.49
CA SER F 636 -40.17 22.11 6.40
C SER F 636 -41.16 22.84 5.51
N LYS F 637 -41.96 23.75 6.06
CA LYS F 637 -42.86 24.54 5.25
C LYS F 637 -42.13 25.63 4.48
N MET F 638 -41.09 26.20 5.10
CA MET F 638 -40.18 27.09 4.38
C MET F 638 -39.45 26.38 3.26
N ARG F 639 -39.07 25.12 3.48
CA ARG F 639 -38.48 24.33 2.40
C ARG F 639 -39.45 24.14 1.24
N GLU F 640 -40.73 23.89 1.52
CA GLU F 640 -41.73 23.85 0.47
C GLU F 640 -41.88 25.18 -0.26
N TYR F 641 -41.88 26.30 0.47
CA TYR F 641 -41.95 27.61 -0.18
C TYR F 641 -40.77 27.88 -1.10
N ILE F 642 -39.56 27.58 -0.64
CA ILE F 642 -38.36 27.71 -1.46
C ILE F 642 -38.43 26.84 -2.71
N ALA F 643 -38.88 25.59 -2.55
CA ALA F 643 -39.02 24.69 -3.70
C ALA F 643 -40.01 25.20 -4.73
N TYR F 644 -40.99 25.99 -4.32
CA TYR F 644 -41.87 26.64 -5.29
C TYR F 644 -41.22 27.86 -5.94
N ALA F 645 -40.57 28.71 -5.14
CA ALA F 645 -39.82 29.85 -5.68
C ALA F 645 -38.74 29.45 -6.66
N LYS F 646 -38.05 28.33 -6.41
CA LYS F 646 -37.07 27.80 -7.36
C LYS F 646 -37.62 27.60 -8.76
N THR F 647 -38.91 27.36 -8.89
CA THR F 647 -39.53 27.15 -10.20
C THR F 647 -39.65 28.42 -11.04
N LYS F 648 -39.39 29.59 -10.46
CA LYS F 648 -39.60 30.88 -11.11
C LYS F 648 -38.37 31.39 -11.83
N ARG F 649 -38.58 32.03 -12.99
CA ARG F 649 -37.52 32.26 -13.97
C ARG F 649 -37.58 33.71 -14.46
N PRO F 650 -37.35 34.67 -13.56
CA PRO F 650 -37.75 36.07 -13.79
C PRO F 650 -36.92 36.80 -14.84
N VAL F 651 -37.54 37.83 -15.43
CA VAL F 651 -37.00 38.57 -16.56
C VAL F 651 -36.82 40.02 -16.12
N MET F 652 -35.77 40.68 -16.61
CA MET F 652 -35.43 42.03 -16.17
C MET F 652 -36.04 43.09 -17.09
N SER F 653 -36.75 44.04 -16.49
CA SER F 653 -37.23 45.23 -17.20
C SER F 653 -36.10 46.12 -17.72
N GLU F 654 -36.36 46.75 -18.86
CA GLU F 654 -35.42 47.72 -19.41
C GLU F 654 -35.23 48.93 -18.49
N ALA F 655 -36.26 49.25 -17.70
CA ALA F 655 -36.17 50.33 -16.72
C ALA F 655 -35.08 50.07 -15.69
N VAL F 656 -34.99 48.84 -15.18
CA VAL F 656 -33.95 48.50 -14.22
C VAL F 656 -32.63 48.23 -14.94
N ASN F 657 -32.69 47.63 -16.13
CA ASN F 657 -31.50 47.34 -16.92
C ASN F 657 -30.61 48.58 -17.04
N ASP F 658 -31.21 49.71 -17.43
CA ASP F 658 -30.45 50.94 -17.57
C ASP F 658 -30.10 51.56 -16.22
N TYR F 659 -30.78 51.17 -15.15
CA TYR F 659 -30.42 51.64 -13.82
C TYR F 659 -29.27 50.85 -13.23
N VAL F 660 -29.25 49.54 -13.45
CA VAL F 660 -28.18 48.68 -12.96
C VAL F 660 -26.84 49.11 -13.56
N VAL F 661 -26.84 49.42 -14.84
CA VAL F 661 -25.67 49.91 -15.55
C VAL F 661 -25.10 51.18 -14.92
N GLN F 662 -25.95 52.19 -14.76
CA GLN F 662 -25.48 53.47 -14.25
C GLN F 662 -25.02 53.39 -12.80
N ALA F 663 -25.70 52.59 -11.98
CA ALA F 663 -25.22 52.35 -10.62
C ALA F 663 -23.85 51.66 -10.63
N TYR F 664 -23.68 50.68 -11.51
CA TYR F 664 -22.40 49.98 -11.66
C TYR F 664 -21.26 50.91 -12.03
N ILE F 665 -21.47 51.79 -13.01
CA ILE F 665 -20.39 52.68 -13.42
C ILE F 665 -20.03 53.65 -12.29
N ARG F 666 -21.02 54.16 -11.58
CA ARG F 666 -20.75 55.02 -10.42
C ARG F 666 -20.04 54.24 -9.32
N LEU F 667 -20.44 52.98 -9.11
CA LEU F 667 -19.73 52.12 -8.18
C LEU F 667 -18.30 51.89 -8.63
N ARG F 668 -18.14 51.49 -9.89
CA ARG F 668 -16.81 51.16 -10.41
C ARG F 668 -15.91 52.39 -10.51
N GLN F 669 -16.47 53.53 -10.89
CA GLN F 669 -15.70 54.77 -10.90
C GLN F 669 -15.27 55.19 -9.50
N ASP F 670 -16.19 55.17 -8.54
CA ASP F 670 -15.86 55.41 -7.15
C ASP F 670 -14.86 54.38 -6.62
N SER F 671 -15.13 53.10 -6.84
CA SER F 671 -14.28 52.03 -6.32
C SER F 671 -12.84 52.17 -6.79
N LYS F 672 -12.63 52.44 -8.07
CA LYS F 672 -11.30 52.68 -8.61
C LYS F 672 -10.75 54.05 -8.26
N ARG F 673 -11.40 55.12 -8.74
CA ARG F 673 -10.76 56.43 -8.75
C ARG F 673 -10.58 57.02 -7.36
N GLU F 674 -11.49 56.72 -6.43
CA GLU F 674 -11.42 57.22 -5.07
C GLU F 674 -10.91 56.18 -4.10
N MET F 675 -11.52 55.00 -4.12
CA MET F 675 -11.29 53.96 -3.11
C MET F 675 -10.11 53.06 -3.50
N ASP F 676 -8.90 53.62 -3.40
CA ASP F 676 -7.72 52.77 -3.35
C ASP F 676 -6.75 53.23 -2.26
N SER F 677 -7.29 53.77 -1.16
CA SER F 677 -6.49 54.24 -0.03
C SER F 677 -7.19 53.87 1.27
N LYS F 678 -6.41 53.80 2.35
CA LYS F 678 -6.91 53.58 3.70
C LYS F 678 -7.82 52.33 3.78
N PHE F 679 -9.06 52.49 4.23
CA PHE F 679 -10.09 51.45 4.36
C PHE F 679 -10.57 50.89 3.04
N SER F 680 -10.11 51.41 1.90
CA SER F 680 -10.63 50.93 0.63
C SER F 680 -10.20 49.49 0.39
N PHE F 681 -11.10 48.72 -0.18
CA PHE F 681 -10.85 47.35 -0.57
C PHE F 681 -11.19 47.11 -2.04
N GLY F 682 -10.41 46.22 -2.65
CA GLY F 682 -10.73 45.54 -3.89
C GLY F 682 -11.00 46.45 -5.07
N GLN F 683 -11.79 45.92 -6.00
CA GLN F 683 -12.23 46.65 -7.17
C GLN F 683 -13.62 46.16 -7.57
N ALA F 684 -14.41 47.05 -8.15
CA ALA F 684 -15.65 46.64 -8.79
C ALA F 684 -15.36 45.89 -10.08
N THR F 685 -16.22 44.94 -10.41
CA THR F 685 -15.96 44.01 -11.50
C THR F 685 -17.25 43.67 -12.23
N PRO F 686 -17.15 43.16 -13.47
CA PRO F 686 -18.30 42.52 -14.12
C PRO F 686 -19.01 41.48 -13.28
N ARG F 687 -18.22 40.70 -12.54
CA ARG F 687 -18.75 39.66 -11.67
C ARG F 687 -19.66 40.21 -10.57
N THR F 688 -19.34 41.37 -10.02
CA THR F 688 -20.22 41.97 -9.02
C THR F 688 -21.49 42.56 -9.64
N LEU F 689 -21.43 42.98 -10.89
CA LEU F 689 -22.65 43.30 -11.62
C LEU F 689 -23.54 42.09 -11.83
N LEU F 690 -22.96 40.97 -12.25
CA LEU F 690 -23.72 39.73 -12.31
C LEU F 690 -24.23 39.27 -10.95
N GLY F 691 -23.47 39.51 -9.89
CA GLY F 691 -23.98 39.26 -8.55
C GLY F 691 -25.25 40.02 -8.23
N ILE F 692 -25.29 41.30 -8.56
CA ILE F 692 -26.47 42.14 -8.37
C ILE F 692 -27.65 41.62 -9.18
N ILE F 693 -27.39 41.13 -10.39
CA ILE F 693 -28.46 40.55 -11.19
C ILE F 693 -29.00 39.28 -10.55
N ARG F 694 -28.11 38.36 -10.17
CA ARG F 694 -28.55 37.12 -9.55
C ARG F 694 -29.28 37.36 -8.23
N LEU F 695 -28.81 38.32 -7.44
CA LEU F 695 -29.52 38.73 -6.23
C LEU F 695 -30.86 39.37 -6.55
N SER F 696 -30.90 40.19 -7.59
CA SER F 696 -32.14 40.83 -8.03
C SER F 696 -33.13 39.80 -8.57
N GLN F 697 -32.65 38.77 -9.24
CA GLN F 697 -33.49 37.64 -9.61
C GLN F 697 -34.03 36.92 -8.38
N ALA F 698 -33.16 36.63 -7.42
CA ALA F 698 -33.56 35.96 -6.19
C ALA F 698 -34.67 36.69 -5.44
N LEU F 699 -34.54 38.01 -5.28
CA LEU F 699 -35.60 38.80 -4.65
C LEU F 699 -36.92 38.64 -5.40
N ALA F 700 -36.88 38.74 -6.72
CA ALA F 700 -38.10 38.61 -7.52
C ALA F 700 -38.71 37.22 -7.40
N LYS F 701 -37.86 36.19 -7.29
CA LYS F 701 -38.38 34.84 -7.06
C LYS F 701 -39.02 34.72 -5.69
N LEU F 702 -38.44 35.33 -4.67
CA LEU F 702 -39.08 35.35 -3.35
C LEU F 702 -40.40 36.11 -3.37
N ARG F 703 -40.55 37.07 -4.28
CA ARG F 703 -41.86 37.66 -4.49
C ARG F 703 -42.79 36.71 -5.24
N LEU F 704 -42.26 35.62 -5.81
CA LEU F 704 -43.00 34.75 -6.72
C LEU F 704 -43.40 35.48 -8.00
N ALA F 705 -42.57 36.44 -8.41
CA ALA F 705 -42.91 37.39 -9.46
C ALA F 705 -42.14 37.06 -10.73
N ASP F 706 -42.86 37.11 -11.86
CA ASP F 706 -42.34 36.73 -13.16
C ASP F 706 -41.44 37.79 -13.78
N MET F 707 -41.24 38.93 -13.12
CA MET F 707 -40.47 40.04 -13.64
C MET F 707 -39.69 40.65 -12.49
N VAL F 708 -38.62 41.36 -12.83
CA VAL F 708 -37.73 41.96 -11.84
C VAL F 708 -37.88 43.47 -11.88
N ASP F 709 -38.22 44.06 -10.73
CA ASP F 709 -38.49 45.47 -10.64
C ASP F 709 -37.22 46.28 -10.40
N ILE F 710 -37.33 47.58 -10.71
CA ILE F 710 -36.48 48.64 -10.16
C ILE F 710 -36.44 48.65 -8.64
N ASP F 711 -37.50 48.18 -7.99
CA ASP F 711 -37.53 48.07 -6.53
C ASP F 711 -36.65 46.95 -6.00
N ASP F 712 -36.19 46.03 -6.84
CA ASP F 712 -35.38 44.93 -6.36
C ASP F 712 -33.91 45.30 -6.24
N VAL F 713 -33.34 45.87 -7.31
CA VAL F 713 -31.91 46.14 -7.30
C VAL F 713 -31.51 47.21 -6.29
N GLU F 714 -32.41 48.15 -5.98
CA GLU F 714 -32.15 49.09 -4.90
C GLU F 714 -32.13 48.44 -3.53
N GLU F 715 -32.61 47.21 -3.39
CA GLU F 715 -32.36 46.40 -2.21
C GLU F 715 -31.08 45.58 -2.31
N ALA F 716 -30.84 44.96 -3.47
CA ALA F 716 -29.65 44.15 -3.69
C ALA F 716 -28.36 44.93 -3.48
N LEU F 717 -28.28 46.12 -4.05
CA LEU F 717 -27.13 47.01 -3.81
C LEU F 717 -26.95 47.33 -2.34
N ARG F 718 -28.03 47.44 -1.57
CA ARG F 718 -27.91 47.72 -0.15
C ARG F 718 -27.17 46.61 0.59
N LEU F 719 -27.56 45.36 0.36
CA LEU F 719 -26.85 44.24 0.97
C LEU F 719 -25.38 44.19 0.56
N VAL F 720 -25.07 44.53 -0.70
CA VAL F 720 -23.67 44.56 -1.13
C VAL F 720 -22.87 45.59 -0.35
N ARG F 721 -23.40 46.80 -0.18
CA ARG F 721 -22.69 47.85 0.55
C ARG F 721 -22.74 47.67 2.05
N VAL F 722 -23.89 47.28 2.60
CA VAL F 722 -24.08 47.23 4.05
C VAL F 722 -23.16 46.20 4.69
N SER F 723 -22.78 45.15 3.96
CA SER F 723 -21.92 44.12 4.52
C SER F 723 -20.57 44.64 5.03
N LYS F 724 -20.15 45.83 4.59
CA LYS F 724 -18.91 46.45 5.03
C LYS F 724 -19.07 47.75 5.82
N GLU F 725 -20.27 48.35 5.85
CA GLU F 725 -20.47 49.52 6.71
C GLU F 725 -20.23 49.23 8.18
N SER F 726 -20.40 47.97 8.61
CA SER F 726 -19.94 47.51 9.91
C SER F 726 -18.51 47.96 10.23
N LEU F 727 -17.67 48.03 9.21
CA LEU F 727 -16.26 48.37 9.38
C LEU F 727 -16.05 49.77 9.95
N TYR F 728 -17.01 50.68 9.75
CA TYR F 728 -16.87 52.04 10.27
C TYR F 728 -17.28 52.18 11.73
N GLN F 729 -17.86 51.16 12.34
CA GLN F 729 -18.29 51.27 13.73
C GLN F 729 -17.09 51.22 14.67
ZN ZN G . 2.32 -55.46 5.91
PB ADP H . 35.40 10.79 -3.31
O1B ADP H . 36.16 12.09 -3.32
O2B ADP H . 35.47 10.04 -2.00
O3B ADP H . 34.02 10.87 -3.91
PA ADP H . 37.75 9.49 -4.09
O1A ADP H . 38.49 10.74 -3.69
O2A ADP H . 37.84 8.27 -3.20
O3A ADP H . 36.21 9.87 -4.34
O5' ADP H . 38.26 9.10 -5.54
C5' ADP H . 39.64 9.25 -5.85
C4' ADP H . 39.99 8.36 -7.04
O4' ADP H . 40.95 9.01 -7.86
C3' ADP H . 40.57 7.04 -6.55
O3' ADP H . 39.74 5.96 -6.96
C2' ADP H . 41.93 6.93 -7.21
O2' ADP H . 41.98 5.74 -8.01
C1' ADP H . 42.09 8.17 -8.08
N9 ADP H . 43.31 8.89 -7.64
C8 ADP H . 43.36 10.01 -6.91
N7 ADP H . 44.64 10.40 -6.68
C5 ADP H . 45.44 9.50 -7.28
C6 ADP H . 46.91 9.31 -7.42
N6 ADP H . 47.78 10.18 -6.87
N1 ADP H . 47.32 8.24 -8.13
C2 ADP H . 46.45 7.37 -8.69
N3 ADP H . 45.12 7.49 -8.59
C4 ADP H . 44.57 8.52 -7.90
PB ADP I . 5.34 20.76 35.97
O1B ADP I . 5.64 20.06 34.66
O2B ADP I . 3.89 20.89 36.32
O3B ADP I . 6.08 22.05 36.14
PA ADP I . 5.51 19.90 38.65
O1A ADP I . 6.24 21.05 39.29
O2A ADP I . 4.00 19.82 38.74
O3A ADP I . 5.93 19.77 37.09
O5' ADP I . 6.14 18.56 39.28
C5' ADP I . 5.57 18.03 40.47
C4' ADP I . 6.47 18.34 41.65
O4' ADP I . 6.48 19.76 41.87
C3' ADP I . 5.96 17.69 42.93
O3' ADP I . 7.01 16.94 43.55
C2' ADP I . 5.56 18.83 43.84
O2' ADP I . 6.09 18.63 45.15
C1' ADP I . 6.18 20.07 43.22
N9 ADP I . 5.23 21.22 43.30
C8 ADP I . 4.96 22.08 42.30
N7 ADP I . 4.06 23.01 42.69
C5 ADP I . 3.75 22.76 43.98
C6 ADP I . 2.87 23.37 45.01
N6 ADP I . 2.12 24.46 44.72
N1 ADP I . 2.84 22.80 46.22
C2 ADP I . 3.58 21.71 46.51
N3 ADP I . 4.40 21.12 45.63
C4 ADP I . 4.52 21.58 44.37
PB ADP J . -16.42 30.44 16.03
O1B ADP J . -15.81 29.25 15.33
O2B ADP J . -17.36 31.25 15.17
O3B ADP J . -15.46 31.31 16.82
PA ADP J . -18.78 30.56 17.35
O1A ADP J . -19.65 30.19 16.17
O2A ADP J . -18.45 32.03 17.57
O3A ADP J . -17.39 29.81 17.14
O5' ADP J . -19.50 30.01 18.67
C5' ADP J . -20.84 30.44 18.89
C4' ADP J . -21.45 30.02 20.23
O4' ADP J . -21.71 31.17 21.03
C3' ADP J . -22.78 29.33 20.02
O3' ADP J . -22.85 28.14 20.81
C2' ADP J . -23.84 30.31 20.46
O2' ADP J . -24.78 29.63 21.32
C1' ADP J . -23.11 31.38 21.23
N9 ADP J . -23.43 32.71 20.66
C8 ADP J . -22.49 33.56 20.22
N7 ADP J . -23.04 34.71 19.75
C5 ADP J . -24.36 34.61 19.89
C6 ADP J . -25.51 35.47 19.57
N6 ADP J . -25.31 36.69 19.01
N1 ADP J . -26.74 35.00 19.87
C2 ADP J . -26.92 33.80 20.43
N3 ADP J . -25.91 32.95 20.73
C4 ADP J . -24.63 33.29 20.49
ZN ZN K . -11.93 -41.70 -37.43
PB ADP L . -11.32 34.53 -14.03
O1B ADP L . -10.96 34.62 -15.49
O2B ADP L . -11.29 35.86 -13.33
O3B ADP L . -10.65 33.41 -13.30
PA ADP L . -13.62 34.74 -15.32
O1A ADP L . -13.31 33.82 -16.47
O2A ADP L . -13.17 36.17 -15.31
O3A ADP L . -12.88 34.13 -14.04
O5' ADP L . -15.21 34.77 -15.17
C5' ADP L . -15.82 35.32 -16.33
C4' ADP L . -17.30 35.64 -16.23
O4' ADP L . -17.46 37.06 -16.33
C3' ADP L . -17.99 35.04 -17.42
O3' ADP L . -19.31 34.61 -17.06
C2' ADP L . -18.09 36.17 -18.41
O2' ADP L . -19.29 36.07 -19.19
C1' ADP L . -18.10 37.42 -17.55
N9 ADP L . -17.32 38.48 -18.23
C8 ADP L . -16.36 39.24 -17.66
N7 ADP L . -15.85 40.12 -18.56
C5 ADP L . -16.48 39.94 -19.73
C6 ADP L . -16.43 40.55 -21.07
N6 ADP L . -15.56 41.54 -21.35
N1 ADP L . -17.27 40.06 -22.01
C2 ADP L . -18.13 39.08 -21.75
N3 ADP L . -18.24 38.48 -20.54
C4 ADP L . -17.46 38.86 -19.50
ZN ZN M . -17.39 -48.79 16.09
PB ADP N . 33.13 11.97 26.80
O1B ADP N . 34.11 13.11 26.73
O2B ADP N . 32.49 11.81 28.15
O3B ADP N . 32.18 11.89 25.63
PA ADP N . 34.76 10.12 28.00
O1A ADP N . 33.93 9.01 28.59
O2A ADP N . 35.10 11.30 28.86
O3A ADP N . 34.05 10.67 26.68
O5' ADP N . 36.13 9.49 27.43
C5' ADP N . 36.67 8.34 28.06
C4' ADP N . 38.18 8.41 28.02
O4' ADP N . 38.63 9.50 28.84
C3' ADP N . 38.78 7.14 28.59
O3' ADP N . 39.67 6.58 27.62
C2' ADP N . 39.55 7.55 29.82
O2' ADP N . 40.87 7.01 29.76
C1' ADP N . 39.62 9.07 29.78
N9 ADP N . 39.31 9.67 31.09
C8 ADP N . 38.58 10.78 31.28
N7 ADP N . 38.49 11.10 32.59
C5 ADP N . 39.17 10.18 33.27
C6 ADP N . 39.46 9.92 34.70
N6 ADP N . 38.99 10.74 35.65
N1 ADP N . 40.22 8.85 35.00
C2 ADP N . 40.70 8.02 34.05
N3 ADP N . 40.46 8.20 32.74
C4 ADP N . 39.73 9.24 32.29
ZN ZN O . -0.84 -51.11 -22.94
PB ADP P . 15.77 24.07 -25.13
O1B ADP P . 16.65 22.85 -25.23
O2B ADP P . 16.51 25.39 -25.19
O3B ADP P . 14.74 24.00 -24.03
PA ADP P . 15.64 24.15 -27.93
O1A ADP P . 16.64 23.02 -28.04
O2A ADP P . 16.08 25.56 -28.15
O3A ADP P . 14.91 24.05 -26.49
O5' ADP P . 14.47 23.90 -28.99
C5' ADP P . 14.82 23.79 -30.37
C4' ADP P . 14.34 25.02 -31.12
O4' ADP P . 15.35 26.04 -31.10
C3' ADP P . 14.07 24.70 -32.57
O3' ADP P . 12.68 24.90 -32.86
C2' ADP P . 14.92 25.65 -33.38
O2' ADP P . 14.09 26.35 -34.33
C1' ADP P . 15.52 26.64 -32.39
N9 ADP P . 16.97 26.91 -32.64
C8 ADP P . 17.68 27.81 -31.92
N7 ADP P . 18.96 27.89 -32.34
C5 ADP P . 19.10 27.05 -33.38
C6 ADP P . 20.21 26.65 -34.28
N6 ADP P . 21.43 27.20 -34.14
N1 ADP P . 19.96 25.73 -35.23
C2 ADP P . 18.74 25.19 -35.37
N3 ADP P . 17.69 25.49 -34.58
C4 ADP P . 17.79 26.40 -33.58
ZN ZN Q . -36.84 -30.03 -24.27
#